data_1JGN
#
_entry.id   1JGN
#
_cell.length_a   ?
_cell.length_b   ?
_cell.length_c   ?
_cell.angle_alpha   ?
_cell.angle_beta   ?
_cell.angle_gamma   ?
#
loop_
_entity.id
_entity.type
_entity.pdbx_description
1 polymer 'polyadenylate-binding protein 1'
2 polymer 'polyadenylate-binding protein-interacting protein 2'
#
loop_
_entity_poly.entity_id
_entity_poly.type
_entity_poly.pdbx_seq_one_letter_code
_entity_poly.pdbx_strand_id
1 'polypeptide(L)'
;GPLGSPLTASMLASAPPQEQKQMLGERLFPLIQAMHPTLAGKITGMLLEIDNSELLHMLESPESLRSKVDEAVAVLQAHQ
AKEAAQKAVNSATGVPTV
;
A
2 'polypeptide(L)' VVKSNLNPNAKEFVPGVKYGNI B
#
# COMPACT_ATOMS: atom_id res chain seq x y z
N GLY A 1 -12.84 -7.07 -8.34
CA GLY A 1 -14.02 -6.21 -8.63
C GLY A 1 -15.06 -6.25 -7.53
N PRO A 2 -16.13 -7.05 -7.69
CA PRO A 2 -17.19 -7.17 -6.69
C PRO A 2 -16.76 -8.00 -5.48
N LEU A 3 -15.73 -8.82 -5.67
CA LEU A 3 -15.23 -9.67 -4.60
C LEU A 3 -14.21 -8.93 -3.75
N GLY A 4 -14.53 -7.69 -3.40
CA GLY A 4 -13.63 -6.89 -2.58
C GLY A 4 -13.84 -7.12 -1.10
N SER A 5 -14.73 -8.05 -0.76
CA SER A 5 -15.04 -8.37 0.63
C SER A 5 -13.94 -9.23 1.25
N PRO A 6 -13.53 -10.34 0.59
CA PRO A 6 -12.48 -11.23 1.12
C PRO A 6 -11.11 -10.56 1.12
N LEU A 7 -10.06 -11.37 1.16
CA LEU A 7 -8.70 -10.86 1.17
C LEU A 7 -8.15 -10.71 -0.26
N THR A 8 -6.90 -10.27 -0.35
CA THR A 8 -6.26 -10.08 -1.64
C THR A 8 -5.58 -11.37 -2.08
N ALA A 9 -5.14 -12.17 -1.11
CA ALA A 9 -4.54 -13.46 -1.40
C ALA A 9 -5.55 -14.32 -2.16
N SER A 10 -6.81 -14.20 -1.76
CA SER A 10 -7.89 -14.90 -2.43
C SER A 10 -8.11 -14.33 -3.82
N MET A 11 -7.92 -13.01 -3.94
CA MET A 11 -8.06 -12.35 -5.22
C MET A 11 -7.00 -12.86 -6.19
N LEU A 12 -5.80 -13.08 -5.67
CA LEU A 12 -4.69 -13.56 -6.49
C LEU A 12 -5.11 -14.81 -7.24
N ALA A 13 -5.70 -15.76 -6.52
CA ALA A 13 -6.19 -17.00 -7.12
C ALA A 13 -7.36 -16.72 -8.06
N SER A 14 -8.13 -15.68 -7.75
CA SER A 14 -9.30 -15.33 -8.55
C SER A 14 -9.02 -14.16 -9.49
N ALA A 15 -7.74 -13.88 -9.72
CA ALA A 15 -7.36 -12.78 -10.59
C ALA A 15 -6.19 -13.18 -11.50
N PRO A 16 -6.42 -13.20 -12.83
CA PRO A 16 -5.37 -13.55 -13.80
C PRO A 16 -4.10 -12.73 -13.62
N PRO A 17 -2.99 -13.13 -14.27
CA PRO A 17 -1.71 -12.41 -14.17
C PRO A 17 -1.83 -10.95 -14.57
N GLN A 18 -2.71 -10.67 -15.53
CA GLN A 18 -2.93 -9.31 -16.01
C GLN A 18 -3.67 -8.48 -14.96
N GLU A 19 -4.20 -9.16 -13.96
CA GLU A 19 -4.94 -8.50 -12.89
C GLU A 19 -4.00 -8.00 -11.81
N GLN A 20 -2.71 -7.97 -12.11
CA GLN A 20 -1.69 -7.50 -11.16
C GLN A 20 -2.06 -6.14 -10.59
N LYS A 21 -2.12 -5.14 -11.46
CA LYS A 21 -2.41 -3.77 -11.04
C LYS A 21 -3.74 -3.70 -10.29
N GLN A 22 -4.59 -4.71 -10.47
CA GLN A 22 -5.87 -4.74 -9.78
C GLN A 22 -5.71 -5.08 -8.29
N MET A 23 -5.55 -6.36 -8.00
CA MET A 23 -5.45 -6.84 -6.63
C MET A 23 -4.13 -6.42 -5.96
N LEU A 24 -3.16 -7.33 -6.01
CA LEU A 24 -1.87 -7.15 -5.33
C LEU A 24 -1.11 -5.91 -5.82
N GLY A 25 -1.66 -5.18 -6.78
CA GLY A 25 -0.92 -4.09 -7.36
C GLY A 25 0.30 -4.64 -8.05
N GLU A 26 1.47 -4.29 -7.55
CA GLU A 26 2.68 -4.96 -7.99
C GLU A 26 2.72 -6.32 -7.33
N ARG A 27 2.93 -6.27 -6.01
CA ARG A 27 2.91 -7.45 -5.14
C ARG A 27 2.70 -6.96 -3.71
N LEU A 28 2.38 -5.68 -3.61
CA LEU A 28 2.27 -4.99 -2.34
C LEU A 28 1.23 -5.58 -1.40
N PHE A 29 -0.05 -5.33 -1.69
CA PHE A 29 -1.14 -5.76 -0.83
C PHE A 29 -0.87 -7.10 -0.12
N PRO A 30 -0.44 -8.15 -0.85
CA PRO A 30 -0.17 -9.47 -0.25
C PRO A 30 0.86 -9.43 0.88
N LEU A 31 1.96 -8.72 0.67
CA LEU A 31 3.01 -8.66 1.68
C LEU A 31 2.54 -7.84 2.87
N ILE A 32 1.91 -6.71 2.60
CA ILE A 32 1.39 -5.88 3.66
C ILE A 32 0.11 -6.49 4.22
N GLN A 33 -0.44 -7.48 3.51
CA GLN A 33 -1.61 -8.18 3.98
C GLN A 33 -1.26 -8.88 5.29
N ALA A 34 -0.03 -9.40 5.33
CA ALA A 34 0.49 -9.99 6.55
C ALA A 34 0.71 -8.89 7.59
N MET A 35 1.05 -7.71 7.09
CA MET A 35 1.25 -6.53 7.94
C MET A 35 0.01 -5.64 7.90
N HIS A 36 -1.14 -6.24 7.65
CA HIS A 36 -2.40 -5.52 7.52
C HIS A 36 -2.81 -4.80 8.81
N PRO A 37 -2.50 -5.35 10.02
CA PRO A 37 -2.86 -4.71 11.29
C PRO A 37 -2.71 -3.20 11.23
N THR A 38 -1.80 -2.73 10.39
CA THR A 38 -1.60 -1.30 10.18
C THR A 38 -2.69 -0.76 9.26
N LEU A 39 -2.45 -0.84 7.95
CA LEU A 39 -3.43 -0.38 6.97
C LEU A 39 -3.02 -0.79 5.55
N ALA A 40 -2.68 -2.07 5.38
CA ALA A 40 -2.23 -2.61 4.08
C ALA A 40 -2.90 -1.91 2.90
N GLY A 41 -4.22 -1.75 2.99
CA GLY A 41 -4.98 -1.11 1.93
C GLY A 41 -4.35 0.15 1.37
N LYS A 42 -4.13 1.15 2.22
CA LYS A 42 -3.57 2.41 1.78
C LYS A 42 -2.08 2.32 1.52
N ILE A 43 -1.40 1.40 2.22
CA ILE A 43 0.03 1.23 2.05
C ILE A 43 0.37 0.91 0.61
N THR A 44 -0.24 -0.15 0.08
CA THR A 44 0.00 -0.54 -1.31
C THR A 44 -0.19 0.65 -2.24
N GLY A 45 -1.21 1.45 -1.96
CA GLY A 45 -1.50 2.62 -2.77
C GLY A 45 -0.29 3.50 -3.00
N MET A 46 0.19 4.14 -1.95
CA MET A 46 1.35 5.06 -2.07
C MET A 46 2.55 4.35 -2.68
N LEU A 47 2.89 3.18 -2.15
CA LEU A 47 4.04 2.43 -2.62
C LEU A 47 3.73 1.66 -3.91
N LEU A 48 2.58 1.93 -4.51
CA LEU A 48 2.19 1.25 -5.75
C LEU A 48 3.12 1.67 -6.90
N GLU A 49 3.77 2.82 -6.73
CA GLU A 49 4.69 3.32 -7.74
C GLU A 49 6.00 2.53 -7.73
N ILE A 50 5.95 1.32 -7.18
CA ILE A 50 7.12 0.47 -7.11
C ILE A 50 7.33 -0.29 -8.44
N ASP A 51 8.51 -0.86 -8.60
CA ASP A 51 8.85 -1.60 -9.83
C ASP A 51 8.08 -2.91 -9.91
N ASN A 52 7.92 -3.40 -11.13
CA ASN A 52 7.25 -4.68 -11.35
C ASN A 52 8.28 -5.81 -11.30
N SER A 53 9.51 -5.50 -11.66
CA SER A 53 10.60 -6.46 -11.60
C SER A 53 11.00 -6.70 -10.15
N GLU A 54 10.84 -5.65 -9.33
CA GLU A 54 11.15 -5.73 -7.92
C GLU A 54 10.03 -6.42 -7.16
N LEU A 55 8.81 -6.32 -7.69
CA LEU A 55 7.66 -6.94 -7.04
C LEU A 55 7.88 -8.44 -6.91
N LEU A 56 8.33 -9.06 -8.00
CA LEU A 56 8.59 -10.49 -8.01
C LEU A 56 9.73 -10.83 -7.05
N HIS A 57 10.76 -9.98 -7.06
CA HIS A 57 11.91 -10.17 -6.19
C HIS A 57 11.53 -10.06 -4.72
N MET A 58 10.52 -9.25 -4.43
CA MET A 58 10.06 -9.05 -3.06
C MET A 58 9.47 -10.33 -2.49
N LEU A 59 8.63 -11.00 -3.28
CA LEU A 59 8.01 -12.24 -2.86
C LEU A 59 9.06 -13.35 -2.70
N GLU A 60 10.22 -13.14 -3.31
CA GLU A 60 11.29 -14.13 -3.23
C GLU A 60 12.33 -13.73 -2.20
N SER A 61 12.20 -12.52 -1.66
CA SER A 61 13.13 -12.01 -0.65
C SER A 61 12.39 -11.56 0.60
N PRO A 62 12.13 -12.47 1.55
CA PRO A 62 11.43 -12.14 2.79
C PRO A 62 12.16 -11.06 3.60
N GLU A 63 13.49 -11.08 3.53
CA GLU A 63 14.30 -10.11 4.25
C GLU A 63 14.32 -8.75 3.56
N SER A 64 14.59 -8.76 2.26
CA SER A 64 14.67 -7.52 1.49
C SER A 64 13.30 -6.88 1.34
N LEU A 65 12.26 -7.72 1.27
CA LEU A 65 10.90 -7.24 1.09
C LEU A 65 10.35 -6.59 2.36
N ARG A 66 10.21 -7.39 3.41
CA ARG A 66 9.65 -6.92 4.66
C ARG A 66 10.34 -5.64 5.11
N SER A 67 11.60 -5.48 4.74
CA SER A 67 12.35 -4.28 5.08
C SER A 67 11.76 -3.06 4.37
N LYS A 68 11.43 -3.24 3.09
CA LYS A 68 10.84 -2.17 2.30
C LYS A 68 9.46 -1.82 2.83
N VAL A 69 8.59 -2.82 2.91
CA VAL A 69 7.23 -2.60 3.40
C VAL A 69 7.25 -2.19 4.87
N ASP A 70 8.36 -2.48 5.56
CA ASP A 70 8.51 -2.06 6.95
C ASP A 70 8.32 -0.55 7.03
N GLU A 71 9.01 0.16 6.15
CA GLU A 71 8.87 1.61 6.08
C GLU A 71 7.48 1.97 5.59
N ALA A 72 6.94 1.13 4.71
CA ALA A 72 5.60 1.32 4.18
C ALA A 72 4.58 1.43 5.32
N VAL A 73 4.69 0.53 6.29
CA VAL A 73 3.82 0.56 7.45
C VAL A 73 3.95 1.89 8.18
N ALA A 74 5.16 2.45 8.14
CA ALA A 74 5.44 3.73 8.80
C ALA A 74 4.82 4.89 8.04
N VAL A 75 4.81 4.82 6.71
CA VAL A 75 4.24 5.88 5.89
C VAL A 75 2.77 6.10 6.26
N LEU A 76 2.12 5.03 6.73
CA LEU A 76 0.73 5.10 7.14
C LEU A 76 0.59 5.87 8.45
N GLN A 77 1.34 5.42 9.46
CA GLN A 77 1.31 6.04 10.77
C GLN A 77 1.54 7.55 10.65
N ALA A 78 2.39 7.94 9.70
CA ALA A 78 2.67 9.35 9.45
C ALA A 78 1.58 9.96 8.58
N HIS A 79 0.93 9.13 7.77
CA HIS A 79 -0.12 9.60 6.88
C HIS A 79 -1.31 10.15 7.65
N GLN A 80 -1.73 9.44 8.69
CA GLN A 80 -2.86 9.86 9.51
C GLN A 80 -2.41 10.86 10.57
N ALA A 81 -1.11 10.98 10.76
CA ALA A 81 -0.56 11.89 11.76
C ALA A 81 -0.53 13.33 11.25
N LYS A 82 0.08 13.52 10.08
CA LYS A 82 0.19 14.85 9.49
C LYS A 82 -1.12 15.28 8.85
N GLU A 83 -2.08 14.37 8.80
CA GLU A 83 -3.38 14.66 8.22
C GLU A 83 -4.35 15.21 9.26
N ALA A 84 -4.29 14.63 10.46
CA ALA A 84 -5.18 15.06 11.54
C ALA A 84 -4.66 16.33 12.21
N ALA A 85 -3.34 16.54 12.15
CA ALA A 85 -2.72 17.72 12.74
C ALA A 85 -2.78 18.90 11.80
N GLN A 86 -3.82 18.95 10.97
CA GLN A 86 -3.99 20.04 10.01
C GLN A 86 -4.60 21.26 10.69
N LYS A 87 -5.90 21.23 10.91
CA LYS A 87 -6.60 22.35 11.54
C LYS A 87 -6.73 22.13 13.05
N ALA A 88 -6.55 20.88 13.47
CA ALA A 88 -6.65 20.53 14.89
C ALA A 88 -5.31 20.74 15.60
N VAL A 89 -4.76 21.93 15.48
CA VAL A 89 -3.49 22.26 16.12
C VAL A 89 -3.70 23.11 17.37
N ASN A 90 -3.32 22.58 18.51
CA ASN A 90 -3.47 23.28 19.78
C ASN A 90 -2.14 23.83 20.27
N SER A 91 -1.08 23.05 20.09
CA SER A 91 0.26 23.45 20.50
C SER A 91 0.82 24.52 19.58
N ALA A 92 1.76 25.31 20.09
CA ALA A 92 2.38 26.37 19.31
C ALA A 92 3.34 25.81 18.27
N THR A 93 3.75 26.65 17.32
CA THR A 93 4.67 26.23 16.27
C THR A 93 6.11 26.52 16.67
N GLY A 94 7.05 26.22 15.77
CA GLY A 94 8.45 26.44 16.05
C GLY A 94 8.84 27.90 15.91
N VAL A 95 9.82 28.32 16.70
CA VAL A 95 10.30 29.71 16.66
C VAL A 95 11.44 29.87 15.67
N PRO A 96 11.57 31.05 15.03
CA PRO A 96 12.63 31.32 14.05
C PRO A 96 13.96 31.65 14.73
N THR A 97 14.47 30.70 15.50
CA THR A 97 15.74 30.89 16.19
C THR A 97 16.92 30.48 15.31
N VAL A 98 17.66 31.46 14.82
CA VAL A 98 18.82 31.19 13.96
C VAL A 98 20.12 31.49 14.69
N VAL B 1 2.86 19.31 3.02
CA VAL B 1 2.17 18.15 2.38
C VAL B 1 2.57 16.84 3.04
N VAL B 2 2.10 15.73 2.50
CA VAL B 2 2.41 14.41 3.04
C VAL B 2 3.55 13.76 2.27
N LYS B 3 4.75 13.87 2.81
CA LYS B 3 5.93 13.29 2.16
C LYS B 3 6.19 11.87 2.66
N SER B 4 6.41 10.95 1.74
CA SER B 4 6.67 9.56 2.08
C SER B 4 8.15 9.32 2.33
N ASN B 5 8.49 8.10 2.74
CA ASN B 5 9.87 7.74 3.01
C ASN B 5 10.36 6.69 2.01
N LEU B 6 9.57 5.64 1.83
CA LEU B 6 9.93 4.57 0.90
C LEU B 6 9.87 5.06 -0.54
N ASN B 7 8.66 5.19 -1.08
CA ASN B 7 8.47 5.67 -2.45
C ASN B 7 8.37 7.19 -2.48
N PRO B 8 9.06 7.83 -3.44
CA PRO B 8 9.02 9.28 -3.59
C PRO B 8 7.76 9.77 -4.30
N ASN B 9 6.95 8.81 -4.73
CA ASN B 9 5.71 9.12 -5.44
C ASN B 9 4.50 8.51 -4.74
N ALA B 10 4.40 8.75 -3.44
CA ALA B 10 3.29 8.23 -2.64
C ALA B 10 1.94 8.73 -3.15
N LYS B 11 1.31 7.94 -4.02
CA LYS B 11 0.00 8.28 -4.56
C LYS B 11 -1.00 7.16 -4.30
N GLU B 12 -2.29 7.50 -4.24
CA GLU B 12 -3.33 6.50 -3.99
C GLU B 12 -3.25 5.35 -4.99
N PHE B 13 -3.95 4.26 -4.69
CA PHE B 13 -3.97 3.09 -5.57
C PHE B 13 -5.08 3.21 -6.62
N VAL B 14 -4.66 3.45 -7.85
CA VAL B 14 -5.61 3.56 -8.96
C VAL B 14 -5.47 2.38 -9.91
N PRO B 15 -6.24 1.30 -9.67
CA PRO B 15 -6.19 0.09 -10.50
C PRO B 15 -6.45 0.37 -11.98
N GLY B 16 -6.68 -0.70 -12.74
CA GLY B 16 -6.92 -0.56 -14.16
C GLY B 16 -5.64 -0.49 -14.96
N VAL B 17 -4.72 0.37 -14.54
CA VAL B 17 -3.43 0.51 -15.21
C VAL B 17 -2.29 0.11 -14.28
N LYS B 18 -1.20 -0.37 -14.87
CA LYS B 18 -0.04 -0.78 -14.08
C LYS B 18 0.68 0.44 -13.51
N TYR B 19 0.26 0.85 -12.31
CA TYR B 19 0.85 2.01 -11.66
C TYR B 19 2.29 1.73 -11.24
N GLY B 20 3.20 2.58 -11.69
CA GLY B 20 4.61 2.41 -11.37
C GLY B 20 5.37 1.63 -12.43
N ASN B 21 4.76 1.50 -13.61
CA ASN B 21 5.38 0.78 -14.72
C ASN B 21 6.02 1.74 -15.70
N ILE B 22 6.83 1.21 -16.60
CA ILE B 22 7.52 2.02 -17.60
C ILE B 22 7.03 1.69 -19.01
N GLY A 1 -17.03 -10.34 5.65
CA GLY A 1 -16.49 -11.72 5.81
C GLY A 1 -15.51 -11.84 6.95
N PRO A 2 -15.98 -11.87 8.21
CA PRO A 2 -15.13 -11.98 9.39
C PRO A 2 -14.21 -13.18 9.32
N LEU A 3 -14.73 -14.29 8.82
CA LEU A 3 -13.95 -15.52 8.69
C LEU A 3 -12.95 -15.42 7.56
N GLY A 4 -13.27 -14.59 6.56
CA GLY A 4 -12.39 -14.42 5.43
C GLY A 4 -11.37 -13.32 5.66
N SER A 5 -10.16 -13.70 6.08
CA SER A 5 -9.10 -12.73 6.33
C SER A 5 -8.40 -12.31 5.04
N PRO A 6 -7.96 -13.28 4.19
CA PRO A 6 -7.29 -12.97 2.93
C PRO A 6 -8.14 -12.10 2.01
N LEU A 7 -7.73 -10.85 1.83
CA LEU A 7 -8.46 -9.92 0.97
C LEU A 7 -7.87 -9.91 -0.43
N THR A 8 -6.59 -9.56 -0.53
CA THR A 8 -5.91 -9.50 -1.82
C THR A 8 -5.31 -10.85 -2.16
N ALA A 9 -4.89 -11.60 -1.13
CA ALA A 9 -4.36 -12.94 -1.34
C ALA A 9 -5.41 -13.79 -2.01
N SER A 10 -6.68 -13.54 -1.66
CA SER A 10 -7.80 -14.24 -2.26
C SER A 10 -7.98 -13.77 -3.70
N MET A 11 -7.72 -12.48 -3.93
CA MET A 11 -7.82 -11.93 -5.27
C MET A 11 -6.77 -12.55 -6.18
N LEU A 12 -5.59 -12.79 -5.63
CA LEU A 12 -4.50 -13.40 -6.37
C LEU A 12 -4.98 -14.69 -7.02
N ALA A 13 -5.59 -15.55 -6.22
CA ALA A 13 -6.15 -16.80 -6.71
C ALA A 13 -7.32 -16.54 -7.64
N SER A 14 -7.99 -15.40 -7.45
CA SER A 14 -9.14 -15.04 -8.26
C SER A 14 -8.77 -14.02 -9.33
N ALA A 15 -7.49 -13.90 -9.63
CA ALA A 15 -7.02 -12.95 -10.64
C ALA A 15 -6.00 -13.62 -11.58
N PRO A 16 -6.39 -14.70 -12.27
CA PRO A 16 -5.50 -15.45 -13.17
C PRO A 16 -4.86 -14.59 -14.27
N PRO A 17 -5.65 -13.79 -15.02
CA PRO A 17 -5.10 -12.95 -16.11
C PRO A 17 -4.22 -11.83 -15.60
N GLN A 18 -3.99 -10.83 -16.45
CA GLN A 18 -3.18 -9.67 -16.08
C GLN A 18 -3.95 -8.75 -15.12
N GLU A 19 -4.15 -9.24 -13.90
CA GLU A 19 -4.87 -8.49 -12.88
C GLU A 19 -3.91 -7.91 -11.86
N GLN A 20 -2.60 -8.01 -12.13
CA GLN A 20 -1.58 -7.51 -11.21
C GLN A 20 -1.91 -6.10 -10.73
N LYS A 21 -1.99 -5.17 -11.66
CA LYS A 21 -2.26 -3.77 -11.34
C LYS A 21 -3.56 -3.62 -10.54
N GLN A 22 -4.47 -4.58 -10.71
CA GLN A 22 -5.75 -4.54 -10.00
C GLN A 22 -5.58 -4.87 -8.52
N MET A 23 -5.42 -6.16 -8.23
CA MET A 23 -5.33 -6.63 -6.85
C MET A 23 -4.04 -6.19 -6.16
N LEU A 24 -3.04 -7.07 -6.18
CA LEU A 24 -1.78 -6.85 -5.49
C LEU A 24 -1.00 -5.65 -6.01
N GLY A 25 -1.53 -4.98 -7.03
CA GLY A 25 -0.78 -3.89 -7.62
C GLY A 25 0.46 -4.46 -8.26
N GLU A 26 1.61 -4.08 -7.76
CA GLU A 26 2.84 -4.75 -8.14
C GLU A 26 2.89 -6.09 -7.40
N ARG A 27 3.09 -5.98 -6.08
CA ARG A 27 3.07 -7.11 -5.17
C ARG A 27 2.83 -6.58 -3.76
N LEU A 28 2.41 -5.31 -3.72
CA LEU A 28 2.27 -4.58 -2.47
C LEU A 28 1.32 -5.24 -1.48
N PHE A 29 0.02 -5.07 -1.71
CA PHE A 29 -1.01 -5.56 -0.80
C PHE A 29 -0.65 -6.91 -0.13
N PRO A 30 -0.22 -7.93 -0.90
CA PRO A 30 0.11 -9.25 -0.35
C PRO A 30 1.15 -9.20 0.77
N LEU A 31 2.20 -8.40 0.59
CA LEU A 31 3.26 -8.31 1.59
C LEU A 31 2.76 -7.58 2.81
N ILE A 32 2.13 -6.43 2.60
CA ILE A 32 1.59 -5.67 3.69
C ILE A 32 0.36 -6.36 4.27
N GLN A 33 -0.16 -7.34 3.53
CA GLN A 33 -1.29 -8.11 4.01
C GLN A 33 -0.88 -8.86 5.26
N ALA A 34 0.35 -9.37 5.24
CA ALA A 34 0.93 -10.01 6.40
C ALA A 34 1.11 -8.96 7.51
N MET A 35 1.36 -7.73 7.07
CA MET A 35 1.54 -6.60 7.98
C MET A 35 0.28 -5.74 8.01
N HIS A 36 -0.86 -6.37 7.74
CA HIS A 36 -2.14 -5.67 7.67
C HIS A 36 -2.54 -5.05 9.02
N PRO A 37 -2.20 -5.66 10.18
CA PRO A 37 -2.54 -5.09 11.49
C PRO A 37 -2.49 -3.57 11.50
N THR A 38 -1.56 -3.01 10.71
CA THR A 38 -1.45 -1.57 10.56
C THR A 38 -2.53 -1.06 9.63
N LEU A 39 -2.23 -1.04 8.33
CA LEU A 39 -3.20 -0.60 7.32
C LEU A 39 -2.71 -0.87 5.90
N ALA A 40 -2.47 -2.15 5.59
CA ALA A 40 -2.00 -2.54 4.26
C ALA A 40 -2.80 -1.86 3.15
N GLY A 41 -4.08 -1.62 3.43
CA GLY A 41 -4.97 -1.02 2.46
C GLY A 41 -4.38 0.14 1.68
N LYS A 42 -4.13 1.26 2.36
CA LYS A 42 -3.62 2.46 1.69
C LYS A 42 -2.13 2.36 1.38
N ILE A 43 -1.39 1.62 2.21
CA ILE A 43 0.05 1.49 2.01
C ILE A 43 0.38 1.03 0.59
N THR A 44 -0.24 -0.07 0.15
CA THR A 44 -0.02 -0.58 -1.19
C THR A 44 -0.12 0.55 -2.22
N GLY A 45 -1.16 1.37 -2.06
CA GLY A 45 -1.40 2.48 -2.97
C GLY A 45 -0.19 3.38 -3.15
N MET A 46 0.27 3.98 -2.06
CA MET A 46 1.41 4.91 -2.12
C MET A 46 2.63 4.25 -2.76
N LEU A 47 3.01 3.09 -2.23
CA LEU A 47 4.19 2.37 -2.75
C LEU A 47 3.87 1.58 -4.01
N LEU A 48 2.67 1.78 -4.56
CA LEU A 48 2.26 1.08 -5.77
C LEU A 48 3.11 1.54 -6.96
N GLU A 49 3.81 2.66 -6.78
CA GLU A 49 4.66 3.21 -7.83
C GLU A 49 5.99 2.47 -7.88
N ILE A 50 6.01 1.26 -7.33
CA ILE A 50 7.21 0.44 -7.31
C ILE A 50 7.38 -0.33 -8.63
N ASP A 51 8.59 -0.80 -8.89
CA ASP A 51 8.88 -1.51 -10.13
C ASP A 51 8.19 -2.87 -10.19
N ASN A 52 7.99 -3.38 -11.40
CA ASN A 52 7.37 -4.68 -11.60
C ASN A 52 8.42 -5.78 -11.43
N SER A 53 9.66 -5.48 -11.79
CA SER A 53 10.75 -6.43 -11.62
C SER A 53 11.13 -6.53 -10.15
N GLU A 54 10.95 -5.43 -9.44
CA GLU A 54 11.24 -5.40 -8.01
C GLU A 54 10.11 -6.05 -7.22
N LEU A 55 8.91 -6.03 -7.78
CA LEU A 55 7.75 -6.62 -7.13
C LEU A 55 7.95 -8.12 -6.90
N LEU A 56 8.36 -8.82 -7.95
CA LEU A 56 8.59 -10.26 -7.86
C LEU A 56 9.72 -10.54 -6.87
N HIS A 57 10.75 -9.71 -6.90
CA HIS A 57 11.88 -9.88 -5.99
C HIS A 57 11.45 -9.76 -4.54
N MET A 58 10.30 -9.12 -4.31
CA MET A 58 9.78 -8.94 -2.96
C MET A 58 9.16 -10.22 -2.43
N LEU A 59 8.26 -10.82 -3.21
CA LEU A 59 7.62 -12.07 -2.81
C LEU A 59 8.66 -13.19 -2.71
N GLU A 60 9.86 -12.91 -3.19
CA GLU A 60 10.94 -13.89 -3.16
C GLU A 60 11.98 -13.51 -2.10
N SER A 61 11.82 -12.32 -1.54
CA SER A 61 12.75 -11.82 -0.52
C SER A 61 12.01 -11.47 0.77
N PRO A 62 11.68 -12.46 1.61
CA PRO A 62 11.00 -12.23 2.88
C PRO A 62 11.77 -11.25 3.76
N GLU A 63 13.09 -11.30 3.65
CA GLU A 63 13.97 -10.43 4.43
C GLU A 63 14.03 -9.02 3.86
N SER A 64 14.32 -8.92 2.56
CA SER A 64 14.46 -7.62 1.90
C SER A 64 13.11 -6.90 1.80
N LEU A 65 12.12 -7.60 1.27
CA LEU A 65 10.80 -7.03 1.08
C LEU A 65 10.20 -6.55 2.40
N ARG A 66 10.06 -7.44 3.36
CA ARG A 66 9.45 -7.08 4.65
C ARG A 66 10.11 -5.84 5.23
N SER A 67 11.41 -5.68 4.96
CA SER A 67 12.14 -4.51 5.44
C SER A 67 11.66 -3.26 4.70
N LYS A 68 11.40 -3.42 3.41
CA LYS A 68 10.92 -2.32 2.59
C LYS A 68 9.53 -1.89 3.05
N VAL A 69 8.58 -2.82 3.01
CA VAL A 69 7.22 -2.54 3.44
C VAL A 69 7.20 -2.17 4.92
N ASP A 70 8.25 -2.54 5.65
CA ASP A 70 8.37 -2.16 7.05
C ASP A 70 8.23 -0.65 7.17
N GLU A 71 8.98 0.06 6.35
CA GLU A 71 8.90 1.51 6.30
C GLU A 71 7.55 1.94 5.73
N ALA A 72 6.99 1.08 4.89
CA ALA A 72 5.69 1.34 4.27
C ALA A 72 4.58 1.45 5.31
N VAL A 73 4.53 0.50 6.25
CA VAL A 73 3.53 0.55 7.30
C VAL A 73 3.72 1.84 8.11
N ALA A 74 4.96 2.32 8.15
CA ALA A 74 5.29 3.55 8.85
C ALA A 74 4.71 4.77 8.12
N VAL A 75 4.79 4.76 6.78
CA VAL A 75 4.26 5.86 6.00
C VAL A 75 2.78 6.08 6.34
N LEU A 76 2.09 4.98 6.61
CA LEU A 76 0.69 5.03 7.01
C LEU A 76 0.57 5.64 8.39
N GLN A 77 1.40 5.16 9.31
CA GLN A 77 1.42 5.67 10.67
C GLN A 77 1.56 7.20 10.66
N ALA A 78 2.34 7.70 9.71
CA ALA A 78 2.54 9.13 9.56
C ALA A 78 1.38 9.76 8.79
N HIS A 79 0.74 8.95 7.94
CA HIS A 79 -0.40 9.41 7.15
C HIS A 79 -1.57 9.79 8.07
N GLN A 80 -1.82 8.93 9.05
CA GLN A 80 -2.90 9.16 10.00
C GLN A 80 -2.60 10.38 10.88
N ALA A 81 -1.33 10.75 10.94
CA ALA A 81 -0.90 11.89 11.74
C ALA A 81 -1.39 13.21 11.13
N LYS A 82 -0.87 13.53 9.94
CA LYS A 82 -1.25 14.75 9.25
C LYS A 82 -2.73 14.72 8.84
N GLU A 83 -3.30 13.52 8.82
CA GLU A 83 -4.70 13.35 8.45
C GLU A 83 -5.62 13.73 9.60
N ALA A 84 -5.33 13.19 10.78
CA ALA A 84 -6.13 13.47 11.97
C ALA A 84 -5.78 14.81 12.58
N ALA A 85 -4.68 15.40 12.11
CA ALA A 85 -4.23 16.70 12.60
C ALA A 85 -4.95 17.84 11.89
N GLN A 86 -6.00 17.51 11.15
CA GLN A 86 -6.78 18.50 10.43
C GLN A 86 -7.77 19.20 11.35
N LYS A 87 -8.27 20.35 10.91
CA LYS A 87 -9.23 21.12 11.70
C LYS A 87 -10.65 20.61 11.49
N ALA A 88 -11.62 21.30 12.11
CA ALA A 88 -13.02 20.91 11.99
C ALA A 88 -13.63 21.49 10.71
N VAL A 89 -12.79 22.08 9.87
CA VAL A 89 -13.26 22.66 8.61
C VAL A 89 -13.51 21.58 7.56
N ASN A 90 -14.59 21.75 6.81
CA ASN A 90 -14.96 20.79 5.76
C ASN A 90 -14.22 21.10 4.47
N SER A 91 -13.01 20.57 4.33
CA SER A 91 -12.20 20.79 3.14
C SER A 91 -12.65 19.87 2.01
N ALA A 92 -11.96 19.96 0.87
CA ALA A 92 -12.28 19.14 -0.28
C ALA A 92 -12.01 17.67 0.00
N THR A 93 -13.08 16.92 0.28
CA THR A 93 -12.96 15.50 0.57
C THR A 93 -13.56 14.66 -0.56
N GLY A 94 -13.68 15.26 -1.73
CA GLY A 94 -14.23 14.56 -2.88
C GLY A 94 -13.17 14.11 -3.86
N VAL A 95 -13.45 14.28 -5.15
CA VAL A 95 -12.51 13.89 -6.19
C VAL A 95 -11.49 14.99 -6.46
N PRO A 96 -10.18 14.65 -6.51
CA PRO A 96 -9.12 15.62 -6.76
C PRO A 96 -9.16 16.17 -8.18
N THR A 97 -8.18 17.00 -8.53
CA THR A 97 -8.10 17.59 -9.85
C THR A 97 -7.45 16.64 -10.85
N VAL A 98 -8.28 15.78 -11.46
CA VAL A 98 -7.79 14.80 -12.43
C VAL A 98 -8.63 14.83 -13.70
N VAL B 1 1.56 17.68 -1.14
CA VAL B 1 1.05 16.34 -0.74
C VAL B 1 1.84 15.80 0.44
N VAL B 2 1.58 14.54 0.79
CA VAL B 2 2.26 13.89 1.91
C VAL B 2 3.63 13.37 1.50
N LYS B 3 4.64 13.67 2.32
CA LYS B 3 6.00 13.24 2.03
C LYS B 3 6.25 11.85 2.59
N SER B 4 6.38 10.87 1.70
CA SER B 4 6.62 9.48 2.10
C SER B 4 8.11 9.23 2.31
N ASN B 5 8.45 8.02 2.76
CA ASN B 5 9.83 7.66 3.00
C ASN B 5 10.33 6.68 1.95
N LEU B 6 9.54 5.63 1.71
CA LEU B 6 9.90 4.61 0.72
C LEU B 6 9.85 5.19 -0.69
N ASN B 7 8.64 5.37 -1.20
CA ASN B 7 8.45 5.92 -2.53
C ASN B 7 8.28 7.44 -2.48
N PRO B 8 8.97 8.18 -3.36
CA PRO B 8 8.88 9.64 -3.40
C PRO B 8 7.64 10.12 -4.12
N ASN B 9 6.87 9.19 -4.68
CA ASN B 9 5.65 9.51 -5.40
C ASN B 9 4.46 8.79 -4.80
N ALA B 10 4.29 8.89 -3.49
CA ALA B 10 3.19 8.23 -2.79
C ALA B 10 1.83 8.73 -3.28
N LYS B 11 1.22 7.99 -4.21
CA LYS B 11 -0.10 8.33 -4.71
C LYS B 11 -1.09 7.20 -4.43
N GLU B 12 -2.38 7.49 -4.54
CA GLU B 12 -3.42 6.50 -4.28
C GLU B 12 -3.33 5.32 -5.25
N PHE B 13 -3.95 4.22 -4.89
CA PHE B 13 -3.95 3.02 -5.73
C PHE B 13 -5.11 3.05 -6.72
N VAL B 14 -4.81 3.40 -7.96
CA VAL B 14 -5.80 3.44 -9.02
C VAL B 14 -5.57 2.30 -10.00
N PRO B 15 -6.27 1.16 -9.81
CA PRO B 15 -6.11 -0.03 -10.65
C PRO B 15 -6.33 0.26 -12.14
N GLY B 16 -6.41 -0.81 -12.92
CA GLY B 16 -6.62 -0.66 -14.35
C GLY B 16 -5.32 -0.46 -15.10
N VAL B 17 -4.44 0.37 -14.55
CA VAL B 17 -3.14 0.63 -15.16
C VAL B 17 -2.00 0.14 -14.27
N LYS B 18 -0.89 -0.26 -14.88
CA LYS B 18 0.27 -0.72 -14.15
C LYS B 18 0.97 0.44 -13.46
N TYR B 19 0.68 0.64 -12.18
CA TYR B 19 1.28 1.73 -11.41
C TYR B 19 2.78 1.52 -11.27
N GLY B 20 3.56 2.41 -11.87
CA GLY B 20 5.00 2.31 -11.80
C GLY B 20 5.56 1.36 -12.85
N ASN B 21 5.73 1.87 -14.07
CA ASN B 21 6.26 1.06 -15.16
C ASN B 21 7.75 1.29 -15.34
N ILE B 22 8.37 0.50 -16.20
CA ILE B 22 9.79 0.61 -16.46
C ILE B 22 10.06 0.89 -17.95
N GLY A 1 -21.37 -10.38 -0.04
CA GLY A 1 -20.87 -9.62 1.15
C GLY A 1 -20.89 -8.11 0.92
N PRO A 2 -21.38 -7.33 1.90
CA PRO A 2 -21.44 -5.87 1.79
C PRO A 2 -20.07 -5.25 1.56
N LEU A 3 -19.08 -5.72 2.32
CA LEU A 3 -17.72 -5.21 2.20
C LEU A 3 -17.06 -5.67 0.90
N GLY A 4 -15.81 -5.28 0.70
CA GLY A 4 -15.10 -5.66 -0.50
C GLY A 4 -14.40 -7.00 -0.38
N SER A 5 -15.08 -7.95 0.26
CA SER A 5 -14.54 -9.29 0.43
C SER A 5 -14.63 -10.10 -0.87
N PRO A 6 -13.80 -11.15 -1.03
CA PRO A 6 -12.78 -11.56 -0.05
C PRO A 6 -11.60 -10.58 0.02
N LEU A 7 -10.48 -11.07 0.54
CA LEU A 7 -9.28 -10.25 0.66
C LEU A 7 -8.51 -10.19 -0.66
N THR A 8 -7.25 -9.80 -0.59
CA THR A 8 -6.41 -9.69 -1.77
C THR A 8 -5.73 -11.03 -2.07
N ALA A 9 -5.42 -11.78 -1.03
CA ALA A 9 -4.83 -13.09 -1.20
C ALA A 9 -5.75 -13.98 -2.02
N SER A 10 -7.05 -13.76 -1.85
CA SER A 10 -8.05 -14.49 -2.62
C SER A 10 -8.09 -13.96 -4.04
N MET A 11 -7.89 -12.65 -4.20
CA MET A 11 -7.86 -12.05 -5.53
C MET A 11 -6.68 -12.59 -6.32
N LEU A 12 -5.56 -12.83 -5.63
CA LEU A 12 -4.37 -13.37 -6.25
C LEU A 12 -4.71 -14.64 -7.01
N ALA A 13 -5.34 -15.58 -6.29
CA ALA A 13 -5.79 -16.83 -6.90
C ALA A 13 -6.89 -16.58 -7.92
N SER A 14 -7.61 -15.47 -7.74
CA SER A 14 -8.71 -15.11 -8.62
C SER A 14 -8.31 -14.04 -9.63
N ALA A 15 -7.01 -13.96 -9.92
CA ALA A 15 -6.52 -12.98 -10.87
C ALA A 15 -5.51 -13.63 -11.85
N PRO A 16 -5.96 -14.65 -12.61
CA PRO A 16 -5.08 -15.38 -13.54
C PRO A 16 -4.44 -14.48 -14.61
N PRO A 17 -5.20 -13.66 -15.36
CA PRO A 17 -4.64 -12.82 -16.41
C PRO A 17 -3.82 -11.66 -15.83
N GLN A 18 -3.60 -10.63 -16.65
CA GLN A 18 -2.85 -9.45 -16.21
C GLN A 18 -3.69 -8.61 -15.26
N GLU A 19 -3.96 -9.16 -14.09
CA GLU A 19 -4.77 -8.48 -13.09
C GLU A 19 -3.91 -7.92 -11.97
N GLN A 20 -2.59 -8.01 -12.14
CA GLN A 20 -1.64 -7.54 -11.13
C GLN A 20 -2.02 -6.14 -10.63
N LYS A 21 -2.14 -5.20 -11.56
CA LYS A 21 -2.45 -3.81 -11.20
C LYS A 21 -3.73 -3.72 -10.38
N GLN A 22 -4.63 -4.69 -10.54
CA GLN A 22 -5.89 -4.69 -9.81
C GLN A 22 -5.69 -5.03 -8.34
N MET A 23 -5.49 -6.31 -8.06
CA MET A 23 -5.35 -6.78 -6.69
C MET A 23 -4.05 -6.30 -6.03
N LEU A 24 -3.04 -7.15 -6.06
CA LEU A 24 -1.77 -6.88 -5.38
C LEU A 24 -1.05 -5.65 -5.92
N GLY A 25 -1.60 -5.00 -6.93
CA GLY A 25 -0.87 -3.91 -7.54
C GLY A 25 0.37 -4.46 -8.18
N GLU A 26 1.53 -4.06 -7.69
CA GLU A 26 2.76 -4.72 -8.09
C GLU A 26 2.83 -6.06 -7.35
N ARG A 27 3.03 -5.97 -6.04
CA ARG A 27 3.02 -7.10 -5.13
C ARG A 27 2.77 -6.57 -3.71
N LEU A 28 2.36 -5.32 -3.66
CA LEU A 28 2.18 -4.59 -2.41
C LEU A 28 1.21 -5.27 -1.44
N PHE A 29 -0.07 -5.15 -1.73
CA PHE A 29 -1.13 -5.65 -0.84
C PHE A 29 -0.77 -6.97 -0.15
N PRO A 30 -0.31 -8.00 -0.89
CA PRO A 30 0.01 -9.33 -0.31
C PRO A 30 1.04 -9.25 0.82
N LEU A 31 2.09 -8.48 0.63
CA LEU A 31 3.14 -8.38 1.65
C LEU A 31 2.63 -7.63 2.86
N ILE A 32 1.99 -6.49 2.61
CA ILE A 32 1.44 -5.71 3.69
C ILE A 32 0.16 -6.35 4.22
N GLN A 33 -0.37 -7.32 3.47
CA GLN A 33 -1.56 -8.04 3.92
C GLN A 33 -1.22 -8.77 5.20
N ALA A 34 -0.01 -9.32 5.24
CA ALA A 34 0.49 -9.95 6.45
C ALA A 34 0.68 -8.89 7.52
N MET A 35 1.02 -7.68 7.06
CA MET A 35 1.20 -6.54 7.95
C MET A 35 -0.04 -5.63 7.92
N HIS A 36 -1.18 -6.24 7.62
CA HIS A 36 -2.44 -5.50 7.49
C HIS A 36 -2.89 -4.84 8.79
N PRO A 37 -2.62 -5.45 9.98
CA PRO A 37 -3.03 -4.87 11.27
C PRO A 37 -2.90 -3.35 11.28
N THR A 38 -1.94 -2.84 10.51
CA THR A 38 -1.75 -1.40 10.38
C THR A 38 -2.78 -0.80 9.43
N LEU A 39 -2.49 -0.85 8.13
CA LEU A 39 -3.41 -0.34 7.12
C LEU A 39 -2.94 -0.69 5.71
N ALA A 40 -2.65 -1.98 5.49
CA ALA A 40 -2.18 -2.47 4.19
C ALA A 40 -2.92 -1.80 3.03
N GLY A 41 -4.21 -1.57 3.22
CA GLY A 41 -5.02 -0.95 2.19
C GLY A 41 -4.41 0.30 1.58
N LYS A 42 -4.09 1.27 2.42
CA LYS A 42 -3.52 2.52 1.91
C LYS A 42 -2.03 2.37 1.58
N ILE A 43 -1.32 1.55 2.35
CA ILE A 43 0.11 1.35 2.12
C ILE A 43 0.39 0.95 0.68
N THR A 44 -0.25 -0.13 0.24
CA THR A 44 -0.07 -0.63 -1.12
C THR A 44 -0.18 0.51 -2.12
N GLY A 45 -1.24 1.31 -1.98
CA GLY A 45 -1.43 2.44 -2.87
C GLY A 45 -0.21 3.32 -2.99
N MET A 46 0.35 3.72 -1.85
CA MET A 46 1.53 4.59 -1.83
C MET A 46 2.68 3.97 -2.60
N LEU A 47 3.20 2.88 -2.08
CA LEU A 47 4.34 2.20 -2.67
C LEU A 47 3.95 1.43 -3.93
N LEU A 48 2.73 1.67 -4.42
CA LEU A 48 2.26 1.01 -5.64
C LEU A 48 3.07 1.48 -6.84
N GLU A 49 3.65 2.68 -6.73
CA GLU A 49 4.47 3.23 -7.80
C GLU A 49 5.82 2.54 -7.87
N ILE A 50 5.90 1.33 -7.34
CA ILE A 50 7.13 0.56 -7.34
C ILE A 50 7.30 -0.18 -8.67
N ASP A 51 8.51 -0.69 -8.90
CA ASP A 51 8.82 -1.40 -10.14
C ASP A 51 8.11 -2.76 -10.19
N ASN A 52 7.89 -3.25 -11.40
CA ASN A 52 7.27 -4.56 -11.59
C ASN A 52 8.30 -5.66 -11.47
N SER A 53 9.55 -5.34 -11.83
CA SER A 53 10.64 -6.29 -11.72
C SER A 53 11.04 -6.44 -10.25
N GLU A 54 10.89 -5.35 -9.50
CA GLU A 54 11.20 -5.35 -8.08
C GLU A 54 10.08 -6.00 -7.28
N LEU A 55 8.87 -5.93 -7.80
CA LEU A 55 7.71 -6.52 -7.12
C LEU A 55 7.95 -8.02 -6.94
N LEU A 56 8.38 -8.68 -8.01
CA LEU A 56 8.66 -10.10 -7.98
C LEU A 56 9.74 -10.42 -6.97
N HIS A 57 10.81 -9.61 -6.98
CA HIS A 57 11.93 -9.80 -6.07
C HIS A 57 11.46 -9.76 -4.61
N MET A 58 10.53 -8.84 -4.32
CA MET A 58 9.98 -8.70 -2.97
C MET A 58 9.32 -10.00 -2.53
N LEU A 59 8.58 -10.62 -3.44
CA LEU A 59 7.89 -11.87 -3.15
C LEU A 59 8.88 -12.99 -2.84
N GLU A 60 10.11 -12.84 -3.35
CA GLU A 60 11.13 -13.85 -3.15
C GLU A 60 12.17 -13.39 -2.12
N SER A 61 11.94 -12.21 -1.56
CA SER A 61 12.85 -11.64 -0.56
C SER A 61 12.12 -11.35 0.74
N PRO A 62 11.87 -12.39 1.56
CA PRO A 62 11.17 -12.23 2.84
C PRO A 62 11.88 -11.26 3.76
N GLU A 63 13.21 -11.26 3.71
CA GLU A 63 14.02 -10.38 4.55
C GLU A 63 14.06 -8.96 4.00
N SER A 64 14.29 -8.82 2.71
CA SER A 64 14.40 -7.51 2.07
C SER A 64 13.04 -6.83 1.96
N LEU A 65 12.09 -7.54 1.35
CA LEU A 65 10.75 -7.01 1.15
C LEU A 65 10.09 -6.60 2.46
N ARG A 66 9.95 -7.54 3.38
CA ARG A 66 9.30 -7.24 4.66
C ARG A 66 9.91 -6.00 5.31
N SER A 67 11.23 -5.83 5.15
CA SER A 67 11.92 -4.67 5.70
C SER A 67 11.52 -3.41 4.93
N LYS A 68 11.31 -3.57 3.63
CA LYS A 68 10.91 -2.46 2.78
C LYS A 68 9.51 -1.99 3.17
N VAL A 69 8.55 -2.92 3.14
CA VAL A 69 7.18 -2.60 3.52
C VAL A 69 7.11 -2.22 4.99
N ASP A 70 8.12 -2.63 5.76
CA ASP A 70 8.18 -2.28 7.17
C ASP A 70 8.07 -0.77 7.32
N GLU A 71 8.86 -0.06 6.52
CA GLU A 71 8.80 1.40 6.51
C GLU A 71 7.48 1.86 5.91
N ALA A 72 6.98 1.08 4.96
CA ALA A 72 5.68 1.37 4.34
C ALA A 72 4.59 1.48 5.39
N VAL A 73 4.63 0.57 6.36
CA VAL A 73 3.69 0.60 7.47
C VAL A 73 3.86 1.90 8.24
N ALA A 74 5.09 2.40 8.26
CA ALA A 74 5.40 3.65 8.96
C ALA A 74 4.86 4.86 8.21
N VAL A 75 4.90 4.81 6.88
CA VAL A 75 4.40 5.92 6.07
C VAL A 75 2.94 6.20 6.40
N LEU A 76 2.23 5.15 6.83
CA LEU A 76 0.83 5.28 7.22
C LEU A 76 0.71 6.03 8.53
N GLN A 77 1.42 5.53 9.55
CA GLN A 77 1.41 6.16 10.86
C GLN A 77 1.70 7.64 10.75
N ALA A 78 2.55 8.00 9.79
CA ALA A 78 2.90 9.40 9.54
C ALA A 78 1.82 10.08 8.70
N HIS A 79 1.19 9.30 7.83
CA HIS A 79 0.15 9.83 6.95
C HIS A 79 -1.06 10.31 7.75
N GLN A 80 -1.30 9.68 8.89
CA GLN A 80 -2.42 10.04 9.75
C GLN A 80 -2.09 11.21 10.67
N ALA A 81 -0.87 11.21 11.22
CA ALA A 81 -0.44 12.25 12.14
C ALA A 81 -0.05 13.54 11.43
N LYS A 82 0.88 13.43 10.48
CA LYS A 82 1.38 14.60 9.75
C LYS A 82 0.26 15.32 9.02
N GLU A 83 -0.75 14.57 8.58
CA GLU A 83 -1.87 15.14 7.86
C GLU A 83 -2.89 15.76 8.82
N ALA A 84 -3.22 15.03 9.87
CA ALA A 84 -4.18 15.51 10.86
C ALA A 84 -3.52 16.47 11.84
N ALA A 85 -2.28 16.85 11.55
CA ALA A 85 -1.55 17.77 12.41
C ALA A 85 -2.07 19.20 12.27
N GLN A 86 -2.21 19.65 11.03
CA GLN A 86 -2.70 21.00 10.76
C GLN A 86 -4.21 21.07 10.95
N LYS A 87 -4.85 19.91 11.00
CA LYS A 87 -6.30 19.83 11.17
C LYS A 87 -6.67 19.93 12.65
N ALA A 88 -7.93 19.63 12.96
CA ALA A 88 -8.42 19.70 14.33
C ALA A 88 -7.85 18.57 15.18
N VAL A 89 -6.64 18.77 15.69
CA VAL A 89 -5.98 17.76 16.52
C VAL A 89 -6.45 17.85 17.97
N ASN A 90 -6.56 16.70 18.62
CA ASN A 90 -7.01 16.65 20.02
C ASN A 90 -5.85 16.91 20.97
N SER A 91 -4.72 17.36 20.43
CA SER A 91 -3.55 17.65 21.24
C SER A 91 -3.62 19.04 21.85
N ALA A 92 -3.28 19.15 23.13
CA ALA A 92 -3.31 20.43 23.83
C ALA A 92 -2.10 21.27 23.47
N THR A 93 -2.33 22.34 22.71
CA THR A 93 -1.26 23.23 22.30
C THR A 93 -1.31 24.55 23.06
N GLY A 94 -0.13 25.11 23.34
CA GLY A 94 -0.06 26.36 24.08
C GLY A 94 -0.04 27.56 23.16
N VAL A 95 0.96 27.62 22.29
CA VAL A 95 1.11 28.73 21.35
C VAL A 95 0.79 28.28 19.92
N PRO A 96 -0.46 28.46 19.48
CA PRO A 96 -0.88 28.07 18.13
C PRO A 96 -0.06 28.75 17.04
N THR A 97 0.60 27.95 16.22
CA THR A 97 1.43 28.47 15.13
C THR A 97 0.58 28.76 13.90
N VAL A 98 -0.73 28.54 14.02
CA VAL A 98 -1.65 28.76 12.91
C VAL A 98 -2.54 29.96 13.19
N VAL B 1 2.39 18.43 0.44
CA VAL B 1 3.14 17.29 -0.12
C VAL B 1 3.34 16.19 0.91
N VAL B 2 3.22 14.94 0.48
CA VAL B 2 3.40 13.80 1.39
C VAL B 2 4.88 13.49 1.58
N LYS B 3 5.27 13.24 2.82
CA LYS B 3 6.65 12.92 3.13
C LYS B 3 6.89 11.41 3.15
N SER B 4 7.08 10.84 1.97
CA SER B 4 7.32 9.40 1.85
C SER B 4 8.80 9.09 1.97
N ASN B 5 9.13 7.83 2.25
CA ASN B 5 10.51 7.42 2.40
C ASN B 5 10.99 6.64 1.18
N LEU B 6 10.43 5.46 0.97
CA LEU B 6 10.79 4.62 -0.17
C LEU B 6 10.41 5.29 -1.48
N ASN B 7 9.19 5.08 -1.93
CA ASN B 7 8.71 5.69 -3.17
C ASN B 7 8.43 7.18 -2.96
N PRO B 8 9.04 8.05 -3.78
CA PRO B 8 8.83 9.49 -3.67
C PRO B 8 7.52 9.93 -4.32
N ASN B 9 6.75 8.95 -4.79
CA ASN B 9 5.47 9.23 -5.44
C ASN B 9 4.34 8.48 -4.74
N ALA B 10 4.35 8.52 -3.41
CA ALA B 10 3.32 7.84 -2.62
C ALA B 10 1.93 8.40 -2.93
N LYS B 11 1.19 7.71 -3.78
CA LYS B 11 -0.17 8.13 -4.13
C LYS B 11 -1.18 7.03 -3.81
N GLU B 12 -2.45 7.29 -4.09
CA GLU B 12 -3.50 6.31 -3.86
C GLU B 12 -3.36 5.12 -4.81
N PHE B 13 -4.16 4.08 -4.59
CA PHE B 13 -4.12 2.89 -5.44
C PHE B 13 -5.27 2.91 -6.44
N VAL B 14 -4.94 3.15 -7.70
CA VAL B 14 -5.93 3.17 -8.76
C VAL B 14 -5.72 1.99 -9.71
N PRO B 15 -6.40 0.86 -9.44
CA PRO B 15 -6.26 -0.36 -10.26
C PRO B 15 -6.54 -0.11 -11.74
N GLY B 16 -6.58 -1.20 -12.50
CA GLY B 16 -6.84 -1.09 -13.93
C GLY B 16 -5.58 -0.80 -14.73
N VAL B 17 -4.76 0.10 -14.22
CA VAL B 17 -3.50 0.46 -14.87
C VAL B 17 -2.31 0.06 -14.02
N LYS B 18 -1.24 -0.40 -14.67
CA LYS B 18 -0.03 -0.81 -13.96
C LYS B 18 0.65 0.40 -13.34
N TYR B 19 0.43 0.59 -12.04
CA TYR B 19 1.02 1.70 -11.32
C TYR B 19 2.51 1.46 -11.08
N GLY B 20 3.34 2.35 -11.63
CA GLY B 20 4.78 2.21 -11.47
C GLY B 20 5.39 1.34 -12.53
N ASN B 21 4.77 1.31 -13.71
CA ASN B 21 5.27 0.50 -14.82
C ASN B 21 6.25 1.31 -15.68
N ILE B 22 7.43 1.58 -15.11
CA ILE B 22 8.45 2.34 -15.82
C ILE B 22 9.69 1.49 -16.08
N GLY A 1 -27.95 -9.30 -1.84
CA GLY A 1 -26.77 -9.42 -0.93
C GLY A 1 -25.97 -8.12 -0.85
N PRO A 2 -25.27 -7.88 0.27
CA PRO A 2 -24.46 -6.67 0.44
C PRO A 2 -23.14 -6.74 -0.30
N LEU A 3 -22.31 -5.72 -0.13
CA LEU A 3 -21.01 -5.67 -0.79
C LEU A 3 -19.92 -6.30 0.10
N GLY A 4 -19.84 -7.63 0.07
CA GLY A 4 -18.86 -8.31 0.88
C GLY A 4 -17.65 -8.76 0.05
N SER A 5 -16.62 -7.95 0.04
CA SER A 5 -15.41 -8.26 -0.71
C SER A 5 -14.37 -8.92 0.20
N PRO A 6 -13.76 -10.03 -0.26
CA PRO A 6 -12.74 -10.76 0.51
C PRO A 6 -11.44 -9.97 0.62
N LEU A 7 -10.34 -10.70 0.83
CA LEU A 7 -9.03 -10.07 0.94
C LEU A 7 -8.34 -10.02 -0.42
N THR A 8 -7.07 -9.59 -0.42
CA THR A 8 -6.30 -9.49 -1.65
C THR A 8 -5.60 -10.81 -1.94
N ALA A 9 -5.24 -11.53 -0.88
CA ALA A 9 -4.63 -12.84 -1.03
C ALA A 9 -5.58 -13.76 -1.80
N SER A 10 -6.86 -13.58 -1.55
CA SER A 10 -7.89 -14.34 -2.25
C SER A 10 -7.98 -13.87 -3.69
N MET A 11 -7.79 -12.57 -3.89
CA MET A 11 -7.80 -12.01 -5.25
C MET A 11 -6.65 -12.58 -6.05
N LEU A 12 -5.53 -12.82 -5.37
CA LEU A 12 -4.35 -13.40 -6.00
C LEU A 12 -4.73 -14.68 -6.73
N ALA A 13 -5.39 -15.57 -6.01
CA ALA A 13 -5.85 -16.83 -6.59
C ALA A 13 -6.93 -16.59 -7.64
N SER A 14 -7.64 -15.48 -7.49
CA SER A 14 -8.73 -15.14 -8.41
C SER A 14 -8.30 -14.08 -9.42
N ALA A 15 -6.99 -13.94 -9.63
CA ALA A 15 -6.46 -12.97 -10.57
C ALA A 15 -5.38 -13.58 -11.47
N PRO A 16 -5.70 -14.68 -12.17
CA PRO A 16 -4.74 -15.39 -13.03
C PRO A 16 -4.12 -14.51 -14.13
N PRO A 17 -4.93 -13.76 -14.91
CA PRO A 17 -4.41 -12.92 -16.01
C PRO A 17 -3.61 -11.72 -15.50
N GLN A 18 -3.51 -10.69 -16.34
CA GLN A 18 -2.78 -9.48 -15.98
C GLN A 18 -3.57 -8.62 -14.99
N GLU A 19 -4.08 -9.26 -13.95
CA GLU A 19 -4.84 -8.56 -12.92
C GLU A 19 -3.91 -7.99 -11.86
N GLN A 20 -2.63 -7.92 -12.20
CA GLN A 20 -1.61 -7.41 -11.28
C GLN A 20 -2.00 -6.05 -10.72
N LYS A 21 -2.01 -5.03 -11.56
CA LYS A 21 -2.32 -3.67 -11.13
C LYS A 21 -3.67 -3.61 -10.43
N GLN A 22 -4.50 -4.63 -10.63
CA GLN A 22 -5.80 -4.69 -9.99
C GLN A 22 -5.68 -5.03 -8.50
N MET A 23 -5.50 -6.31 -8.21
CA MET A 23 -5.41 -6.79 -6.84
C MET A 23 -4.15 -6.34 -6.12
N LEU A 24 -3.15 -7.21 -6.13
CA LEU A 24 -1.88 -6.98 -5.42
C LEU A 24 -1.14 -5.75 -5.92
N GLY A 25 -1.70 -5.06 -6.91
CA GLY A 25 -0.98 -3.95 -7.49
C GLY A 25 0.25 -4.49 -8.17
N GLU A 26 1.42 -4.08 -7.70
CA GLU A 26 2.63 -4.73 -8.13
C GLU A 26 2.73 -6.06 -7.38
N ARG A 27 2.92 -5.94 -6.07
CA ARG A 27 2.93 -7.07 -5.16
C ARG A 27 2.68 -6.55 -3.75
N LEU A 28 2.25 -5.30 -3.68
CA LEU A 28 2.07 -4.60 -2.41
C LEU A 28 1.10 -5.27 -1.46
N PHE A 29 -0.20 -5.07 -1.70
CA PHE A 29 -1.26 -5.56 -0.83
C PHE A 29 -0.94 -6.90 -0.15
N PRO A 30 -0.49 -7.93 -0.91
CA PRO A 30 -0.21 -9.26 -0.34
C PRO A 30 0.85 -9.23 0.76
N LEU A 31 1.93 -8.47 0.55
CA LEU A 31 3.00 -8.42 1.56
C LEU A 31 2.52 -7.66 2.78
N ILE A 32 1.88 -6.52 2.56
CA ILE A 32 1.35 -5.74 3.66
C ILE A 32 0.10 -6.41 4.22
N GLN A 33 -0.43 -7.39 3.48
CA GLN A 33 -1.58 -8.14 3.94
C GLN A 33 -1.20 -8.86 5.22
N ALA A 34 0.02 -9.37 5.23
CA ALA A 34 0.57 -9.99 6.43
C ALA A 34 0.79 -8.92 7.50
N MET A 35 1.09 -7.70 7.03
CA MET A 35 1.29 -6.55 7.91
C MET A 35 0.05 -5.67 7.91
N HIS A 36 -1.10 -6.30 7.67
CA HIS A 36 -2.38 -5.59 7.58
C HIS A 36 -2.79 -4.92 8.91
N PRO A 37 -2.43 -5.49 10.10
CA PRO A 37 -2.79 -4.88 11.38
C PRO A 37 -2.68 -3.35 11.35
N THR A 38 -1.78 -2.85 10.51
CA THR A 38 -1.62 -1.42 10.31
C THR A 38 -2.72 -0.90 9.38
N LEU A 39 -2.44 -0.93 8.08
CA LEU A 39 -3.42 -0.51 7.09
C LEU A 39 -2.94 -0.84 5.67
N ALA A 40 -2.69 -2.12 5.42
CA ALA A 40 -2.21 -2.57 4.11
C ALA A 40 -2.99 -1.92 2.97
N GLY A 41 -4.27 -1.69 3.19
CA GLY A 41 -5.13 -1.10 2.18
C GLY A 41 -4.55 0.14 1.52
N LYS A 42 -4.22 1.15 2.32
CA LYS A 42 -3.69 2.39 1.77
C LYS A 42 -2.21 2.27 1.42
N ILE A 43 -1.45 1.58 2.27
CA ILE A 43 -0.01 1.45 2.05
C ILE A 43 0.31 0.94 0.65
N THR A 44 -0.38 -0.14 0.24
CA THR A 44 -0.16 -0.69 -1.09
C THR A 44 -0.22 0.43 -2.13
N GLY A 45 -1.24 1.28 -2.03
CA GLY A 45 -1.38 2.38 -2.94
C GLY A 45 -0.18 3.30 -2.96
N MET A 46 0.23 3.77 -1.78
CA MET A 46 1.37 4.67 -1.67
C MET A 46 2.61 4.06 -2.32
N LEU A 47 2.99 2.87 -1.87
CA LEU A 47 4.16 2.20 -2.39
C LEU A 47 3.86 1.49 -3.72
N LEU A 48 2.67 1.72 -4.26
CA LEU A 48 2.26 1.10 -5.52
C LEU A 48 3.13 1.61 -6.67
N GLU A 49 3.75 2.77 -6.48
CA GLU A 49 4.62 3.34 -7.49
C GLU A 49 5.96 2.61 -7.55
N ILE A 50 5.97 1.38 -7.03
CA ILE A 50 7.18 0.57 -7.02
C ILE A 50 7.36 -0.15 -8.35
N ASP A 51 8.54 -0.74 -8.55
CA ASP A 51 8.84 -1.47 -9.78
C ASP A 51 8.05 -2.77 -9.87
N ASN A 52 7.85 -3.24 -11.10
CA ASN A 52 7.16 -4.50 -11.32
C ASN A 52 8.17 -5.65 -11.29
N SER A 53 9.41 -5.34 -11.66
CA SER A 53 10.49 -6.32 -11.62
C SER A 53 10.90 -6.56 -10.16
N GLU A 54 10.76 -5.52 -9.35
CA GLU A 54 11.09 -5.60 -7.94
C GLU A 54 10.00 -6.32 -7.17
N LEU A 55 8.76 -6.22 -7.67
CA LEU A 55 7.62 -6.87 -7.03
C LEU A 55 7.84 -8.36 -6.96
N LEU A 56 8.29 -8.94 -8.07
CA LEU A 56 8.57 -10.37 -8.12
C LEU A 56 9.66 -10.74 -7.12
N HIS A 57 10.74 -9.97 -7.12
CA HIS A 57 11.86 -10.22 -6.22
C HIS A 57 11.45 -10.01 -4.75
N MET A 58 10.37 -9.28 -4.54
CA MET A 58 9.89 -9.00 -3.19
C MET A 58 9.33 -10.27 -2.55
N LEU A 59 8.38 -10.90 -3.22
CA LEU A 59 7.78 -12.13 -2.71
C LEU A 59 8.81 -13.24 -2.60
N GLU A 60 9.94 -13.05 -3.30
CA GLU A 60 11.00 -14.04 -3.27
C GLU A 60 12.06 -13.68 -2.22
N SER A 61 11.99 -12.45 -1.72
CA SER A 61 12.93 -11.99 -0.71
C SER A 61 12.21 -11.53 0.56
N PRO A 62 11.95 -12.46 1.50
CA PRO A 62 11.28 -12.12 2.76
C PRO A 62 12.04 -11.08 3.57
N GLU A 63 13.37 -11.11 3.45
CA GLU A 63 14.22 -10.19 4.18
C GLU A 63 14.24 -8.80 3.53
N SER A 64 14.48 -8.77 2.22
CA SER A 64 14.55 -7.52 1.49
C SER A 64 13.19 -6.85 1.41
N LEU A 65 12.17 -7.63 1.07
CA LEU A 65 10.83 -7.12 0.91
C LEU A 65 10.30 -6.52 2.21
N ARG A 66 10.15 -7.35 3.24
CA ARG A 66 9.61 -6.89 4.51
C ARG A 66 10.33 -5.64 4.98
N SER A 67 11.59 -5.51 4.58
CA SER A 67 12.38 -4.33 4.94
C SER A 67 11.75 -3.08 4.33
N LYS A 68 11.37 -3.18 3.05
CA LYS A 68 10.74 -2.07 2.36
C LYS A 68 9.38 -1.75 2.95
N VAL A 69 8.47 -2.72 2.88
CA VAL A 69 7.12 -2.52 3.40
C VAL A 69 7.16 -2.16 4.88
N ASP A 70 8.27 -2.48 5.54
CA ASP A 70 8.44 -2.09 6.94
C ASP A 70 8.31 -0.58 7.03
N GLU A 71 9.05 0.11 6.16
CA GLU A 71 8.96 1.55 6.07
C GLU A 71 7.58 1.96 5.55
N ALA A 72 6.98 1.06 4.77
CA ALA A 72 5.65 1.30 4.23
C ALA A 72 4.61 1.35 5.34
N VAL A 73 4.80 0.50 6.36
CA VAL A 73 3.91 0.53 7.51
C VAL A 73 3.99 1.91 8.15
N ALA A 74 5.18 2.51 8.06
CA ALA A 74 5.39 3.87 8.52
C ALA A 74 4.73 4.86 7.56
N VAL A 75 4.76 4.50 6.27
CA VAL A 75 4.14 5.31 5.22
C VAL A 75 2.69 5.57 5.56
N LEU A 76 2.07 4.59 6.21
CA LEU A 76 0.68 4.70 6.64
C LEU A 76 0.58 5.68 7.80
N GLN A 77 1.47 5.51 8.77
CA GLN A 77 1.50 6.37 9.95
C GLN A 77 1.82 7.81 9.57
N ALA A 78 2.48 7.98 8.44
CA ALA A 78 2.85 9.32 7.95
C ALA A 78 1.67 9.98 7.27
N HIS A 79 0.75 9.17 6.75
CA HIS A 79 -0.42 9.68 6.07
C HIS A 79 -1.36 10.38 7.04
N GLN A 80 -1.53 9.78 8.22
CA GLN A 80 -2.41 10.33 9.24
C GLN A 80 -1.91 11.70 9.71
N ALA A 81 -0.67 12.02 9.38
CA ALA A 81 -0.08 13.30 9.77
C ALA A 81 -0.59 14.43 8.89
N LYS A 82 -0.46 14.27 7.57
CA LYS A 82 -0.89 15.29 6.64
C LYS A 82 -2.40 15.20 6.41
N GLU A 83 -2.98 14.05 6.73
CA GLU A 83 -4.41 13.84 6.56
C GLU A 83 -5.20 14.57 7.64
N ALA A 84 -4.76 14.41 8.89
CA ALA A 84 -5.42 15.06 10.02
C ALA A 84 -5.29 16.57 9.94
N ALA A 85 -4.41 17.04 9.06
CA ALA A 85 -4.18 18.47 8.88
C ALA A 85 -5.33 19.10 8.11
N GLN A 86 -6.15 18.27 7.48
CA GLN A 86 -7.29 18.74 6.70
C GLN A 86 -8.43 19.14 7.62
N LYS A 87 -8.86 18.20 8.46
CA LYS A 87 -9.95 18.45 9.40
C LYS A 87 -9.46 19.21 10.63
N ALA A 88 -8.72 18.50 11.48
CA ALA A 88 -8.18 19.10 12.70
C ALA A 88 -7.00 20.02 12.38
N VAL A 89 -7.30 21.30 12.21
CA VAL A 89 -6.27 22.29 11.91
C VAL A 89 -5.75 22.94 13.18
N ASN A 90 -4.57 22.52 13.61
CA ASN A 90 -3.95 23.05 14.82
C ASN A 90 -2.87 24.08 14.47
N SER A 91 -3.28 25.27 14.08
CA SER A 91 -2.36 26.33 13.71
C SER A 91 -1.79 27.00 14.96
N ALA A 92 -0.91 27.99 14.74
CA ALA A 92 -0.30 28.71 15.85
C ALA A 92 -1.26 29.74 16.44
N THR A 93 -2.02 29.30 17.45
CA THR A 93 -2.98 30.19 18.09
C THR A 93 -2.39 30.77 19.39
N GLY A 94 -3.19 31.57 20.08
CA GLY A 94 -2.74 32.18 21.32
C GLY A 94 -2.90 31.26 22.51
N VAL A 95 -1.96 30.35 22.68
CA VAL A 95 -1.99 29.39 23.79
C VAL A 95 -0.98 29.78 24.88
N PRO A 96 -1.47 30.17 26.07
CA PRO A 96 -0.60 30.56 27.18
C PRO A 96 0.33 29.43 27.61
N THR A 97 1.32 29.76 28.44
CA THR A 97 2.28 28.78 28.93
C THR A 97 1.80 28.16 30.24
N VAL A 98 2.10 26.89 30.44
CA VAL A 98 1.70 26.17 31.65
C VAL A 98 2.92 25.74 32.46
N VAL B 1 4.60 19.45 -1.32
CA VAL B 1 5.69 18.81 -2.10
C VAL B 1 6.50 17.85 -1.21
N VAL B 2 5.89 17.43 -0.11
CA VAL B 2 6.56 16.52 0.83
C VAL B 2 6.39 15.07 0.38
N LYS B 3 7.49 14.33 0.42
CA LYS B 3 7.48 12.92 0.02
C LYS B 3 7.32 12.01 1.23
N SER B 4 7.14 10.72 0.98
CA SER B 4 6.98 9.74 2.04
C SER B 4 8.35 9.30 2.57
N ASN B 5 8.42 8.06 3.05
CA ASN B 5 9.67 7.53 3.59
C ASN B 5 10.33 6.57 2.61
N LEU B 6 9.64 5.47 2.29
CA LEU B 6 10.16 4.49 1.35
C LEU B 6 10.11 5.05 -0.08
N ASN B 7 8.96 4.93 -0.72
CA ASN B 7 8.77 5.46 -2.06
C ASN B 7 8.46 6.94 -2.01
N PRO B 8 9.18 7.77 -2.78
CA PRO B 8 8.95 9.21 -2.81
C PRO B 8 7.68 9.57 -3.57
N ASN B 9 6.95 8.55 -4.00
CA ASN B 9 5.71 8.76 -4.75
C ASN B 9 4.53 8.07 -4.07
N ALA B 10 4.52 8.08 -2.74
CA ALA B 10 3.43 7.47 -1.98
C ALA B 10 2.09 8.12 -2.32
N LYS B 11 1.42 7.61 -3.36
CA LYS B 11 0.12 8.14 -3.77
C LYS B 11 -0.98 7.09 -3.61
N GLU B 12 -2.21 7.47 -3.91
CA GLU B 12 -3.34 6.55 -3.81
C GLU B 12 -3.24 5.44 -4.86
N PHE B 13 -3.93 4.32 -4.60
CA PHE B 13 -3.93 3.20 -5.52
C PHE B 13 -5.04 3.33 -6.55
N VAL B 14 -4.65 3.58 -7.80
CA VAL B 14 -5.60 3.71 -8.89
C VAL B 14 -5.47 2.53 -9.86
N PRO B 15 -6.19 1.42 -9.59
CA PRO B 15 -6.13 0.21 -10.41
C PRO B 15 -6.45 0.47 -11.88
N GLY B 16 -6.69 -0.61 -12.62
CA GLY B 16 -6.99 -0.50 -14.04
C GLY B 16 -5.74 -0.44 -14.89
N VAL B 17 -4.82 0.45 -14.54
CA VAL B 17 -3.56 0.58 -15.26
C VAL B 17 -2.38 0.24 -14.37
N LYS B 18 -1.24 -0.04 -14.98
CA LYS B 18 -0.02 -0.36 -14.23
C LYS B 18 0.59 0.90 -13.64
N TYR B 19 0.28 1.16 -12.37
CA TYR B 19 0.81 2.33 -11.68
C TYR B 19 2.32 2.25 -11.53
N GLY B 20 3.03 2.95 -12.42
CA GLY B 20 4.47 2.95 -12.38
C GLY B 20 5.07 1.69 -12.98
N ASN B 21 4.99 1.56 -14.30
CA ASN B 21 5.53 0.39 -14.98
C ASN B 21 6.87 0.72 -15.63
N ILE B 22 7.85 -0.15 -15.40
CA ILE B 22 9.19 0.05 -15.96
C ILE B 22 9.62 -1.15 -16.80
N GLY A 1 -17.05 -11.28 14.51
CA GLY A 1 -17.96 -11.58 13.36
C GLY A 1 -17.33 -12.53 12.37
N PRO A 2 -18.15 -13.31 11.63
CA PRO A 2 -17.65 -14.27 10.63
C PRO A 2 -16.78 -13.59 9.57
N LEU A 3 -16.05 -14.41 8.81
CA LEU A 3 -15.18 -13.91 7.76
C LEU A 3 -15.92 -13.81 6.44
N GLY A 4 -16.55 -12.66 6.20
CA GLY A 4 -17.29 -12.44 4.98
C GLY A 4 -16.50 -11.69 3.93
N SER A 5 -15.56 -10.85 4.40
CA SER A 5 -14.73 -10.07 3.49
C SER A 5 -13.47 -10.83 3.11
N PRO A 6 -13.36 -11.26 1.84
CA PRO A 6 -12.20 -12.01 1.35
C PRO A 6 -10.94 -11.16 1.32
N LEU A 7 -9.78 -11.81 1.43
CA LEU A 7 -8.49 -11.12 1.42
C LEU A 7 -8.00 -10.93 -0.01
N THR A 8 -6.79 -10.40 -0.15
CA THR A 8 -6.20 -10.17 -1.46
C THR A 8 -5.45 -11.41 -1.91
N ALA A 9 -4.99 -12.21 -0.97
CA ALA A 9 -4.34 -13.47 -1.29
C ALA A 9 -5.30 -14.35 -2.07
N SER A 10 -6.56 -14.36 -1.64
CA SER A 10 -7.60 -15.09 -2.33
C SER A 10 -7.85 -14.46 -3.70
N MET A 11 -7.71 -13.13 -3.76
CA MET A 11 -7.87 -12.42 -5.01
C MET A 11 -6.80 -12.84 -6.00
N LEU A 12 -5.60 -13.07 -5.50
CA LEU A 12 -4.48 -13.49 -6.33
C LEU A 12 -4.84 -14.73 -7.13
N ALA A 13 -5.46 -15.70 -6.46
CA ALA A 13 -5.90 -16.92 -7.13
C ALA A 13 -7.01 -16.64 -8.12
N SER A 14 -7.89 -15.70 -7.77
CA SER A 14 -9.01 -15.35 -8.63
C SER A 14 -8.72 -14.06 -9.39
N ALA A 15 -7.52 -13.96 -9.98
CA ALA A 15 -7.13 -12.76 -10.70
C ALA A 15 -6.50 -13.05 -12.07
N PRO A 16 -5.63 -14.07 -12.20
CA PRO A 16 -4.95 -14.35 -13.47
C PRO A 16 -5.88 -14.32 -14.67
N PRO A 17 -5.36 -14.03 -15.89
CA PRO A 17 -3.92 -13.81 -16.13
C PRO A 17 -3.37 -12.48 -15.57
N GLN A 18 -3.24 -11.49 -16.45
CA GLN A 18 -2.64 -10.20 -16.08
C GLN A 18 -3.56 -9.32 -15.23
N GLU A 19 -3.88 -9.77 -14.01
CA GLU A 19 -4.69 -8.98 -13.11
C GLU A 19 -3.85 -8.36 -11.99
N GLN A 20 -2.54 -8.41 -12.17
CA GLN A 20 -1.60 -7.89 -11.18
C GLN A 20 -2.01 -6.50 -10.70
N LYS A 21 -2.15 -5.57 -11.64
CA LYS A 21 -2.50 -4.20 -11.30
C LYS A 21 -3.80 -4.14 -10.50
N GLN A 22 -4.62 -5.16 -10.62
CA GLN A 22 -5.90 -5.21 -9.89
C GLN A 22 -5.69 -5.48 -8.40
N MET A 23 -5.47 -6.75 -8.06
CA MET A 23 -5.34 -7.17 -6.67
C MET A 23 -4.04 -6.67 -6.02
N LEU A 24 -3.02 -7.53 -6.03
CA LEU A 24 -1.74 -7.26 -5.38
C LEU A 24 -1.03 -6.02 -5.91
N GLY A 25 -1.61 -5.36 -6.91
CA GLY A 25 -0.90 -4.25 -7.52
C GLY A 25 0.35 -4.78 -8.17
N GLU A 26 1.51 -4.34 -7.69
CA GLU A 26 2.74 -4.99 -8.07
C GLU A 26 2.83 -6.30 -7.30
N ARG A 27 3.02 -6.15 -6.00
CA ARG A 27 3.02 -7.25 -5.04
C ARG A 27 2.76 -6.69 -3.66
N LEU A 28 2.34 -5.43 -3.64
CA LEU A 28 2.14 -4.68 -2.41
C LEU A 28 1.17 -5.33 -1.44
N PHE A 29 -0.11 -5.18 -1.71
CA PHE A 29 -1.18 -5.64 -0.84
C PHE A 29 -0.87 -6.98 -0.14
N PRO A 30 -0.43 -8.02 -0.86
CA PRO A 30 -0.17 -9.34 -0.28
C PRO A 30 0.87 -9.31 0.85
N LEU A 31 1.96 -8.57 0.66
CA LEU A 31 2.99 -8.52 1.69
C LEU A 31 2.51 -7.72 2.90
N ILE A 32 1.92 -6.57 2.62
CA ILE A 32 1.39 -5.74 3.70
C ILE A 32 0.12 -6.37 4.25
N GLN A 33 -0.41 -7.36 3.52
CA GLN A 33 -1.60 -8.08 3.99
C GLN A 33 -1.25 -8.77 5.29
N ALA A 34 -0.05 -9.33 5.34
CA ALA A 34 0.44 -9.95 6.57
C ALA A 34 0.68 -8.84 7.61
N MET A 35 1.00 -7.65 7.11
CA MET A 35 1.23 -6.49 7.96
C MET A 35 0.00 -5.57 7.94
N HIS A 36 -1.16 -6.17 7.69
CA HIS A 36 -2.40 -5.41 7.59
C HIS A 36 -2.79 -4.71 8.90
N PRO A 37 -2.47 -5.28 10.09
CA PRO A 37 -2.80 -4.66 11.38
C PRO A 37 -2.68 -3.13 11.32
N THR A 38 -1.74 -2.66 10.51
CA THR A 38 -1.57 -1.23 10.29
C THR A 38 -2.64 -0.74 9.31
N LEU A 39 -2.33 -0.80 8.02
CA LEU A 39 -3.29 -0.40 7.00
C LEU A 39 -2.77 -0.76 5.60
N ALA A 40 -2.60 -2.05 5.35
CA ALA A 40 -2.12 -2.54 4.06
C ALA A 40 -2.86 -1.88 2.89
N GLY A 41 -4.15 -1.61 3.11
CA GLY A 41 -4.96 -1.02 2.06
C GLY A 41 -4.38 0.25 1.47
N LYS A 42 -4.05 1.21 2.32
CA LYS A 42 -3.52 2.48 1.84
C LYS A 42 -2.05 2.36 1.48
N ILE A 43 -1.29 1.61 2.26
CA ILE A 43 0.14 1.45 2.02
C ILE A 43 0.40 0.96 0.59
N THR A 44 -0.25 -0.14 0.20
CA THR A 44 -0.12 -0.67 -1.15
C THR A 44 -0.35 0.44 -2.16
N GLY A 45 -1.41 1.21 -1.93
CA GLY A 45 -1.76 2.30 -2.83
C GLY A 45 -0.60 3.22 -3.13
N MET A 46 -0.14 3.96 -2.12
CA MET A 46 0.95 4.92 -2.29
C MET A 46 2.20 4.25 -2.86
N LEU A 47 2.57 3.10 -2.32
CA LEU A 47 3.76 2.39 -2.77
C LEU A 47 3.50 1.60 -4.06
N LEU A 48 2.28 1.72 -4.58
CA LEU A 48 1.92 1.02 -5.81
C LEU A 48 2.72 1.57 -6.99
N GLU A 49 3.46 2.64 -6.75
CA GLU A 49 4.30 3.25 -7.78
C GLU A 49 5.64 2.53 -7.85
N ILE A 50 5.68 1.31 -7.30
CA ILE A 50 6.89 0.52 -7.29
C ILE A 50 7.07 -0.24 -8.60
N ASP A 51 8.29 -0.73 -8.84
CA ASP A 51 8.60 -1.46 -10.06
C ASP A 51 7.93 -2.83 -10.09
N ASN A 52 7.75 -3.36 -11.29
CA ASN A 52 7.17 -4.69 -11.46
C ASN A 52 8.25 -5.75 -11.37
N SER A 53 9.47 -5.38 -11.74
CA SER A 53 10.60 -6.29 -11.66
C SER A 53 11.03 -6.43 -10.20
N GLU A 54 10.85 -5.36 -9.45
CA GLU A 54 11.18 -5.35 -8.02
C GLU A 54 10.13 -6.11 -7.23
N LEU A 55 8.89 -6.09 -7.73
CA LEU A 55 7.80 -6.78 -7.05
C LEU A 55 8.09 -8.27 -6.92
N LEU A 56 8.53 -8.88 -8.01
CA LEU A 56 8.86 -10.30 -8.01
C LEU A 56 10.00 -10.58 -7.05
N HIS A 57 10.99 -9.70 -7.03
CA HIS A 57 12.15 -9.85 -6.15
C HIS A 57 11.74 -9.74 -4.68
N MET A 58 10.71 -8.94 -4.41
CA MET A 58 10.23 -8.75 -3.05
C MET A 58 9.67 -10.04 -2.47
N LEU A 59 8.71 -10.63 -3.18
CA LEU A 59 8.10 -11.89 -2.75
C LEU A 59 9.14 -13.01 -2.80
N GLU A 60 10.25 -12.72 -3.46
CA GLU A 60 11.34 -13.67 -3.55
C GLU A 60 12.37 -13.37 -2.46
N SER A 61 12.22 -12.20 -1.85
CA SER A 61 13.11 -11.76 -0.79
C SER A 61 12.34 -11.45 0.48
N PRO A 62 11.96 -12.48 1.26
CA PRO A 62 11.20 -12.31 2.50
C PRO A 62 11.89 -11.34 3.45
N GLU A 63 13.21 -11.36 3.46
CA GLU A 63 14.00 -10.49 4.33
C GLU A 63 14.06 -9.07 3.79
N SER A 64 14.40 -8.93 2.52
CA SER A 64 14.53 -7.61 1.90
C SER A 64 13.17 -6.97 1.70
N LEU A 65 12.13 -7.78 1.64
CA LEU A 65 10.78 -7.30 1.42
C LEU A 65 10.18 -6.71 2.69
N ARG A 66 9.98 -7.56 3.70
CA ARG A 66 9.38 -7.12 4.95
C ARG A 66 10.09 -5.90 5.50
N SER A 67 11.37 -5.78 5.19
CA SER A 67 12.15 -4.62 5.61
C SER A 67 11.70 -3.39 4.85
N LYS A 68 11.44 -3.57 3.57
CA LYS A 68 10.98 -2.48 2.71
C LYS A 68 9.59 -2.02 3.14
N VAL A 69 8.64 -2.94 3.12
CA VAL A 69 7.27 -2.64 3.53
C VAL A 69 7.24 -2.23 5.01
N ASP A 70 8.27 -2.60 5.75
CA ASP A 70 8.36 -2.20 7.15
C ASP A 70 8.23 -0.69 7.24
N GLU A 71 9.01 0.01 6.41
CA GLU A 71 8.94 1.45 6.33
C GLU A 71 7.58 1.87 5.76
N ALA A 72 7.06 1.04 4.86
CA ALA A 72 5.77 1.28 4.25
C ALA A 72 4.68 1.40 5.32
N VAL A 73 4.79 0.56 6.35
CA VAL A 73 3.84 0.60 7.46
C VAL A 73 3.98 1.93 8.19
N ALA A 74 5.20 2.46 8.20
CA ALA A 74 5.47 3.73 8.85
C ALA A 74 4.87 4.90 8.07
N VAL A 75 4.91 4.80 6.74
CA VAL A 75 4.34 5.85 5.89
C VAL A 75 2.86 6.05 6.23
N LEU A 76 2.22 4.96 6.64
CA LEU A 76 0.82 4.98 7.01
C LEU A 76 0.64 5.72 8.33
N GLN A 77 1.44 5.34 9.33
CA GLN A 77 1.38 5.95 10.65
C GLN A 77 1.55 7.47 10.54
N ALA A 78 2.43 7.88 9.63
CA ALA A 78 2.68 9.30 9.41
C ALA A 78 1.60 9.91 8.52
N HIS A 79 0.95 9.07 7.72
CA HIS A 79 -0.10 9.53 6.82
C HIS A 79 -1.30 10.03 7.61
N GLN A 80 -1.82 9.18 8.50
CA GLN A 80 -2.96 9.53 9.33
C GLN A 80 -2.62 10.67 10.29
N ALA A 81 -1.33 10.92 10.47
CA ALA A 81 -0.88 11.99 11.36
C ALA A 81 -1.34 13.35 10.87
N LYS A 82 -0.83 13.77 9.72
CA LYS A 82 -1.20 15.05 9.14
C LYS A 82 -2.61 15.00 8.56
N GLU A 83 -3.15 13.79 8.47
CA GLU A 83 -4.50 13.59 7.94
C GLU A 83 -5.54 13.80 9.03
N ALA A 84 -5.14 13.59 10.28
CA ALA A 84 -6.02 13.75 11.42
C ALA A 84 -6.51 15.19 11.54
N ALA A 85 -5.73 16.12 11.00
CA ALA A 85 -6.08 17.53 11.02
C ALA A 85 -7.36 17.80 10.21
N GLN A 86 -7.41 17.25 9.01
CA GLN A 86 -8.56 17.41 8.14
C GLN A 86 -9.68 16.45 8.52
N LYS A 87 -10.62 16.24 7.60
CA LYS A 87 -11.74 15.34 7.84
C LYS A 87 -11.30 13.88 7.74
N ALA A 88 -11.09 13.25 8.89
CA ALA A 88 -10.67 11.86 8.93
C ALA A 88 -11.87 10.91 8.81
N VAL A 89 -12.52 10.95 7.66
CA VAL A 89 -13.69 10.11 7.41
C VAL A 89 -13.29 8.84 6.63
N ASN A 90 -14.24 7.93 6.48
CA ASN A 90 -14.00 6.69 5.76
C ASN A 90 -14.33 6.83 4.28
N SER A 91 -15.57 7.21 4.00
CA SER A 91 -16.02 7.39 2.61
C SER A 91 -15.53 8.71 2.05
N ALA A 92 -14.59 8.64 1.12
CA ALA A 92 -14.02 9.83 0.50
C ALA A 92 -14.84 10.24 -0.72
N THR A 93 -14.86 9.39 -1.73
CA THR A 93 -15.61 9.66 -2.96
C THR A 93 -16.81 8.73 -3.08
N GLY A 94 -17.53 8.86 -4.19
CA GLY A 94 -18.70 8.02 -4.42
C GLY A 94 -18.42 6.88 -5.38
N VAL A 95 -17.98 5.75 -4.84
CA VAL A 95 -17.68 4.58 -5.67
C VAL A 95 -18.86 3.62 -5.71
N PRO A 96 -19.13 3.00 -6.88
CA PRO A 96 -20.24 2.07 -7.05
C PRO A 96 -20.16 0.89 -6.09
N THR A 97 -19.21 0.00 -6.34
CA THR A 97 -19.02 -1.18 -5.50
C THR A 97 -17.77 -1.04 -4.64
N VAL A 98 -16.62 -1.00 -5.28
CA VAL A 98 -15.34 -0.87 -4.58
C VAL A 98 -14.51 0.28 -5.13
N VAL B 1 3.63 17.29 -3.81
CA VAL B 1 4.71 17.84 -2.95
C VAL B 1 4.70 17.18 -1.57
N VAL B 2 4.16 15.97 -1.51
CA VAL B 2 4.10 15.23 -0.26
C VAL B 2 5.43 14.55 0.06
N LYS B 3 5.83 14.60 1.32
CA LYS B 3 7.09 13.99 1.74
C LYS B 3 6.88 12.56 2.21
N SER B 4 6.90 11.63 1.26
CA SER B 4 6.72 10.21 1.55
C SER B 4 7.99 9.62 2.15
N ASN B 5 7.94 8.33 2.48
CA ASN B 5 9.09 7.65 3.06
C ASN B 5 9.80 6.77 2.04
N LEU B 6 9.21 5.61 1.75
CA LEU B 6 9.77 4.69 0.78
C LEU B 6 9.81 5.32 -0.60
N ASN B 7 8.70 5.21 -1.33
CA ASN B 7 8.59 5.78 -2.67
C ASN B 7 8.42 7.29 -2.60
N PRO B 8 9.23 8.04 -3.37
CA PRO B 8 9.13 9.50 -3.41
C PRO B 8 7.91 9.96 -4.18
N ASN B 9 7.18 9.00 -4.73
CA ASN B 9 5.97 9.29 -5.50
C ASN B 9 4.77 8.54 -4.91
N ALA B 10 4.57 8.69 -3.61
CA ALA B 10 3.48 8.01 -2.92
C ALA B 10 2.11 8.41 -3.49
N LYS B 11 1.61 7.59 -4.40
CA LYS B 11 0.30 7.83 -5.01
C LYS B 11 -0.61 6.63 -4.76
N GLU B 12 -1.74 6.87 -4.10
CA GLU B 12 -2.69 5.81 -3.75
C GLU B 12 -3.03 4.92 -4.94
N PHE B 13 -3.83 3.89 -4.68
CA PHE B 13 -4.24 2.95 -5.72
C PHE B 13 -5.49 3.46 -6.43
N VAL B 14 -5.27 4.10 -7.57
CA VAL B 14 -6.38 4.68 -8.34
C VAL B 14 -6.36 4.25 -9.81
N PRO B 15 -5.22 4.46 -10.52
CA PRO B 15 -5.12 4.13 -11.95
C PRO B 15 -5.64 2.72 -12.26
N GLY B 16 -5.39 1.79 -11.34
CA GLY B 16 -5.85 0.42 -11.53
C GLY B 16 -4.97 -0.34 -12.51
N VAL B 17 -4.07 0.38 -13.17
CA VAL B 17 -3.17 -0.23 -14.15
C VAL B 17 -1.76 -0.35 -13.56
N LYS B 18 -0.80 -0.74 -14.39
CA LYS B 18 0.58 -0.88 -13.94
C LYS B 18 1.13 0.44 -13.41
N TYR B 19 0.95 0.66 -12.11
CA TYR B 19 1.40 1.90 -11.48
C TYR B 19 2.90 1.84 -11.17
N GLY B 20 3.60 2.90 -11.54
CA GLY B 20 5.03 2.95 -11.29
C GLY B 20 5.84 2.46 -12.48
N ASN B 21 5.56 1.24 -12.91
CA ASN B 21 6.26 0.64 -14.05
C ASN B 21 5.41 0.70 -15.31
N ILE B 22 6.02 0.37 -16.44
CA ILE B 22 5.32 0.40 -17.72
C ILE B 22 5.34 -0.98 -18.38
N GLY A 1 -9.86 -24.63 8.63
CA GLY A 1 -10.95 -23.94 7.89
C GLY A 1 -10.50 -22.63 7.27
N PRO A 2 -10.86 -22.36 6.00
CA PRO A 2 -10.48 -21.13 5.32
C PRO A 2 -11.19 -19.90 5.88
N LEU A 3 -10.43 -18.92 6.33
CA LEU A 3 -10.99 -17.69 6.89
C LEU A 3 -11.18 -16.63 5.82
N GLY A 4 -12.12 -15.72 6.06
CA GLY A 4 -12.38 -14.66 5.10
C GLY A 4 -11.52 -13.44 5.35
N SER A 5 -10.36 -13.64 5.96
CA SER A 5 -9.44 -12.54 6.24
C SER A 5 -8.67 -12.12 4.98
N PRO A 6 -8.04 -13.06 4.25
CA PRO A 6 -7.29 -12.75 3.04
C PRO A 6 -8.21 -12.24 1.92
N LEU A 7 -8.12 -10.95 1.62
CA LEU A 7 -8.95 -10.34 0.59
C LEU A 7 -8.22 -10.31 -0.75
N THR A 8 -6.97 -9.85 -0.74
CA THR A 8 -6.18 -9.75 -1.96
C THR A 8 -5.45 -11.05 -2.23
N ALA A 9 -5.01 -11.73 -1.17
CA ALA A 9 -4.35 -13.01 -1.32
C ALA A 9 -5.29 -13.99 -2.02
N SER A 10 -6.57 -13.88 -1.72
CA SER A 10 -7.59 -14.71 -2.35
C SER A 10 -7.74 -14.30 -3.81
N MET A 11 -7.60 -13.00 -4.07
CA MET A 11 -7.68 -12.49 -5.43
C MET A 11 -6.54 -13.05 -6.26
N LEU A 12 -5.38 -13.23 -5.62
CA LEU A 12 -4.22 -13.79 -6.29
C LEU A 12 -4.57 -15.11 -6.96
N ALA A 13 -5.19 -15.99 -6.17
CA ALA A 13 -5.63 -17.28 -6.69
C ALA A 13 -6.74 -17.11 -7.73
N SER A 14 -7.49 -16.01 -7.62
CA SER A 14 -8.59 -15.74 -8.52
C SER A 14 -8.21 -14.70 -9.58
N ALA A 15 -6.91 -14.46 -9.74
CA ALA A 15 -6.42 -13.48 -10.71
C ALA A 15 -5.25 -14.05 -11.52
N PRO A 16 -5.43 -15.21 -12.18
CA PRO A 16 -4.36 -15.86 -12.96
C PRO A 16 -3.78 -14.98 -14.07
N PRO A 17 -4.61 -14.35 -14.93
CA PRO A 17 -4.12 -13.51 -16.03
C PRO A 17 -3.39 -12.26 -15.54
N GLN A 18 -3.26 -11.27 -16.41
CA GLN A 18 -2.61 -10.01 -16.07
C GLN A 18 -3.50 -9.17 -15.16
N GLU A 19 -3.74 -9.67 -13.96
CA GLU A 19 -4.58 -8.98 -13.00
C GLU A 19 -3.73 -8.33 -11.90
N GLN A 20 -2.41 -8.32 -12.12
CA GLN A 20 -1.48 -7.76 -11.14
C GLN A 20 -1.93 -6.38 -10.66
N LYS A 21 -2.01 -5.43 -11.59
CA LYS A 21 -2.37 -4.06 -11.25
C LYS A 21 -3.71 -3.99 -10.52
N GLN A 22 -4.53 -5.02 -10.66
CA GLN A 22 -5.83 -5.06 -9.99
C GLN A 22 -5.68 -5.32 -8.49
N MET A 23 -5.49 -6.59 -8.15
CA MET A 23 -5.41 -7.02 -6.75
C MET A 23 -4.13 -6.55 -6.06
N LEU A 24 -3.14 -7.44 -6.01
CA LEU A 24 -1.88 -7.21 -5.31
C LEU A 24 -1.13 -5.98 -5.79
N GLY A 25 -1.69 -5.25 -6.76
CA GLY A 25 -0.96 -4.13 -7.32
C GLY A 25 0.26 -4.67 -8.01
N GLU A 26 1.43 -4.28 -7.56
CA GLU A 26 2.64 -4.93 -8.01
C GLU A 26 2.73 -6.27 -7.29
N ARG A 27 2.93 -6.19 -5.99
CA ARG A 27 2.95 -7.34 -5.09
C ARG A 27 2.70 -6.85 -3.67
N LEU A 28 2.37 -5.57 -3.59
CA LEU A 28 2.22 -4.86 -2.33
C LEU A 28 1.16 -5.46 -1.41
N PHE A 29 -0.11 -5.18 -1.70
CA PHE A 29 -1.22 -5.59 -0.85
C PHE A 29 -1.01 -6.94 -0.15
N PRO A 30 -0.59 -8.00 -0.87
CA PRO A 30 -0.40 -9.33 -0.27
C PRO A 30 0.64 -9.34 0.85
N LEU A 31 1.76 -8.66 0.65
CA LEU A 31 2.81 -8.66 1.68
C LEU A 31 2.36 -7.82 2.86
N ILE A 32 1.81 -6.65 2.57
CA ILE A 32 1.30 -5.79 3.63
C ILE A 32 0.02 -6.37 4.20
N GLN A 33 -0.57 -7.33 3.50
CA GLN A 33 -1.75 -8.01 3.98
C GLN A 33 -1.40 -8.73 5.27
N ALA A 34 -0.21 -9.30 5.29
CA ALA A 34 0.32 -9.92 6.49
C ALA A 34 0.57 -8.85 7.55
N MET A 35 0.89 -7.66 7.06
CA MET A 35 1.12 -6.50 7.92
C MET A 35 -0.09 -5.58 7.92
N HIS A 36 -1.25 -6.16 7.64
CA HIS A 36 -2.49 -5.39 7.53
C HIS A 36 -2.91 -4.73 8.85
N PRO A 37 -2.61 -5.34 10.04
CA PRO A 37 -2.97 -4.74 11.33
C PRO A 37 -2.86 -3.22 11.31
N THR A 38 -1.90 -2.71 10.56
CA THR A 38 -1.74 -1.28 10.39
C THR A 38 -2.77 -0.75 9.39
N LEU A 39 -2.42 -0.78 8.10
CA LEU A 39 -3.33 -0.35 7.05
C LEU A 39 -2.78 -0.67 5.66
N ALA A 40 -2.62 -1.96 5.37
CA ALA A 40 -2.11 -2.41 4.07
C ALA A 40 -2.83 -1.71 2.91
N GLY A 41 -4.12 -1.44 3.11
CA GLY A 41 -4.92 -0.81 2.07
C GLY A 41 -4.32 0.46 1.51
N LYS A 42 -4.04 1.43 2.36
CA LYS A 42 -3.50 2.71 1.91
C LYS A 42 -2.03 2.60 1.54
N ILE A 43 -1.28 1.77 2.29
CA ILE A 43 0.14 1.59 2.04
C ILE A 43 0.40 1.21 0.59
N THR A 44 -0.17 0.08 0.16
CA THR A 44 -0.01 -0.37 -1.21
C THR A 44 -0.26 0.77 -2.19
N GLY A 45 -1.32 1.54 -1.90
CA GLY A 45 -1.67 2.66 -2.76
C GLY A 45 -0.50 3.56 -3.08
N MET A 46 -0.02 4.32 -2.10
CA MET A 46 1.09 5.24 -2.34
C MET A 46 2.32 4.53 -2.90
N LEU A 47 2.64 3.36 -2.35
CA LEU A 47 3.80 2.61 -2.80
C LEU A 47 3.52 1.83 -4.09
N LEU A 48 2.33 2.04 -4.66
CA LEU A 48 1.96 1.36 -5.90
C LEU A 48 2.85 1.82 -7.06
N GLU A 49 3.59 2.90 -6.82
CA GLU A 49 4.51 3.41 -7.83
C GLU A 49 5.78 2.57 -7.88
N ILE A 50 5.71 1.37 -7.31
CA ILE A 50 6.83 0.45 -7.27
C ILE A 50 6.96 -0.34 -8.57
N ASP A 51 8.15 -0.87 -8.83
CA ASP A 51 8.43 -1.61 -10.05
C ASP A 51 7.73 -2.96 -10.07
N ASN A 52 7.42 -3.43 -11.28
CA ASN A 52 6.81 -4.73 -11.48
C ASN A 52 7.88 -5.82 -11.42
N SER A 53 9.09 -5.46 -11.84
CA SER A 53 10.22 -6.38 -11.79
C SER A 53 10.68 -6.54 -10.35
N GLU A 54 10.54 -5.47 -9.57
CA GLU A 54 10.92 -5.47 -8.17
C GLU A 54 9.88 -6.21 -7.35
N LEU A 55 8.63 -6.21 -7.81
CA LEU A 55 7.54 -6.89 -7.12
C LEU A 55 7.85 -8.36 -6.97
N LEU A 56 8.25 -8.99 -8.07
CA LEU A 56 8.57 -10.41 -8.08
C LEU A 56 9.74 -10.69 -7.13
N HIS A 57 10.75 -9.83 -7.18
CA HIS A 57 11.92 -9.97 -6.32
C HIS A 57 11.53 -9.92 -4.85
N MET A 58 10.50 -9.16 -4.53
CA MET A 58 10.04 -9.01 -3.16
C MET A 58 9.48 -10.33 -2.62
N LEU A 59 8.65 -10.99 -3.42
CA LEU A 59 8.05 -12.26 -3.02
C LEU A 59 9.09 -13.36 -2.89
N GLU A 60 10.28 -13.13 -3.46
CA GLU A 60 11.35 -14.10 -3.38
C GLU A 60 12.34 -13.74 -2.28
N SER A 61 12.21 -12.53 -1.75
CA SER A 61 13.08 -12.06 -0.69
C SER A 61 12.27 -11.63 0.54
N PRO A 62 11.95 -12.58 1.44
CA PRO A 62 11.17 -12.28 2.64
C PRO A 62 11.88 -11.27 3.54
N GLU A 63 13.21 -11.33 3.56
CA GLU A 63 14.00 -10.41 4.38
C GLU A 63 14.10 -9.03 3.74
N SER A 64 14.36 -8.99 2.44
CA SER A 64 14.49 -7.74 1.71
C SER A 64 13.12 -7.08 1.51
N LEU A 65 12.08 -7.91 1.49
CA LEU A 65 10.73 -7.43 1.27
C LEU A 65 10.14 -6.82 2.54
N ARG A 66 9.95 -7.65 3.56
CA ARG A 66 9.35 -7.20 4.82
C ARG A 66 10.07 -5.97 5.34
N SER A 67 11.36 -5.85 5.01
CA SER A 67 12.14 -4.68 5.43
C SER A 67 11.67 -3.45 4.69
N LYS A 68 11.41 -3.59 3.39
CA LYS A 68 10.94 -2.50 2.57
C LYS A 68 9.55 -2.07 3.00
N VAL A 69 8.60 -3.01 2.99
CA VAL A 69 7.24 -2.72 3.40
C VAL A 69 7.19 -2.32 4.88
N ASP A 70 8.24 -2.67 5.62
CA ASP A 70 8.33 -2.28 7.02
C ASP A 70 8.20 -0.77 7.13
N GLU A 71 8.99 -0.07 6.32
CA GLU A 71 8.93 1.38 6.28
C GLU A 71 7.61 1.82 5.66
N ALA A 72 7.03 0.94 4.85
CA ALA A 72 5.75 1.22 4.19
C ALA A 72 4.64 1.40 5.22
N VAL A 73 4.51 0.45 6.14
CA VAL A 73 3.48 0.56 7.19
C VAL A 73 3.70 1.84 7.97
N ALA A 74 4.95 2.28 8.04
CA ALA A 74 5.29 3.50 8.74
C ALA A 74 4.79 4.73 7.99
N VAL A 75 4.83 4.68 6.65
CA VAL A 75 4.35 5.79 5.85
C VAL A 75 2.87 6.05 6.13
N LEU A 76 2.16 4.98 6.46
CA LEU A 76 0.75 5.09 6.80
C LEU A 76 0.58 5.74 8.17
N GLN A 77 1.31 5.23 9.16
CA GLN A 77 1.27 5.76 10.50
C GLN A 77 1.54 7.26 10.49
N ALA A 78 2.49 7.68 9.67
CA ALA A 78 2.84 9.08 9.53
C ALA A 78 1.86 9.82 8.61
N HIS A 79 1.15 9.05 7.79
CA HIS A 79 0.20 9.63 6.85
C HIS A 79 -0.93 10.34 7.59
N GLN A 80 -1.61 9.61 8.47
CA GLN A 80 -2.71 10.18 9.24
C GLN A 80 -2.19 11.10 10.34
N ALA A 81 -0.88 11.05 10.56
CA ALA A 81 -0.26 11.87 11.60
C ALA A 81 -0.07 13.32 11.13
N LYS A 82 0.76 13.49 10.10
CA LYS A 82 1.03 14.83 9.56
C LYS A 82 -0.22 15.43 8.93
N GLU A 83 -1.20 14.57 8.63
CA GLU A 83 -2.44 15.02 8.02
C GLU A 83 -3.32 15.74 9.04
N ALA A 84 -3.50 15.11 10.20
CA ALA A 84 -4.31 15.69 11.26
C ALA A 84 -3.54 16.76 12.03
N ALA A 85 -2.24 16.85 11.75
CA ALA A 85 -1.38 17.82 12.41
C ALA A 85 -1.54 19.21 11.78
N GLN A 86 -1.69 19.24 10.46
CA GLN A 86 -1.85 20.49 9.74
C GLN A 86 -3.27 21.03 9.92
N LYS A 87 -3.61 22.05 9.12
CA LYS A 87 -4.94 22.66 9.20
C LYS A 87 -5.97 21.76 8.54
N ALA A 88 -5.52 20.87 7.66
CA ALA A 88 -6.42 19.95 6.95
C ALA A 88 -6.76 18.76 7.84
N VAL A 89 -7.71 18.94 8.73
CA VAL A 89 -8.13 17.88 9.63
C VAL A 89 -9.36 17.16 9.07
N ASN A 90 -9.59 17.31 7.78
CA ASN A 90 -10.72 16.67 7.12
C ASN A 90 -10.36 15.29 6.60
N SER A 91 -11.17 14.29 6.96
CA SER A 91 -10.93 12.92 6.53
C SER A 91 -11.41 12.70 5.11
N ALA A 92 -12.73 12.62 4.94
CA ALA A 92 -13.33 12.42 3.63
C ALA A 92 -13.65 13.75 2.95
N THR A 93 -14.29 13.68 1.79
CA THR A 93 -14.66 14.87 1.05
C THR A 93 -16.17 15.11 1.10
N GLY A 94 -16.88 14.16 1.68
CA GLY A 94 -18.33 14.28 1.79
C GLY A 94 -18.78 14.73 3.18
N VAL A 95 -18.20 14.10 4.20
CA VAL A 95 -18.55 14.43 5.58
C VAL A 95 -17.45 15.28 6.22
N PRO A 96 -17.71 16.59 6.44
CA PRO A 96 -16.74 17.50 7.05
C PRO A 96 -16.52 17.20 8.54
N THR A 97 -15.99 18.19 9.25
CA THR A 97 -15.74 18.05 10.68
C THR A 97 -17.01 18.31 11.49
N VAL A 98 -16.86 18.36 12.82
CA VAL A 98 -17.99 18.62 13.70
C VAL A 98 -17.93 20.03 14.28
N VAL B 1 5.11 19.29 -2.32
CA VAL B 1 4.43 17.97 -2.41
C VAL B 1 4.45 17.24 -1.08
N VAL B 2 3.97 16.01 -1.07
CA VAL B 2 3.93 15.21 0.14
C VAL B 2 5.29 14.60 0.45
N LYS B 3 5.64 14.54 1.73
CA LYS B 3 6.92 13.98 2.15
C LYS B 3 6.78 12.52 2.55
N SER B 4 6.96 11.62 1.58
CA SER B 4 6.85 10.20 1.83
C SER B 4 8.21 9.63 2.28
N ASN B 5 8.21 8.36 2.68
CA ASN B 5 9.42 7.71 3.14
C ASN B 5 10.00 6.77 2.09
N LEU B 6 9.33 5.64 1.88
CA LEU B 6 9.78 4.66 0.90
C LEU B 6 9.77 5.26 -0.51
N ASN B 7 8.60 5.27 -1.15
CA ASN B 7 8.47 5.84 -2.48
C ASN B 7 8.48 7.36 -2.41
N PRO B 8 9.20 8.03 -3.31
CA PRO B 8 9.25 9.49 -3.35
C PRO B 8 8.00 10.09 -3.96
N ASN B 9 7.18 9.22 -4.56
CA ASN B 9 5.93 9.65 -5.19
C ASN B 9 4.74 8.89 -4.60
N ALA B 10 4.50 9.09 -3.31
CA ALA B 10 3.41 8.42 -2.63
C ALA B 10 2.06 8.78 -3.25
N LYS B 11 1.61 7.97 -4.20
CA LYS B 11 0.32 8.19 -4.86
C LYS B 11 -0.60 7.00 -4.62
N GLU B 12 -1.78 7.27 -4.06
CA GLU B 12 -2.75 6.20 -3.73
C GLU B 12 -2.97 5.24 -4.90
N PHE B 13 -3.71 4.17 -4.63
CA PHE B 13 -4.03 3.17 -5.64
C PHE B 13 -5.28 3.57 -6.39
N VAL B 14 -5.13 4.49 -7.34
CA VAL B 14 -6.26 5.01 -8.09
C VAL B 14 -6.25 4.60 -9.58
N PRO B 15 -5.09 4.70 -10.27
CA PRO B 15 -5.00 4.36 -11.69
C PRO B 15 -5.67 3.04 -12.02
N GLY B 16 -5.50 2.06 -11.14
CA GLY B 16 -6.10 0.76 -11.35
C GLY B 16 -5.31 -0.10 -12.31
N VAL B 17 -4.61 0.55 -13.25
CA VAL B 17 -3.81 -0.15 -14.23
C VAL B 17 -2.36 -0.25 -13.76
N LYS B 18 -1.48 -0.73 -14.65
CA LYS B 18 -0.07 -0.89 -14.32
C LYS B 18 0.55 0.46 -13.94
N TYR B 19 0.57 0.75 -12.65
CA TYR B 19 1.12 2.00 -12.15
C TYR B 19 2.63 1.88 -11.93
N GLY B 20 3.40 2.40 -12.88
CA GLY B 20 4.85 2.35 -12.78
C GLY B 20 5.43 1.12 -13.45
N ASN B 21 5.50 1.14 -14.78
CA ASN B 21 6.03 0.02 -15.53
C ASN B 21 7.51 0.23 -15.87
N ILE B 22 8.11 1.21 -15.20
CA ILE B 22 9.53 1.52 -15.42
C ILE B 22 10.31 1.44 -14.12
N GLY A 1 -13.93 -19.74 16.51
CA GLY A 1 -13.66 -18.29 16.69
C GLY A 1 -13.66 -17.53 15.37
N PRO A 2 -13.59 -16.18 15.41
CA PRO A 2 -13.58 -15.36 14.20
C PRO A 2 -12.26 -15.48 13.43
N LEU A 3 -12.32 -16.07 12.24
CA LEU A 3 -11.14 -16.24 11.41
C LEU A 3 -10.95 -15.06 10.47
N GLY A 4 -9.75 -14.95 9.90
CA GLY A 4 -9.47 -13.86 8.98
C GLY A 4 -9.46 -14.30 7.54
N SER A 5 -10.45 -13.84 6.77
CA SER A 5 -10.55 -14.19 5.36
C SER A 5 -9.53 -13.42 4.52
N PRO A 6 -8.87 -14.09 3.56
CA PRO A 6 -7.88 -13.45 2.69
C PRO A 6 -8.50 -12.42 1.76
N LEU A 7 -7.93 -11.22 1.73
CA LEU A 7 -8.43 -10.15 0.89
C LEU A 7 -7.82 -10.22 -0.51
N THR A 8 -6.56 -9.82 -0.61
CA THR A 8 -5.85 -9.83 -1.89
C THR A 8 -5.21 -11.19 -2.14
N ALA A 9 -4.84 -11.88 -1.06
CA ALA A 9 -4.26 -13.20 -1.19
C ALA A 9 -5.25 -14.13 -1.88
N SER A 10 -6.54 -13.96 -1.55
CA SER A 10 -7.59 -14.72 -2.18
C SER A 10 -7.76 -14.27 -3.63
N MET A 11 -7.56 -12.98 -3.86
CA MET A 11 -7.63 -12.45 -5.22
C MET A 11 -6.53 -13.05 -6.07
N LEU A 12 -5.38 -13.30 -5.45
CA LEU A 12 -4.24 -13.89 -6.13
C LEU A 12 -4.67 -15.18 -6.82
N ALA A 13 -5.31 -16.06 -6.06
CA ALA A 13 -5.81 -17.32 -6.58
C ALA A 13 -6.93 -17.08 -7.60
N SER A 14 -7.61 -15.95 -7.45
CA SER A 14 -8.72 -15.60 -8.34
C SER A 14 -8.30 -14.57 -9.38
N ALA A 15 -6.99 -14.38 -9.56
CA ALA A 15 -6.49 -13.42 -10.53
C ALA A 15 -5.36 -14.02 -11.37
N PRO A 16 -5.61 -15.16 -12.05
CA PRO A 16 -4.59 -15.84 -12.87
C PRO A 16 -4.01 -14.97 -13.99
N PRO A 17 -4.86 -14.29 -14.81
CA PRO A 17 -4.36 -13.47 -15.93
C PRO A 17 -3.63 -12.22 -15.44
N GLN A 18 -3.54 -11.21 -16.31
CA GLN A 18 -2.87 -9.96 -15.99
C GLN A 18 -3.72 -9.12 -15.03
N GLU A 19 -3.95 -9.65 -13.83
CA GLU A 19 -4.76 -8.97 -12.83
C GLU A 19 -3.87 -8.38 -11.73
N GLN A 20 -2.57 -8.31 -12.01
CA GLN A 20 -1.60 -7.78 -11.06
C GLN A 20 -2.01 -6.40 -10.57
N LYS A 21 -2.06 -5.44 -11.50
CA LYS A 21 -2.39 -4.06 -11.15
C LYS A 21 -3.74 -3.98 -10.42
N GLN A 22 -4.56 -5.01 -10.57
CA GLN A 22 -5.85 -5.05 -9.91
C GLN A 22 -5.70 -5.36 -8.42
N MET A 23 -5.48 -6.63 -8.10
CA MET A 23 -5.38 -7.08 -6.72
C MET A 23 -4.11 -6.57 -6.01
N LEU A 24 -3.09 -7.43 -6.00
CA LEU A 24 -1.84 -7.17 -5.29
C LEU A 24 -1.10 -5.93 -5.79
N GLY A 25 -1.66 -5.23 -6.77
CA GLY A 25 -0.94 -4.13 -7.35
C GLY A 25 0.28 -4.68 -8.05
N GLU A 26 1.44 -4.30 -7.60
CA GLU A 26 2.66 -4.95 -8.05
C GLU A 26 2.74 -6.30 -7.36
N ARG A 27 2.94 -6.23 -6.04
CA ARG A 27 2.98 -7.39 -5.15
C ARG A 27 2.73 -6.90 -3.73
N LEU A 28 2.41 -5.62 -3.65
CA LEU A 28 2.28 -4.91 -2.38
C LEU A 28 1.22 -5.49 -1.44
N PHE A 29 -0.04 -5.24 -1.76
CA PHE A 29 -1.16 -5.65 -0.90
C PHE A 29 -0.89 -6.96 -0.14
N PRO A 30 -0.43 -8.05 -0.80
CA PRO A 30 -0.18 -9.34 -0.15
C PRO A 30 0.90 -9.27 0.94
N LEU A 31 1.96 -8.52 0.69
CA LEU A 31 3.05 -8.43 1.68
C LEU A 31 2.56 -7.63 2.87
N ILE A 32 1.94 -6.49 2.61
CA ILE A 32 1.39 -5.68 3.67
C ILE A 32 0.14 -6.34 4.23
N GLN A 33 -0.37 -7.34 3.51
CA GLN A 33 -1.54 -8.08 3.97
C GLN A 33 -1.21 -8.78 5.28
N ALA A 34 -0.01 -9.34 5.33
CA ALA A 34 0.48 -9.95 6.56
C ALA A 34 0.68 -8.86 7.61
N MET A 35 1.00 -7.66 7.12
CA MET A 35 1.17 -6.50 7.98
C MET A 35 -0.06 -5.60 7.93
N HIS A 36 -1.21 -6.21 7.63
CA HIS A 36 -2.46 -5.49 7.48
C HIS A 36 -2.91 -4.77 8.76
N PRO A 37 -2.63 -5.32 9.98
CA PRO A 37 -3.02 -4.67 11.24
C PRO A 37 -2.91 -3.15 11.15
N THR A 38 -1.96 -2.67 10.35
CA THR A 38 -1.79 -1.25 10.13
C THR A 38 -2.84 -0.76 9.13
N LEU A 39 -2.52 -0.82 7.84
CA LEU A 39 -3.46 -0.42 6.80
C LEU A 39 -2.93 -0.77 5.41
N ALA A 40 -2.68 -2.06 5.19
CA ALA A 40 -2.17 -2.54 3.90
C ALA A 40 -2.88 -1.88 2.73
N GLY A 41 -4.20 -1.71 2.86
CA GLY A 41 -5.00 -1.11 1.81
C GLY A 41 -4.42 0.18 1.25
N LYS A 42 -4.18 1.16 2.13
CA LYS A 42 -3.66 2.45 1.69
C LYS A 42 -2.16 2.40 1.40
N ILE A 43 -1.43 1.63 2.20
CA ILE A 43 0.02 1.53 2.03
C ILE A 43 0.37 1.13 0.60
N THR A 44 -0.16 -0.01 0.15
CA THR A 44 0.08 -0.46 -1.22
C THR A 44 -0.18 0.67 -2.19
N GLY A 45 -1.25 1.43 -1.93
CA GLY A 45 -1.61 2.55 -2.78
C GLY A 45 -0.44 3.48 -3.06
N MET A 46 0.01 4.19 -2.03
CA MET A 46 1.11 5.14 -2.20
C MET A 46 2.35 4.48 -2.80
N LEU A 47 2.72 3.32 -2.29
CA LEU A 47 3.90 2.61 -2.79
C LEU A 47 3.61 1.84 -4.07
N LEU A 48 2.42 2.04 -4.63
CA LEU A 48 2.03 1.36 -5.88
C LEU A 48 2.90 1.85 -7.03
N GLU A 49 3.61 2.95 -6.82
CA GLU A 49 4.50 3.50 -7.83
C GLU A 49 5.80 2.71 -7.89
N ILE A 50 5.76 1.49 -7.35
CA ILE A 50 6.94 0.62 -7.33
C ILE A 50 7.09 -0.13 -8.65
N ASP A 51 8.28 -0.67 -8.87
CA ASP A 51 8.57 -1.41 -10.11
C ASP A 51 7.84 -2.75 -10.15
N ASN A 52 7.68 -3.28 -11.36
CA ASN A 52 7.06 -4.58 -11.54
C ASN A 52 8.13 -5.67 -11.46
N SER A 53 9.35 -5.31 -11.85
CA SER A 53 10.47 -6.24 -11.76
C SER A 53 10.89 -6.39 -10.30
N GLU A 54 10.69 -5.32 -9.54
CA GLU A 54 11.00 -5.31 -8.12
C GLU A 54 9.94 -6.06 -7.33
N LEU A 55 8.71 -6.06 -7.85
CA LEU A 55 7.62 -6.75 -7.19
C LEU A 55 7.92 -8.23 -7.05
N LEU A 56 8.38 -8.84 -8.14
CA LEU A 56 8.74 -10.24 -8.14
C LEU A 56 9.85 -10.52 -7.14
N HIS A 57 10.84 -9.62 -7.10
CA HIS A 57 11.96 -9.76 -6.17
C HIS A 57 11.46 -9.72 -4.73
N MET A 58 10.53 -8.82 -4.46
CA MET A 58 9.95 -8.70 -3.12
C MET A 58 9.24 -9.99 -2.74
N LEU A 59 8.61 -10.62 -3.72
CA LEU A 59 7.91 -11.87 -3.51
C LEU A 59 8.90 -13.01 -3.29
N GLU A 60 10.14 -12.78 -3.71
CA GLU A 60 11.19 -13.78 -3.57
C GLU A 60 12.17 -13.40 -2.46
N SER A 61 11.96 -12.23 -1.86
CA SER A 61 12.81 -11.75 -0.78
C SER A 61 12.01 -11.46 0.48
N PRO A 62 11.66 -12.51 1.24
CA PRO A 62 10.89 -12.35 2.48
C PRO A 62 11.55 -11.39 3.45
N GLU A 63 12.89 -11.43 3.50
CA GLU A 63 13.65 -10.58 4.40
C GLU A 63 13.78 -9.15 3.86
N SER A 64 14.13 -9.01 2.58
CA SER A 64 14.32 -7.70 1.98
C SER A 64 12.99 -6.96 1.81
N LEU A 65 12.03 -7.65 1.21
CA LEU A 65 10.71 -7.08 0.97
C LEU A 65 10.06 -6.63 2.26
N ARG A 66 9.91 -7.54 3.23
CA ARG A 66 9.29 -7.20 4.49
C ARG A 66 9.94 -5.96 5.10
N SER A 67 11.23 -5.77 4.82
CA SER A 67 11.96 -4.60 5.31
C SER A 67 11.48 -3.35 4.60
N LYS A 68 11.21 -3.48 3.30
CA LYS A 68 10.71 -2.36 2.51
C LYS A 68 9.34 -1.93 3.00
N VAL A 69 8.40 -2.88 2.96
CA VAL A 69 7.05 -2.60 3.39
C VAL A 69 7.02 -2.24 4.87
N ASP A 70 8.05 -2.64 5.60
CA ASP A 70 8.15 -2.28 7.01
C ASP A 70 8.04 -0.78 7.16
N GLU A 71 8.82 -0.06 6.36
CA GLU A 71 8.77 1.40 6.34
C GLU A 71 7.43 1.85 5.76
N ALA A 72 6.92 1.06 4.82
CA ALA A 72 5.64 1.35 4.20
C ALA A 72 4.53 1.40 5.25
N VAL A 73 4.66 0.56 6.27
CA VAL A 73 3.71 0.55 7.38
C VAL A 73 3.82 1.85 8.16
N ALA A 74 5.04 2.39 8.23
CA ALA A 74 5.30 3.64 8.93
C ALA A 74 4.70 4.83 8.18
N VAL A 75 4.78 4.79 6.85
CA VAL A 75 4.23 5.87 6.03
C VAL A 75 2.75 6.05 6.34
N LEU A 76 2.09 4.94 6.66
CA LEU A 76 0.68 4.95 7.00
C LEU A 76 0.46 5.63 8.34
N GLN A 77 1.23 5.21 9.35
CA GLN A 77 1.13 5.77 10.68
C GLN A 77 1.27 7.29 10.64
N ALA A 78 2.12 7.77 9.74
CA ALA A 78 2.34 9.20 9.57
C ALA A 78 1.23 9.82 8.73
N HIS A 79 0.64 9.00 7.85
CA HIS A 79 -0.44 9.45 6.98
C HIS A 79 -1.68 9.80 7.80
N GLN A 80 -2.23 8.79 8.46
CA GLN A 80 -3.43 8.98 9.28
C GLN A 80 -3.17 9.94 10.43
N ALA A 81 -1.88 10.21 10.69
CA ALA A 81 -1.50 11.13 11.76
C ALA A 81 -1.82 12.57 11.40
N LYS A 82 -1.27 13.03 10.29
CA LYS A 82 -1.50 14.41 9.84
C LYS A 82 -2.85 14.52 9.14
N GLU A 83 -3.43 13.38 8.76
CA GLU A 83 -4.71 13.35 8.09
C GLU A 83 -5.86 13.51 9.09
N ALA A 84 -5.81 12.73 10.16
CA ALA A 84 -6.84 12.78 11.19
C ALA A 84 -6.75 14.07 11.99
N ALA A 85 -5.68 14.83 11.78
CA ALA A 85 -5.48 16.09 12.49
C ALA A 85 -6.54 17.10 12.10
N GLN A 86 -6.63 17.41 10.81
CA GLN A 86 -7.61 18.37 10.30
C GLN A 86 -8.88 17.65 9.84
N LYS A 87 -10.02 18.28 10.09
CA LYS A 87 -11.30 17.71 9.71
C LYS A 87 -11.69 18.14 8.30
N ALA A 88 -10.90 19.03 7.72
CA ALA A 88 -11.15 19.53 6.37
C ALA A 88 -10.51 18.62 5.33
N VAL A 89 -11.31 17.76 4.72
CA VAL A 89 -10.81 16.83 3.71
C VAL A 89 -11.20 17.30 2.30
N ASN A 90 -10.75 16.56 1.29
CA ASN A 90 -11.05 16.90 -0.10
C ASN A 90 -12.27 16.14 -0.58
N SER A 91 -13.16 16.85 -1.28
CA SER A 91 -14.38 16.24 -1.80
C SER A 91 -14.06 15.31 -2.97
N ALA A 92 -14.33 14.03 -2.81
CA ALA A 92 -14.08 13.04 -3.84
C ALA A 92 -15.14 13.10 -4.94
N THR A 93 -14.69 13.11 -6.18
CA THR A 93 -15.60 13.16 -7.32
C THR A 93 -15.44 11.93 -8.21
N GLY A 94 -15.11 10.81 -7.58
CA GLY A 94 -14.93 9.57 -8.31
C GLY A 94 -16.16 8.70 -8.29
N VAL A 95 -17.15 9.04 -9.10
CA VAL A 95 -18.39 8.29 -9.17
C VAL A 95 -18.29 7.13 -10.17
N PRO A 96 -17.83 7.40 -11.42
CA PRO A 96 -17.69 6.35 -12.45
C PRO A 96 -16.62 5.34 -12.08
N THR A 97 -15.60 5.79 -11.35
CA THR A 97 -14.50 4.94 -10.93
C THR A 97 -14.59 4.61 -9.45
N VAL A 98 -15.03 3.39 -9.14
CA VAL A 98 -15.16 2.96 -7.75
C VAL A 98 -14.19 1.81 -7.44
N VAL B 1 0.49 16.64 2.58
CA VAL B 1 1.80 16.32 3.20
C VAL B 1 2.22 14.89 2.87
N VAL B 2 3.07 14.75 1.85
CA VAL B 2 3.55 13.43 1.44
C VAL B 2 4.83 13.05 2.17
N LYS B 3 4.68 12.44 3.34
CA LYS B 3 5.82 12.02 4.13
C LYS B 3 6.31 10.64 3.72
N SER B 4 6.58 10.49 2.42
CA SER B 4 7.04 9.22 1.88
C SER B 4 8.55 9.07 2.03
N ASN B 5 8.99 7.91 2.52
CA ASN B 5 10.40 7.64 2.70
C ASN B 5 10.92 6.69 1.63
N LEU B 6 10.17 5.61 1.40
CA LEU B 6 10.53 4.63 0.38
C LEU B 6 10.35 5.21 -1.02
N ASN B 7 9.13 5.15 -1.52
CA ASN B 7 8.81 5.69 -2.84
C ASN B 7 8.74 7.21 -2.80
N PRO B 8 9.38 7.90 -3.77
CA PRO B 8 9.36 9.36 -3.82
C PRO B 8 8.07 9.91 -4.42
N ASN B 9 7.24 9.02 -4.93
CA ASN B 9 5.97 9.41 -5.54
C ASN B 9 4.81 8.67 -4.88
N ALA B 10 4.69 8.84 -3.56
CA ALA B 10 3.61 8.20 -2.81
C ALA B 10 2.23 8.65 -3.31
N LYS B 11 1.64 7.85 -4.19
CA LYS B 11 0.31 8.16 -4.73
C LYS B 11 -0.63 6.99 -4.51
N GLU B 12 -1.82 7.28 -4.00
CA GLU B 12 -2.83 6.26 -3.70
C GLU B 12 -3.02 5.28 -4.86
N PHE B 13 -3.71 4.18 -4.57
CA PHE B 13 -4.00 3.15 -5.57
C PHE B 13 -5.28 3.51 -6.32
N VAL B 14 -5.14 4.37 -7.33
CA VAL B 14 -6.29 4.84 -8.10
C VAL B 14 -6.25 4.41 -9.57
N PRO B 15 -5.11 4.65 -10.27
CA PRO B 15 -4.99 4.30 -11.69
C PRO B 15 -5.54 2.90 -12.01
N GLY B 16 -5.34 1.97 -11.09
CA GLY B 16 -5.83 0.62 -11.29
C GLY B 16 -4.96 -0.17 -12.27
N VAL B 17 -4.18 0.54 -13.07
CA VAL B 17 -3.29 -0.08 -14.04
C VAL B 17 -1.88 -0.19 -13.48
N LYS B 18 -0.94 -0.58 -14.34
CA LYS B 18 0.45 -0.71 -13.92
C LYS B 18 1.00 0.62 -13.43
N TYR B 19 0.89 0.86 -12.12
CA TYR B 19 1.37 2.10 -11.53
C TYR B 19 2.88 2.04 -11.31
N GLY B 20 3.58 3.08 -11.77
CA GLY B 20 5.02 3.11 -11.62
C GLY B 20 5.74 2.53 -12.82
N ASN B 21 5.02 2.41 -13.94
CA ASN B 21 5.60 1.86 -15.16
C ASN B 21 6.28 2.96 -15.97
N ILE B 22 7.19 3.69 -15.33
CA ILE B 22 7.91 4.76 -15.99
C ILE B 22 9.42 4.57 -15.86
N GLY A 1 -17.66 -14.61 2.20
CA GLY A 1 -18.49 -15.41 1.25
C GLY A 1 -17.68 -15.96 0.10
N PRO A 2 -18.31 -16.19 -1.07
CA PRO A 2 -17.62 -16.72 -2.26
C PRO A 2 -16.69 -15.70 -2.89
N LEU A 3 -17.12 -14.44 -2.91
CA LEU A 3 -16.32 -13.37 -3.50
C LEU A 3 -15.24 -12.90 -2.52
N GLY A 4 -13.99 -13.27 -2.81
CA GLY A 4 -12.89 -12.88 -1.95
C GLY A 4 -12.41 -11.46 -2.25
N SER A 5 -13.13 -10.48 -1.71
CA SER A 5 -12.77 -9.08 -1.92
C SER A 5 -11.77 -8.59 -0.86
N PRO A 6 -12.03 -8.81 0.44
CA PRO A 6 -11.14 -8.37 1.51
C PRO A 6 -9.78 -9.07 1.45
N LEU A 7 -9.78 -10.31 0.97
CA LEU A 7 -8.55 -11.09 0.87
C LEU A 7 -7.96 -11.01 -0.54
N THR A 8 -6.74 -10.48 -0.63
CA THR A 8 -6.07 -10.35 -1.91
C THR A 8 -5.30 -11.60 -2.23
N ALA A 9 -4.83 -12.30 -1.20
CA ALA A 9 -4.13 -13.56 -1.39
C ALA A 9 -5.04 -14.55 -2.11
N SER A 10 -6.32 -14.48 -1.77
CA SER A 10 -7.32 -15.32 -2.42
C SER A 10 -7.53 -14.85 -3.85
N MET A 11 -7.45 -13.53 -4.05
CA MET A 11 -7.58 -12.96 -5.39
C MET A 11 -6.42 -13.43 -6.26
N LEU A 12 -5.25 -13.56 -5.66
CA LEU A 12 -4.06 -14.02 -6.38
C LEU A 12 -4.36 -15.32 -7.10
N ALA A 13 -4.93 -16.27 -6.36
CA ALA A 13 -5.31 -17.56 -6.92
C ALA A 13 -6.45 -17.38 -7.94
N SER A 14 -7.27 -16.36 -7.74
CA SER A 14 -8.41 -16.11 -8.61
C SER A 14 -8.12 -14.97 -9.60
N ALA A 15 -6.85 -14.73 -9.89
CA ALA A 15 -6.46 -13.69 -10.83
C ALA A 15 -5.39 -14.21 -11.81
N PRO A 16 -5.72 -15.24 -12.60
CA PRO A 16 -4.78 -15.86 -13.55
C PRO A 16 -4.20 -14.87 -14.56
N PRO A 17 -5.03 -14.05 -15.26
CA PRO A 17 -4.53 -13.10 -16.26
C PRO A 17 -3.70 -11.99 -15.63
N GLN A 18 -3.46 -10.92 -16.40
CA GLN A 18 -2.69 -9.79 -15.91
C GLN A 18 -3.51 -8.96 -14.93
N GLU A 19 -3.89 -9.58 -13.82
CA GLU A 19 -4.69 -8.93 -12.80
C GLU A 19 -3.82 -8.32 -11.71
N GLN A 20 -2.50 -8.37 -11.92
CA GLN A 20 -1.55 -7.87 -10.93
C GLN A 20 -1.97 -6.49 -10.43
N LYS A 21 -2.12 -5.53 -11.35
CA LYS A 21 -2.49 -4.17 -10.99
C LYS A 21 -3.79 -4.14 -10.19
N GLN A 22 -4.65 -5.13 -10.44
CA GLN A 22 -5.92 -5.21 -9.73
C GLN A 22 -5.73 -5.64 -8.28
N MET A 23 -5.43 -6.92 -8.08
CA MET A 23 -5.29 -7.48 -6.74
C MET A 23 -4.03 -6.96 -6.01
N LEU A 24 -2.97 -7.74 -6.04
CA LEU A 24 -1.73 -7.44 -5.32
C LEU A 24 -1.06 -6.15 -5.75
N GLY A 25 -1.66 -5.41 -6.67
CA GLY A 25 -0.97 -4.23 -7.19
C GLY A 25 0.26 -4.69 -7.91
N GLU A 26 1.42 -4.27 -7.45
CA GLU A 26 2.65 -4.85 -7.93
C GLU A 26 2.78 -6.22 -7.26
N ARG A 27 2.95 -6.16 -5.95
CA ARG A 27 2.98 -7.34 -5.07
C ARG A 27 2.69 -6.88 -3.65
N LEU A 28 2.37 -5.59 -3.55
CA LEU A 28 2.21 -4.91 -2.28
C LEU A 28 1.12 -5.50 -1.38
N PHE A 29 -0.13 -5.20 -1.70
CA PHE A 29 -1.29 -5.59 -0.88
C PHE A 29 -1.10 -6.94 -0.18
N PRO A 30 -0.67 -8.01 -0.86
CA PRO A 30 -0.50 -9.34 -0.26
C PRO A 30 0.53 -9.37 0.87
N LEU A 31 1.68 -8.72 0.66
CA LEU A 31 2.72 -8.71 1.71
C LEU A 31 2.27 -7.85 2.88
N ILE A 32 1.74 -6.68 2.56
CA ILE A 32 1.24 -5.80 3.61
C ILE A 32 -0.05 -6.36 4.19
N GLN A 33 -0.63 -7.35 3.49
CA GLN A 33 -1.82 -8.01 3.99
C GLN A 33 -1.51 -8.70 5.30
N ALA A 34 -0.34 -9.33 5.35
CA ALA A 34 0.14 -9.94 6.59
C ALA A 34 0.43 -8.84 7.60
N MET A 35 0.77 -7.66 7.07
CA MET A 35 1.05 -6.48 7.89
C MET A 35 -0.15 -5.53 7.85
N HIS A 36 -1.33 -6.08 7.59
CA HIS A 36 -2.54 -5.28 7.46
C HIS A 36 -2.95 -4.55 8.75
N PRO A 37 -2.67 -5.12 9.97
CA PRO A 37 -3.01 -4.46 11.23
C PRO A 37 -2.85 -2.94 11.14
N THR A 38 -1.89 -2.50 10.34
CA THR A 38 -1.67 -1.08 10.10
C THR A 38 -2.71 -0.57 9.11
N LEU A 39 -2.39 -0.65 7.81
CA LEU A 39 -3.32 -0.25 6.77
C LEU A 39 -2.80 -0.63 5.37
N ALA A 40 -2.64 -1.93 5.15
CA ALA A 40 -2.14 -2.44 3.86
C ALA A 40 -2.84 -1.76 2.69
N GLY A 41 -4.14 -1.54 2.81
CA GLY A 41 -4.90 -0.91 1.76
C GLY A 41 -4.32 0.40 1.28
N LYS A 42 -4.04 1.30 2.22
CA LYS A 42 -3.50 2.61 1.87
C LYS A 42 -2.01 2.54 1.56
N ILE A 43 -1.28 1.75 2.32
CA ILE A 43 0.16 1.61 2.11
C ILE A 43 0.46 1.21 0.66
N THR A 44 -0.16 0.13 0.20
CA THR A 44 0.03 -0.33 -1.16
C THR A 44 -0.26 0.80 -2.14
N GLY A 45 -1.31 1.57 -1.86
CA GLY A 45 -1.69 2.67 -2.72
C GLY A 45 -0.54 3.61 -3.01
N MET A 46 -0.07 4.32 -1.99
CA MET A 46 1.03 5.26 -2.15
C MET A 46 2.26 4.60 -2.77
N LEU A 47 2.64 3.43 -2.25
CA LEU A 47 3.81 2.73 -2.76
C LEU A 47 3.50 1.95 -4.03
N LEU A 48 2.30 2.16 -4.58
CA LEU A 48 1.91 1.47 -5.82
C LEU A 48 2.81 1.91 -6.97
N GLU A 49 3.56 2.99 -6.75
CA GLU A 49 4.50 3.48 -7.73
C GLU A 49 5.78 2.65 -7.71
N ILE A 50 5.68 1.44 -7.18
CA ILE A 50 6.82 0.53 -7.09
C ILE A 50 7.02 -0.22 -8.40
N ASP A 51 8.24 -0.70 -8.63
CA ASP A 51 8.57 -1.42 -9.86
C ASP A 51 7.90 -2.78 -9.92
N ASN A 52 7.71 -3.27 -11.15
CA ASN A 52 7.12 -4.58 -11.35
C ASN A 52 8.19 -5.66 -11.28
N SER A 53 9.41 -5.29 -11.65
CA SER A 53 10.53 -6.21 -11.58
C SER A 53 10.95 -6.40 -10.13
N GLU A 54 10.74 -5.36 -9.33
CA GLU A 54 11.07 -5.40 -7.92
C GLU A 54 10.00 -6.13 -7.13
N LEU A 55 8.77 -6.06 -7.63
CA LEU A 55 7.64 -6.73 -6.97
C LEU A 55 7.91 -8.23 -6.87
N LEU A 56 8.34 -8.82 -7.98
CA LEU A 56 8.65 -10.24 -8.02
C LEU A 56 9.78 -10.57 -7.06
N HIS A 57 10.83 -9.76 -7.08
CA HIS A 57 11.98 -9.96 -6.21
C HIS A 57 11.56 -9.91 -4.73
N MET A 58 10.50 -9.17 -4.44
CA MET A 58 10.01 -9.02 -3.08
C MET A 58 9.39 -10.33 -2.57
N LEU A 59 8.51 -10.92 -3.37
CA LEU A 59 7.86 -12.16 -2.99
C LEU A 59 8.85 -13.30 -2.87
N GLU A 60 10.00 -13.14 -3.51
CA GLU A 60 11.05 -14.16 -3.44
C GLU A 60 12.07 -13.79 -2.36
N SER A 61 11.89 -12.62 -1.78
CA SER A 61 12.78 -12.14 -0.73
C SER A 61 12.01 -11.80 0.54
N PRO A 62 11.62 -12.82 1.33
CA PRO A 62 10.86 -12.60 2.57
C PRO A 62 11.59 -11.64 3.52
N GLU A 63 12.91 -11.70 3.51
CA GLU A 63 13.73 -10.86 4.37
C GLU A 63 13.84 -9.43 3.83
N SER A 64 14.17 -9.30 2.56
CA SER A 64 14.34 -7.99 1.94
C SER A 64 13.01 -7.26 1.81
N LEU A 65 12.00 -7.98 1.33
CA LEU A 65 10.67 -7.41 1.13
C LEU A 65 10.11 -6.83 2.42
N ARG A 66 9.83 -7.70 3.39
CA ARG A 66 9.27 -7.26 4.66
C ARG A 66 10.03 -6.06 5.22
N SER A 67 11.32 -6.00 4.92
CA SER A 67 12.14 -4.88 5.35
C SER A 67 11.69 -3.60 4.66
N LYS A 68 11.42 -3.71 3.36
CA LYS A 68 10.95 -2.58 2.57
C LYS A 68 9.56 -2.16 3.03
N VAL A 69 8.61 -3.07 2.94
CA VAL A 69 7.24 -2.78 3.35
C VAL A 69 7.18 -2.43 4.84
N ASP A 70 8.21 -2.81 5.58
CA ASP A 70 8.28 -2.45 7.00
C ASP A 70 8.18 -0.93 7.11
N GLU A 71 9.00 -0.25 6.32
CA GLU A 71 8.95 1.21 6.26
C GLU A 71 7.63 1.66 5.67
N ALA A 72 7.09 0.85 4.75
CA ALA A 72 5.81 1.14 4.13
C ALA A 72 4.72 1.27 5.19
N VAL A 73 4.81 0.44 6.23
CA VAL A 73 3.86 0.51 7.34
C VAL A 73 4.02 1.84 8.07
N ALA A 74 5.24 2.35 8.09
CA ALA A 74 5.53 3.62 8.74
C ALA A 74 4.99 4.79 7.92
N VAL A 75 5.05 4.68 6.59
CA VAL A 75 4.54 5.74 5.71
C VAL A 75 3.06 5.97 5.98
N LEU A 76 2.39 4.91 6.41
CA LEU A 76 0.97 4.98 6.73
C LEU A 76 0.75 5.80 8.00
N GLN A 77 1.48 5.44 9.05
CA GLN A 77 1.39 6.14 10.32
C GLN A 77 1.71 7.62 10.14
N ALA A 78 2.65 7.91 9.25
CA ALA A 78 3.04 9.28 8.95
C ALA A 78 2.07 9.93 7.98
N HIS A 79 1.29 9.11 7.30
CA HIS A 79 0.31 9.61 6.33
C HIS A 79 -0.84 10.33 7.04
N GLN A 80 -1.56 9.60 7.88
CA GLN A 80 -2.68 10.16 8.62
C GLN A 80 -2.21 11.24 9.59
N ALA A 81 -0.95 11.14 10.01
CA ALA A 81 -0.38 12.10 10.95
C ALA A 81 -0.13 13.45 10.28
N LYS A 82 0.60 13.43 9.18
CA LYS A 82 0.92 14.66 8.45
C LYS A 82 -0.32 15.21 7.76
N GLU A 83 -1.34 14.38 7.59
CA GLU A 83 -2.58 14.79 6.94
C GLU A 83 -3.46 15.56 7.91
N ALA A 84 -3.70 14.98 9.09
CA ALA A 84 -4.53 15.60 10.10
C ALA A 84 -3.86 16.84 10.69
N ALA A 85 -2.53 16.86 10.64
CA ALA A 85 -1.76 17.98 11.16
C ALA A 85 -1.65 19.11 10.14
N GLN A 86 -2.62 19.17 9.23
CA GLN A 86 -2.63 20.20 8.20
C GLN A 86 -3.38 21.44 8.69
N LYS A 87 -3.26 21.74 9.98
CA LYS A 87 -3.90 22.89 10.57
C LYS A 87 -3.05 24.15 10.41
N ALA A 88 -3.57 25.11 9.67
CA ALA A 88 -2.86 26.36 9.42
C ALA A 88 -3.19 27.40 10.50
N VAL A 89 -3.90 26.96 11.53
CA VAL A 89 -4.29 27.84 12.62
C VAL A 89 -3.22 27.89 13.70
N ASN A 90 -2.43 26.81 13.80
CA ASN A 90 -1.36 26.73 14.78
C ASN A 90 -0.11 27.45 14.29
N SER A 91 0.32 28.46 15.05
CA SER A 91 1.50 29.23 14.69
C SER A 91 2.78 28.50 15.10
N ALA A 92 3.09 28.56 16.41
CA ALA A 92 4.27 27.90 16.93
C ALA A 92 3.95 26.50 17.43
N THR A 93 4.91 25.58 17.30
CA THR A 93 4.71 24.21 17.74
C THR A 93 5.68 23.85 18.86
N GLY A 94 5.24 24.09 20.10
CA GLY A 94 6.07 23.80 21.25
C GLY A 94 5.71 22.46 21.89
N VAL A 95 5.92 21.39 21.15
CA VAL A 95 5.60 20.05 21.64
C VAL A 95 6.89 19.29 22.01
N PRO A 96 7.23 19.23 23.30
CA PRO A 96 8.42 18.52 23.77
C PRO A 96 8.26 17.01 23.73
N THR A 97 9.21 16.29 24.32
CA THR A 97 9.17 14.84 24.35
C THR A 97 8.83 14.33 25.74
N VAL A 98 9.82 14.33 26.64
CA VAL A 98 9.62 13.87 28.00
C VAL A 98 10.08 14.92 29.01
N VAL B 1 6.01 18.58 -5.00
CA VAL B 1 5.66 17.17 -4.66
C VAL B 1 5.75 16.93 -3.15
N VAL B 2 5.08 15.88 -2.69
CA VAL B 2 5.09 15.54 -1.27
C VAL B 2 6.33 14.73 -0.90
N LYS B 3 6.81 14.92 0.31
CA LYS B 3 8.00 14.21 0.78
C LYS B 3 7.61 12.97 1.58
N SER B 4 7.45 11.85 0.87
CA SER B 4 7.07 10.59 1.50
C SER B 4 8.29 9.91 2.11
N ASN B 5 8.17 8.61 2.38
CA ASN B 5 9.26 7.84 2.97
C ASN B 5 9.94 6.97 1.93
N LEU B 6 9.37 5.79 1.67
CA LEU B 6 9.92 4.87 0.68
C LEU B 6 9.91 5.50 -0.71
N ASN B 7 8.74 5.46 -1.35
CA ASN B 7 8.59 6.05 -2.68
C ASN B 7 8.53 7.57 -2.58
N PRO B 8 9.14 8.28 -3.55
CA PRO B 8 9.13 9.74 -3.57
C PRO B 8 7.81 10.30 -4.09
N ASN B 9 7.00 9.43 -4.67
CA ASN B 9 5.71 9.84 -5.22
C ASN B 9 4.57 9.02 -4.61
N ALA B 10 4.42 9.13 -3.29
CA ALA B 10 3.37 8.41 -2.59
C ALA B 10 1.98 8.82 -3.07
N LYS B 11 1.42 8.04 -4.00
CA LYS B 11 0.08 8.32 -4.53
C LYS B 11 -0.84 7.12 -4.31
N GLU B 12 -2.00 7.37 -3.72
CA GLU B 12 -2.96 6.30 -3.43
C GLU B 12 -3.20 5.39 -4.63
N PHE B 13 -3.96 4.32 -4.41
CA PHE B 13 -4.28 3.37 -5.47
C PHE B 13 -5.52 3.83 -6.23
N VAL B 14 -5.28 4.62 -7.27
CA VAL B 14 -6.37 5.19 -8.05
C VAL B 14 -6.36 4.74 -9.53
N PRO B 15 -5.18 4.81 -10.21
CA PRO B 15 -5.09 4.43 -11.62
C PRO B 15 -5.68 3.05 -11.90
N GLY B 16 -5.45 2.12 -10.99
CA GLY B 16 -5.98 0.77 -11.17
C GLY B 16 -5.15 -0.04 -12.14
N VAL B 17 -4.44 0.64 -13.03
CA VAL B 17 -3.59 -0.02 -14.01
C VAL B 17 -2.15 -0.11 -13.50
N LYS B 18 -1.24 -0.58 -14.35
CA LYS B 18 0.16 -0.70 -13.97
C LYS B 18 0.74 0.65 -13.58
N TYR B 19 0.61 1.01 -12.31
CA TYR B 19 1.10 2.29 -11.81
C TYR B 19 2.61 2.22 -11.54
N GLY B 20 3.37 2.97 -12.33
CA GLY B 20 4.81 2.99 -12.17
C GLY B 20 5.50 1.89 -12.95
N ASN B 21 5.24 1.84 -14.26
CA ASN B 21 5.84 0.83 -15.12
C ASN B 21 7.08 1.38 -15.82
N ILE B 22 8.21 1.35 -15.11
CA ILE B 22 9.46 1.85 -15.66
C ILE B 22 10.45 0.70 -15.90
N GLY A 1 -11.61 -1.31 2.53
CA GLY A 1 -12.18 -1.47 1.17
C GLY A 1 -13.10 -2.67 1.06
N PRO A 2 -13.20 -3.30 -0.12
CA PRO A 2 -14.07 -4.46 -0.32
C PRO A 2 -13.58 -5.69 0.44
N LEU A 3 -14.18 -5.93 1.61
CA LEU A 3 -13.81 -7.08 2.43
C LEU A 3 -14.55 -8.34 2.00
N GLY A 4 -15.26 -8.25 0.89
CA GLY A 4 -15.99 -9.39 0.39
C GLY A 4 -15.21 -10.18 -0.64
N SER A 5 -13.89 -10.02 -0.62
CA SER A 5 -13.01 -10.72 -1.56
C SER A 5 -12.67 -12.13 -1.09
N PRO A 6 -12.44 -12.38 0.23
CA PRO A 6 -12.47 -11.36 1.29
C PRO A 6 -11.29 -10.40 1.24
N LEU A 7 -10.07 -10.96 1.31
CA LEU A 7 -8.85 -10.17 1.28
C LEU A 7 -8.25 -10.11 -0.12
N THR A 8 -7.02 -9.62 -0.22
CA THR A 8 -6.33 -9.50 -1.49
C THR A 8 -5.59 -10.79 -1.80
N ALA A 9 -5.15 -11.49 -0.77
CA ALA A 9 -4.49 -12.77 -0.95
C ALA A 9 -5.43 -13.73 -1.67
N SER A 10 -6.71 -13.63 -1.32
CA SER A 10 -7.74 -14.43 -1.97
C SER A 10 -7.94 -13.95 -3.40
N MET A 11 -7.79 -12.65 -3.61
CA MET A 11 -7.91 -12.08 -4.95
C MET A 11 -6.80 -12.63 -5.84
N LEU A 12 -5.62 -12.84 -5.24
CA LEU A 12 -4.49 -13.39 -5.97
C LEU A 12 -4.90 -14.68 -6.67
N ALA A 13 -5.45 -15.60 -5.90
CA ALA A 13 -5.91 -16.87 -6.43
C ALA A 13 -7.10 -16.68 -7.37
N SER A 14 -7.86 -15.61 -7.15
CA SER A 14 -9.04 -15.32 -7.95
C SER A 14 -8.78 -14.25 -9.01
N ALA A 15 -7.50 -13.98 -9.26
CA ALA A 15 -7.14 -12.96 -10.25
C ALA A 15 -6.02 -13.47 -11.17
N PRO A 16 -6.24 -13.43 -12.49
CA PRO A 16 -5.23 -13.87 -13.47
C PRO A 16 -3.98 -13.00 -13.40
N PRO A 17 -2.89 -13.41 -14.09
CA PRO A 17 -1.64 -12.65 -14.10
C PRO A 17 -1.84 -11.22 -14.61
N GLN A 18 -2.78 -11.05 -15.53
CA GLN A 18 -3.08 -9.73 -16.10
C GLN A 18 -3.84 -8.86 -15.10
N GLU A 19 -4.23 -9.46 -13.98
CA GLU A 19 -4.97 -8.74 -12.95
C GLU A 19 -4.03 -8.13 -11.92
N GLN A 20 -2.76 -7.99 -12.30
CA GLN A 20 -1.74 -7.44 -11.40
C GLN A 20 -2.17 -6.08 -10.87
N LYS A 21 -2.28 -5.11 -11.76
CA LYS A 21 -2.63 -3.74 -11.37
C LYS A 21 -3.95 -3.69 -10.62
N GLN A 22 -4.76 -4.73 -10.76
CA GLN A 22 -6.05 -4.80 -10.07
C GLN A 22 -5.87 -5.04 -8.58
N MET A 23 -5.66 -6.31 -8.22
CA MET A 23 -5.53 -6.70 -6.83
C MET A 23 -4.24 -6.20 -6.19
N LEU A 24 -3.23 -7.08 -6.20
CA LEU A 24 -1.94 -6.82 -5.54
C LEU A 24 -1.19 -5.63 -6.12
N GLY A 25 -1.73 -4.99 -7.15
CA GLY A 25 -0.96 -3.94 -7.79
C GLY A 25 0.25 -4.57 -8.43
N GLU A 26 1.43 -4.19 -7.96
CA GLU A 26 2.63 -4.90 -8.35
C GLU A 26 2.68 -6.22 -7.57
N ARG A 27 2.92 -6.07 -6.27
CA ARG A 27 2.93 -7.18 -5.32
C ARG A 27 2.73 -6.60 -3.92
N LEU A 28 2.30 -5.34 -3.90
CA LEU A 28 2.17 -4.57 -2.68
C LEU A 28 1.24 -5.21 -1.65
N PHE A 29 -0.06 -5.09 -1.90
CA PHE A 29 -1.08 -5.57 -0.97
C PHE A 29 -0.72 -6.91 -0.30
N PRO A 30 -0.25 -7.93 -1.06
CA PRO A 30 0.08 -9.25 -0.48
C PRO A 30 1.11 -9.20 0.64
N LEU A 31 2.16 -8.40 0.44
CA LEU A 31 3.22 -8.32 1.45
C LEU A 31 2.71 -7.59 2.68
N ILE A 32 2.07 -6.46 2.44
CA ILE A 32 1.50 -5.68 3.52
C ILE A 32 0.24 -6.35 4.05
N GLN A 33 -0.26 -7.33 3.31
CA GLN A 33 -1.42 -8.10 3.76
C GLN A 33 -1.05 -8.82 5.04
N ALA A 34 0.16 -9.35 5.07
CA ALA A 34 0.68 -9.98 6.27
C ALA A 34 0.86 -8.92 7.35
N MET A 35 1.13 -7.69 6.89
CA MET A 35 1.30 -6.53 7.77
C MET A 35 0.04 -5.67 7.76
N HIS A 36 -1.10 -6.31 7.46
CA HIS A 36 -2.37 -5.61 7.35
C HIS A 36 -2.84 -5.01 8.69
N PRO A 37 -2.55 -5.66 9.85
CA PRO A 37 -2.96 -5.13 11.15
C PRO A 37 -2.89 -3.61 11.22
N THR A 38 -1.93 -3.05 10.50
CA THR A 38 -1.79 -1.61 10.42
C THR A 38 -2.79 -1.05 9.40
N LEU A 39 -2.42 -1.03 8.13
CA LEU A 39 -3.31 -0.56 7.07
C LEU A 39 -2.74 -0.84 5.69
N ALA A 40 -2.59 -2.12 5.35
CA ALA A 40 -2.07 -2.52 4.05
C ALA A 40 -2.84 -1.85 2.90
N GLY A 41 -4.11 -1.55 3.17
CA GLY A 41 -4.97 -0.94 2.17
C GLY A 41 -4.36 0.28 1.49
N LYS A 42 -3.97 1.27 2.28
CA LYS A 42 -3.43 2.50 1.71
C LYS A 42 -1.98 2.35 1.27
N ILE A 43 -1.19 1.60 2.04
CA ILE A 43 0.24 1.44 1.73
C ILE A 43 0.43 0.97 0.30
N THR A 44 -0.22 -0.14 -0.05
CA THR A 44 -0.10 -0.69 -1.40
C THR A 44 -0.27 0.42 -2.42
N GLY A 45 -1.32 1.21 -2.26
CA GLY A 45 -1.57 2.33 -3.14
C GLY A 45 -0.40 3.27 -3.24
N MET A 46 0.14 3.67 -2.10
CA MET A 46 1.26 4.61 -2.05
C MET A 46 2.42 4.11 -2.88
N LEU A 47 3.04 3.05 -2.40
CA LEU A 47 4.20 2.47 -3.03
C LEU A 47 3.82 1.58 -4.21
N LEU A 48 2.59 1.74 -4.70
CA LEU A 48 2.14 1.00 -5.87
C LEU A 48 2.93 1.43 -7.10
N GLU A 49 3.48 2.64 -7.03
CA GLU A 49 4.27 3.17 -8.14
C GLU A 49 5.65 2.50 -8.20
N ILE A 50 5.74 1.30 -7.65
CA ILE A 50 6.99 0.55 -7.63
C ILE A 50 7.16 -0.23 -8.93
N ASP A 51 8.35 -0.78 -9.13
CA ASP A 51 8.66 -1.55 -10.34
C ASP A 51 7.93 -2.88 -10.35
N ASN A 52 7.80 -3.46 -11.55
CA ASN A 52 7.17 -4.77 -11.69
C ASN A 52 8.22 -5.87 -11.57
N SER A 53 9.46 -5.53 -11.93
CA SER A 53 10.57 -6.47 -11.80
C SER A 53 10.96 -6.59 -10.33
N GLU A 54 10.75 -5.50 -9.59
CA GLU A 54 11.05 -5.48 -8.17
C GLU A 54 9.95 -6.16 -7.38
N LEU A 55 8.73 -6.13 -7.90
CA LEU A 55 7.60 -6.77 -7.24
C LEU A 55 7.87 -8.25 -7.05
N LEU A 56 8.34 -8.88 -8.12
CA LEU A 56 8.67 -10.30 -8.08
C LEU A 56 9.73 -10.58 -7.03
N HIS A 57 10.82 -9.82 -7.06
CA HIS A 57 11.91 -9.99 -6.12
C HIS A 57 11.42 -9.82 -4.67
N MET A 58 10.42 -8.97 -4.48
CA MET A 58 9.88 -8.72 -3.15
C MET A 58 9.27 -9.99 -2.56
N LEU A 59 8.33 -10.59 -3.29
CA LEU A 59 7.70 -11.82 -2.83
C LEU A 59 8.72 -12.96 -2.81
N GLU A 60 9.91 -12.67 -3.31
CA GLU A 60 10.98 -13.66 -3.34
C GLU A 60 12.02 -13.34 -2.26
N SER A 61 11.94 -12.15 -1.70
CA SER A 61 12.88 -11.73 -0.66
C SER A 61 12.14 -11.32 0.60
N PRO A 62 11.92 -12.27 1.54
CA PRO A 62 11.23 -11.99 2.79
C PRO A 62 11.99 -11.00 3.66
N GLU A 63 13.32 -11.02 3.56
CA GLU A 63 14.17 -10.13 4.35
C GLU A 63 14.19 -8.72 3.74
N SER A 64 14.36 -8.67 2.42
CA SER A 64 14.44 -7.38 1.72
C SER A 64 13.08 -6.70 1.64
N LEU A 65 12.11 -7.42 1.07
CA LEU A 65 10.77 -6.89 0.89
C LEU A 65 10.14 -6.46 2.21
N ARG A 66 9.99 -7.39 3.15
CA ARG A 66 9.36 -7.08 4.42
C ARG A 66 10.01 -5.87 5.08
N SER A 67 11.32 -5.73 4.91
CA SER A 67 12.04 -4.59 5.46
C SER A 67 11.58 -3.30 4.78
N LYS A 68 11.33 -3.40 3.48
CA LYS A 68 10.85 -2.25 2.71
C LYS A 68 9.46 -1.83 3.17
N VAL A 69 8.53 -2.78 3.15
CA VAL A 69 7.16 -2.51 3.57
C VAL A 69 7.11 -2.23 5.07
N ASP A 70 8.18 -2.60 5.78
CA ASP A 70 8.25 -2.31 7.20
C ASP A 70 8.14 -0.81 7.41
N GLU A 71 8.93 -0.06 6.64
CA GLU A 71 8.87 1.39 6.68
C GLU A 71 7.55 1.87 6.07
N ALA A 72 6.94 0.99 5.28
CA ALA A 72 5.67 1.29 4.64
C ALA A 72 4.56 1.46 5.68
N VAL A 73 4.47 0.52 6.62
CA VAL A 73 3.50 0.63 7.70
C VAL A 73 3.73 1.94 8.44
N ALA A 74 4.99 2.37 8.45
CA ALA A 74 5.37 3.62 9.09
C ALA A 74 4.82 4.81 8.31
N VAL A 75 4.69 4.68 6.99
CA VAL A 75 4.15 5.75 6.16
C VAL A 75 2.71 6.05 6.60
N LEU A 76 2.02 5.02 7.08
CA LEU A 76 0.68 5.20 7.61
C LEU A 76 0.72 6.02 8.88
N GLN A 77 1.60 5.59 9.79
CA GLN A 77 1.78 6.27 11.06
C GLN A 77 2.03 7.75 10.83
N ALA A 78 2.79 8.06 9.79
CA ALA A 78 3.07 9.45 9.43
C ALA A 78 1.92 10.04 8.62
N HIS A 79 1.18 9.17 7.94
CA HIS A 79 0.05 9.60 7.12
C HIS A 79 -1.11 10.09 7.99
N GLN A 80 -1.17 9.59 9.22
CA GLN A 80 -2.23 9.98 10.15
C GLN A 80 -1.87 11.29 10.86
N ALA A 81 -0.60 11.43 11.21
CA ALA A 81 -0.13 12.63 11.91
C ALA A 81 -0.06 13.83 10.97
N LYS A 82 0.35 13.59 9.73
CA LYS A 82 0.49 14.65 8.75
C LYS A 82 -0.89 15.12 8.26
N GLU A 83 -1.87 14.22 8.30
CA GLU A 83 -3.22 14.54 7.86
C GLU A 83 -4.03 15.15 9.00
N ALA A 84 -3.60 14.89 10.23
CA ALA A 84 -4.29 15.41 11.41
C ALA A 84 -3.92 16.86 11.68
N ALA A 85 -3.25 17.49 10.71
CA ALA A 85 -2.85 18.88 10.84
C ALA A 85 -3.98 19.83 10.49
N GLN A 86 -4.36 19.86 9.21
CA GLN A 86 -5.43 20.72 8.74
C GLN A 86 -6.79 20.10 9.02
N LYS A 87 -6.79 18.95 9.70
CA LYS A 87 -8.03 18.25 10.03
C LYS A 87 -8.59 18.75 11.35
N ALA A 88 -9.87 19.14 11.34
CA ALA A 88 -10.53 19.63 12.54
C ALA A 88 -11.06 18.47 13.38
N VAL A 89 -10.18 17.86 14.16
CA VAL A 89 -10.55 16.74 15.01
C VAL A 89 -11.23 17.23 16.30
N ASN A 90 -12.50 17.59 16.18
CA ASN A 90 -13.26 18.08 17.33
C ASN A 90 -14.03 16.95 17.99
N SER A 91 -13.45 16.39 19.06
CA SER A 91 -14.08 15.30 19.78
C SER A 91 -15.10 15.83 20.78
N ALA A 92 -15.32 17.14 20.76
CA ALA A 92 -16.28 17.77 21.67
C ALA A 92 -17.71 17.45 21.26
N THR A 93 -18.30 16.44 21.89
CA THR A 93 -19.67 16.04 21.59
C THR A 93 -20.65 16.74 22.51
N GLY A 94 -20.62 16.37 23.79
CA GLY A 94 -21.52 16.97 24.76
C GLY A 94 -20.97 18.26 25.34
N VAL A 95 -20.76 18.27 26.65
CA VAL A 95 -20.23 19.44 27.33
C VAL A 95 -18.71 19.53 27.18
N PRO A 96 -18.19 20.68 26.70
CA PRO A 96 -16.75 20.88 26.52
C PRO A 96 -16.01 20.96 27.84
N THR A 97 -15.51 19.82 28.30
CA THR A 97 -14.77 19.76 29.56
C THR A 97 -13.28 20.00 29.34
N VAL A 98 -12.68 19.19 28.49
CA VAL A 98 -11.26 19.32 28.18
C VAL A 98 -11.02 19.52 26.69
N VAL B 1 -0.72 15.90 -0.70
CA VAL B 1 0.23 14.84 -1.12
C VAL B 1 0.84 14.15 0.09
N VAL B 2 0.95 12.82 0.01
CA VAL B 2 1.51 12.03 1.10
C VAL B 2 2.97 11.68 0.83
N LYS B 3 3.88 12.31 1.55
CA LYS B 3 5.31 12.06 1.39
C LYS B 3 5.75 10.85 2.22
N SER B 4 6.12 9.77 1.55
CA SER B 4 6.56 8.56 2.22
C SER B 4 8.07 8.59 2.47
N ASN B 5 8.59 7.50 3.00
CA ASN B 5 10.02 7.38 3.28
C ASN B 5 10.71 6.50 2.26
N LEU B 6 10.02 5.45 1.83
CA LEU B 6 10.57 4.51 0.84
C LEU B 6 10.37 5.05 -0.57
N ASN B 7 9.15 4.91 -1.10
CA ASN B 7 8.83 5.37 -2.44
C ASN B 7 8.44 6.85 -2.44
N PRO B 8 9.09 7.66 -3.28
CA PRO B 8 8.77 9.08 -3.39
C PRO B 8 7.54 9.34 -4.24
N ASN B 9 6.80 8.26 -4.52
CA ASN B 9 5.60 8.36 -5.33
C ASN B 9 4.37 7.82 -4.59
N ALA B 10 4.41 7.91 -3.26
CA ALA B 10 3.30 7.43 -2.44
C ALA B 10 1.99 8.14 -2.77
N LYS B 11 1.18 7.50 -3.62
CA LYS B 11 -0.12 8.05 -4.00
C LYS B 11 -1.23 7.00 -3.84
N GLU B 12 -2.46 7.35 -4.18
CA GLU B 12 -3.58 6.41 -4.06
C GLU B 12 -3.45 5.29 -5.09
N PHE B 13 -4.16 4.18 -4.86
CA PHE B 13 -4.14 3.04 -5.76
C PHE B 13 -5.19 3.19 -6.85
N VAL B 14 -4.74 3.40 -8.08
CA VAL B 14 -5.64 3.53 -9.22
C VAL B 14 -5.48 2.35 -10.17
N PRO B 15 -6.24 1.27 -9.94
CA PRO B 15 -6.16 0.04 -10.76
C PRO B 15 -6.36 0.31 -12.24
N GLY B 16 -6.38 -0.76 -13.02
CA GLY B 16 -6.56 -0.62 -14.46
C GLY B 16 -5.25 -0.35 -15.18
N VAL B 17 -4.42 0.51 -14.60
CA VAL B 17 -3.13 0.84 -15.20
C VAL B 17 -1.98 0.38 -14.32
N LYS B 18 -0.86 0.05 -14.95
CA LYS B 18 0.33 -0.40 -14.23
C LYS B 18 1.02 0.77 -13.54
N TYR B 19 0.66 1.00 -12.28
CA TYR B 19 1.23 2.10 -11.51
C TYR B 19 2.72 1.90 -11.29
N GLY B 20 3.52 2.82 -11.81
CA GLY B 20 4.96 2.73 -11.65
C GLY B 20 5.62 1.99 -12.80
N ASN B 21 5.04 2.10 -13.98
CA ASN B 21 5.58 1.43 -15.16
C ASN B 21 6.37 2.40 -16.03
N ILE B 22 6.44 3.66 -15.59
CA ILE B 22 7.17 4.69 -16.33
C ILE B 22 8.22 5.34 -15.45
N GLY A 1 -14.31 -11.51 9.81
CA GLY A 1 -13.05 -11.27 10.56
C GLY A 1 -11.82 -11.73 9.79
N PRO A 2 -11.35 -10.94 8.81
CA PRO A 2 -10.18 -11.29 8.00
C PRO A 2 -8.86 -10.99 8.72
N LEU A 3 -8.74 -11.47 9.95
CA LEU A 3 -7.53 -11.25 10.74
C LEU A 3 -6.42 -12.19 10.30
N GLY A 4 -6.76 -13.46 10.09
CA GLY A 4 -5.78 -14.44 9.66
C GLY A 4 -5.93 -14.79 8.20
N SER A 5 -7.17 -14.78 7.71
CA SER A 5 -7.43 -15.09 6.31
C SER A 5 -7.18 -13.88 5.42
N PRO A 6 -6.28 -14.01 4.43
CA PRO A 6 -5.94 -12.92 3.51
C PRO A 6 -7.10 -12.57 2.58
N LEU A 7 -7.20 -11.29 2.23
CA LEU A 7 -8.27 -10.84 1.35
C LEU A 7 -7.79 -10.66 -0.08
N THR A 8 -6.54 -10.22 -0.24
CA THR A 8 -5.97 -9.99 -1.55
C THR A 8 -5.33 -11.26 -2.10
N ALA A 9 -4.84 -12.12 -1.20
CA ALA A 9 -4.28 -13.39 -1.61
C ALA A 9 -5.35 -14.20 -2.33
N SER A 10 -6.58 -14.11 -1.83
CA SER A 10 -7.71 -14.76 -2.46
C SER A 10 -8.00 -14.11 -3.80
N MET A 11 -7.77 -12.80 -3.87
CA MET A 11 -7.95 -12.05 -5.12
C MET A 11 -6.94 -12.53 -6.15
N LEU A 12 -5.75 -12.88 -5.67
CA LEU A 12 -4.69 -13.37 -6.53
C LEU A 12 -5.18 -14.57 -7.35
N ALA A 13 -5.88 -15.47 -6.69
CA ALA A 13 -6.43 -16.64 -7.35
C ALA A 13 -7.52 -16.25 -8.34
N SER A 14 -8.31 -15.23 -7.97
CA SER A 14 -9.38 -14.75 -8.83
C SER A 14 -8.96 -13.47 -9.55
N ALA A 15 -7.77 -13.48 -10.13
CA ALA A 15 -7.26 -12.28 -10.81
C ALA A 15 -6.68 -12.58 -12.20
N PRO A 16 -5.92 -13.68 -12.39
CA PRO A 16 -5.28 -13.96 -13.68
C PRO A 16 -6.23 -13.78 -14.87
N PRO A 17 -5.68 -13.47 -16.06
CA PRO A 17 -4.24 -13.36 -16.31
C PRO A 17 -3.60 -12.09 -15.70
N GLN A 18 -3.34 -11.08 -16.54
CA GLN A 18 -2.65 -9.86 -16.11
C GLN A 18 -3.54 -8.95 -15.25
N GLU A 19 -3.87 -9.39 -14.05
CA GLU A 19 -4.65 -8.57 -13.13
C GLU A 19 -3.77 -8.03 -12.00
N GLN A 20 -2.46 -8.13 -12.19
CA GLN A 20 -1.50 -7.69 -11.18
C GLN A 20 -1.86 -6.31 -10.65
N LYS A 21 -1.99 -5.34 -11.55
CA LYS A 21 -2.29 -3.97 -11.17
C LYS A 21 -3.59 -3.88 -10.36
N GLN A 22 -4.46 -4.86 -10.53
CA GLN A 22 -5.73 -4.87 -9.82
C GLN A 22 -5.56 -5.20 -8.33
N MET A 23 -5.38 -6.48 -8.04
CA MET A 23 -5.27 -6.95 -6.66
C MET A 23 -3.98 -6.49 -5.97
N LEU A 24 -2.98 -7.36 -5.99
CA LEU A 24 -1.71 -7.12 -5.29
C LEU A 24 -0.97 -5.87 -5.79
N GLY A 25 -1.53 -5.17 -6.76
CA GLY A 25 -0.80 -4.06 -7.33
C GLY A 25 0.43 -4.61 -8.02
N GLU A 26 1.59 -4.25 -7.52
CA GLU A 26 2.80 -4.91 -7.95
C GLU A 26 2.84 -6.28 -7.28
N ARG A 27 3.06 -6.23 -5.98
CA ARG A 27 3.02 -7.41 -5.10
C ARG A 27 2.82 -6.91 -3.68
N LEU A 28 2.52 -5.62 -3.58
CA LEU A 28 2.43 -4.91 -2.31
C LEU A 28 1.41 -5.50 -1.35
N PHE A 29 0.14 -5.29 -1.64
CA PHE A 29 -0.95 -5.73 -0.76
C PHE A 29 -0.65 -7.06 -0.05
N PRO A 30 -0.21 -8.12 -0.77
CA PRO A 30 0.08 -9.42 -0.17
C PRO A 30 1.13 -9.38 0.94
N LEU A 31 2.21 -8.62 0.71
CA LEU A 31 3.28 -8.54 1.70
C LEU A 31 2.81 -7.77 2.92
N ILE A 32 2.19 -6.64 2.68
CA ILE A 32 1.66 -5.84 3.77
C ILE A 32 0.39 -6.46 4.31
N GLN A 33 -0.15 -7.45 3.58
CA GLN A 33 -1.32 -8.16 4.05
C GLN A 33 -0.99 -8.87 5.35
N ALA A 34 0.22 -9.42 5.40
CA ALA A 34 0.72 -10.02 6.62
C ALA A 34 0.98 -8.92 7.65
N MET A 35 1.34 -7.74 7.15
CA MET A 35 1.57 -6.57 7.99
C MET A 35 0.36 -5.64 7.98
N HIS A 36 -0.82 -6.24 7.78
CA HIS A 36 -2.06 -5.49 7.68
C HIS A 36 -2.44 -4.78 8.99
N PRO A 37 -2.09 -5.34 10.19
CA PRO A 37 -2.43 -4.71 11.47
C PRO A 37 -2.36 -3.18 11.41
N THR A 38 -1.44 -2.67 10.58
CA THR A 38 -1.31 -1.24 10.39
C THR A 38 -2.40 -0.73 9.45
N LEU A 39 -2.15 -0.82 8.14
CA LEU A 39 -3.13 -0.39 7.14
C LEU A 39 -2.69 -0.78 5.73
N ALA A 40 -2.35 -2.06 5.54
CA ALA A 40 -1.91 -2.57 4.24
C ALA A 40 -2.67 -1.94 3.08
N GLY A 41 -3.97 -1.73 3.30
CA GLY A 41 -4.82 -1.14 2.26
C GLY A 41 -4.20 0.05 1.55
N LYS A 42 -3.96 1.13 2.30
CA LYS A 42 -3.43 2.35 1.69
C LYS A 42 -1.93 2.25 1.42
N ILE A 43 -1.23 1.43 2.18
CA ILE A 43 0.22 1.28 2.00
C ILE A 43 0.56 0.92 0.56
N THR A 44 -0.11 -0.10 0.05
CA THR A 44 0.12 -0.54 -1.33
C THR A 44 -0.07 0.62 -2.30
N GLY A 45 -1.16 1.36 -2.11
CA GLY A 45 -1.45 2.48 -2.98
C GLY A 45 -0.28 3.44 -3.15
N MET A 46 0.20 4.00 -2.04
CA MET A 46 1.31 4.94 -2.09
C MET A 46 2.54 4.33 -2.76
N LEU A 47 2.96 3.17 -2.26
CA LEU A 47 4.14 2.49 -2.80
C LEU A 47 3.81 1.72 -4.08
N LEU A 48 2.62 1.95 -4.63
CA LEU A 48 2.21 1.26 -5.86
C LEU A 48 3.08 1.69 -7.03
N GLU A 49 3.74 2.85 -6.88
CA GLU A 49 4.62 3.35 -7.93
C GLU A 49 5.94 2.59 -7.93
N ILE A 50 5.93 1.38 -7.38
CA ILE A 50 7.12 0.55 -7.31
C ILE A 50 7.32 -0.23 -8.60
N ASP A 51 8.53 -0.75 -8.80
CA ASP A 51 8.86 -1.49 -10.01
C ASP A 51 8.16 -2.85 -10.06
N ASN A 52 7.97 -3.37 -11.26
CA ASN A 52 7.37 -4.68 -11.45
C ASN A 52 8.43 -5.77 -11.31
N SER A 53 9.66 -5.43 -11.67
CA SER A 53 10.77 -6.35 -11.54
C SER A 53 11.17 -6.47 -10.08
N GLU A 54 10.92 -5.39 -9.33
CA GLU A 54 11.23 -5.37 -7.90
C GLU A 54 10.13 -6.07 -7.12
N LEU A 55 8.90 -6.06 -7.66
CA LEU A 55 7.77 -6.69 -7.01
C LEU A 55 8.02 -8.17 -6.80
N LEU A 56 8.49 -8.84 -7.86
CA LEU A 56 8.76 -10.27 -7.78
C LEU A 56 9.90 -10.54 -6.80
N HIS A 57 10.95 -9.73 -6.86
CA HIS A 57 12.09 -9.89 -5.97
C HIS A 57 11.67 -9.79 -4.51
N MET A 58 10.52 -9.16 -4.27
CA MET A 58 9.99 -8.98 -2.91
C MET A 58 9.37 -10.28 -2.38
N LEU A 59 8.50 -10.88 -3.18
CA LEU A 59 7.84 -12.12 -2.77
C LEU A 59 8.85 -13.25 -2.64
N GLU A 60 10.07 -13.02 -3.11
CA GLU A 60 11.13 -14.02 -3.04
C GLU A 60 12.15 -13.63 -1.98
N SER A 61 11.99 -12.44 -1.42
CA SER A 61 12.90 -11.94 -0.39
C SER A 61 12.14 -11.60 0.89
N PRO A 62 11.86 -12.61 1.73
CA PRO A 62 11.15 -12.40 2.99
C PRO A 62 11.89 -11.42 3.90
N GLU A 63 13.22 -11.45 3.83
CA GLU A 63 14.06 -10.58 4.64
C GLU A 63 14.12 -9.17 4.07
N SER A 64 14.39 -9.07 2.77
CA SER A 64 14.53 -7.76 2.12
C SER A 64 13.18 -7.06 2.01
N LEU A 65 12.21 -7.75 1.42
CA LEU A 65 10.89 -7.19 1.21
C LEU A 65 10.25 -6.74 2.52
N ARG A 66 10.04 -7.67 3.45
CA ARG A 66 9.40 -7.35 4.71
C ARG A 66 10.04 -6.12 5.36
N SER A 67 11.35 -5.98 5.18
CA SER A 67 12.08 -4.84 5.72
C SER A 67 11.67 -3.57 4.98
N LYS A 68 11.49 -3.70 3.67
CA LYS A 68 11.08 -2.58 2.83
C LYS A 68 9.67 -2.13 3.20
N VAL A 69 8.72 -3.06 3.14
CA VAL A 69 7.34 -2.75 3.49
C VAL A 69 7.23 -2.37 4.97
N ASP A 70 8.24 -2.77 5.75
CA ASP A 70 8.27 -2.40 7.16
C ASP A 70 8.15 -0.89 7.29
N GLU A 71 8.96 -0.18 6.52
CA GLU A 71 8.90 1.27 6.50
C GLU A 71 7.59 1.72 5.86
N ALA A 72 7.07 0.90 4.96
CA ALA A 72 5.82 1.21 4.28
C ALA A 72 4.68 1.37 5.28
N VAL A 73 4.57 0.45 6.23
CA VAL A 73 3.55 0.56 7.26
C VAL A 73 3.73 1.86 8.02
N ALA A 74 4.99 2.28 8.13
CA ALA A 74 5.33 3.52 8.82
C ALA A 74 4.84 4.74 8.06
N VAL A 75 4.96 4.70 6.72
CA VAL A 75 4.51 5.82 5.90
C VAL A 75 3.04 6.12 6.19
N LEU A 76 2.30 5.09 6.57
CA LEU A 76 0.89 5.23 6.94
C LEU A 76 0.77 5.94 8.28
N GLN A 77 1.50 5.43 9.25
CA GLN A 77 1.50 6.00 10.59
C GLN A 77 1.76 7.51 10.51
N ALA A 78 2.58 7.90 9.55
CA ALA A 78 2.90 9.30 9.32
C ALA A 78 1.79 9.96 8.47
N HIS A 79 1.17 9.17 7.60
CA HIS A 79 0.12 9.67 6.73
C HIS A 79 -1.05 10.21 7.55
N GLN A 80 -1.73 9.32 8.27
CA GLN A 80 -2.87 9.70 9.10
C GLN A 80 -2.43 10.59 10.26
N ALA A 81 -1.13 10.81 10.37
CA ALA A 81 -0.57 11.63 11.44
C ALA A 81 -0.73 13.12 11.14
N LYS A 82 0.05 13.60 10.17
CA LYS A 82 0.02 15.01 9.79
C LYS A 82 -1.25 15.36 9.02
N GLU A 83 -1.88 14.35 8.42
CA GLU A 83 -3.09 14.57 7.65
C GLU A 83 -4.29 14.82 8.56
N ALA A 84 -4.42 14.02 9.60
CA ALA A 84 -5.51 14.15 10.54
C ALA A 84 -5.26 15.27 11.55
N ALA A 85 -4.06 15.27 12.12
CA ALA A 85 -3.68 16.29 13.10
C ALA A 85 -3.18 17.56 12.41
N GLN A 86 -3.82 17.92 11.31
CA GLN A 86 -3.44 19.11 10.57
C GLN A 86 -3.89 20.38 11.30
N LYS A 87 -2.92 21.13 11.81
CA LYS A 87 -3.21 22.37 12.54
C LYS A 87 -3.12 23.57 11.60
N ALA A 88 -1.90 23.87 11.15
CA ALA A 88 -1.68 25.00 10.25
C ALA A 88 -2.17 24.68 8.85
N VAL A 89 -2.61 23.44 8.64
CA VAL A 89 -3.12 23.01 7.35
C VAL A 89 -4.64 23.07 7.31
N ASN A 90 -5.18 23.41 6.15
CA ASN A 90 -6.63 23.50 5.98
C ASN A 90 -7.17 22.27 5.25
N SER A 91 -8.46 22.30 4.94
CA SER A 91 -9.11 21.19 4.25
C SER A 91 -9.18 21.45 2.74
N ALA A 92 -8.11 21.10 2.04
CA ALA A 92 -8.05 21.31 0.60
C ALA A 92 -8.59 20.09 -0.15
N THR A 93 -9.44 19.32 0.52
CA THR A 93 -10.04 18.13 -0.09
C THR A 93 -11.53 18.32 -0.32
N GLY A 94 -11.96 19.58 -0.39
CA GLY A 94 -13.36 19.88 -0.62
C GLY A 94 -13.72 19.92 -2.08
N VAL A 95 -13.25 20.95 -2.78
CA VAL A 95 -13.53 21.10 -4.20
C VAL A 95 -12.27 20.82 -5.03
N PRO A 96 -12.38 19.97 -6.07
CA PRO A 96 -11.25 19.63 -6.93
C PRO A 96 -10.69 20.85 -7.67
N THR A 97 -9.43 21.16 -7.39
CA THR A 97 -8.78 22.30 -8.03
C THR A 97 -7.98 21.86 -9.26
N VAL A 98 -8.47 20.82 -9.93
CA VAL A 98 -7.81 20.30 -11.13
C VAL A 98 -8.71 20.43 -12.36
N VAL B 1 1.21 18.60 -1.67
CA VAL B 1 2.61 18.15 -1.47
C VAL B 1 2.74 17.29 -0.21
N VAL B 2 2.58 15.98 -0.38
CA VAL B 2 2.68 15.06 0.75
C VAL B 2 4.10 14.53 0.90
N LYS B 3 4.56 14.45 2.14
CA LYS B 3 5.91 13.96 2.43
C LYS B 3 5.90 12.46 2.73
N SER B 4 6.29 11.66 1.74
CA SER B 4 6.32 10.22 1.90
C SER B 4 7.68 9.75 2.41
N ASN B 5 7.88 8.44 2.43
CA ASN B 5 9.14 7.86 2.91
C ASN B 5 9.87 7.13 1.78
N LEU B 6 9.46 5.91 1.51
CA LEU B 6 10.08 5.11 0.45
C LEU B 6 9.87 5.76 -0.92
N ASN B 7 8.66 5.61 -1.45
CA ASN B 7 8.33 6.20 -2.74
C ASN B 7 8.10 7.71 -2.61
N PRO B 8 8.79 8.52 -3.40
CA PRO B 8 8.63 9.97 -3.36
C PRO B 8 7.33 10.43 -4.01
N ASN B 9 6.61 9.48 -4.59
CA ASN B 9 5.34 9.78 -5.24
C ASN B 9 4.20 8.96 -4.65
N ALA B 10 4.04 9.04 -3.34
CA ALA B 10 2.98 8.31 -2.64
C ALA B 10 1.60 8.70 -3.16
N LYS B 11 1.10 7.97 -4.15
CA LYS B 11 -0.23 8.24 -4.70
C LYS B 11 -1.20 7.14 -4.32
N GLU B 12 -2.50 7.39 -4.51
CA GLU B 12 -3.52 6.40 -4.19
C GLU B 12 -3.44 5.22 -5.14
N PHE B 13 -4.10 4.12 -4.78
CA PHE B 13 -4.10 2.92 -5.61
C PHE B 13 -5.23 2.97 -6.63
N VAL B 14 -4.87 3.29 -7.87
CA VAL B 14 -5.86 3.35 -8.95
C VAL B 14 -5.62 2.20 -9.91
N PRO B 15 -6.31 1.06 -9.70
CA PRO B 15 -6.17 -0.14 -10.54
C PRO B 15 -6.40 0.14 -12.03
N GLY B 16 -6.59 -0.94 -12.79
CA GLY B 16 -6.80 -0.81 -14.21
C GLY B 16 -5.50 -0.73 -14.99
N VAL B 17 -4.63 0.19 -14.59
CA VAL B 17 -3.33 0.35 -15.24
C VAL B 17 -2.19 0.01 -14.29
N LYS B 18 -1.15 -0.61 -14.83
CA LYS B 18 0.01 -0.98 -14.02
C LYS B 18 0.67 0.26 -13.43
N TYR B 19 0.33 0.56 -12.16
CA TYR B 19 0.89 1.71 -11.48
C TYR B 19 2.39 1.56 -11.27
N GLY B 20 3.15 2.55 -11.72
CA GLY B 20 4.60 2.50 -11.59
C GLY B 20 5.26 1.73 -12.71
N ASN B 21 4.70 1.85 -13.91
CA ASN B 21 5.25 1.16 -15.07
C ASN B 21 6.10 2.10 -15.91
N ILE B 22 6.61 3.15 -15.28
CA ILE B 22 7.44 4.13 -15.98
C ILE B 22 8.79 4.29 -15.29
N GLY A 1 -15.26 3.61 -7.65
CA GLY A 1 -15.32 3.61 -6.17
C GLY A 1 -14.13 4.34 -5.56
N PRO A 2 -12.94 3.71 -5.53
CA PRO A 2 -12.73 2.35 -6.08
C PRO A 2 -13.33 1.27 -5.19
N LEU A 3 -13.72 0.15 -5.81
CA LEU A 3 -14.32 -0.96 -5.07
C LEU A 3 -13.27 -2.04 -4.80
N GLY A 4 -12.39 -1.77 -3.84
CA GLY A 4 -11.35 -2.73 -3.50
C GLY A 4 -11.68 -3.52 -2.25
N SER A 5 -11.68 -4.85 -2.37
CA SER A 5 -12.00 -5.71 -1.24
C SER A 5 -10.77 -5.92 -0.36
N PRO A 6 -10.95 -5.92 0.96
CA PRO A 6 -9.85 -6.10 1.92
C PRO A 6 -9.09 -7.40 1.67
N LEU A 7 -9.80 -8.42 1.19
CA LEU A 7 -9.20 -9.72 0.92
C LEU A 7 -8.50 -9.73 -0.44
N THR A 8 -7.23 -9.30 -0.44
CA THR A 8 -6.45 -9.24 -1.67
C THR A 8 -5.75 -10.58 -1.91
N ALA A 9 -5.41 -11.27 -0.83
CA ALA A 9 -4.80 -12.58 -0.93
C ALA A 9 -5.73 -13.52 -1.68
N SER A 10 -7.03 -13.36 -1.43
CA SER A 10 -8.05 -14.15 -2.11
C SER A 10 -8.15 -13.72 -3.57
N MET A 11 -7.96 -12.42 -3.82
CA MET A 11 -7.99 -11.91 -5.18
C MET A 11 -6.84 -12.50 -5.98
N LEU A 12 -5.70 -12.67 -5.31
CA LEU A 12 -4.52 -13.24 -5.96
C LEU A 12 -4.89 -14.55 -6.63
N ALA A 13 -5.51 -15.44 -5.87
CA ALA A 13 -5.95 -16.74 -6.38
C ALA A 13 -7.06 -16.56 -7.42
N SER A 14 -7.89 -15.55 -7.23
CA SER A 14 -9.02 -15.31 -8.13
C SER A 14 -8.72 -14.17 -9.12
N ALA A 15 -7.46 -14.02 -9.48
CA ALA A 15 -7.07 -12.99 -10.43
C ALA A 15 -5.89 -13.44 -11.29
N PRO A 16 -6.06 -13.50 -12.62
CA PRO A 16 -4.99 -13.91 -13.54
C PRO A 16 -3.77 -13.00 -13.44
N PRO A 17 -2.64 -13.39 -14.05
CA PRO A 17 -1.41 -12.59 -14.01
C PRO A 17 -1.62 -11.18 -14.59
N GLN A 18 -2.55 -11.06 -15.52
CA GLN A 18 -2.86 -9.78 -16.14
C GLN A 18 -3.63 -8.87 -15.18
N GLU A 19 -4.09 -9.45 -14.08
CA GLU A 19 -4.84 -8.70 -13.08
C GLU A 19 -3.90 -8.07 -12.06
N GLN A 20 -2.62 -8.09 -12.37
CA GLN A 20 -1.60 -7.56 -11.45
C GLN A 20 -1.98 -6.20 -10.89
N LYS A 21 -2.04 -5.18 -11.74
CA LYS A 21 -2.34 -3.83 -11.29
C LYS A 21 -3.67 -3.76 -10.55
N GLN A 22 -4.53 -4.77 -10.74
CA GLN A 22 -5.82 -4.78 -10.08
C GLN A 22 -5.68 -5.10 -8.60
N MET A 23 -5.48 -6.37 -8.29
CA MET A 23 -5.39 -6.82 -6.90
C MET A 23 -4.11 -6.35 -6.21
N LEU A 24 -3.10 -7.21 -6.19
CA LEU A 24 -1.86 -6.93 -5.49
C LEU A 24 -1.11 -5.71 -6.04
N GLY A 25 -1.64 -5.08 -7.07
CA GLY A 25 -0.90 -4.01 -7.70
C GLY A 25 0.34 -4.60 -8.33
N GLU A 26 1.50 -4.20 -7.83
CA GLU A 26 2.73 -4.87 -8.20
C GLU A 26 2.78 -6.19 -7.44
N ARG A 27 2.97 -6.08 -6.14
CA ARG A 27 2.99 -7.20 -5.21
C ARG A 27 2.72 -6.66 -3.81
N LEU A 28 2.29 -5.40 -3.77
CA LEU A 28 2.11 -4.65 -2.54
C LEU A 28 1.14 -5.31 -1.55
N PHE A 29 -0.15 -5.06 -1.75
CA PHE A 29 -1.21 -5.52 -0.84
C PHE A 29 -0.89 -6.86 -0.17
N PRO A 30 -0.52 -7.91 -0.93
CA PRO A 30 -0.25 -9.25 -0.37
C PRO A 30 0.81 -9.24 0.73
N LEU A 31 1.90 -8.49 0.53
CA LEU A 31 2.96 -8.47 1.55
C LEU A 31 2.49 -7.72 2.78
N ILE A 32 1.91 -6.55 2.55
CA ILE A 32 1.39 -5.76 3.64
C ILE A 32 0.12 -6.38 4.18
N GLN A 33 -0.44 -7.34 3.43
CA GLN A 33 -1.63 -8.05 3.89
C GLN A 33 -1.30 -8.80 5.16
N ALA A 34 -0.10 -9.37 5.17
CA ALA A 34 0.40 -10.02 6.37
C ALA A 34 0.63 -8.97 7.46
N MET A 35 0.95 -7.75 7.00
CA MET A 35 1.16 -6.61 7.90
C MET A 35 -0.07 -5.70 7.90
N HIS A 36 -1.23 -6.29 7.58
CA HIS A 36 -2.47 -5.54 7.49
C HIS A 36 -2.91 -4.92 8.82
N PRO A 37 -2.63 -5.56 9.99
CA PRO A 37 -3.01 -5.01 11.30
C PRO A 37 -2.89 -3.49 11.35
N THR A 38 -1.91 -2.97 10.60
CA THR A 38 -1.73 -1.53 10.49
C THR A 38 -2.76 -0.95 9.52
N LEU A 39 -2.41 -0.93 8.23
CA LEU A 39 -3.32 -0.43 7.21
C LEU A 39 -2.79 -0.72 5.80
N ALA A 40 -2.61 -2.01 5.49
CA ALA A 40 -2.11 -2.43 4.17
C ALA A 40 -2.89 -1.74 3.04
N GLY A 41 -4.17 -1.46 3.32
CA GLY A 41 -5.04 -0.84 2.33
C GLY A 41 -4.41 0.32 1.58
N LYS A 42 -4.09 1.39 2.29
CA LYS A 42 -3.53 2.59 1.65
C LYS A 42 -2.06 2.42 1.29
N ILE A 43 -1.33 1.62 2.06
CA ILE A 43 0.09 1.44 1.80
C ILE A 43 0.35 1.00 0.37
N THR A 44 -0.32 -0.07 -0.05
CA THR A 44 -0.15 -0.58 -1.41
C THR A 44 -0.25 0.56 -2.41
N GLY A 45 -1.25 1.40 -2.24
CA GLY A 45 -1.43 2.54 -3.13
C GLY A 45 -0.20 3.41 -3.24
N MET A 46 0.25 3.97 -2.12
CA MET A 46 1.41 4.85 -2.12
C MET A 46 2.63 4.16 -2.73
N LEU A 47 2.96 2.98 -2.22
CA LEU A 47 4.13 2.25 -2.69
C LEU A 47 3.84 1.51 -4.00
N LEU A 48 2.65 1.73 -4.57
CA LEU A 48 2.28 1.09 -5.83
C LEU A 48 3.16 1.58 -6.96
N GLU A 49 3.84 2.70 -6.74
CA GLU A 49 4.74 3.26 -7.76
C GLU A 49 6.05 2.48 -7.82
N ILE A 50 6.02 1.26 -7.29
CA ILE A 50 7.20 0.40 -7.30
C ILE A 50 7.33 -0.33 -8.63
N ASP A 51 8.53 -0.83 -8.92
CA ASP A 51 8.79 -1.52 -10.18
C ASP A 51 8.09 -2.87 -10.24
N ASN A 52 7.83 -3.35 -11.46
CA ASN A 52 7.19 -4.64 -11.66
C ASN A 52 8.22 -5.75 -11.59
N SER A 53 9.45 -5.45 -12.01
CA SER A 53 10.54 -6.41 -11.95
C SER A 53 10.99 -6.58 -10.51
N GLU A 54 10.91 -5.49 -9.75
CA GLU A 54 11.29 -5.50 -8.35
C GLU A 54 10.19 -6.12 -7.50
N LEU A 55 8.96 -6.08 -8.00
CA LEU A 55 7.84 -6.67 -7.27
C LEU A 55 8.07 -8.17 -7.10
N LEU A 56 8.45 -8.83 -8.19
CA LEU A 56 8.74 -10.26 -8.16
C LEU A 56 9.86 -10.54 -7.16
N HIS A 57 10.86 -9.66 -7.13
CA HIS A 57 11.98 -9.80 -6.21
C HIS A 57 11.48 -9.77 -4.77
N MET A 58 10.52 -8.89 -4.50
CA MET A 58 9.95 -8.78 -3.16
C MET A 58 9.26 -10.07 -2.77
N LEU A 59 8.55 -10.67 -3.71
CA LEU A 59 7.87 -11.93 -3.49
C LEU A 59 8.86 -13.06 -3.27
N GLU A 60 10.10 -12.83 -3.71
CA GLU A 60 11.14 -13.85 -3.59
C GLU A 60 12.12 -13.50 -2.46
N SER A 61 11.98 -12.31 -1.89
CA SER A 61 12.87 -11.87 -0.82
C SER A 61 12.08 -11.52 0.43
N PRO A 62 11.79 -12.50 1.30
CA PRO A 62 11.06 -12.26 2.54
C PRO A 62 11.79 -11.30 3.47
N GLU A 63 13.12 -11.31 3.38
CA GLU A 63 13.95 -10.44 4.20
C GLU A 63 13.98 -9.01 3.65
N SER A 64 14.28 -8.88 2.37
CA SER A 64 14.36 -7.57 1.72
C SER A 64 12.99 -6.90 1.61
N LEU A 65 12.03 -7.64 1.07
CA LEU A 65 10.68 -7.13 0.87
C LEU A 65 10.07 -6.65 2.19
N ARG A 66 9.94 -7.55 3.16
CA ARG A 66 9.34 -7.20 4.43
C ARG A 66 10.01 -5.95 5.01
N SER A 67 11.29 -5.78 4.71
CA SER A 67 12.04 -4.63 5.17
C SER A 67 11.51 -3.35 4.50
N LYS A 68 11.14 -3.47 3.23
CA LYS A 68 10.59 -2.34 2.48
C LYS A 68 9.26 -1.94 3.07
N VAL A 69 8.32 -2.88 3.06
CA VAL A 69 6.99 -2.63 3.60
C VAL A 69 7.06 -2.30 5.08
N ASP A 70 8.16 -2.67 5.71
CA ASP A 70 8.36 -2.33 7.13
C ASP A 70 8.27 -0.82 7.28
N GLU A 71 8.97 -0.09 6.43
CA GLU A 71 8.91 1.35 6.42
C GLU A 71 7.53 1.80 5.94
N ALA A 72 6.92 0.96 5.10
CA ALA A 72 5.59 1.24 4.58
C ALA A 72 4.59 1.35 5.73
N VAL A 73 4.71 0.46 6.70
CA VAL A 73 3.87 0.51 7.89
C VAL A 73 4.09 1.82 8.62
N ALA A 74 5.30 2.33 8.52
CA ALA A 74 5.64 3.60 9.14
C ALA A 74 5.02 4.77 8.39
N VAL A 75 4.86 4.64 7.08
CA VAL A 75 4.25 5.70 6.27
C VAL A 75 2.82 5.95 6.75
N LEU A 76 2.18 4.91 7.26
CA LEU A 76 0.82 5.03 7.80
C LEU A 76 0.84 5.91 9.03
N GLN A 77 1.66 5.51 10.00
CA GLN A 77 1.80 6.24 11.25
C GLN A 77 2.06 7.72 10.98
N ALA A 78 2.82 7.99 9.93
CA ALA A 78 3.13 9.36 9.54
C ALA A 78 1.99 9.96 8.72
N HIS A 79 1.25 9.10 8.03
CA HIS A 79 0.13 9.54 7.19
C HIS A 79 -1.07 9.93 8.04
N GLN A 80 -1.13 9.41 9.26
CA GLN A 80 -2.24 9.70 10.16
C GLN A 80 -2.15 11.11 10.71
N ALA A 81 -1.18 11.87 10.21
CA ALA A 81 -0.99 13.24 10.67
C ALA A 81 -1.95 14.21 9.99
N LYS A 82 -1.67 14.55 8.73
CA LYS A 82 -2.49 15.48 7.97
C LYS A 82 -3.73 14.80 7.41
N GLU A 83 -3.66 13.50 7.21
CA GLU A 83 -4.78 12.74 6.65
C GLU A 83 -5.89 12.56 7.67
N ALA A 84 -5.52 12.47 8.94
CA ALA A 84 -6.50 12.28 10.01
C ALA A 84 -7.34 13.54 10.21
N ALA A 85 -7.01 14.60 9.47
CA ALA A 85 -7.73 15.85 9.58
C ALA A 85 -9.14 15.73 9.00
N GLN A 86 -9.36 14.68 8.21
CA GLN A 86 -10.66 14.44 7.60
C GLN A 86 -11.65 13.87 8.61
N LYS A 87 -11.39 12.65 9.06
CA LYS A 87 -12.24 11.99 10.05
C LYS A 87 -11.99 12.55 11.45
N ALA A 88 -12.70 13.61 11.79
CA ALA A 88 -12.55 14.24 13.10
C ALA A 88 -13.37 13.51 14.16
N VAL A 89 -14.14 12.52 13.73
CA VAL A 89 -14.96 11.74 14.65
C VAL A 89 -14.13 10.69 15.38
N ASN A 90 -13.69 11.03 16.59
CA ASN A 90 -12.88 10.13 17.39
C ASN A 90 -13.70 9.51 18.51
N SER A 91 -13.86 8.19 18.46
CA SER A 91 -14.62 7.46 19.49
C SER A 91 -13.70 7.07 20.66
N ALA A 92 -13.12 8.07 21.30
CA ALA A 92 -12.22 7.83 22.43
C ALA A 92 -12.96 7.15 23.58
N THR A 93 -12.72 5.86 23.75
CA THR A 93 -13.36 5.09 24.81
C THR A 93 -12.42 4.94 26.01
N GLY A 94 -11.12 5.03 25.75
CA GLY A 94 -10.14 4.90 26.81
C GLY A 94 -9.74 6.25 27.39
N VAL A 95 -8.46 6.58 27.26
CA VAL A 95 -7.95 7.85 27.78
C VAL A 95 -7.66 8.83 26.64
N PRO A 96 -8.06 10.11 26.79
CA PRO A 96 -7.83 11.13 25.77
C PRO A 96 -6.37 11.52 25.64
N THR A 97 -6.11 12.72 25.15
CA THR A 97 -4.74 13.21 24.98
C THR A 97 -4.17 13.67 26.30
N VAL A 98 -4.70 14.76 26.84
CA VAL A 98 -4.23 15.30 28.12
C VAL A 98 -5.29 15.14 29.20
N VAL B 1 4.00 19.49 -1.28
CA VAL B 1 5.23 19.38 -0.46
C VAL B 1 5.13 18.22 0.53
N VAL B 2 4.29 17.25 0.20
CA VAL B 2 4.10 16.08 1.04
C VAL B 2 5.08 14.97 0.67
N LYS B 3 6.23 14.96 1.34
CA LYS B 3 7.26 13.96 1.06
C LYS B 3 6.96 12.66 1.80
N SER B 4 7.15 11.54 1.10
CA SER B 4 6.90 10.23 1.69
C SER B 4 8.19 9.64 2.28
N ASN B 5 8.16 8.35 2.57
CA ASN B 5 9.32 7.66 3.14
C ASN B 5 9.99 6.77 2.10
N LEU B 6 9.42 5.58 1.91
CA LEU B 6 9.96 4.63 0.93
C LEU B 6 9.89 5.19 -0.48
N ASN B 7 8.71 5.10 -1.10
CA ASN B 7 8.52 5.62 -2.44
C ASN B 7 8.32 7.13 -2.40
N PRO B 8 9.06 7.88 -3.24
CA PRO B 8 8.95 9.34 -3.29
C PRO B 8 7.72 9.78 -4.08
N ASN B 9 6.94 8.81 -4.55
CA ASN B 9 5.74 9.10 -5.33
C ASN B 9 4.52 8.43 -4.68
N ALA B 10 4.39 8.59 -3.37
CA ALA B 10 3.27 8.02 -2.63
C ALA B 10 1.94 8.55 -3.14
N LYS B 11 1.30 7.81 -4.04
CA LYS B 11 0.00 8.19 -4.58
C LYS B 11 -1.04 7.11 -4.31
N GLU B 12 -2.31 7.42 -4.58
CA GLU B 12 -3.39 6.47 -4.35
C GLU B 12 -3.29 5.29 -5.32
N PHE B 13 -3.99 4.20 -5.01
CA PHE B 13 -3.98 3.02 -5.86
C PHE B 13 -5.11 3.04 -6.87
N VAL B 14 -4.74 3.17 -8.14
CA VAL B 14 -5.72 3.19 -9.23
C VAL B 14 -5.58 1.93 -10.10
N PRO B 15 -6.33 0.86 -9.77
CA PRO B 15 -6.28 -0.40 -10.50
C PRO B 15 -6.53 -0.23 -11.99
N GLY B 16 -6.59 -1.36 -12.70
CA GLY B 16 -6.83 -1.33 -14.13
C GLY B 16 -5.55 -1.13 -14.93
N VAL B 17 -4.77 -0.12 -14.56
CA VAL B 17 -3.51 0.15 -15.26
C VAL B 17 -2.32 -0.05 -14.34
N LYS B 18 -1.24 -0.60 -14.91
CA LYS B 18 -0.02 -0.86 -14.14
C LYS B 18 0.57 0.44 -13.61
N TYR B 19 0.33 0.72 -12.33
CA TYR B 19 0.84 1.93 -11.70
C TYR B 19 2.33 1.81 -11.40
N GLY B 20 3.12 2.71 -11.98
CA GLY B 20 4.56 2.68 -11.76
C GLY B 20 5.23 1.54 -12.49
N ASN B 21 5.58 1.76 -13.76
CA ASN B 21 6.23 0.74 -14.56
C ASN B 21 7.75 0.80 -14.40
N ILE B 22 8.39 1.57 -15.27
CA ILE B 22 9.83 1.71 -15.23
C ILE B 22 10.25 3.06 -14.65
N GLY A 1 -9.97 -10.00 14.64
CA GLY A 1 -10.33 -11.37 15.09
C GLY A 1 -9.35 -12.42 14.59
N PRO A 2 -9.23 -13.55 15.31
CA PRO A 2 -8.33 -14.63 14.93
C PRO A 2 -8.64 -15.20 13.55
N LEU A 3 -9.90 -15.04 13.13
CA LEU A 3 -10.33 -15.53 11.83
C LEU A 3 -9.71 -14.72 10.71
N GLY A 4 -8.69 -15.28 10.06
CA GLY A 4 -8.02 -14.58 8.98
C GLY A 4 -8.68 -14.85 7.63
N SER A 5 -9.56 -13.93 7.23
CA SER A 5 -10.27 -14.07 5.95
C SER A 5 -9.45 -13.46 4.81
N PRO A 6 -8.92 -14.31 3.90
CA PRO A 6 -8.12 -13.84 2.76
C PRO A 6 -8.88 -12.84 1.89
N LEU A 7 -8.34 -11.63 1.80
CA LEU A 7 -8.97 -10.58 1.00
C LEU A 7 -8.34 -10.50 -0.39
N THR A 8 -7.09 -10.03 -0.44
CA THR A 8 -6.37 -9.90 -1.69
C THR A 8 -5.65 -11.20 -2.03
N ALA A 9 -5.28 -11.96 -1.00
CA ALA A 9 -4.65 -13.26 -1.21
C ALA A 9 -5.57 -14.16 -1.99
N SER A 10 -6.86 -14.06 -1.71
CA SER A 10 -7.87 -14.81 -2.43
C SER A 10 -8.02 -14.25 -3.84
N MET A 11 -7.85 -12.93 -3.96
CA MET A 11 -7.91 -12.30 -5.27
C MET A 11 -6.76 -12.80 -6.14
N LEU A 12 -5.63 -13.07 -5.49
CA LEU A 12 -4.46 -13.59 -6.18
C LEU A 12 -4.83 -14.83 -6.99
N ALA A 13 -5.43 -15.79 -6.31
CA ALA A 13 -5.87 -17.02 -6.94
C ALA A 13 -7.01 -16.76 -7.93
N SER A 14 -7.76 -15.68 -7.69
CA SER A 14 -8.90 -15.34 -8.53
C SER A 14 -8.57 -14.22 -9.52
N ALA A 15 -7.27 -13.93 -9.68
CA ALA A 15 -6.86 -12.88 -10.60
C ALA A 15 -5.67 -13.32 -11.46
N PRO A 16 -5.86 -13.38 -12.80
CA PRO A 16 -4.80 -13.79 -13.72
C PRO A 16 -3.53 -12.93 -13.57
N PRO A 17 -2.41 -13.36 -14.17
CA PRO A 17 -1.15 -12.60 -14.09
C PRO A 17 -1.30 -11.16 -14.54
N GLN A 18 -2.12 -10.95 -15.57
CA GLN A 18 -2.36 -9.61 -16.09
C GLN A 18 -3.21 -8.79 -15.14
N GLU A 19 -3.90 -9.48 -14.23
CA GLU A 19 -4.75 -8.82 -13.25
C GLU A 19 -3.95 -8.38 -12.03
N GLN A 20 -2.62 -8.35 -12.18
CA GLN A 20 -1.74 -7.94 -11.09
C GLN A 20 -2.04 -6.51 -10.67
N LYS A 21 -2.11 -5.61 -11.65
CA LYS A 21 -2.40 -4.21 -11.38
C LYS A 21 -3.71 -4.04 -10.63
N GLN A 22 -4.58 -5.04 -10.73
CA GLN A 22 -5.86 -5.00 -10.04
C GLN A 22 -5.71 -5.22 -8.54
N MET A 23 -5.58 -6.48 -8.16
CA MET A 23 -5.52 -6.87 -6.75
C MET A 23 -4.21 -6.43 -6.07
N LEU A 24 -3.24 -7.35 -6.03
CA LEU A 24 -1.98 -7.14 -5.34
C LEU A 24 -1.19 -5.93 -5.84
N GLY A 25 -1.72 -5.21 -6.82
CA GLY A 25 -0.94 -4.14 -7.40
C GLY A 25 0.25 -4.74 -8.09
N GLU A 26 1.43 -4.40 -7.61
CA GLU A 26 2.62 -5.10 -8.05
C GLU A 26 2.65 -6.46 -7.34
N ARG A 27 2.87 -6.39 -6.04
CA ARG A 27 2.83 -7.55 -5.14
C ARG A 27 2.63 -7.03 -3.73
N LEU A 28 2.36 -5.73 -3.65
CA LEU A 28 2.27 -5.01 -2.38
C LEU A 28 1.21 -5.56 -1.43
N PHE A 29 -0.06 -5.38 -1.80
CA PHE A 29 -1.18 -5.78 -0.94
C PHE A 29 -0.94 -7.11 -0.20
N PRO A 30 -0.50 -8.18 -0.89
CA PRO A 30 -0.27 -9.49 -0.26
C PRO A 30 0.75 -9.45 0.87
N LEU A 31 1.87 -8.74 0.67
CA LEU A 31 2.91 -8.67 1.69
C LEU A 31 2.44 -7.84 2.86
N ILE A 32 1.86 -6.69 2.56
CA ILE A 32 1.35 -5.82 3.62
C ILE A 32 0.05 -6.39 4.16
N GLN A 33 -0.51 -7.38 3.47
CA GLN A 33 -1.71 -8.04 3.94
C GLN A 33 -1.40 -8.73 5.26
N ALA A 34 -0.20 -9.30 5.33
CA ALA A 34 0.27 -9.89 6.57
C ALA A 34 0.52 -8.78 7.58
N MET A 35 0.91 -7.62 7.07
CA MET A 35 1.14 -6.44 7.91
C MET A 35 -0.05 -5.49 7.84
N HIS A 36 -1.23 -6.07 7.59
CA HIS A 36 -2.46 -5.29 7.46
C HIS A 36 -2.88 -4.58 8.75
N PRO A 37 -2.60 -5.16 9.95
CA PRO A 37 -2.97 -4.52 11.22
C PRO A 37 -2.85 -3.00 11.19
N THR A 38 -1.89 -2.51 10.41
CA THR A 38 -1.71 -1.08 10.23
C THR A 38 -2.73 -0.53 9.24
N LEU A 39 -2.44 -0.66 7.95
CA LEU A 39 -3.35 -0.20 6.91
C LEU A 39 -2.88 -0.65 5.52
N ALA A 40 -2.63 -1.96 5.37
CA ALA A 40 -2.16 -2.54 4.12
C ALA A 40 -2.84 -1.88 2.90
N GLY A 41 -4.14 -1.66 3.01
CA GLY A 41 -4.88 -1.07 1.92
C GLY A 41 -4.29 0.23 1.40
N LYS A 42 -3.99 1.16 2.31
CA LYS A 42 -3.44 2.44 1.90
C LYS A 42 -1.97 2.34 1.53
N ILE A 43 -1.23 1.51 2.26
CA ILE A 43 0.20 1.32 1.99
C ILE A 43 0.43 0.97 0.53
N THR A 44 -0.10 -0.16 0.11
CA THR A 44 0.02 -0.61 -1.26
C THR A 44 -0.34 0.52 -2.21
N GLY A 45 -1.43 1.21 -1.90
CA GLY A 45 -1.89 2.32 -2.72
C GLY A 45 -0.78 3.29 -3.08
N MET A 46 -0.26 4.01 -2.09
CA MET A 46 0.77 5.01 -2.32
C MET A 46 1.98 4.41 -3.05
N LEU A 47 2.57 3.38 -2.47
CA LEU A 47 3.74 2.76 -3.05
C LEU A 47 3.40 1.82 -4.20
N LEU A 48 2.18 1.95 -4.73
CA LEU A 48 1.77 1.14 -5.88
C LEU A 48 2.59 1.52 -7.10
N GLU A 49 3.21 2.69 -7.04
CA GLU A 49 4.04 3.18 -8.14
C GLU A 49 5.37 2.44 -8.20
N ILE A 50 5.43 1.26 -7.58
CA ILE A 50 6.65 0.46 -7.56
C ILE A 50 6.78 -0.37 -8.84
N ASP A 51 7.99 -0.86 -9.10
CA ASP A 51 8.27 -1.63 -10.30
C ASP A 51 7.64 -3.01 -10.26
N ASN A 52 7.39 -3.58 -11.44
CA ASN A 52 6.86 -4.93 -11.55
C ASN A 52 8.01 -5.94 -11.45
N SER A 53 9.19 -5.50 -11.83
CA SER A 53 10.38 -6.33 -11.74
C SER A 53 10.83 -6.43 -10.28
N GLU A 54 10.61 -5.35 -9.54
CA GLU A 54 10.97 -5.29 -8.14
C GLU A 54 9.96 -6.09 -7.31
N LEU A 55 8.73 -6.18 -7.81
CA LEU A 55 7.68 -6.92 -7.11
C LEU A 55 8.08 -8.38 -6.98
N LEU A 56 8.56 -8.95 -8.08
CA LEU A 56 9.00 -10.34 -8.09
C LEU A 56 10.09 -10.57 -7.05
N HIS A 57 11.09 -9.69 -7.05
CA HIS A 57 12.19 -9.79 -6.11
C HIS A 57 11.69 -9.77 -4.67
N MET A 58 10.69 -8.92 -4.41
CA MET A 58 10.11 -8.83 -3.08
C MET A 58 9.42 -10.14 -2.70
N LEU A 59 8.73 -10.72 -3.67
CA LEU A 59 8.03 -11.98 -3.47
C LEU A 59 9.02 -13.12 -3.29
N GLU A 60 10.27 -12.88 -3.66
CA GLU A 60 11.31 -13.91 -3.55
C GLU A 60 12.26 -13.61 -2.39
N SER A 61 12.13 -12.42 -1.81
CA SER A 61 12.99 -12.01 -0.70
C SER A 61 12.15 -11.64 0.52
N PRO A 62 11.78 -12.62 1.36
CA PRO A 62 10.98 -12.37 2.56
C PRO A 62 11.69 -11.45 3.54
N GLU A 63 13.02 -11.55 3.58
CA GLU A 63 13.82 -10.73 4.50
C GLU A 63 14.00 -9.31 3.96
N SER A 64 14.33 -9.19 2.67
CA SER A 64 14.56 -7.89 2.06
C SER A 64 13.24 -7.12 1.91
N LEU A 65 12.23 -7.79 1.38
CA LEU A 65 10.93 -7.17 1.16
C LEU A 65 10.33 -6.63 2.45
N ARG A 66 10.15 -7.51 3.43
CA ARG A 66 9.54 -7.12 4.70
C ARG A 66 10.21 -5.89 5.29
N SER A 67 11.53 -5.78 5.08
CA SER A 67 12.27 -4.62 5.55
C SER A 67 11.77 -3.35 4.88
N LYS A 68 11.51 -3.45 3.58
CA LYS A 68 11.01 -2.33 2.81
C LYS A 68 9.60 -1.95 3.26
N VAL A 69 8.69 -2.91 3.19
CA VAL A 69 7.31 -2.67 3.60
C VAL A 69 7.23 -2.33 5.09
N ASP A 70 8.28 -2.67 5.83
CA ASP A 70 8.34 -2.33 7.24
C ASP A 70 8.19 -0.82 7.39
N GLU A 71 8.99 -0.10 6.60
CA GLU A 71 8.90 1.36 6.58
C GLU A 71 7.59 1.79 5.96
N ALA A 72 7.03 0.92 5.10
CA ALA A 72 5.76 1.21 4.44
C ALA A 72 4.65 1.38 5.45
N VAL A 73 4.54 0.44 6.40
CA VAL A 73 3.53 0.56 7.45
C VAL A 73 3.74 1.86 8.22
N ALA A 74 5.01 2.28 8.28
CA ALA A 74 5.37 3.51 8.96
C ALA A 74 4.85 4.73 8.22
N VAL A 75 4.88 4.69 6.89
CA VAL A 75 4.37 5.80 6.08
C VAL A 75 2.91 6.06 6.43
N LEU A 76 2.22 5.00 6.85
CA LEU A 76 0.84 5.11 7.28
C LEU A 76 0.76 5.82 8.61
N GLN A 77 1.56 5.33 9.55
CA GLN A 77 1.63 5.92 10.88
C GLN A 77 1.86 7.43 10.76
N ALA A 78 2.58 7.82 9.71
CA ALA A 78 2.83 9.22 9.42
C ALA A 78 1.63 9.86 8.72
N HIS A 79 0.91 9.05 7.95
CA HIS A 79 -0.28 9.53 7.24
C HIS A 79 -1.30 10.09 8.21
N GLN A 80 -1.19 9.69 9.48
CA GLN A 80 -2.12 10.14 10.51
C GLN A 80 -1.87 11.61 10.87
N ALA A 81 -0.98 12.26 10.14
CA ALA A 81 -0.66 13.66 10.39
C ALA A 81 -1.72 14.58 9.80
N LYS A 82 -1.76 14.66 8.47
CA LYS A 82 -2.71 15.53 7.78
C LYS A 82 -4.09 14.88 7.69
N GLU A 83 -4.14 13.56 7.82
CA GLU A 83 -5.40 12.83 7.72
C GLU A 83 -6.24 13.02 8.98
N ALA A 84 -5.57 13.10 10.13
CA ALA A 84 -6.26 13.26 11.40
C ALA A 84 -6.82 14.67 11.56
N ALA A 85 -6.75 15.46 10.49
CA ALA A 85 -7.25 16.83 10.51
C ALA A 85 -8.77 16.85 10.73
N GLN A 86 -9.44 15.83 10.22
CA GLN A 86 -10.89 15.72 10.35
C GLN A 86 -11.27 15.19 11.73
N LYS A 87 -12.58 15.18 12.01
CA LYS A 87 -13.07 14.69 13.29
C LYS A 87 -13.43 13.21 13.21
N ALA A 88 -13.27 12.63 12.02
CA ALA A 88 -13.57 11.23 11.81
C ALA A 88 -12.36 10.35 12.09
N VAL A 89 -11.47 10.84 12.95
CA VAL A 89 -10.26 10.10 13.30
C VAL A 89 -10.45 9.32 14.60
N ASN A 90 -11.69 9.29 15.09
CA ASN A 90 -12.01 8.58 16.32
C ASN A 90 -12.40 7.14 16.03
N SER A 91 -11.57 6.45 15.25
CA SER A 91 -11.83 5.05 14.90
C SER A 91 -11.35 4.12 16.00
N ALA A 92 -11.67 2.84 15.86
CA ALA A 92 -11.27 1.83 16.84
C ALA A 92 -9.81 1.44 16.65
N THR A 93 -8.92 2.16 17.33
CA THR A 93 -7.48 1.89 17.22
C THR A 93 -6.91 1.49 18.58
N GLY A 94 -6.52 0.22 18.70
CA GLY A 94 -5.95 -0.27 19.94
C GLY A 94 -4.45 -0.11 19.98
N VAL A 95 -3.89 0.48 18.93
CA VAL A 95 -2.44 0.69 18.84
C VAL A 95 -2.05 2.04 19.45
N PRO A 96 -1.00 2.07 20.30
CA PRO A 96 -0.21 0.89 20.66
C PRO A 96 -0.91 0.00 21.69
N THR A 97 -1.14 0.55 22.88
CA THR A 97 -1.79 -0.19 23.96
C THR A 97 -3.20 0.33 24.20
N VAL A 98 -3.46 1.57 23.78
CA VAL A 98 -4.77 2.18 23.96
C VAL A 98 -5.47 2.36 22.61
N VAL B 1 0.56 14.90 -3.71
CA VAL B 1 0.16 14.24 -2.44
C VAL B 1 1.23 14.42 -1.37
N VAL B 2 1.20 13.55 -0.36
CA VAL B 2 2.17 13.62 0.73
C VAL B 2 3.50 13.01 0.31
N LYS B 3 4.59 13.52 0.87
CA LYS B 3 5.93 13.03 0.56
C LYS B 3 6.31 11.88 1.48
N SER B 4 6.53 10.71 0.88
CA SER B 4 6.92 9.53 1.64
C SER B 4 8.43 9.47 1.83
N ASN B 5 8.91 8.38 2.43
CA ASN B 5 10.35 8.22 2.67
C ASN B 5 10.96 7.24 1.68
N LEU B 6 10.27 6.13 1.44
CA LEU B 6 10.74 5.11 0.52
C LEU B 6 10.45 5.51 -0.93
N ASN B 7 9.21 5.27 -1.37
CA ASN B 7 8.80 5.61 -2.73
C ASN B 7 8.43 7.08 -2.81
N PRO B 8 9.09 7.84 -3.72
CA PRO B 8 8.80 9.26 -3.90
C PRO B 8 7.55 9.48 -4.73
N ASN B 9 6.81 8.40 -4.98
CA ASN B 9 5.59 8.49 -5.78
C ASN B 9 4.39 7.94 -4.99
N ALA B 10 4.40 8.17 -3.68
CA ALA B 10 3.33 7.69 -2.82
C ALA B 10 1.98 8.26 -3.23
N LYS B 11 1.28 7.56 -4.12
CA LYS B 11 -0.04 7.96 -4.59
C LYS B 11 -1.03 6.81 -4.45
N GLU B 12 -2.25 7.12 -4.00
CA GLU B 12 -3.27 6.10 -3.77
C GLU B 12 -3.40 5.11 -4.93
N PHE B 13 -4.04 3.97 -4.65
CA PHE B 13 -4.25 2.93 -5.66
C PHE B 13 -5.52 3.20 -6.43
N VAL B 14 -5.42 4.08 -7.43
CA VAL B 14 -6.58 4.50 -8.20
C VAL B 14 -6.48 4.13 -9.70
N PRO B 15 -5.30 4.33 -10.33
CA PRO B 15 -5.13 4.03 -11.76
C PRO B 15 -5.72 2.69 -12.17
N GLY B 16 -5.54 1.70 -11.31
CA GLY B 16 -6.04 0.36 -11.59
C GLY B 16 -5.16 -0.38 -12.58
N VAL B 17 -4.39 0.38 -13.37
CA VAL B 17 -3.49 -0.21 -14.34
C VAL B 17 -2.08 -0.35 -13.76
N LYS B 18 -1.13 -0.79 -14.57
CA LYS B 18 0.24 -0.97 -14.11
C LYS B 18 0.82 0.35 -13.63
N TYR B 19 0.73 0.59 -12.33
CA TYR B 19 1.24 1.82 -11.74
C TYR B 19 2.73 1.69 -11.42
N GLY B 20 3.54 2.54 -12.07
CA GLY B 20 4.97 2.51 -11.84
C GLY B 20 5.65 1.39 -12.61
N ASN B 21 5.32 1.28 -13.89
CA ASN B 21 5.90 0.25 -14.74
C ASN B 21 7.10 0.79 -15.51
N ILE B 22 7.41 2.06 -15.29
CA ILE B 22 8.54 2.70 -15.96
C ILE B 22 9.49 3.33 -14.95
N GLY A 1 -18.54 -8.64 6.01
CA GLY A 1 -17.24 -8.62 6.71
C GLY A 1 -17.09 -7.43 7.63
N PRO A 2 -16.63 -7.63 8.88
CA PRO A 2 -16.45 -6.55 9.85
C PRO A 2 -15.23 -5.67 9.53
N LEU A 3 -14.31 -6.22 8.75
CA LEU A 3 -13.10 -5.50 8.37
C LEU A 3 -13.37 -4.57 7.19
N GLY A 4 -12.32 -3.84 6.77
CA GLY A 4 -12.46 -2.93 5.66
C GLY A 4 -12.14 -3.58 4.32
N SER A 5 -10.86 -3.91 4.13
CA SER A 5 -10.41 -4.54 2.89
C SER A 5 -10.46 -6.06 3.01
N PRO A 6 -11.00 -6.74 2.00
CA PRO A 6 -11.11 -8.21 1.99
C PRO A 6 -9.75 -8.88 1.85
N LEU A 7 -9.76 -10.18 1.57
CA LEU A 7 -8.53 -10.94 1.39
C LEU A 7 -7.96 -10.75 -0.01
N THR A 8 -6.71 -10.27 -0.09
CA THR A 8 -6.07 -10.05 -1.38
C THR A 8 -5.37 -11.32 -1.84
N ALA A 9 -4.94 -12.14 -0.90
CA ALA A 9 -4.33 -13.42 -1.23
C ALA A 9 -5.32 -14.27 -2.03
N SER A 10 -6.59 -14.18 -1.62
CA SER A 10 -7.65 -14.88 -2.32
C SER A 10 -7.88 -14.23 -3.68
N MET A 11 -7.66 -12.92 -3.74
CA MET A 11 -7.79 -12.19 -4.99
C MET A 11 -6.74 -12.67 -5.98
N LEU A 12 -5.57 -13.02 -5.45
CA LEU A 12 -4.47 -13.52 -6.28
C LEU A 12 -4.94 -14.73 -7.09
N ALA A 13 -5.56 -15.68 -6.40
CA ALA A 13 -6.08 -16.87 -7.06
C ALA A 13 -7.23 -16.51 -8.00
N SER A 14 -7.97 -15.48 -7.63
CA SER A 14 -9.10 -15.02 -8.45
C SER A 14 -8.71 -13.78 -9.25
N ALA A 15 -7.54 -13.83 -9.88
CA ALA A 15 -7.04 -12.70 -10.64
C ALA A 15 -6.54 -13.08 -12.05
N PRO A 16 -5.84 -14.23 -12.23
CA PRO A 16 -5.32 -14.63 -13.53
C PRO A 16 -6.37 -14.47 -14.63
N PRO A 17 -5.97 -14.02 -15.85
CA PRO A 17 -4.57 -13.72 -16.21
C PRO A 17 -3.99 -12.48 -15.52
N GLN A 18 -3.20 -11.71 -16.29
CA GLN A 18 -2.51 -10.53 -15.78
C GLN A 18 -3.44 -9.55 -15.07
N GLU A 19 -3.81 -9.87 -13.85
CA GLU A 19 -4.63 -9.00 -13.02
C GLU A 19 -3.78 -8.36 -11.93
N GLN A 20 -2.46 -8.48 -12.08
CA GLN A 20 -1.50 -7.97 -11.09
C GLN A 20 -1.86 -6.57 -10.64
N LYS A 21 -1.97 -5.65 -11.59
CA LYS A 21 -2.27 -4.25 -11.29
C LYS A 21 -3.56 -4.13 -10.49
N GLN A 22 -4.44 -5.12 -10.61
CA GLN A 22 -5.71 -5.10 -9.88
C GLN A 22 -5.52 -5.40 -8.40
N MET A 23 -5.34 -6.69 -8.09
CA MET A 23 -5.23 -7.13 -6.69
C MET A 23 -3.93 -6.68 -6.02
N LEU A 24 -2.94 -7.56 -6.00
CA LEU A 24 -1.68 -7.30 -5.31
C LEU A 24 -0.96 -6.04 -5.78
N GLY A 25 -1.54 -5.33 -6.74
CA GLY A 25 -0.85 -4.19 -7.29
C GLY A 25 0.39 -4.69 -8.01
N GLU A 26 1.55 -4.29 -7.53
CA GLU A 26 2.77 -4.92 -7.97
C GLU A 26 2.85 -6.27 -7.28
N ARG A 27 3.05 -6.20 -5.97
CA ARG A 27 3.05 -7.36 -5.09
C ARG A 27 2.82 -6.86 -3.67
N LEU A 28 2.50 -5.57 -3.57
CA LEU A 28 2.39 -4.87 -2.30
C LEU A 28 1.35 -5.47 -1.36
N PHE A 29 0.07 -5.23 -1.67
CA PHE A 29 -1.03 -5.66 -0.80
C PHE A 29 -0.79 -7.01 -0.11
N PRO A 30 -0.39 -8.07 -0.84
CA PRO A 30 -0.18 -9.39 -0.24
C PRO A 30 0.86 -9.39 0.88
N LEU A 31 1.97 -8.67 0.67
CA LEU A 31 3.02 -8.63 1.69
C LEU A 31 2.56 -7.82 2.89
N ILE A 32 1.96 -6.67 2.62
CA ILE A 32 1.42 -5.84 3.70
C ILE A 32 0.19 -6.49 4.29
N GLN A 33 -0.39 -7.43 3.55
CA GLN A 33 -1.54 -8.18 4.05
C GLN A 33 -1.12 -8.97 5.28
N ALA A 34 0.14 -9.40 5.27
CA ALA A 34 0.71 -10.07 6.43
C ALA A 34 0.92 -9.05 7.54
N MET A 35 1.16 -7.81 7.12
CA MET A 35 1.32 -6.69 8.04
C MET A 35 0.03 -5.89 8.12
N HIS A 36 -1.07 -6.54 7.71
CA HIS A 36 -2.38 -5.90 7.70
C HIS A 36 -2.85 -5.52 9.10
N PRO A 37 -2.53 -6.32 10.16
CA PRO A 37 -2.90 -5.97 11.53
C PRO A 37 -2.68 -4.48 11.79
N THR A 38 -1.75 -3.91 11.05
CA THR A 38 -1.48 -2.48 11.12
C THR A 38 -2.55 -1.72 10.35
N LEU A 39 -2.40 -1.65 9.02
CA LEU A 39 -3.38 -0.97 8.19
C LEU A 39 -3.13 -1.18 6.70
N ALA A 40 -3.00 -2.44 6.26
CA ALA A 40 -2.83 -2.72 4.83
C ALA A 40 -4.01 -2.14 4.07
N GLY A 41 -3.75 -1.74 2.82
CA GLY A 41 -4.79 -1.14 2.01
C GLY A 41 -4.32 0.12 1.31
N LYS A 42 -4.17 1.20 2.08
CA LYS A 42 -3.73 2.47 1.52
C LYS A 42 -2.22 2.46 1.28
N ILE A 43 -1.50 1.68 2.07
CA ILE A 43 -0.05 1.59 1.94
C ILE A 43 0.34 1.24 0.51
N THR A 44 -0.22 0.14 -0.01
CA THR A 44 0.06 -0.28 -1.38
C THR A 44 -0.22 0.86 -2.36
N GLY A 45 -1.26 1.63 -2.07
CA GLY A 45 -1.63 2.74 -2.92
C GLY A 45 -0.46 3.62 -3.29
N MET A 46 0.05 4.37 -2.32
CA MET A 46 1.15 5.30 -2.54
C MET A 46 2.36 4.60 -3.15
N LEU A 47 2.72 3.44 -2.61
CA LEU A 47 3.91 2.72 -3.10
C LEU A 47 3.62 1.93 -4.37
N LEU A 48 2.43 2.12 -4.94
CA LEU A 48 2.06 1.42 -6.17
C LEU A 48 2.93 1.87 -7.34
N GLU A 49 3.75 2.90 -7.10
CA GLU A 49 4.65 3.41 -8.12
C GLU A 49 5.96 2.62 -8.13
N ILE A 50 5.93 1.42 -7.55
CA ILE A 50 7.11 0.58 -7.49
C ILE A 50 7.27 -0.24 -8.78
N ASP A 51 8.47 -0.77 -9.00
CA ASP A 51 8.76 -1.53 -10.21
C ASP A 51 8.06 -2.88 -10.20
N ASN A 52 7.87 -3.45 -11.39
CA ASN A 52 7.25 -4.75 -11.53
C ASN A 52 8.32 -5.85 -11.43
N SER A 53 9.54 -5.52 -11.84
CA SER A 53 10.64 -6.45 -11.73
C SER A 53 11.08 -6.53 -10.27
N GLU A 54 10.91 -5.43 -9.56
CA GLU A 54 11.25 -5.36 -8.15
C GLU A 54 10.18 -6.03 -7.30
N LEU A 55 8.95 -6.05 -7.80
CA LEU A 55 7.84 -6.67 -7.08
C LEU A 55 8.11 -8.16 -6.88
N LEU A 56 8.52 -8.83 -7.96
CA LEU A 56 8.80 -10.26 -7.90
C LEU A 56 9.94 -10.55 -6.92
N HIS A 57 10.98 -9.74 -6.98
CA HIS A 57 12.14 -9.91 -6.10
C HIS A 57 11.75 -9.79 -4.64
N MET A 58 10.70 -9.03 -4.35
CA MET A 58 10.24 -8.83 -2.99
C MET A 58 9.65 -10.11 -2.40
N LEU A 59 8.72 -10.73 -3.13
CA LEU A 59 8.08 -11.96 -2.65
C LEU A 59 9.10 -13.09 -2.52
N GLU A 60 10.22 -12.96 -3.19
CA GLU A 60 11.28 -13.96 -3.11
C GLU A 60 12.31 -13.57 -2.07
N SER A 61 12.16 -12.37 -1.52
CA SER A 61 13.06 -11.85 -0.51
C SER A 61 12.30 -11.48 0.76
N PRO A 62 11.96 -12.47 1.60
CA PRO A 62 11.22 -12.23 2.85
C PRO A 62 11.92 -11.21 3.74
N GLU A 63 13.26 -11.24 3.72
CA GLU A 63 14.05 -10.34 4.54
C GLU A 63 14.13 -8.94 3.93
N SER A 64 14.46 -8.86 2.64
CA SER A 64 14.59 -7.58 1.97
C SER A 64 13.25 -6.87 1.81
N LEU A 65 12.26 -7.63 1.37
CA LEU A 65 10.92 -7.09 1.15
C LEU A 65 10.32 -6.51 2.42
N ARG A 66 10.15 -7.35 3.44
CA ARG A 66 9.54 -6.91 4.69
C ARG A 66 10.20 -5.65 5.22
N SER A 67 11.49 -5.50 4.95
CA SER A 67 12.23 -4.31 5.38
C SER A 67 11.67 -3.07 4.68
N LYS A 68 11.40 -3.20 3.39
CA LYS A 68 10.86 -2.11 2.60
C LYS A 68 9.45 -1.75 3.06
N VAL A 69 8.55 -2.74 3.02
CA VAL A 69 7.17 -2.52 3.45
C VAL A 69 7.11 -2.14 4.93
N ASP A 70 8.18 -2.48 5.67
CA ASP A 70 8.25 -2.09 7.07
C ASP A 70 8.08 -0.59 7.18
N GLU A 71 8.83 0.14 6.36
CA GLU A 71 8.71 1.59 6.30
C GLU A 71 7.36 1.97 5.69
N ALA A 72 6.86 1.10 4.81
CA ALA A 72 5.56 1.33 4.18
C ALA A 72 4.47 1.40 5.25
N VAL A 73 4.60 0.56 6.27
CA VAL A 73 3.67 0.56 7.38
C VAL A 73 3.79 1.89 8.12
N ALA A 74 4.98 2.47 8.07
CA ALA A 74 5.24 3.75 8.72
C ALA A 74 4.58 4.90 7.96
N VAL A 75 4.62 4.83 6.63
CA VAL A 75 4.01 5.87 5.80
C VAL A 75 2.53 6.01 6.13
N LEU A 76 1.93 4.89 6.55
CA LEU A 76 0.52 4.87 6.94
C LEU A 76 0.33 5.60 8.26
N GLN A 77 1.10 5.20 9.26
CA GLN A 77 1.04 5.81 10.58
C GLN A 77 1.26 7.32 10.48
N ALA A 78 2.12 7.72 9.55
CA ALA A 78 2.41 9.13 9.34
C ALA A 78 1.32 9.79 8.49
N HIS A 79 0.62 8.97 7.72
CA HIS A 79 -0.46 9.46 6.86
C HIS A 79 -1.66 9.92 7.70
N GLN A 80 -2.08 9.07 8.62
CA GLN A 80 -3.22 9.38 9.48
C GLN A 80 -2.86 10.46 10.50
N ALA A 81 -1.59 10.86 10.52
CA ALA A 81 -1.13 11.88 11.44
C ALA A 81 -1.79 13.23 11.14
N LYS A 82 -1.48 13.79 9.98
CA LYS A 82 -2.05 15.08 9.58
C LYS A 82 -3.46 14.89 9.04
N GLU A 83 -3.80 13.64 8.71
CA GLU A 83 -5.11 13.32 8.17
C GLU A 83 -6.17 13.31 9.28
N ALA A 84 -5.73 13.05 10.50
CA ALA A 84 -6.63 13.01 11.64
C ALA A 84 -7.18 14.40 11.96
N ALA A 85 -6.51 15.42 11.43
CA ALA A 85 -6.93 16.80 11.65
C ALA A 85 -8.31 17.07 11.05
N GLN A 86 -8.62 16.38 9.96
CA GLN A 86 -9.90 16.53 9.29
C GLN A 86 -10.91 15.50 9.79
N LYS A 87 -10.41 14.33 10.18
CA LYS A 87 -11.26 13.26 10.68
C LYS A 87 -11.57 13.45 12.16
N ALA A 88 -12.84 13.68 12.47
CA ALA A 88 -13.27 13.89 13.85
C ALA A 88 -13.42 12.55 14.57
N VAL A 89 -12.31 12.04 15.08
CA VAL A 89 -12.32 10.76 15.80
C VAL A 89 -12.69 10.97 17.27
N ASN A 90 -13.21 9.92 17.90
CA ASN A 90 -13.58 9.97 19.30
C ASN A 90 -12.35 9.96 20.20
N SER A 91 -12.58 10.08 21.51
CA SER A 91 -11.50 10.08 22.47
C SER A 91 -11.08 8.66 22.83
N ALA A 92 -11.67 7.68 22.15
CA ALA A 92 -11.36 6.28 22.38
C ALA A 92 -10.21 5.81 21.49
N THR A 93 -8.98 6.06 21.93
CA THR A 93 -7.79 5.66 21.18
C THR A 93 -7.14 4.44 21.80
N GLY A 94 -7.06 3.35 21.02
CA GLY A 94 -6.46 2.13 21.51
C GLY A 94 -5.06 1.92 20.95
N VAL A 95 -4.23 2.95 21.05
CA VAL A 95 -2.85 2.89 20.56
C VAL A 95 -1.93 2.20 21.57
N PRO A 96 -1.93 2.64 22.85
CA PRO A 96 -1.08 2.04 23.88
C PRO A 96 -1.49 0.60 24.20
N THR A 97 -0.48 -0.28 24.28
CA THR A 97 -0.73 -1.69 24.57
C THR A 97 -0.71 -1.94 26.08
N VAL A 98 -1.30 -1.02 26.84
CA VAL A 98 -1.36 -1.13 28.29
C VAL A 98 -2.79 -1.00 28.79
N VAL B 1 4.60 16.85 -5.36
CA VAL B 1 5.72 16.13 -4.71
C VAL B 1 5.33 15.66 -3.31
N VAL B 2 5.11 14.35 -3.19
CA VAL B 2 4.72 13.78 -1.91
C VAL B 2 5.94 13.54 -1.02
N LYS B 3 5.79 13.82 0.27
CA LYS B 3 6.87 13.65 1.23
C LYS B 3 6.78 12.28 1.91
N SER B 4 6.97 11.21 1.14
CA SER B 4 6.90 9.86 1.68
C SER B 4 8.26 9.41 2.17
N ASN B 5 8.35 8.14 2.59
CA ASN B 5 9.60 7.57 3.08
C ASN B 5 10.22 6.66 2.04
N LEU B 6 9.47 5.64 1.63
CA LEU B 6 9.96 4.69 0.63
C LEU B 6 10.03 5.35 -0.75
N ASN B 7 8.91 5.35 -1.46
CA ASN B 7 8.85 5.97 -2.79
C ASN B 7 8.76 7.49 -2.69
N PRO B 8 9.48 8.21 -3.56
CA PRO B 8 9.44 9.67 -3.57
C PRO B 8 8.20 10.21 -4.27
N ASN B 9 7.46 9.30 -4.91
CA ASN B 9 6.24 9.67 -5.62
C ASN B 9 5.05 8.87 -5.09
N ALA B 10 4.80 8.99 -3.80
CA ALA B 10 3.69 8.28 -3.16
C ALA B 10 2.35 8.66 -3.77
N LYS B 11 1.91 7.88 -4.76
CA LYS B 11 0.62 8.12 -5.42
C LYS B 11 -0.35 6.98 -5.13
N GLU B 12 -1.52 7.33 -4.60
CA GLU B 12 -2.54 6.34 -4.22
C GLU B 12 -2.81 5.32 -5.32
N PHE B 13 -3.54 4.26 -4.95
CA PHE B 13 -3.91 3.20 -5.90
C PHE B 13 -5.19 3.55 -6.62
N VAL B 14 -5.08 4.40 -7.65
CA VAL B 14 -6.25 4.87 -8.38
C VAL B 14 -6.25 4.42 -9.85
N PRO B 15 -5.11 4.53 -10.58
CA PRO B 15 -5.04 4.15 -11.99
C PRO B 15 -5.67 2.79 -12.27
N GLY B 16 -5.44 1.84 -11.38
CA GLY B 16 -5.99 0.50 -11.55
C GLY B 16 -5.13 -0.35 -12.47
N VAL B 17 -4.40 0.31 -13.38
CA VAL B 17 -3.53 -0.40 -14.31
C VAL B 17 -2.10 -0.45 -13.77
N LYS B 18 -1.17 -0.92 -14.60
CA LYS B 18 0.23 -1.02 -14.20
C LYS B 18 0.78 0.36 -13.84
N TYR B 19 0.67 0.72 -12.57
CA TYR B 19 1.15 2.01 -12.10
C TYR B 19 2.66 2.01 -11.92
N GLY B 20 3.33 2.95 -12.58
CA GLY B 20 4.78 3.04 -12.49
C GLY B 20 5.47 2.29 -13.62
N ASN B 21 4.92 2.41 -14.82
CA ASN B 21 5.48 1.74 -15.99
C ASN B 21 6.37 2.69 -16.79
N ILE B 22 6.24 3.99 -16.52
CA ILE B 22 7.02 4.99 -17.20
C ILE B 22 7.90 5.77 -16.23
N GLY A 1 -12.77 -16.18 -1.59
CA GLY A 1 -13.55 -14.94 -1.34
C GLY A 1 -13.07 -14.19 -0.11
N PRO A 2 -12.98 -12.84 -0.17
CA PRO A 2 -12.52 -12.02 0.96
C PRO A 2 -13.49 -12.08 2.14
N LEU A 3 -13.39 -13.14 2.93
CA LEU A 3 -14.25 -13.31 4.09
C LEU A 3 -13.52 -12.92 5.37
N GLY A 4 -12.51 -13.69 5.74
CA GLY A 4 -11.75 -13.40 6.94
C GLY A 4 -10.36 -12.86 6.63
N SER A 5 -9.37 -13.73 6.66
CA SER A 5 -7.99 -13.33 6.38
C SER A 5 -7.72 -13.26 4.88
N PRO A 6 -8.05 -14.31 4.11
CA PRO A 6 -7.81 -14.34 2.66
C PRO A 6 -8.62 -13.27 1.93
N LEU A 7 -8.07 -12.07 1.85
CA LEU A 7 -8.72 -10.96 1.17
C LEU A 7 -8.14 -10.75 -0.23
N THR A 8 -6.93 -10.20 -0.29
CA THR A 8 -6.27 -9.96 -1.56
C THR A 8 -5.48 -11.19 -2.00
N ALA A 9 -4.96 -11.92 -1.02
CA ALA A 9 -4.25 -13.16 -1.30
C ALA A 9 -5.18 -14.12 -2.02
N SER A 10 -6.44 -14.11 -1.60
CA SER A 10 -7.47 -14.93 -2.22
C SER A 10 -7.74 -14.43 -3.63
N MET A 11 -7.64 -13.12 -3.82
CA MET A 11 -7.84 -12.53 -5.13
C MET A 11 -6.73 -12.99 -6.07
N LEU A 12 -5.52 -13.14 -5.53
CA LEU A 12 -4.39 -13.60 -6.31
C LEU A 12 -4.73 -14.90 -7.04
N ALA A 13 -5.31 -15.84 -6.28
CA ALA A 13 -5.71 -17.12 -6.85
C ALA A 13 -6.86 -16.93 -7.85
N SER A 14 -7.69 -15.91 -7.61
CA SER A 14 -8.84 -15.63 -8.47
C SER A 14 -8.56 -14.48 -9.43
N ALA A 15 -7.28 -14.18 -9.64
CA ALA A 15 -6.90 -13.09 -10.53
C ALA A 15 -5.74 -13.52 -11.45
N PRO A 16 -5.97 -13.49 -12.78
CA PRO A 16 -4.93 -13.85 -13.76
C PRO A 16 -3.66 -13.03 -13.59
N PRO A 17 -2.56 -13.44 -14.25
CA PRO A 17 -1.28 -12.73 -14.16
C PRO A 17 -1.40 -11.26 -14.56
N GLN A 18 -2.21 -10.99 -15.58
CA GLN A 18 -2.41 -9.63 -16.07
C GLN A 18 -3.26 -8.82 -15.10
N GLU A 19 -3.87 -9.50 -14.13
CA GLU A 19 -4.71 -8.85 -13.14
C GLU A 19 -3.87 -8.33 -11.97
N GLN A 20 -2.56 -8.31 -12.16
CA GLN A 20 -1.64 -7.85 -11.14
C GLN A 20 -2.03 -6.46 -10.62
N LYS A 21 -2.09 -5.50 -11.54
CA LYS A 21 -2.43 -4.12 -11.17
C LYS A 21 -3.76 -4.04 -10.44
N GLN A 22 -4.59 -5.08 -10.58
CA GLN A 22 -5.88 -5.11 -9.90
C GLN A 22 -5.72 -5.37 -8.41
N MET A 23 -5.51 -6.63 -8.05
CA MET A 23 -5.42 -7.04 -6.65
C MET A 23 -4.14 -6.54 -5.98
N LEU A 24 -3.12 -7.39 -5.97
CA LEU A 24 -1.86 -7.11 -5.27
C LEU A 24 -1.14 -5.87 -5.78
N GLY A 25 -1.72 -5.17 -6.75
CA GLY A 25 -1.00 -4.06 -7.34
C GLY A 25 0.21 -4.61 -8.04
N GLU A 26 1.39 -4.22 -7.58
CA GLU A 26 2.60 -4.88 -8.02
C GLU A 26 2.66 -6.23 -7.32
N ARG A 27 2.88 -6.15 -6.01
CA ARG A 27 2.87 -7.30 -5.11
C ARG A 27 2.66 -6.81 -3.69
N LEU A 28 2.34 -5.52 -3.60
CA LEU A 28 2.24 -4.82 -2.33
C LEU A 28 1.21 -5.42 -1.38
N PHE A 29 -0.06 -5.22 -1.68
CA PHE A 29 -1.15 -5.66 -0.81
C PHE A 29 -0.86 -6.98 -0.08
N PRO A 30 -0.42 -8.05 -0.79
CA PRO A 30 -0.14 -9.35 -0.17
C PRO A 30 0.92 -9.29 0.94
N LEU A 31 1.99 -8.54 0.71
CA LEU A 31 3.05 -8.46 1.71
C LEU A 31 2.58 -7.66 2.91
N ILE A 32 1.95 -6.53 2.65
CA ILE A 32 1.42 -5.72 3.73
C ILE A 32 0.16 -6.36 4.28
N GLN A 33 -0.38 -7.35 3.56
CA GLN A 33 -1.55 -8.08 4.02
C GLN A 33 -1.20 -8.80 5.31
N ALA A 34 0.02 -9.33 5.36
CA ALA A 34 0.53 -9.94 6.57
C ALA A 34 0.74 -8.85 7.63
N MET A 35 1.04 -7.65 7.14
CA MET A 35 1.23 -6.49 8.01
C MET A 35 -0.01 -5.62 8.00
N HIS A 36 -1.15 -6.24 7.71
CA HIS A 36 -2.43 -5.53 7.63
C HIS A 36 -2.87 -4.92 8.97
N PRO A 37 -2.55 -5.54 10.13
CA PRO A 37 -2.93 -5.01 11.44
C PRO A 37 -2.94 -3.48 11.45
N THR A 38 -2.00 -2.89 10.72
CA THR A 38 -1.93 -1.45 10.57
C THR A 38 -2.99 -1.00 9.56
N LEU A 39 -2.61 -0.97 8.27
CA LEU A 39 -3.56 -0.60 7.21
C LEU A 39 -2.95 -0.84 5.83
N ALA A 40 -2.71 -2.10 5.48
CA ALA A 40 -2.14 -2.46 4.19
C ALA A 40 -2.87 -1.76 3.05
N GLY A 41 -4.17 -1.54 3.22
CA GLY A 41 -4.99 -0.91 2.20
C GLY A 41 -4.36 0.33 1.57
N LYS A 42 -4.10 1.34 2.39
CA LYS A 42 -3.56 2.60 1.87
C LYS A 42 -2.07 2.49 1.56
N ILE A 43 -1.35 1.69 2.34
CA ILE A 43 0.08 1.52 2.14
C ILE A 43 0.40 1.11 0.70
N THR A 44 -0.17 0.00 0.26
CA THR A 44 0.02 -0.48 -1.10
C THR A 44 -0.24 0.66 -2.09
N GLY A 45 -1.31 1.41 -1.84
CA GLY A 45 -1.67 2.51 -2.70
C GLY A 45 -0.51 3.44 -3.02
N MET A 46 -0.02 4.15 -2.00
CA MET A 46 1.07 5.10 -2.21
C MET A 46 2.28 4.44 -2.85
N LEU A 47 2.68 3.28 -2.33
CA LEU A 47 3.84 2.57 -2.84
C LEU A 47 3.51 1.80 -4.11
N LEU A 48 2.30 1.97 -4.63
CA LEU A 48 1.89 1.27 -5.85
C LEU A 48 2.71 1.76 -7.04
N GLU A 49 3.46 2.84 -6.83
CA GLU A 49 4.34 3.37 -7.87
C GLU A 49 5.65 2.60 -7.90
N ILE A 50 5.63 1.38 -7.36
CA ILE A 50 6.81 0.53 -7.30
C ILE A 50 7.01 -0.22 -8.61
N ASP A 51 8.23 -0.71 -8.83
CA ASP A 51 8.55 -1.43 -10.06
C ASP A 51 7.90 -2.81 -10.10
N ASN A 52 7.72 -3.33 -11.31
CA ASN A 52 7.15 -4.66 -11.48
C ASN A 52 8.23 -5.73 -11.39
N SER A 53 9.45 -5.34 -11.73
CA SER A 53 10.59 -6.25 -11.63
C SER A 53 10.98 -6.44 -10.17
N GLU A 54 10.82 -5.36 -9.41
CA GLU A 54 11.15 -5.38 -7.98
C GLU A 54 10.05 -6.10 -7.20
N LEU A 55 8.83 -6.05 -7.71
CA LEU A 55 7.71 -6.70 -7.05
C LEU A 55 7.97 -8.20 -6.93
N LEU A 56 8.44 -8.78 -8.02
CA LEU A 56 8.76 -10.21 -8.04
C LEU A 56 9.84 -10.54 -7.02
N HIS A 57 10.88 -9.71 -6.97
CA HIS A 57 11.96 -9.91 -6.03
C HIS A 57 11.48 -9.75 -4.58
N MET A 58 10.27 -9.22 -4.41
CA MET A 58 9.71 -9.01 -3.08
C MET A 58 9.19 -10.33 -2.50
N LEU A 59 8.27 -11.00 -3.20
CA LEU A 59 7.75 -12.27 -2.72
C LEU A 59 8.83 -13.33 -2.73
N GLU A 60 9.97 -12.99 -3.32
CA GLU A 60 11.11 -13.89 -3.39
C GLU A 60 12.12 -13.57 -2.30
N SER A 61 11.99 -12.38 -1.71
CA SER A 61 12.90 -11.95 -0.66
C SER A 61 12.14 -11.58 0.61
N PRO A 62 11.89 -12.57 1.49
CA PRO A 62 11.18 -12.33 2.76
C PRO A 62 11.92 -11.34 3.65
N GLU A 63 13.25 -11.33 3.54
CA GLU A 63 14.08 -10.44 4.34
C GLU A 63 14.07 -9.02 3.77
N SER A 64 14.32 -8.90 2.48
CA SER A 64 14.37 -7.60 1.82
C SER A 64 12.99 -6.96 1.75
N LEU A 65 12.03 -7.70 1.20
CA LEU A 65 10.68 -7.21 1.02
C LEU A 65 10.05 -6.79 2.35
N ARG A 66 9.89 -7.72 3.28
CA ARG A 66 9.26 -7.41 4.56
C ARG A 66 9.89 -6.17 5.19
N SER A 67 11.20 -6.01 5.01
CA SER A 67 11.90 -4.85 5.53
C SER A 67 11.50 -3.60 4.76
N LYS A 68 11.27 -3.78 3.46
CA LYS A 68 10.85 -2.68 2.60
C LYS A 68 9.46 -2.19 2.98
N VAL A 69 8.51 -3.12 3.02
CA VAL A 69 7.14 -2.79 3.40
C VAL A 69 7.08 -2.41 4.88
N ASP A 70 8.10 -2.79 5.63
CA ASP A 70 8.18 -2.42 7.04
C ASP A 70 8.10 -0.90 7.16
N GLU A 71 8.90 -0.22 6.35
CA GLU A 71 8.87 1.23 6.31
C GLU A 71 7.56 1.70 5.69
N ALA A 72 6.99 0.85 4.84
CA ALA A 72 5.74 1.15 4.17
C ALA A 72 4.61 1.37 5.18
N VAL A 73 4.48 0.47 6.15
CA VAL A 73 3.48 0.64 7.19
C VAL A 73 3.75 1.94 7.94
N ALA A 74 5.03 2.33 7.96
CA ALA A 74 5.45 3.55 8.62
C ALA A 74 4.99 4.79 7.83
N VAL A 75 4.90 4.64 6.51
CA VAL A 75 4.46 5.75 5.66
C VAL A 75 2.99 6.07 5.90
N LEU A 76 2.20 5.02 6.13
CA LEU A 76 0.77 5.17 6.38
C LEU A 76 0.52 5.78 7.75
N GLN A 77 1.06 5.15 8.79
CA GLN A 77 0.90 5.63 10.16
C GLN A 77 1.31 7.10 10.25
N ALA A 78 2.35 7.44 9.50
CA ALA A 78 2.85 8.81 9.46
C ALA A 78 2.00 9.66 8.52
N HIS A 79 1.34 9.01 7.56
CA HIS A 79 0.50 9.70 6.60
C HIS A 79 -0.70 10.33 7.30
N GLN A 80 -1.46 9.51 8.03
CA GLN A 80 -2.64 9.99 8.75
C GLN A 80 -2.24 10.68 10.05
N ALA A 81 -0.93 10.77 10.28
CA ALA A 81 -0.42 11.41 11.49
C ALA A 81 -0.64 12.92 11.47
N LYS A 82 0.12 13.61 10.62
CA LYS A 82 0.03 15.05 10.49
C LYS A 82 -1.19 15.46 9.68
N GLU A 83 -1.77 14.50 8.97
CA GLU A 83 -2.94 14.76 8.14
C GLU A 83 -4.20 14.91 9.00
N ALA A 84 -4.31 14.07 10.03
CA ALA A 84 -5.46 14.11 10.92
C ALA A 84 -5.53 15.44 11.67
N ALA A 85 -4.36 15.96 12.03
CA ALA A 85 -4.27 17.23 12.75
C ALA A 85 -4.31 18.41 11.78
N GLN A 86 -4.29 18.10 10.49
CA GLN A 86 -4.32 19.13 9.46
C GLN A 86 -5.76 19.48 9.09
N LYS A 87 -6.52 18.48 8.65
CA LYS A 87 -7.91 18.68 8.26
C LYS A 87 -8.80 18.79 9.49
N ALA A 88 -8.84 17.72 10.28
CA ALA A 88 -9.66 17.69 11.49
C ALA A 88 -8.89 18.24 12.69
N VAL A 89 -8.95 19.55 12.87
CA VAL A 89 -8.25 20.20 13.98
C VAL A 89 -9.13 20.20 15.24
N ASN A 90 -9.42 19.00 15.75
CA ASN A 90 -10.24 18.86 16.93
C ASN A 90 -9.43 19.10 18.20
N SER A 91 -10.02 19.82 19.15
CA SER A 91 -9.35 20.11 20.41
C SER A 91 -9.70 19.08 21.48
N ALA A 92 -10.97 19.08 21.89
CA ALA A 92 -11.45 18.15 22.90
C ALA A 92 -11.79 16.79 22.28
N THR A 93 -11.49 15.72 23.01
CA THR A 93 -11.77 14.37 22.53
C THR A 93 -13.00 13.79 23.23
N GLY A 94 -13.49 12.67 22.71
CA GLY A 94 -14.66 12.03 23.31
C GLY A 94 -14.28 10.87 24.19
N VAL A 95 -13.97 11.16 25.46
CA VAL A 95 -13.60 10.12 26.41
C VAL A 95 -14.81 9.62 27.18
N PRO A 96 -15.06 8.30 27.15
CA PRO A 96 -16.21 7.69 27.84
C PRO A 96 -15.89 7.28 29.26
N THR A 97 -15.00 6.30 29.42
CA THR A 97 -14.61 5.81 30.73
C THR A 97 -13.49 6.65 31.32
N VAL A 98 -13.13 6.36 32.57
CA VAL A 98 -12.06 7.09 33.25
C VAL A 98 -10.98 6.14 33.75
N VAL B 1 2.11 16.32 -3.03
CA VAL B 1 3.27 15.42 -2.73
C VAL B 1 3.49 15.28 -1.23
N VAL B 2 3.34 14.06 -0.73
CA VAL B 2 3.53 13.78 0.69
C VAL B 2 4.95 13.32 0.98
N LYS B 3 5.41 13.55 2.20
CA LYS B 3 6.76 13.16 2.60
C LYS B 3 6.83 11.66 2.84
N SER B 4 6.90 10.89 1.76
CA SER B 4 6.98 9.44 1.84
C SER B 4 8.41 8.99 2.10
N ASN B 5 8.58 7.70 2.37
CA ASN B 5 9.90 7.14 2.64
C ASN B 5 10.42 6.31 1.47
N LEU B 6 9.76 5.18 1.22
CA LEU B 6 10.16 4.29 0.13
C LEU B 6 10.03 4.99 -1.22
N ASN B 7 8.80 5.16 -1.68
CA ASN B 7 8.53 5.81 -2.96
C ASN B 7 8.37 7.32 -2.79
N PRO B 8 9.11 8.11 -3.58
CA PRO B 8 9.01 9.56 -3.54
C PRO B 8 7.76 10.07 -4.26
N ASN B 9 7.00 9.14 -4.82
CA ASN B 9 5.78 9.48 -5.55
C ASN B 9 4.58 8.73 -4.96
N ALA B 10 4.42 8.85 -3.65
CA ALA B 10 3.32 8.20 -2.95
C ALA B 10 1.95 8.65 -3.46
N LYS B 11 1.36 7.85 -4.35
CA LYS B 11 0.03 8.16 -4.89
C LYS B 11 -0.93 7.02 -4.60
N GLU B 12 -2.18 7.37 -4.29
CA GLU B 12 -3.20 6.37 -3.97
C GLU B 12 -3.29 5.28 -5.03
N PHE B 13 -3.92 4.16 -4.68
CA PHE B 13 -4.13 3.05 -5.60
C PHE B 13 -5.42 3.27 -6.37
N VAL B 14 -5.34 4.06 -7.42
CA VAL B 14 -6.53 4.40 -8.20
C VAL B 14 -6.40 4.16 -9.70
N PRO B 15 -5.22 4.34 -10.33
CA PRO B 15 -5.06 4.14 -11.78
C PRO B 15 -5.71 2.86 -12.27
N GLY B 16 -5.71 1.83 -11.42
CA GLY B 16 -6.31 0.57 -11.79
C GLY B 16 -5.42 -0.27 -12.68
N VAL B 17 -4.65 0.41 -13.54
CA VAL B 17 -3.73 -0.27 -14.45
C VAL B 17 -2.33 -0.35 -13.84
N LYS B 18 -1.38 -0.86 -14.62
CA LYS B 18 0.00 -1.00 -14.16
C LYS B 18 0.58 0.36 -13.78
N TYR B 19 0.52 0.68 -12.49
CA TYR B 19 1.02 1.95 -11.99
C TYR B 19 2.54 1.91 -11.81
N GLY B 20 3.26 2.47 -12.78
CA GLY B 20 4.71 2.47 -12.71
C GLY B 20 5.31 1.11 -13.02
N ASN B 21 5.34 0.75 -14.30
CA ASN B 21 5.87 -0.53 -14.73
C ASN B 21 7.29 -0.38 -15.25
N ILE B 22 7.53 0.71 -15.96
CA ILE B 22 8.85 0.98 -16.53
C ILE B 22 9.36 2.35 -16.11
N GLY A 1 -17.73 -11.71 8.83
CA GLY A 1 -18.01 -11.25 10.22
C GLY A 1 -16.91 -10.37 10.77
N PRO A 2 -15.85 -10.97 11.37
CA PRO A 2 -14.73 -10.21 11.94
C PRO A 2 -14.07 -9.30 10.91
N LEU A 3 -13.58 -9.89 9.83
CA LEU A 3 -12.91 -9.13 8.77
C LEU A 3 -13.93 -8.44 7.88
N GLY A 4 -13.86 -7.11 7.83
CA GLY A 4 -14.78 -6.34 7.02
C GLY A 4 -14.20 -5.97 5.67
N SER A 5 -12.87 -5.95 5.60
CA SER A 5 -12.18 -5.60 4.35
C SER A 5 -11.94 -6.85 3.51
N PRO A 6 -12.10 -6.74 2.17
CA PRO A 6 -11.90 -7.86 1.26
C PRO A 6 -10.48 -8.42 1.33
N LEU A 7 -10.35 -9.73 1.14
CA LEU A 7 -9.05 -10.39 1.18
C LEU A 7 -8.38 -10.35 -0.19
N THR A 8 -7.15 -9.86 -0.22
CA THR A 8 -6.40 -9.76 -1.47
C THR A 8 -5.65 -11.06 -1.74
N ALA A 9 -5.28 -11.76 -0.69
CA ALA A 9 -4.60 -13.05 -0.83
C ALA A 9 -5.50 -14.00 -1.60
N SER A 10 -6.80 -13.94 -1.29
CA SER A 10 -7.79 -14.74 -1.98
C SER A 10 -7.94 -14.26 -3.42
N MET A 11 -7.79 -12.95 -3.61
CA MET A 11 -7.87 -12.37 -4.95
C MET A 11 -6.72 -12.91 -5.81
N LEU A 12 -5.56 -13.07 -5.18
CA LEU A 12 -4.39 -13.58 -5.87
C LEU A 12 -4.73 -14.88 -6.59
N ALA A 13 -5.32 -15.81 -5.85
CA ALA A 13 -5.73 -17.10 -6.41
C ALA A 13 -6.85 -16.92 -7.43
N SER A 14 -7.70 -15.93 -7.22
CA SER A 14 -8.84 -15.69 -8.11
C SER A 14 -8.57 -14.54 -9.08
N ALA A 15 -7.30 -14.26 -9.34
CA ALA A 15 -6.94 -13.19 -10.27
C ALA A 15 -5.79 -13.61 -11.18
N PRO A 16 -6.02 -13.64 -12.50
CA PRO A 16 -4.99 -14.02 -13.48
C PRO A 16 -3.74 -13.14 -13.35
N PRO A 17 -2.63 -13.52 -14.02
CA PRO A 17 -1.39 -12.76 -13.96
C PRO A 17 -1.56 -11.31 -14.43
N GLN A 18 -2.45 -11.13 -15.41
CA GLN A 18 -2.71 -9.79 -15.95
C GLN A 18 -3.52 -8.95 -14.96
N GLU A 19 -4.00 -9.60 -13.91
CA GLU A 19 -4.80 -8.91 -12.90
C GLU A 19 -3.92 -8.35 -11.79
N GLN A 20 -2.62 -8.35 -12.03
CA GLN A 20 -1.65 -7.84 -11.05
C GLN A 20 -2.03 -6.43 -10.59
N LYS A 21 -2.11 -5.51 -11.53
CA LYS A 21 -2.43 -4.12 -11.21
C LYS A 21 -3.73 -4.00 -10.44
N GLN A 22 -4.58 -5.01 -10.54
CA GLN A 22 -5.86 -5.01 -9.84
C GLN A 22 -5.68 -5.26 -8.34
N MET A 23 -5.51 -6.53 -7.98
CA MET A 23 -5.39 -6.92 -6.58
C MET A 23 -4.08 -6.46 -5.93
N LEU A 24 -3.10 -7.35 -5.94
CA LEU A 24 -1.82 -7.13 -5.27
C LEU A 24 -1.06 -5.91 -5.79
N GLY A 25 -1.60 -5.23 -6.78
CA GLY A 25 -0.86 -4.14 -7.38
C GLY A 25 0.36 -4.72 -8.06
N GLU A 26 1.54 -4.34 -7.59
CA GLU A 26 2.74 -5.00 -8.03
C GLU A 26 2.81 -6.35 -7.31
N ARG A 27 3.00 -6.25 -6.00
CA ARG A 27 3.01 -7.41 -5.10
C ARG A 27 2.74 -6.90 -3.69
N LEU A 28 2.41 -5.61 -3.62
CA LEU A 28 2.27 -4.90 -2.36
C LEU A 28 1.20 -5.48 -1.43
N PHE A 29 -0.06 -5.19 -1.73
CA PHE A 29 -1.19 -5.58 -0.87
C PHE A 29 -0.97 -6.92 -0.14
N PRO A 30 -0.54 -7.99 -0.84
CA PRO A 30 -0.35 -9.32 -0.21
C PRO A 30 0.73 -9.34 0.87
N LEU A 31 1.84 -8.62 0.65
CA LEU A 31 2.91 -8.61 1.65
C LEU A 31 2.46 -7.82 2.87
N ILE A 32 1.86 -6.66 2.62
CA ILE A 32 1.34 -5.86 3.69
C ILE A 32 0.07 -6.49 4.24
N GLN A 33 -0.47 -7.47 3.51
CA GLN A 33 -1.65 -8.19 3.96
C GLN A 33 -1.31 -8.91 5.25
N ALA A 34 -0.09 -9.44 5.31
CA ALA A 34 0.40 -10.07 6.51
C ALA A 34 0.65 -8.98 7.57
N MET A 35 0.97 -7.79 7.07
CA MET A 35 1.20 -6.61 7.92
C MET A 35 -0.04 -5.73 7.94
N HIS A 36 -1.20 -6.36 7.69
CA HIS A 36 -2.46 -5.63 7.61
C HIS A 36 -2.88 -4.99 8.94
N PRO A 37 -2.53 -5.59 10.12
CA PRO A 37 -2.86 -5.01 11.43
C PRO A 37 -2.86 -3.49 11.39
N THR A 38 -1.95 -2.93 10.60
CA THR A 38 -1.90 -1.49 10.40
C THR A 38 -3.00 -1.08 9.42
N LEU A 39 -2.65 -1.05 8.13
CA LEU A 39 -3.63 -0.73 7.09
C LEU A 39 -3.05 -0.96 5.69
N ALA A 40 -2.78 -2.23 5.36
CA ALA A 40 -2.23 -2.59 4.06
C ALA A 40 -2.96 -1.89 2.91
N GLY A 41 -4.25 -1.60 3.13
CA GLY A 41 -5.06 -0.96 2.10
C GLY A 41 -4.42 0.27 1.49
N LYS A 42 -4.18 1.30 2.30
CA LYS A 42 -3.63 2.55 1.80
C LYS A 42 -2.15 2.43 1.48
N ILE A 43 -1.44 1.63 2.26
CA ILE A 43 0.00 1.45 2.06
C ILE A 43 0.33 1.05 0.62
N THR A 44 -0.25 -0.06 0.17
CA THR A 44 -0.02 -0.52 -1.20
C THR A 44 -0.28 0.60 -2.19
N GLY A 45 -1.38 1.30 -1.99
CA GLY A 45 -1.75 2.40 -2.87
C GLY A 45 -0.61 3.37 -3.13
N MET A 46 -0.18 4.07 -2.07
CA MET A 46 0.89 5.06 -2.20
C MET A 46 2.15 4.46 -2.82
N LEU A 47 2.57 3.31 -2.31
CA LEU A 47 3.78 2.66 -2.81
C LEU A 47 3.52 1.90 -4.10
N LEU A 48 2.31 2.04 -4.66
CA LEU A 48 1.96 1.36 -5.90
C LEU A 48 2.80 1.89 -7.07
N GLU A 49 3.56 2.95 -6.81
CA GLU A 49 4.44 3.53 -7.81
C GLU A 49 5.74 2.73 -7.90
N ILE A 50 5.72 1.52 -7.35
CA ILE A 50 6.89 0.65 -7.34
C ILE A 50 7.03 -0.11 -8.66
N ASP A 51 8.23 -0.60 -8.93
CA ASP A 51 8.50 -1.33 -10.17
C ASP A 51 7.83 -2.70 -10.18
N ASN A 52 7.64 -3.24 -11.38
CA ASN A 52 7.06 -4.56 -11.54
C ASN A 52 8.15 -5.62 -11.47
N SER A 53 9.36 -5.24 -11.87
CA SER A 53 10.51 -6.13 -11.80
C SER A 53 10.95 -6.26 -10.35
N GLU A 54 10.78 -5.18 -9.61
CA GLU A 54 11.13 -5.16 -8.19
C GLU A 54 10.10 -5.91 -7.36
N LEU A 55 8.86 -5.95 -7.84
CA LEU A 55 7.79 -6.65 -7.15
C LEU A 55 8.13 -8.12 -7.02
N LEU A 56 8.56 -8.71 -8.12
CA LEU A 56 8.92 -10.12 -8.15
C LEU A 56 10.02 -10.41 -7.13
N HIS A 57 11.02 -9.54 -7.10
CA HIS A 57 12.12 -9.69 -6.15
C HIS A 57 11.61 -9.70 -4.72
N MET A 58 10.66 -8.82 -4.43
CA MET A 58 10.06 -8.74 -3.10
C MET A 58 9.38 -10.05 -2.74
N LEU A 59 8.74 -10.66 -3.72
CA LEU A 59 8.08 -11.94 -3.53
C LEU A 59 9.10 -13.04 -3.29
N GLU A 60 10.34 -12.78 -3.69
CA GLU A 60 11.41 -13.75 -3.54
C GLU A 60 12.39 -13.34 -2.43
N SER A 61 12.15 -12.17 -1.85
CA SER A 61 13.03 -11.65 -0.80
C SER A 61 12.26 -11.39 0.49
N PRO A 62 12.13 -12.40 1.36
CA PRO A 62 11.43 -12.25 2.64
C PRO A 62 12.10 -11.21 3.52
N GLU A 63 13.43 -11.12 3.41
CA GLU A 63 14.20 -10.18 4.20
C GLU A 63 14.10 -8.75 3.65
N SER A 64 14.35 -8.60 2.35
CA SER A 64 14.32 -7.29 1.71
C SER A 64 12.91 -6.73 1.65
N LEU A 65 12.00 -7.52 1.12
CA LEU A 65 10.61 -7.11 0.95
C LEU A 65 9.97 -6.72 2.29
N ARG A 66 9.85 -7.67 3.20
CA ARG A 66 9.21 -7.39 4.48
C ARG A 66 9.81 -6.16 5.14
N SER A 67 11.12 -5.96 4.96
CA SER A 67 11.79 -4.80 5.52
C SER A 67 11.35 -3.53 4.79
N LYS A 68 11.14 -3.66 3.48
CA LYS A 68 10.69 -2.54 2.67
C LYS A 68 9.29 -2.11 3.08
N VAL A 69 8.36 -3.06 3.02
CA VAL A 69 6.98 -2.79 3.40
C VAL A 69 6.89 -2.44 4.89
N ASP A 70 7.91 -2.84 5.66
CA ASP A 70 7.96 -2.50 7.07
C ASP A 70 7.88 -0.99 7.22
N GLU A 71 8.70 -0.28 6.44
CA GLU A 71 8.67 1.17 6.44
C GLU A 71 7.38 1.65 5.80
N ALA A 72 6.82 0.82 4.93
CA ALA A 72 5.58 1.15 4.24
C ALA A 72 4.44 1.35 5.23
N VAL A 73 4.31 0.44 6.20
CA VAL A 73 3.28 0.59 7.22
C VAL A 73 3.53 1.88 8.01
N ALA A 74 4.80 2.25 8.10
CA ALA A 74 5.20 3.46 8.79
C ALA A 74 4.76 4.71 8.02
N VAL A 75 4.66 4.60 6.70
CA VAL A 75 4.23 5.73 5.88
C VAL A 75 2.76 6.05 6.11
N LEU A 76 1.96 5.00 6.32
CA LEU A 76 0.53 5.14 6.54
C LEU A 76 0.26 5.72 7.93
N GLN A 77 0.82 5.09 8.95
CA GLN A 77 0.63 5.56 10.33
C GLN A 77 0.99 7.03 10.44
N ALA A 78 2.04 7.41 9.72
CA ALA A 78 2.49 8.79 9.71
C ALA A 78 1.64 9.63 8.76
N HIS A 79 0.97 8.96 7.82
CA HIS A 79 0.11 9.64 6.85
C HIS A 79 -1.15 10.17 7.51
N GLN A 80 -1.88 9.29 8.18
CA GLN A 80 -3.12 9.65 8.85
C GLN A 80 -2.86 10.58 10.04
N ALA A 81 -1.59 10.81 10.34
CA ALA A 81 -1.21 11.67 11.45
C ALA A 81 -1.49 13.15 11.14
N LYS A 82 -0.78 13.68 10.16
CA LYS A 82 -0.95 15.07 9.76
C LYS A 82 -2.17 15.26 8.86
N GLU A 83 -2.80 14.15 8.50
CA GLU A 83 -3.98 14.19 7.64
C GLU A 83 -5.24 14.45 8.44
N ALA A 84 -5.43 13.71 9.53
CA ALA A 84 -6.59 13.87 10.37
C ALA A 84 -6.52 15.16 11.19
N ALA A 85 -5.41 15.88 11.04
CA ALA A 85 -5.22 17.14 11.74
C ALA A 85 -6.25 18.18 11.31
N GLN A 86 -6.46 18.29 10.01
CA GLN A 86 -7.42 19.24 9.45
C GLN A 86 -8.80 18.61 9.36
N LYS A 87 -9.68 18.98 10.30
CA LYS A 87 -11.04 18.46 10.32
C LYS A 87 -11.99 19.39 9.58
N ALA A 88 -11.46 20.15 8.64
CA ALA A 88 -12.26 21.09 7.86
C ALA A 88 -12.87 20.41 6.63
N VAL A 89 -13.78 19.48 6.87
CA VAL A 89 -14.44 18.75 5.78
C VAL A 89 -15.83 19.30 5.53
N ASN A 90 -15.91 20.37 4.73
CA ASN A 90 -17.19 20.99 4.40
C ASN A 90 -17.62 20.64 2.99
N SER A 91 -16.96 19.65 2.40
CA SER A 91 -17.27 19.22 1.04
C SER A 91 -18.34 18.13 1.05
N ALA A 92 -18.79 17.77 2.24
CA ALA A 92 -19.82 16.73 2.39
C ALA A 92 -21.20 17.27 2.02
N THR A 93 -22.23 16.50 2.35
CA THR A 93 -23.60 16.89 2.05
C THR A 93 -24.39 17.16 3.34
N GLY A 94 -25.70 17.26 3.21
CA GLY A 94 -26.55 17.52 4.37
C GLY A 94 -26.75 16.28 5.22
N VAL A 95 -27.91 15.65 5.06
CA VAL A 95 -28.23 14.44 5.83
C VAL A 95 -27.64 13.19 5.17
N PRO A 96 -26.63 12.59 5.82
CA PRO A 96 -25.96 11.39 5.30
C PRO A 96 -26.81 10.13 5.50
N THR A 97 -27.86 10.01 4.70
CA THR A 97 -28.74 8.85 4.78
C THR A 97 -28.46 7.87 3.64
N VAL A 98 -27.64 6.86 3.93
CA VAL A 98 -27.28 5.86 2.94
C VAL A 98 -27.49 4.44 3.47
N VAL B 1 5.54 19.43 4.07
CA VAL B 1 5.76 18.09 4.65
C VAL B 1 6.47 17.17 3.67
N VAL B 2 6.96 16.04 4.15
CA VAL B 2 7.65 15.07 3.31
C VAL B 2 6.72 13.98 2.85
N LYS B 3 7.01 13.42 1.68
CA LYS B 3 6.22 12.33 1.14
C LYS B 3 6.58 11.02 1.84
N SER B 4 6.60 9.93 1.10
CA SER B 4 6.93 8.62 1.66
C SER B 4 8.43 8.45 1.81
N ASN B 5 8.85 7.27 2.25
CA ASN B 5 10.27 6.97 2.43
C ASN B 5 10.78 6.08 1.31
N LEU B 6 10.05 5.00 1.05
CA LEU B 6 10.42 4.07 -0.02
C LEU B 6 10.28 4.73 -1.38
N ASN B 7 9.04 5.01 -1.78
CA ASN B 7 8.78 5.66 -3.05
C ASN B 7 8.62 7.17 -2.88
N PRO B 8 9.35 7.97 -3.68
CA PRO B 8 9.29 9.43 -3.59
C PRO B 8 8.03 10.00 -4.23
N ASN B 9 7.23 9.12 -4.83
CA ASN B 9 5.99 9.53 -5.48
C ASN B 9 4.80 8.77 -4.91
N ALA B 10 4.71 8.73 -3.58
CA ALA B 10 3.63 8.02 -2.92
C ALA B 10 2.26 8.51 -3.38
N LYS B 11 1.66 7.79 -4.32
CA LYS B 11 0.34 8.14 -4.84
C LYS B 11 -0.61 6.96 -4.66
N GLU B 12 -1.82 7.26 -4.17
CA GLU B 12 -2.83 6.23 -3.89
C GLU B 12 -3.02 5.27 -5.07
N PHE B 13 -3.83 4.23 -4.83
CA PHE B 13 -4.14 3.23 -5.86
C PHE B 13 -5.33 3.71 -6.67
N VAL B 14 -5.07 4.65 -7.57
CA VAL B 14 -6.13 5.24 -8.38
C VAL B 14 -6.08 4.83 -9.86
N PRO B 15 -4.87 4.68 -10.47
CA PRO B 15 -4.76 4.32 -11.89
C PRO B 15 -5.51 3.03 -12.22
N GLY B 16 -5.34 2.02 -11.38
CA GLY B 16 -5.99 0.74 -11.61
C GLY B 16 -5.23 -0.13 -12.58
N VAL B 17 -4.46 0.50 -13.46
CA VAL B 17 -3.65 -0.23 -14.43
C VAL B 17 -2.24 -0.44 -13.91
N LYS B 18 -1.37 -1.01 -14.75
CA LYS B 18 0.01 -1.27 -14.35
C LYS B 18 0.72 0.02 -13.98
N TYR B 19 0.64 0.39 -12.70
CA TYR B 19 1.27 1.60 -12.21
C TYR B 19 2.73 1.35 -11.85
N GLY B 20 3.63 2.10 -12.50
CA GLY B 20 5.05 1.94 -12.25
C GLY B 20 5.68 0.90 -13.15
N ASN B 21 5.13 0.76 -14.34
CA ASN B 21 5.64 -0.21 -15.31
C ASN B 21 6.66 0.44 -16.25
N ILE B 22 7.46 -0.40 -16.92
CA ILE B 22 8.48 0.10 -17.84
C ILE B 22 8.28 -0.50 -19.23
N GLY A 1 -21.07 -13.33 -2.12
CA GLY A 1 -19.95 -12.64 -2.81
C GLY A 1 -18.67 -12.65 -1.99
N PRO A 2 -18.50 -11.65 -1.10
CA PRO A 2 -17.31 -11.56 -0.25
C PRO A 2 -17.06 -12.83 0.57
N LEU A 3 -16.04 -13.58 0.19
CA LEU A 3 -15.70 -14.82 0.89
C LEU A 3 -15.02 -14.52 2.22
N GLY A 4 -13.80 -14.01 2.16
CA GLY A 4 -13.06 -13.70 3.37
C GLY A 4 -13.28 -12.26 3.82
N SER A 5 -12.35 -11.38 3.48
CA SER A 5 -12.45 -9.98 3.85
C SER A 5 -13.33 -9.19 2.88
N PRO A 6 -13.24 -9.43 1.55
CA PRO A 6 -12.32 -10.38 0.92
C PRO A 6 -10.87 -9.90 0.96
N LEU A 7 -9.94 -10.84 1.03
CA LEU A 7 -8.52 -10.52 1.09
C LEU A 7 -7.94 -10.44 -0.33
N THR A 8 -6.70 -9.97 -0.42
CA THR A 8 -6.02 -9.84 -1.69
C THR A 8 -5.29 -11.12 -2.03
N ALA A 9 -4.84 -11.85 -1.01
CA ALA A 9 -4.18 -13.12 -1.21
C ALA A 9 -5.14 -14.07 -1.92
N SER A 10 -6.41 -13.96 -1.60
CA SER A 10 -7.45 -14.75 -2.23
C SER A 10 -7.68 -14.25 -3.65
N MET A 11 -7.55 -12.94 -3.85
CA MET A 11 -7.70 -12.36 -5.17
C MET A 11 -6.60 -12.88 -6.10
N LEU A 12 -5.41 -13.07 -5.52
CA LEU A 12 -4.28 -13.61 -6.27
C LEU A 12 -4.68 -14.90 -6.96
N ALA A 13 -5.17 -15.85 -6.17
CA ALA A 13 -5.62 -17.12 -6.70
C ALA A 13 -6.85 -16.93 -7.58
N SER A 14 -7.59 -15.85 -7.33
CA SER A 14 -8.80 -15.55 -8.09
C SER A 14 -8.55 -14.48 -9.16
N ALA A 15 -7.30 -14.37 -9.59
CA ALA A 15 -6.93 -13.39 -10.62
C ALA A 15 -6.05 -14.03 -11.69
N PRO A 16 -6.56 -15.04 -12.41
CA PRO A 16 -5.81 -15.76 -13.45
C PRO A 16 -5.20 -14.83 -14.51
N PRO A 17 -5.98 -13.91 -15.11
CA PRO A 17 -5.48 -13.00 -16.14
C PRO A 17 -4.47 -12.01 -15.58
N GLN A 18 -4.15 -10.99 -16.38
CA GLN A 18 -3.21 -9.94 -15.96
C GLN A 18 -3.86 -9.01 -14.95
N GLU A 19 -4.29 -9.57 -13.83
CA GLU A 19 -4.95 -8.80 -12.79
C GLU A 19 -3.94 -8.24 -11.79
N GLN A 20 -2.65 -8.37 -12.12
CA GLN A 20 -1.59 -7.89 -11.25
C GLN A 20 -1.88 -6.49 -10.73
N LYS A 21 -1.93 -5.54 -11.64
CA LYS A 21 -2.19 -4.14 -11.28
C LYS A 21 -3.51 -4.01 -10.53
N GLN A 22 -4.41 -4.97 -10.72
CA GLN A 22 -5.70 -4.95 -10.05
C GLN A 22 -5.57 -5.30 -8.57
N MET A 23 -5.38 -6.59 -8.27
CA MET A 23 -5.31 -7.06 -6.90
C MET A 23 -4.06 -6.59 -6.17
N LEU A 24 -3.04 -7.44 -6.14
CA LEU A 24 -1.80 -7.17 -5.40
C LEU A 24 -1.04 -5.95 -5.89
N GLY A 25 -1.59 -5.23 -6.86
CA GLY A 25 -0.84 -4.14 -7.43
C GLY A 25 0.39 -4.70 -8.10
N GLU A 26 1.56 -4.34 -7.62
CA GLU A 26 2.76 -5.02 -8.04
C GLU A 26 2.80 -6.36 -7.33
N ARG A 27 3.00 -6.29 -6.02
CA ARG A 27 2.95 -7.43 -5.12
C ARG A 27 2.74 -6.92 -3.70
N LEU A 28 2.45 -5.62 -3.64
CA LEU A 28 2.34 -4.89 -2.38
C LEU A 28 1.30 -5.45 -1.42
N PHE A 29 0.03 -5.26 -1.75
CA PHE A 29 -1.07 -5.68 -0.88
C PHE A 29 -0.79 -7.00 -0.14
N PRO A 30 -0.33 -8.07 -0.84
CA PRO A 30 -0.07 -9.38 -0.22
C PRO A 30 0.99 -9.35 0.87
N LEU A 31 2.07 -8.61 0.65
CA LEU A 31 3.15 -8.55 1.63
C LEU A 31 2.67 -7.77 2.85
N ILE A 32 2.04 -6.65 2.60
CA ILE A 32 1.49 -5.85 3.67
C ILE A 32 0.21 -6.48 4.19
N GLN A 33 -0.30 -7.46 3.45
CA GLN A 33 -1.49 -8.18 3.89
C GLN A 33 -1.18 -8.89 5.20
N ALA A 34 0.03 -9.43 5.28
CA ALA A 34 0.50 -10.04 6.51
C ALA A 34 0.69 -8.95 7.56
N MET A 35 1.05 -7.76 7.07
CA MET A 35 1.24 -6.59 7.93
C MET A 35 0.01 -5.68 7.87
N HIS A 36 -1.14 -6.29 7.59
CA HIS A 36 -2.39 -5.55 7.44
C HIS A 36 -2.85 -4.87 8.74
N PRO A 37 -2.59 -5.45 9.94
CA PRO A 37 -3.00 -4.84 11.20
C PRO A 37 -2.88 -3.32 11.18
N THR A 38 -1.92 -2.82 10.41
CA THR A 38 -1.73 -1.39 10.25
C THR A 38 -2.76 -0.83 9.27
N LEU A 39 -2.46 -0.91 7.98
CA LEU A 39 -3.38 -0.41 6.95
C LEU A 39 -2.91 -0.81 5.55
N ALA A 40 -2.60 -2.11 5.37
CA ALA A 40 -2.12 -2.63 4.09
C ALA A 40 -2.84 -1.98 2.91
N GLY A 41 -4.13 -1.74 3.07
CA GLY A 41 -4.94 -1.15 2.02
C GLY A 41 -4.33 0.13 1.44
N LYS A 42 -4.06 1.10 2.30
CA LYS A 42 -3.53 2.39 1.84
C LYS A 42 -2.04 2.29 1.50
N ILE A 43 -1.32 1.44 2.23
CA ILE A 43 0.12 1.29 2.01
C ILE A 43 0.42 0.95 0.55
N THR A 44 -0.18 -0.13 0.05
CA THR A 44 0.01 -0.54 -1.32
C THR A 44 -0.23 0.61 -2.28
N GLY A 45 -1.32 1.35 -2.03
CA GLY A 45 -1.68 2.47 -2.87
C GLY A 45 -0.52 3.41 -3.14
N MET A 46 -0.08 4.13 -2.11
CA MET A 46 1.00 5.09 -2.26
C MET A 46 2.26 4.45 -2.86
N LEU A 47 2.65 3.30 -2.33
CA LEU A 47 3.84 2.61 -2.82
C LEU A 47 3.57 1.84 -4.11
N LEU A 48 2.39 2.02 -4.69
CA LEU A 48 2.04 1.32 -5.93
C LEU A 48 2.92 1.79 -7.08
N GLU A 49 3.63 2.91 -6.86
CA GLU A 49 4.52 3.45 -7.87
C GLU A 49 5.84 2.67 -7.90
N ILE A 50 5.82 1.46 -7.33
CA ILE A 50 7.00 0.61 -7.26
C ILE A 50 7.19 -0.16 -8.57
N ASP A 51 8.39 -0.70 -8.77
CA ASP A 51 8.71 -1.45 -9.99
C ASP A 51 7.99 -2.80 -10.02
N ASN A 52 7.81 -3.32 -11.23
CA ASN A 52 7.20 -4.64 -11.42
C ASN A 52 8.27 -5.71 -11.34
N SER A 53 9.49 -5.35 -11.71
CA SER A 53 10.61 -6.27 -11.62
C SER A 53 11.03 -6.42 -10.16
N GLU A 54 10.84 -5.36 -9.40
CA GLU A 54 11.15 -5.36 -7.98
C GLU A 54 10.11 -6.14 -7.19
N LEU A 55 8.87 -6.12 -7.69
CA LEU A 55 7.78 -6.82 -7.04
C LEU A 55 8.09 -8.31 -6.96
N LEU A 56 8.56 -8.87 -8.06
CA LEU A 56 8.91 -10.28 -8.13
C LEU A 56 9.98 -10.62 -7.09
N HIS A 57 10.99 -9.77 -6.99
CA HIS A 57 12.07 -9.98 -6.04
C HIS A 57 11.57 -9.90 -4.59
N MET A 58 10.65 -8.97 -4.34
CA MET A 58 10.07 -8.80 -3.02
C MET A 58 9.35 -10.09 -2.59
N LEU A 59 8.70 -10.72 -3.56
CA LEU A 59 8.01 -11.98 -3.31
C LEU A 59 9.00 -13.09 -3.04
N GLU A 60 10.23 -12.89 -3.47
CA GLU A 60 11.28 -13.90 -3.29
C GLU A 60 12.28 -13.48 -2.21
N SER A 61 12.07 -12.30 -1.64
CA SER A 61 12.96 -11.79 -0.61
C SER A 61 12.20 -11.48 0.68
N PRO A 62 11.87 -12.50 1.48
CA PRO A 62 11.15 -12.30 2.75
C PRO A 62 11.87 -11.32 3.66
N GLU A 63 13.20 -11.32 3.61
CA GLU A 63 14.01 -10.45 4.44
C GLU A 63 14.05 -9.03 3.91
N SER A 64 14.35 -8.89 2.62
CA SER A 64 14.46 -7.56 1.99
C SER A 64 13.10 -6.90 1.86
N LEU A 65 12.15 -7.61 1.29
CA LEU A 65 10.81 -7.10 1.06
C LEU A 65 10.17 -6.65 2.37
N ARG A 66 10.03 -7.57 3.32
CA ARG A 66 9.39 -7.24 4.59
C ARG A 66 10.03 -6.02 5.22
N SER A 67 11.32 -5.83 4.95
CA SER A 67 12.05 -4.67 5.46
C SER A 67 11.57 -3.41 4.75
N LYS A 68 11.30 -3.53 3.47
CA LYS A 68 10.80 -2.42 2.67
C LYS A 68 9.43 -2.00 3.15
N VAL A 69 8.49 -2.94 3.09
CA VAL A 69 7.13 -2.68 3.53
C VAL A 69 7.09 -2.32 5.00
N ASP A 70 8.13 -2.70 5.73
CA ASP A 70 8.22 -2.35 7.15
C ASP A 70 8.11 -0.84 7.28
N GLU A 71 8.90 -0.12 6.48
CA GLU A 71 8.83 1.34 6.47
C GLU A 71 7.51 1.78 5.87
N ALA A 72 6.98 0.99 4.95
CA ALA A 72 5.70 1.27 4.33
C ALA A 72 4.61 1.39 5.40
N VAL A 73 4.67 0.50 6.38
CA VAL A 73 3.74 0.55 7.51
C VAL A 73 3.91 1.87 8.25
N ALA A 74 5.14 2.38 8.25
CA ALA A 74 5.44 3.63 8.92
C ALA A 74 4.87 4.84 8.16
N VAL A 75 4.91 4.77 6.82
CA VAL A 75 4.39 5.86 6.00
C VAL A 75 2.91 6.09 6.32
N LEU A 76 2.23 5.04 6.76
CA LEU A 76 0.82 5.12 7.12
C LEU A 76 0.64 5.89 8.42
N GLN A 77 1.35 5.46 9.45
CA GLN A 77 1.29 6.10 10.75
C GLN A 77 1.51 7.60 10.61
N ALA A 78 2.37 7.97 9.67
CA ALA A 78 2.66 9.38 9.40
C ALA A 78 1.58 9.99 8.50
N HIS A 79 0.95 9.15 7.70
CA HIS A 79 -0.08 9.61 6.78
C HIS A 79 -1.29 10.14 7.53
N GLN A 80 -1.79 9.36 8.48
CA GLN A 80 -2.94 9.76 9.28
C GLN A 80 -2.56 10.80 10.34
N ALA A 81 -1.28 11.17 10.37
CA ALA A 81 -0.78 12.13 11.33
C ALA A 81 -1.21 13.55 10.95
N LYS A 82 -0.69 14.03 9.82
CA LYS A 82 -1.02 15.37 9.34
C LYS A 82 -2.37 15.40 8.65
N GLU A 83 -2.98 14.23 8.49
CA GLU A 83 -4.29 14.12 7.85
C GLU A 83 -5.41 14.29 8.86
N ALA A 84 -5.25 13.67 10.03
CA ALA A 84 -6.27 13.75 11.07
C ALA A 84 -6.40 15.18 11.60
N ALA A 85 -5.30 15.93 11.55
CA ALA A 85 -5.29 17.31 12.01
C ALA A 85 -6.14 18.20 11.12
N GLN A 86 -6.03 17.98 9.81
CA GLN A 86 -6.78 18.77 8.84
C GLN A 86 -8.20 18.20 8.68
N LYS A 87 -9.01 18.91 7.90
CA LYS A 87 -10.39 18.49 7.66
C LYS A 87 -10.44 17.35 6.63
N ALA A 88 -11.54 16.62 6.63
CA ALA A 88 -11.71 15.51 5.69
C ALA A 88 -12.11 16.02 4.31
N VAL A 89 -11.13 16.57 3.59
CA VAL A 89 -11.37 17.10 2.26
C VAL A 89 -11.13 16.03 1.20
N ASN A 90 -12.21 15.52 0.62
CA ASN A 90 -12.12 14.50 -0.41
C ASN A 90 -12.11 15.14 -1.80
N SER A 91 -11.92 14.31 -2.82
CA SER A 91 -11.89 14.79 -4.20
C SER A 91 -13.29 14.80 -4.81
N ALA A 92 -13.80 15.99 -5.09
CA ALA A 92 -15.12 16.14 -5.68
C ALA A 92 -15.07 16.04 -7.20
N THR A 93 -14.69 14.86 -7.70
CA THR A 93 -14.60 14.63 -9.13
C THR A 93 -15.70 13.68 -9.61
N GLY A 94 -15.53 12.40 -9.31
CA GLY A 94 -16.51 11.41 -9.71
C GLY A 94 -17.34 10.92 -8.53
N VAL A 95 -18.56 11.42 -8.43
CA VAL A 95 -19.46 11.03 -7.34
C VAL A 95 -20.58 10.13 -7.84
N PRO A 96 -20.39 8.80 -7.81
CA PRO A 96 -21.39 7.84 -8.26
C PRO A 96 -22.53 7.68 -7.26
N THR A 97 -22.39 8.34 -6.11
CA THR A 97 -23.41 8.27 -5.05
C THR A 97 -24.56 9.23 -5.35
N VAL A 98 -24.32 10.51 -5.17
CA VAL A 98 -25.33 11.53 -5.41
C VAL A 98 -24.97 12.41 -6.60
N VAL B 1 3.39 17.21 -2.26
CA VAL B 1 4.52 16.92 -1.34
C VAL B 1 4.03 16.16 -0.10
N VAL B 2 4.21 14.84 -0.13
CA VAL B 2 3.80 14.00 1.00
C VAL B 2 4.99 13.64 1.87
N LYS B 3 4.71 13.03 3.02
CA LYS B 3 5.76 12.63 3.94
C LYS B 3 6.17 11.18 3.73
N SER B 4 6.27 10.78 2.46
CA SER B 4 6.65 9.42 2.12
C SER B 4 8.13 9.17 2.39
N ASN B 5 8.47 7.91 2.65
CA ASN B 5 9.86 7.54 2.92
C ASN B 5 10.45 6.77 1.75
N LEU B 6 9.85 5.62 1.43
CA LEU B 6 10.32 4.79 0.33
C LEU B 6 10.10 5.49 -1.01
N ASN B 7 8.90 5.35 -1.56
CA ASN B 7 8.56 5.98 -2.84
C ASN B 7 8.35 7.48 -2.66
N PRO B 8 9.08 8.32 -3.41
CA PRO B 8 8.94 9.77 -3.33
C PRO B 8 7.68 10.26 -4.05
N ASN B 9 6.96 9.31 -4.64
CA ASN B 9 5.72 9.63 -5.36
C ASN B 9 4.55 8.84 -4.79
N ALA B 10 4.39 8.92 -3.47
CA ALA B 10 3.31 8.21 -2.79
C ALA B 10 1.93 8.66 -3.29
N LYS B 11 1.37 7.88 -4.21
CA LYS B 11 0.05 8.18 -4.76
C LYS B 11 -0.91 7.01 -4.53
N GLU B 12 -2.15 7.31 -4.14
CA GLU B 12 -3.15 6.29 -3.87
C GLU B 12 -3.23 5.24 -4.98
N PHE B 13 -3.90 4.13 -4.70
CA PHE B 13 -4.09 3.06 -5.67
C PHE B 13 -5.34 3.32 -6.49
N VAL B 14 -5.17 4.10 -7.56
CA VAL B 14 -6.30 4.50 -8.38
C VAL B 14 -6.11 4.25 -9.89
N PRO B 15 -4.90 4.42 -10.47
CA PRO B 15 -4.68 4.22 -11.90
C PRO B 15 -5.33 2.93 -12.43
N GLY B 16 -5.36 1.91 -11.59
CA GLY B 16 -5.95 0.65 -11.97
C GLY B 16 -5.02 -0.20 -12.81
N VAL B 17 -4.21 0.46 -13.63
CA VAL B 17 -3.26 -0.23 -14.49
C VAL B 17 -1.89 -0.31 -13.82
N LYS B 18 -0.90 -0.83 -14.55
CA LYS B 18 0.45 -0.96 -14.01
C LYS B 18 1.01 0.42 -13.62
N TYR B 19 0.86 0.75 -12.33
CA TYR B 19 1.34 2.03 -11.82
C TYR B 19 2.85 1.99 -11.59
N GLY B 20 3.55 2.94 -12.20
CA GLY B 20 4.99 3.01 -12.05
C GLY B 20 5.72 2.13 -13.05
N ASN B 21 5.55 2.44 -14.33
CA ASN B 21 6.19 1.67 -15.39
C ASN B 21 7.47 2.34 -15.88
N ILE B 22 7.59 3.63 -15.59
CA ILE B 22 8.76 4.40 -16.01
C ILE B 22 9.47 5.02 -14.80
N GLY A 1 -23.62 -6.05 2.38
CA GLY A 1 -22.36 -5.52 1.78
C GLY A 1 -21.15 -6.36 2.12
N PRO A 2 -20.82 -7.38 1.30
CA PRO A 2 -19.67 -8.25 1.55
C PRO A 2 -18.34 -7.55 1.28
N LEU A 3 -17.41 -7.68 2.22
CA LEU A 3 -16.09 -7.06 2.09
C LEU A 3 -15.09 -8.03 1.47
N GLY A 4 -15.07 -8.09 0.15
CA GLY A 4 -14.15 -8.98 -0.55
C GLY A 4 -13.01 -8.23 -1.21
N SER A 5 -12.90 -6.94 -0.90
CA SER A 5 -11.85 -6.10 -1.48
C SER A 5 -10.56 -6.18 -0.66
N PRO A 6 -10.62 -6.03 0.68
CA PRO A 6 -9.42 -6.09 1.53
C PRO A 6 -8.65 -7.39 1.37
N LEU A 7 -9.34 -8.43 0.90
CA LEU A 7 -8.70 -9.73 0.69
C LEU A 7 -8.04 -9.80 -0.69
N THR A 8 -6.76 -9.48 -0.74
CA THR A 8 -6.01 -9.49 -1.98
C THR A 8 -5.42 -10.86 -2.24
N ALA A 9 -5.03 -11.54 -1.17
CA ALA A 9 -4.49 -12.89 -1.29
C ALA A 9 -5.52 -13.79 -1.97
N SER A 10 -6.79 -13.52 -1.70
CA SER A 10 -7.88 -14.25 -2.31
C SER A 10 -8.02 -13.84 -3.77
N MET A 11 -7.79 -12.55 -4.05
CA MET A 11 -7.86 -12.06 -5.42
C MET A 11 -6.76 -12.69 -6.27
N LEU A 12 -5.59 -12.89 -5.66
CA LEU A 12 -4.46 -13.50 -6.35
C LEU A 12 -4.90 -14.82 -6.97
N ALA A 13 -5.53 -15.66 -6.16
CA ALA A 13 -6.04 -16.94 -6.63
C ALA A 13 -7.18 -16.74 -7.63
N SER A 14 -7.86 -15.60 -7.51
CA SER A 14 -8.99 -15.29 -8.39
C SER A 14 -8.60 -14.31 -9.48
N ALA A 15 -7.30 -14.13 -9.69
CA ALA A 15 -6.80 -13.22 -10.71
C ALA A 15 -5.68 -13.89 -11.53
N PRO A 16 -5.98 -15.01 -12.20
CA PRO A 16 -4.98 -15.77 -12.98
C PRO A 16 -4.24 -14.93 -14.04
N PRO A 17 -4.94 -14.17 -14.90
CA PRO A 17 -4.30 -13.37 -15.95
C PRO A 17 -3.46 -12.22 -15.39
N GLN A 18 -3.14 -11.26 -16.24
CA GLN A 18 -2.36 -10.09 -15.85
C GLN A 18 -3.22 -9.13 -15.03
N GLU A 19 -3.81 -9.63 -13.95
CA GLU A 19 -4.67 -8.84 -13.09
C GLU A 19 -3.87 -8.25 -11.94
N GLN A 20 -2.54 -8.36 -12.03
CA GLN A 20 -1.66 -7.86 -10.98
C GLN A 20 -1.99 -6.41 -10.62
N LYS A 21 -2.07 -5.55 -11.62
CA LYS A 21 -2.35 -4.14 -11.40
C LYS A 21 -3.64 -3.94 -10.62
N GLN A 22 -4.56 -4.89 -10.74
CA GLN A 22 -5.84 -4.81 -10.03
C GLN A 22 -5.68 -5.06 -8.53
N MET A 23 -5.52 -6.34 -8.18
CA MET A 23 -5.43 -6.76 -6.78
C MET A 23 -4.14 -6.28 -6.11
N LEU A 24 -3.17 -7.19 -6.05
CA LEU A 24 -1.90 -6.94 -5.37
C LEU A 24 -1.13 -5.75 -5.93
N GLY A 25 -1.69 -5.10 -6.97
CA GLY A 25 -0.95 -4.04 -7.61
C GLY A 25 0.29 -4.63 -8.24
N GLU A 26 1.45 -4.20 -7.80
CA GLU A 26 2.67 -4.86 -8.20
C GLU A 26 2.79 -6.17 -7.40
N ARG A 27 2.98 -6.00 -6.10
CA ARG A 27 3.05 -7.11 -5.15
C ARG A 27 2.77 -6.56 -3.76
N LEU A 28 2.33 -5.30 -3.73
CA LEU A 28 2.15 -4.55 -2.49
C LEU A 28 1.19 -5.22 -1.50
N PHE A 29 -0.11 -5.01 -1.72
CA PHE A 29 -1.15 -5.48 -0.81
C PHE A 29 -0.82 -6.82 -0.13
N PRO A 30 -0.40 -7.86 -0.87
CA PRO A 30 -0.11 -9.18 -0.29
C PRO A 30 0.98 -9.15 0.79
N LEU A 31 2.04 -8.38 0.58
CA LEU A 31 3.11 -8.32 1.57
C LEU A 31 2.63 -7.59 2.81
N ILE A 32 2.00 -6.44 2.60
CA ILE A 32 1.46 -5.67 3.70
C ILE A 32 0.22 -6.34 4.25
N GLN A 33 -0.32 -7.30 3.49
CA GLN A 33 -1.48 -8.05 3.96
C GLN A 33 -1.09 -8.80 5.22
N ALA A 34 0.13 -9.31 5.22
CA ALA A 34 0.68 -9.96 6.40
C ALA A 34 0.89 -8.90 7.49
N MET A 35 1.18 -7.68 7.05
CA MET A 35 1.38 -6.56 7.95
C MET A 35 0.13 -5.68 7.98
N HIS A 36 -1.01 -6.30 7.72
CA HIS A 36 -2.29 -5.58 7.64
C HIS A 36 -2.70 -4.96 9.00
N PRO A 37 -2.35 -5.57 10.16
CA PRO A 37 -2.71 -5.03 11.47
C PRO A 37 -2.69 -3.50 11.49
N THR A 38 -1.76 -2.91 10.73
CA THR A 38 -1.68 -1.47 10.61
C THR A 38 -2.74 -0.97 9.64
N LEU A 39 -2.42 -0.96 8.35
CA LEU A 39 -3.36 -0.54 7.32
C LEU A 39 -2.83 -0.82 5.92
N ALA A 40 -2.61 -2.09 5.61
CA ALA A 40 -2.11 -2.50 4.30
C ALA A 40 -2.89 -1.85 3.16
N GLY A 41 -4.18 -1.64 3.40
CA GLY A 41 -5.05 -1.06 2.41
C GLY A 41 -4.47 0.15 1.69
N LYS A 42 -4.14 1.19 2.44
CA LYS A 42 -3.62 2.42 1.85
C LYS A 42 -2.15 2.29 1.46
N ILE A 43 -1.38 1.58 2.27
CA ILE A 43 0.06 1.44 2.04
C ILE A 43 0.34 0.94 0.62
N THR A 44 -0.28 -0.17 0.23
CA THR A 44 -0.12 -0.70 -1.12
C THR A 44 -0.30 0.42 -2.14
N GLY A 45 -1.32 1.24 -1.90
CA GLY A 45 -1.63 2.35 -2.77
C GLY A 45 -0.43 3.24 -3.06
N MET A 46 0.06 3.93 -2.04
CA MET A 46 1.17 4.87 -2.20
C MET A 46 2.39 4.21 -2.84
N LEU A 47 2.77 3.04 -2.33
CA LEU A 47 3.94 2.33 -2.86
C LEU A 47 3.61 1.58 -4.15
N LEU A 48 2.38 1.72 -4.64
CA LEU A 48 1.96 1.05 -5.86
C LEU A 48 2.73 1.59 -7.07
N GLU A 49 3.44 2.70 -6.87
CA GLU A 49 4.23 3.29 -7.94
C GLU A 49 5.54 2.52 -8.11
N ILE A 50 5.59 1.31 -7.56
CA ILE A 50 6.76 0.47 -7.63
C ILE A 50 6.80 -0.32 -8.95
N ASP A 51 7.99 -0.76 -9.34
CA ASP A 51 8.17 -1.51 -10.59
C ASP A 51 7.57 -2.91 -10.50
N ASN A 52 7.35 -3.51 -11.67
CA ASN A 52 6.82 -4.87 -11.74
C ASN A 52 7.96 -5.88 -11.61
N SER A 53 9.14 -5.48 -12.03
CA SER A 53 10.33 -6.34 -11.92
C SER A 53 10.78 -6.40 -10.48
N GLU A 54 10.67 -5.28 -9.78
CA GLU A 54 11.06 -5.20 -8.38
C GLU A 54 10.03 -5.88 -7.49
N LEU A 55 8.79 -5.97 -7.98
CA LEU A 55 7.73 -6.62 -7.23
C LEU A 55 8.07 -8.08 -7.01
N LEU A 56 8.49 -8.75 -8.07
CA LEU A 56 8.87 -10.16 -8.00
C LEU A 56 9.98 -10.36 -6.98
N HIS A 57 10.97 -9.46 -7.02
CA HIS A 57 12.10 -9.53 -6.09
C HIS A 57 11.60 -9.48 -4.65
N MET A 58 10.64 -8.61 -4.38
CA MET A 58 10.06 -8.49 -3.05
C MET A 58 9.43 -9.81 -2.61
N LEU A 59 8.70 -10.43 -3.54
CA LEU A 59 8.06 -11.70 -3.27
C LEU A 59 9.09 -12.81 -3.11
N GLU A 60 10.32 -12.54 -3.56
CA GLU A 60 11.39 -13.52 -3.45
C GLU A 60 12.39 -13.11 -2.38
N SER A 61 12.12 -11.98 -1.72
CA SER A 61 13.00 -11.48 -0.67
C SER A 61 12.22 -11.24 0.63
N PRO A 62 12.01 -12.30 1.43
CA PRO A 62 11.29 -12.16 2.70
C PRO A 62 11.97 -11.17 3.65
N GLU A 63 13.29 -11.14 3.59
CA GLU A 63 14.07 -10.25 4.45
C GLU A 63 14.07 -8.82 3.93
N SER A 64 14.34 -8.65 2.64
CA SER A 64 14.42 -7.33 2.04
C SER A 64 13.04 -6.67 1.92
N LEU A 65 12.11 -7.39 1.32
CA LEU A 65 10.75 -6.88 1.11
C LEU A 65 10.10 -6.51 2.43
N ARG A 66 9.91 -7.48 3.31
CA ARG A 66 9.25 -7.21 4.59
C ARG A 66 9.87 -6.00 5.29
N SER A 67 11.19 -5.84 5.11
CA SER A 67 11.88 -4.70 5.68
C SER A 67 11.48 -3.41 4.97
N LYS A 68 11.29 -3.51 3.66
CA LYS A 68 10.88 -2.38 2.86
C LYS A 68 9.46 -1.94 3.25
N VAL A 69 8.52 -2.86 3.13
CA VAL A 69 7.13 -2.58 3.49
C VAL A 69 7.02 -2.26 4.99
N ASP A 70 8.03 -2.66 5.76
CA ASP A 70 8.06 -2.34 7.17
C ASP A 70 7.96 -0.82 7.34
N GLU A 71 8.78 -0.11 6.59
CA GLU A 71 8.73 1.34 6.60
C GLU A 71 7.44 1.82 5.93
N ALA A 72 6.89 0.98 5.07
CA ALA A 72 5.66 1.28 4.36
C ALA A 72 4.50 1.42 5.34
N VAL A 73 4.41 0.49 6.30
CA VAL A 73 3.37 0.57 7.32
C VAL A 73 3.53 1.88 8.11
N ALA A 74 4.77 2.31 8.21
CA ALA A 74 5.11 3.56 8.90
C ALA A 74 4.57 4.77 8.15
N VAL A 75 4.64 4.72 6.82
CA VAL A 75 4.14 5.83 6.00
C VAL A 75 2.67 6.07 6.27
N LEU A 76 1.95 4.97 6.53
CA LEU A 76 0.53 5.05 6.86
C LEU A 76 0.33 5.69 8.23
N GLN A 77 1.11 5.22 9.19
CA GLN A 77 1.06 5.74 10.55
C GLN A 77 1.22 7.26 10.56
N ALA A 78 2.10 7.75 9.68
CA ALA A 78 2.35 9.18 9.56
C ALA A 78 1.27 9.84 8.70
N HIS A 79 0.63 9.06 7.85
CA HIS A 79 -0.42 9.57 6.97
C HIS A 79 -1.56 10.16 7.78
N GLN A 80 -2.31 9.31 8.47
CA GLN A 80 -3.44 9.75 9.28
C GLN A 80 -2.97 10.64 10.44
N ALA A 81 -1.65 10.74 10.60
CA ALA A 81 -1.08 11.55 11.68
C ALA A 81 -1.07 13.03 11.33
N LYS A 82 -0.31 13.39 10.30
CA LYS A 82 -0.19 14.78 9.88
C LYS A 82 -1.41 15.23 9.08
N GLU A 83 -2.12 14.27 8.49
CA GLU A 83 -3.30 14.58 7.70
C GLU A 83 -4.48 14.96 8.59
N ALA A 84 -4.72 14.15 9.62
CA ALA A 84 -5.81 14.40 10.55
C ALA A 84 -5.51 15.60 11.44
N ALA A 85 -4.21 15.86 11.63
CA ALA A 85 -3.78 16.98 12.47
C ALA A 85 -4.16 18.31 11.84
N GLN A 86 -4.25 18.33 10.51
CA GLN A 86 -4.61 19.54 9.79
C GLN A 86 -6.12 19.69 9.70
N LYS A 87 -6.84 18.61 9.96
CA LYS A 87 -8.30 18.62 9.92
C LYS A 87 -8.88 19.09 11.24
N ALA A 88 -8.71 20.39 11.53
CA ALA A 88 -9.21 20.97 12.77
C ALA A 88 -10.71 21.25 12.66
N VAL A 89 -11.52 20.28 13.06
CA VAL A 89 -12.97 20.42 13.02
C VAL A 89 -13.53 20.67 14.42
N ASN A 90 -12.95 20.01 15.41
CA ASN A 90 -13.39 20.16 16.80
C ASN A 90 -12.53 21.17 17.53
N SER A 91 -11.29 21.33 17.08
CA SER A 91 -10.37 22.28 17.69
C SER A 91 -10.53 23.67 17.09
N ALA A 92 -10.91 24.63 17.94
CA ALA A 92 -11.12 26.00 17.50
C ALA A 92 -9.84 26.83 17.68
N THR A 93 -8.96 26.75 16.70
CA THR A 93 -7.70 27.48 16.75
C THR A 93 -7.70 28.64 15.75
N GLY A 94 -7.69 28.30 14.46
CA GLY A 94 -7.69 29.33 13.43
C GLY A 94 -9.08 29.59 12.89
N VAL A 95 -10.04 29.80 13.79
CA VAL A 95 -11.42 30.07 13.40
C VAL A 95 -11.63 31.57 13.14
N PRO A 96 -12.29 31.92 12.02
CA PRO A 96 -12.54 33.32 11.67
C PRO A 96 -13.71 33.92 12.43
N THR A 97 -13.60 33.91 13.76
CA THR A 97 -14.65 34.46 14.62
C THR A 97 -14.21 35.78 15.24
N VAL A 98 -13.01 35.79 15.83
CA VAL A 98 -12.47 36.99 16.45
C VAL A 98 -11.35 37.59 15.62
N VAL B 1 0.85 17.80 2.22
CA VAL B 1 1.04 16.39 1.82
C VAL B 1 2.12 15.72 2.67
N VAL B 2 1.96 14.42 2.90
CA VAL B 2 2.92 13.66 3.70
C VAL B 2 3.93 12.95 2.80
N LYS B 3 5.20 13.29 2.97
CA LYS B 3 6.26 12.69 2.18
C LYS B 3 6.60 11.29 2.68
N SER B 4 6.65 10.34 1.75
CA SER B 4 6.95 8.95 2.10
C SER B 4 8.46 8.75 2.29
N ASN B 5 8.84 7.55 2.71
CA ASN B 5 10.25 7.23 2.92
C ASN B 5 10.78 6.36 1.80
N LEU B 6 10.10 5.26 1.52
CA LEU B 6 10.49 4.34 0.46
C LEU B 6 10.37 5.01 -0.91
N ASN B 7 9.20 4.88 -1.52
CA ASN B 7 8.96 5.49 -2.82
C ASN B 7 8.71 7.00 -2.68
N PRO B 8 9.55 7.83 -3.32
CA PRO B 8 9.41 9.27 -3.27
C PRO B 8 8.22 9.75 -4.10
N ASN B 9 7.51 8.81 -4.71
CA ASN B 9 6.34 9.12 -5.52
C ASN B 9 5.12 8.38 -5.01
N ALA B 10 4.93 8.40 -3.70
CA ALA B 10 3.81 7.72 -3.07
C ALA B 10 2.47 8.24 -3.58
N LYS B 11 1.88 7.52 -4.53
CA LYS B 11 0.59 7.89 -5.10
C LYS B 11 -0.46 6.82 -4.82
N GLU B 12 -1.66 7.26 -4.46
CA GLU B 12 -2.76 6.36 -4.13
C GLU B 12 -2.97 5.30 -5.21
N PHE B 13 -3.66 4.21 -4.84
CA PHE B 13 -3.98 3.13 -5.76
C PHE B 13 -5.30 3.44 -6.46
N VAL B 14 -5.23 4.13 -7.59
CA VAL B 14 -6.44 4.54 -8.30
C VAL B 14 -6.45 4.07 -9.76
N PRO B 15 -5.39 4.37 -10.56
CA PRO B 15 -5.34 3.98 -11.97
C PRO B 15 -5.81 2.55 -12.22
N GLY B 16 -5.52 1.67 -11.26
CA GLY B 16 -5.93 0.28 -11.41
C GLY B 16 -5.05 -0.47 -12.38
N VAL B 17 -4.33 0.27 -13.22
CA VAL B 17 -3.44 -0.33 -14.21
C VAL B 17 -2.02 -0.41 -13.66
N LYS B 18 -1.08 -0.83 -14.52
CA LYS B 18 0.32 -0.95 -14.11
C LYS B 18 0.87 0.40 -13.65
N TYR B 19 0.83 0.63 -12.34
CA TYR B 19 1.33 1.87 -11.77
C TYR B 19 2.84 1.84 -11.61
N GLY B 20 3.54 2.58 -12.47
CA GLY B 20 4.98 2.62 -12.42
C GLY B 20 5.62 1.55 -13.30
N ASN B 21 5.52 1.74 -14.61
CA ASN B 21 6.09 0.79 -15.57
C ASN B 21 7.50 1.20 -15.97
N ILE B 22 7.82 2.48 -15.75
CA ILE B 22 9.14 3.00 -16.09
C ILE B 22 9.81 3.63 -14.88
N GLY A 1 -19.60 -15.48 4.39
CA GLY A 1 -20.32 -14.24 4.00
C GLY A 1 -21.36 -13.81 5.03
N PRO A 2 -21.64 -12.50 5.14
CA PRO A 2 -21.01 -11.46 4.33
C PRO A 2 -19.55 -11.22 4.73
N LEU A 3 -18.65 -11.29 3.75
CA LEU A 3 -17.24 -11.08 4.00
C LEU A 3 -16.92 -9.59 4.09
N GLY A 4 -16.41 -9.17 5.25
CA GLY A 4 -16.07 -7.77 5.44
C GLY A 4 -14.58 -7.51 5.28
N SER A 5 -13.78 -8.56 5.37
CA SER A 5 -12.34 -8.45 5.24
C SER A 5 -11.90 -8.67 3.79
N PRO A 6 -11.42 -7.61 3.12
CA PRO A 6 -10.98 -7.69 1.72
C PRO A 6 -9.71 -8.53 1.57
N LEU A 7 -9.84 -9.72 1.01
CA LEU A 7 -8.71 -10.61 0.82
C LEU A 7 -8.11 -10.44 -0.57
N THR A 8 -6.86 -10.00 -0.62
CA THR A 8 -6.16 -9.79 -1.89
C THR A 8 -5.49 -11.08 -2.33
N ALA A 9 -4.98 -11.84 -1.36
CA ALA A 9 -4.38 -13.12 -1.66
C ALA A 9 -5.39 -14.03 -2.36
N SER A 10 -6.64 -13.93 -1.91
CA SER A 10 -7.73 -14.68 -2.52
C SER A 10 -7.98 -14.18 -3.93
N MET A 11 -7.80 -12.87 -4.13
CA MET A 11 -7.97 -12.27 -5.45
C MET A 11 -6.91 -12.81 -6.41
N LEU A 12 -5.71 -13.00 -5.90
CA LEU A 12 -4.60 -13.51 -6.70
C LEU A 12 -5.02 -14.80 -7.40
N ALA A 13 -5.67 -15.68 -6.64
CA ALA A 13 -6.16 -16.94 -7.19
C ALA A 13 -7.25 -16.70 -8.22
N SER A 14 -8.06 -15.67 -7.99
CA SER A 14 -9.16 -15.34 -8.89
C SER A 14 -8.82 -14.17 -9.80
N ALA A 15 -7.53 -13.88 -9.95
CA ALA A 15 -7.09 -12.78 -10.78
C ALA A 15 -5.82 -13.15 -11.55
N PRO A 16 -5.91 -13.23 -12.90
CA PRO A 16 -4.76 -13.58 -13.75
C PRO A 16 -3.57 -12.63 -13.53
N PRO A 17 -2.39 -12.97 -14.09
CA PRO A 17 -1.20 -12.12 -13.94
C PRO A 17 -1.43 -10.71 -14.47
N GLN A 18 -2.30 -10.58 -15.47
CA GLN A 18 -2.61 -9.29 -16.05
C GLN A 18 -3.45 -8.44 -15.10
N GLU A 19 -3.97 -9.07 -14.06
CA GLU A 19 -4.78 -8.39 -13.06
C GLU A 19 -3.92 -7.82 -11.95
N GLN A 20 -2.60 -7.89 -12.13
CA GLN A 20 -1.66 -7.42 -11.12
C GLN A 20 -2.02 -6.03 -10.61
N LYS A 21 -2.20 -5.08 -11.50
CA LYS A 21 -2.49 -3.71 -11.09
C LYS A 21 -3.77 -3.63 -10.26
N GLN A 22 -4.66 -4.61 -10.44
CA GLN A 22 -5.91 -4.63 -9.69
C GLN A 22 -5.70 -5.01 -8.23
N MET A 23 -5.53 -6.30 -7.98
CA MET A 23 -5.40 -6.82 -6.62
C MET A 23 -4.09 -6.42 -5.95
N LEU A 24 -3.11 -7.33 -6.01
CA LEU A 24 -1.82 -7.15 -5.33
C LEU A 24 -1.05 -5.91 -5.79
N GLY A 25 -1.58 -5.19 -6.76
CA GLY A 25 -0.83 -4.07 -7.31
C GLY A 25 0.40 -4.63 -7.99
N GLU A 26 1.56 -4.27 -7.49
CA GLU A 26 2.77 -4.94 -7.91
C GLU A 26 2.80 -6.30 -7.23
N ARG A 27 2.99 -6.24 -5.92
CA ARG A 27 2.96 -7.40 -5.03
C ARG A 27 2.71 -6.92 -3.61
N LEU A 28 2.41 -5.63 -3.53
CA LEU A 28 2.28 -4.92 -2.27
C LEU A 28 1.23 -5.50 -1.35
N PHE A 29 -0.05 -5.25 -1.66
CA PHE A 29 -1.16 -5.66 -0.82
C PHE A 29 -0.92 -7.00 -0.11
N PRO A 30 -0.49 -8.07 -0.82
CA PRO A 30 -0.26 -9.38 -0.21
C PRO A 30 0.76 -9.37 0.91
N LEU A 31 1.87 -8.67 0.72
CA LEU A 31 2.91 -8.63 1.75
C LEU A 31 2.44 -7.83 2.94
N ILE A 32 1.88 -6.67 2.68
CA ILE A 32 1.35 -5.84 3.74
C ILE A 32 0.06 -6.43 4.27
N GLN A 33 -0.49 -7.40 3.53
CA GLN A 33 -1.69 -8.09 3.98
C GLN A 33 -1.39 -8.80 5.29
N ALA A 34 -0.19 -9.36 5.36
CA ALA A 34 0.28 -9.97 6.59
C ALA A 34 0.52 -8.88 7.63
N MET A 35 0.89 -7.70 7.14
CA MET A 35 1.12 -6.54 8.00
C MET A 35 -0.09 -5.60 7.95
N HIS A 36 -1.26 -6.18 7.68
CA HIS A 36 -2.49 -5.41 7.53
C HIS A 36 -2.92 -4.70 8.83
N PRO A 37 -2.64 -5.27 10.04
CA PRO A 37 -3.02 -4.63 11.30
C PRO A 37 -2.86 -3.12 11.26
N THR A 38 -1.90 -2.66 10.45
CA THR A 38 -1.68 -1.23 10.27
C THR A 38 -2.72 -0.66 9.31
N LEU A 39 -2.44 -0.74 8.01
CA LEU A 39 -3.37 -0.26 7.01
C LEU A 39 -2.93 -0.66 5.60
N ALA A 40 -2.63 -1.94 5.40
CA ALA A 40 -2.17 -2.47 4.12
C ALA A 40 -2.89 -1.80 2.95
N GLY A 41 -4.18 -1.52 3.14
CA GLY A 41 -4.99 -0.90 2.10
C GLY A 41 -4.33 0.31 1.46
N LYS A 42 -4.03 1.33 2.26
CA LYS A 42 -3.45 2.56 1.73
C LYS A 42 -1.96 2.40 1.43
N ILE A 43 -1.28 1.55 2.20
CA ILE A 43 0.15 1.34 2.01
C ILE A 43 0.46 0.98 0.56
N THR A 44 -0.19 -0.07 0.07
CA THR A 44 0.02 -0.52 -1.30
C THR A 44 -0.13 0.63 -2.28
N GLY A 45 -1.20 1.40 -2.12
CA GLY A 45 -1.46 2.53 -2.99
C GLY A 45 -0.26 3.45 -3.15
N MET A 46 0.22 4.01 -2.04
CA MET A 46 1.36 4.93 -2.08
C MET A 46 2.57 4.28 -2.74
N LEU A 47 2.97 3.12 -2.24
CA LEU A 47 4.15 2.43 -2.76
C LEU A 47 3.83 1.67 -4.05
N LEU A 48 2.65 1.90 -4.60
CA LEU A 48 2.25 1.23 -5.84
C LEU A 48 3.12 1.67 -7.01
N GLU A 49 3.81 2.80 -6.82
CA GLU A 49 4.71 3.32 -7.86
C GLU A 49 5.99 2.50 -7.93
N ILE A 50 5.96 1.30 -7.37
CA ILE A 50 7.11 0.41 -7.37
C ILE A 50 7.19 -0.39 -8.67
N ASP A 51 8.38 -0.91 -8.98
CA ASP A 51 8.59 -1.67 -10.21
C ASP A 51 7.89 -3.02 -10.19
N ASN A 52 7.61 -3.56 -11.38
CA ASN A 52 6.99 -4.87 -11.50
C ASN A 52 8.04 -5.97 -11.42
N SER A 53 9.24 -5.66 -11.86
CA SER A 53 10.34 -6.61 -11.78
C SER A 53 10.81 -6.73 -10.33
N GLU A 54 10.76 -5.60 -9.63
CA GLU A 54 11.18 -5.55 -8.23
C GLU A 54 10.10 -6.15 -7.34
N LEU A 55 8.87 -6.21 -7.83
CA LEU A 55 7.77 -6.79 -7.06
C LEU A 55 8.00 -8.28 -6.87
N LEU A 56 8.34 -8.96 -7.96
CA LEU A 56 8.60 -10.39 -7.92
C LEU A 56 9.69 -10.72 -6.91
N HIS A 57 10.75 -9.92 -6.91
CA HIS A 57 11.86 -10.12 -6.00
C HIS A 57 11.40 -10.12 -4.54
N MET A 58 10.47 -9.22 -4.21
CA MET A 58 9.97 -9.10 -2.85
C MET A 58 9.37 -10.40 -2.33
N LEU A 59 8.46 -10.98 -3.10
CA LEU A 59 7.82 -12.24 -2.69
C LEU A 59 8.84 -13.36 -2.56
N GLU A 60 10.00 -13.18 -3.18
CA GLU A 60 11.06 -14.17 -3.11
C GLU A 60 12.14 -13.72 -2.13
N SER A 61 12.00 -12.49 -1.63
CA SER A 61 12.97 -11.93 -0.70
C SER A 61 12.27 -11.51 0.59
N PRO A 62 12.03 -12.46 1.51
CA PRO A 62 11.38 -12.16 2.79
C PRO A 62 12.13 -11.11 3.60
N GLU A 63 13.45 -11.09 3.43
CA GLU A 63 14.29 -10.14 4.15
C GLU A 63 14.24 -8.75 3.53
N SER A 64 14.45 -8.67 2.23
CA SER A 64 14.48 -7.40 1.52
C SER A 64 13.09 -6.80 1.35
N LEU A 65 12.09 -7.66 1.27
CA LEU A 65 10.72 -7.22 1.07
C LEU A 65 10.11 -6.73 2.38
N ARG A 66 10.04 -7.59 3.38
CA ARG A 66 9.45 -7.21 4.66
C ARG A 66 10.11 -5.94 5.19
N SER A 67 11.39 -5.78 4.88
CA SER A 67 12.12 -4.57 5.28
C SER A 67 11.59 -3.36 4.54
N LYS A 68 11.22 -3.56 3.27
CA LYS A 68 10.66 -2.50 2.45
C LYS A 68 9.32 -2.06 3.02
N VAL A 69 8.39 -3.01 3.08
CA VAL A 69 7.06 -2.73 3.59
C VAL A 69 7.12 -2.35 5.06
N ASP A 70 8.22 -2.70 5.73
CA ASP A 70 8.41 -2.32 7.13
C ASP A 70 8.27 -0.81 7.25
N GLU A 71 9.01 -0.09 6.41
CA GLU A 71 8.93 1.37 6.38
C GLU A 71 7.57 1.79 5.83
N ALA A 72 7.02 0.96 4.95
CA ALA A 72 5.70 1.23 4.36
C ALA A 72 4.66 1.35 5.45
N VAL A 73 4.74 0.47 6.44
CA VAL A 73 3.84 0.52 7.58
C VAL A 73 4.04 1.84 8.32
N ALA A 74 5.27 2.34 8.27
CA ALA A 74 5.61 3.60 8.93
C ALA A 74 5.03 4.80 8.17
N VAL A 75 5.03 4.72 6.84
CA VAL A 75 4.50 5.82 6.02
C VAL A 75 3.04 6.08 6.39
N LEU A 76 2.36 5.04 6.85
CA LEU A 76 0.96 5.16 7.26
C LEU A 76 0.84 5.94 8.56
N GLN A 77 1.57 5.47 9.58
CA GLN A 77 1.57 6.13 10.87
C GLN A 77 1.85 7.62 10.72
N ALA A 78 2.66 7.95 9.73
CA ALA A 78 3.00 9.35 9.43
C ALA A 78 1.89 10.00 8.61
N HIS A 79 1.24 9.21 7.76
CA HIS A 79 0.17 9.70 6.90
C HIS A 79 -0.98 10.22 7.75
N GLN A 80 -1.41 9.43 8.73
CA GLN A 80 -2.50 9.83 9.61
C GLN A 80 -2.00 10.73 10.74
N ALA A 81 -0.70 11.00 10.74
CA ALA A 81 -0.09 11.83 11.77
C ALA A 81 -0.34 13.31 11.51
N LYS A 82 0.30 13.84 10.47
CA LYS A 82 0.17 15.25 10.12
C LYS A 82 -1.21 15.54 9.51
N GLU A 83 -1.99 14.49 9.31
CA GLU A 83 -3.32 14.63 8.73
C GLU A 83 -4.38 14.82 9.81
N ALA A 84 -4.40 13.91 10.77
CA ALA A 84 -5.36 13.98 11.87
C ALA A 84 -4.95 15.02 12.91
N ALA A 85 -3.75 15.55 12.76
CA ALA A 85 -3.23 16.55 13.69
C ALA A 85 -3.91 17.90 13.46
N GLN A 86 -3.77 18.42 12.25
CA GLN A 86 -4.36 19.71 11.90
C GLN A 86 -5.80 19.55 11.45
N LYS A 87 -5.99 18.99 10.25
CA LYS A 87 -7.32 18.78 9.70
C LYS A 87 -7.99 17.57 10.34
N ALA A 88 -8.75 17.81 11.40
CA ALA A 88 -9.44 16.73 12.12
C ALA A 88 -10.74 16.36 11.40
N VAL A 89 -11.01 17.04 10.29
CA VAL A 89 -12.23 16.77 9.52
C VAL A 89 -11.94 15.80 8.38
N ASN A 90 -11.05 14.85 8.63
CA ASN A 90 -10.69 13.85 7.63
C ASN A 90 -11.77 12.77 7.52
N SER A 91 -12.55 12.61 8.58
CA SER A 91 -13.61 11.61 8.62
C SER A 91 -14.89 12.16 8.00
N ALA A 92 -15.66 12.90 8.80
CA ALA A 92 -16.91 13.48 8.33
C ALA A 92 -16.68 14.76 7.54
N THR A 93 -17.70 15.21 6.84
CA THR A 93 -17.61 16.43 6.04
C THR A 93 -18.09 17.64 6.83
N GLY A 94 -17.72 18.83 6.36
CA GLY A 94 -18.12 20.05 7.04
C GLY A 94 -19.50 20.54 6.60
N VAL A 95 -20.50 19.68 6.73
CA VAL A 95 -21.85 20.02 6.33
C VAL A 95 -22.61 20.79 7.43
N PRO A 96 -22.32 20.54 8.74
CA PRO A 96 -23.01 21.24 9.82
C PRO A 96 -22.47 22.64 10.05
N THR A 97 -23.35 23.63 10.02
CA THR A 97 -22.96 25.02 10.23
C THR A 97 -23.37 25.51 11.62
N VAL A 98 -24.66 25.79 11.78
CA VAL A 98 -25.17 26.27 13.06
C VAL A 98 -26.46 25.55 13.44
N VAL B 1 -0.70 16.08 0.46
CA VAL B 1 0.57 15.64 -0.19
C VAL B 1 1.59 15.24 0.87
N VAL B 2 1.43 14.04 1.42
CA VAL B 2 2.34 13.54 2.44
C VAL B 2 3.60 12.94 1.80
N LYS B 3 4.76 13.31 2.32
CA LYS B 3 6.02 12.82 1.80
C LYS B 3 6.40 11.49 2.45
N SER B 4 6.40 10.42 1.65
CA SER B 4 6.75 9.10 2.13
C SER B 4 8.26 8.95 2.29
N ASN B 5 8.70 7.76 2.69
CA ASN B 5 10.12 7.49 2.87
C ASN B 5 10.68 6.67 1.72
N LEU B 6 9.96 5.59 1.37
CA LEU B 6 10.38 4.73 0.28
C LEU B 6 10.14 5.41 -1.06
N ASN B 7 8.89 5.40 -1.52
CA ASN B 7 8.53 6.03 -2.79
C ASN B 7 8.29 7.52 -2.62
N PRO B 8 8.99 8.36 -3.40
CA PRO B 8 8.82 9.81 -3.33
C PRO B 8 7.56 10.27 -4.05
N ASN B 9 6.82 9.32 -4.61
CA ASN B 9 5.59 9.62 -5.33
C ASN B 9 4.41 8.85 -4.72
N ALA B 10 4.28 8.94 -3.40
CA ALA B 10 3.20 8.24 -2.70
C ALA B 10 1.82 8.72 -3.16
N LYS B 11 1.21 7.97 -4.08
CA LYS B 11 -0.12 8.30 -4.58
C LYS B 11 -1.11 7.20 -4.23
N GLU B 12 -2.40 7.47 -4.40
CA GLU B 12 -3.44 6.49 -4.11
C GLU B 12 -3.36 5.32 -5.08
N PHE B 13 -4.09 4.24 -4.77
CA PHE B 13 -4.10 3.06 -5.61
C PHE B 13 -5.18 3.15 -6.68
N VAL B 14 -4.76 3.16 -7.94
CA VAL B 14 -5.69 3.22 -9.06
C VAL B 14 -5.61 1.95 -9.90
N PRO B 15 -6.34 0.90 -9.47
CA PRO B 15 -6.35 -0.40 -10.17
C PRO B 15 -6.72 -0.29 -11.65
N GLY B 16 -6.75 -1.43 -12.32
CA GLY B 16 -7.08 -1.46 -13.73
C GLY B 16 -5.88 -1.20 -14.62
N VAL B 17 -5.10 -0.20 -14.26
CA VAL B 17 -3.91 0.16 -15.03
C VAL B 17 -2.64 -0.03 -14.21
N LYS B 18 -1.59 -0.53 -14.86
CA LYS B 18 -0.32 -0.76 -14.18
C LYS B 18 0.25 0.55 -13.64
N TYR B 19 0.23 0.70 -12.31
CA TYR B 19 0.73 1.90 -11.66
C TYR B 19 2.25 1.87 -11.56
N GLY B 20 2.91 2.67 -12.39
CA GLY B 20 4.36 2.73 -12.37
C GLY B 20 5.00 1.51 -13.02
N ASN B 21 5.06 1.52 -14.35
CA ASN B 21 5.65 0.41 -15.09
C ASN B 21 7.13 0.65 -15.36
N ILE B 22 7.48 1.91 -15.55
CA ILE B 22 8.86 2.29 -15.82
C ILE B 22 9.33 3.37 -14.84
N GLY A 1 -15.84 -12.05 12.23
CA GLY A 1 -15.24 -13.36 11.82
C GLY A 1 -13.81 -13.53 12.30
N PRO A 2 -13.04 -14.45 11.69
CA PRO A 2 -11.66 -14.70 12.07
C PRO A 2 -10.70 -13.63 11.54
N LEU A 3 -9.48 -13.62 12.06
CA LEU A 3 -8.48 -12.65 11.63
C LEU A 3 -7.54 -13.26 10.60
N GLY A 4 -7.80 -14.51 10.22
CA GLY A 4 -6.97 -15.18 9.25
C GLY A 4 -7.61 -15.26 7.88
N SER A 5 -8.63 -14.42 7.67
CA SER A 5 -9.34 -14.40 6.39
C SER A 5 -8.59 -13.55 5.37
N PRO A 6 -8.02 -14.19 4.32
CA PRO A 6 -7.27 -13.48 3.27
C PRO A 6 -8.14 -12.50 2.50
N LEU A 7 -7.59 -11.33 2.22
CA LEU A 7 -8.32 -10.30 1.48
C LEU A 7 -7.87 -10.28 0.02
N THR A 8 -6.65 -9.79 -0.22
CA THR A 8 -6.10 -9.71 -1.56
C THR A 8 -5.40 -11.00 -1.93
N ALA A 9 -4.90 -11.71 -0.91
CA ALA A 9 -4.28 -13.01 -1.12
C ALA A 9 -5.27 -13.95 -1.77
N SER A 10 -6.52 -13.87 -1.30
CA SER A 10 -7.60 -14.68 -1.86
C SER A 10 -7.90 -14.19 -3.28
N MET A 11 -7.76 -12.88 -3.49
CA MET A 11 -7.98 -12.30 -4.81
C MET A 11 -6.94 -12.83 -5.79
N LEU A 12 -5.70 -12.96 -5.32
CA LEU A 12 -4.62 -13.46 -6.16
C LEU A 12 -5.02 -14.78 -6.81
N ALA A 13 -5.59 -15.67 -6.02
CA ALA A 13 -6.05 -16.95 -6.52
C ALA A 13 -7.21 -16.77 -7.50
N SER A 14 -8.04 -15.76 -7.25
CA SER A 14 -9.21 -15.50 -8.10
C SER A 14 -8.95 -14.34 -9.05
N ALA A 15 -7.68 -14.03 -9.31
CA ALA A 15 -7.32 -12.95 -10.20
C ALA A 15 -6.17 -13.34 -11.12
N PRO A 16 -6.41 -13.39 -12.45
CA PRO A 16 -5.39 -13.76 -13.43
C PRO A 16 -4.15 -12.87 -13.32
N PRO A 17 -3.04 -13.25 -14.00
CA PRO A 17 -1.80 -12.47 -13.97
C PRO A 17 -2.00 -11.02 -14.41
N GLN A 18 -2.89 -10.81 -15.37
CA GLN A 18 -3.17 -9.48 -15.87
C GLN A 18 -3.90 -8.63 -14.83
N GLU A 19 -4.38 -9.30 -13.78
CA GLU A 19 -5.10 -8.63 -12.71
C GLU A 19 -4.13 -8.03 -11.69
N GLN A 20 -2.85 -8.05 -12.04
CA GLN A 20 -1.80 -7.52 -11.17
C GLN A 20 -2.16 -6.14 -10.63
N LYS A 21 -2.30 -5.18 -11.54
CA LYS A 21 -2.61 -3.81 -11.15
C LYS A 21 -3.87 -3.73 -10.32
N GLN A 22 -4.74 -4.71 -10.45
CA GLN A 22 -6.00 -4.74 -9.70
C GLN A 22 -5.76 -5.06 -8.22
N MET A 23 -5.58 -6.33 -7.93
CA MET A 23 -5.42 -6.81 -6.55
C MET A 23 -4.10 -6.35 -5.92
N LEU A 24 -3.10 -7.24 -5.98
CA LEU A 24 -1.81 -7.03 -5.35
C LEU A 24 -1.09 -5.79 -5.86
N GLY A 25 -1.67 -5.09 -6.82
CA GLY A 25 -0.98 -3.97 -7.43
C GLY A 25 0.23 -4.51 -8.16
N GLU A 26 1.41 -4.14 -7.72
CA GLU A 26 2.61 -4.79 -8.20
C GLU A 26 2.71 -6.15 -7.51
N ARG A 27 2.95 -6.09 -6.21
CA ARG A 27 2.99 -7.26 -5.33
C ARG A 27 2.79 -6.78 -3.91
N LEU A 28 2.48 -5.49 -3.81
CA LEU A 28 2.39 -4.80 -2.53
C LEU A 28 1.33 -5.37 -1.59
N PHE A 29 0.07 -5.14 -1.91
CA PHE A 29 -1.05 -5.55 -1.06
C PHE A 29 -0.80 -6.89 -0.33
N PRO A 30 -0.35 -7.95 -1.03
CA PRO A 30 -0.13 -9.27 -0.40
C PRO A 30 0.96 -9.26 0.67
N LEU A 31 2.05 -8.53 0.44
CA LEU A 31 3.12 -8.48 1.43
C LEU A 31 2.66 -7.70 2.65
N ILE A 32 2.03 -6.57 2.39
CA ILE A 32 1.48 -5.75 3.46
C ILE A 32 0.22 -6.40 4.02
N GLN A 33 -0.31 -7.38 3.28
CA GLN A 33 -1.49 -8.11 3.72
C GLN A 33 -1.16 -8.83 5.03
N ALA A 34 0.06 -9.35 5.10
CA ALA A 34 0.54 -9.98 6.32
C ALA A 34 0.75 -8.89 7.37
N MET A 35 1.11 -7.71 6.89
CA MET A 35 1.32 -6.55 7.75
C MET A 35 0.10 -5.64 7.70
N HIS A 36 -1.06 -6.24 7.43
CA HIS A 36 -2.30 -5.49 7.28
C HIS A 36 -2.80 -4.83 8.57
N PRO A 37 -2.52 -5.40 9.78
CA PRO A 37 -2.96 -4.80 11.04
C PRO A 37 -2.84 -3.29 11.04
N THR A 38 -1.87 -2.78 10.26
CA THR A 38 -1.67 -1.35 10.12
C THR A 38 -2.71 -0.76 9.16
N LEU A 39 -2.42 -0.84 7.86
CA LEU A 39 -3.33 -0.32 6.85
C LEU A 39 -2.90 -0.73 5.44
N ALA A 40 -2.57 -2.01 5.26
CA ALA A 40 -2.13 -2.54 3.96
C ALA A 40 -2.85 -1.88 2.79
N GLY A 41 -4.15 -1.62 2.98
CA GLY A 41 -4.96 -1.02 1.94
C GLY A 41 -4.32 0.20 1.30
N LYS A 42 -4.04 1.22 2.10
CA LYS A 42 -3.48 2.46 1.57
C LYS A 42 -1.98 2.33 1.28
N ILE A 43 -1.29 1.49 2.04
CA ILE A 43 0.14 1.31 1.85
C ILE A 43 0.46 0.94 0.41
N THR A 44 -0.15 -0.15 -0.06
CA THR A 44 0.08 -0.61 -1.42
C THR A 44 -0.03 0.52 -2.42
N GLY A 45 -1.11 1.31 -2.32
CA GLY A 45 -1.33 2.41 -3.23
C GLY A 45 -0.12 3.33 -3.38
N MET A 46 0.29 3.95 -2.28
CA MET A 46 1.41 4.89 -2.31
C MET A 46 2.67 4.25 -2.89
N LEU A 47 3.19 3.23 -2.23
CA LEU A 47 4.42 2.57 -2.67
C LEU A 47 4.21 1.78 -3.95
N LEU A 48 2.99 1.81 -4.50
CA LEU A 48 2.71 1.10 -5.73
C LEU A 48 3.48 1.67 -6.90
N GLU A 49 4.13 2.80 -6.68
CA GLU A 49 4.96 3.42 -7.70
C GLU A 49 6.25 2.63 -7.85
N ILE A 50 6.25 1.42 -7.29
CA ILE A 50 7.40 0.53 -7.33
C ILE A 50 7.47 -0.22 -8.66
N ASP A 51 8.63 -0.78 -8.95
CA ASP A 51 8.83 -1.50 -10.21
C ASP A 51 8.07 -2.82 -10.24
N ASN A 52 7.87 -3.35 -11.44
CA ASN A 52 7.20 -4.63 -11.60
C ASN A 52 8.24 -5.76 -11.56
N SER A 53 9.45 -5.45 -11.99
CA SER A 53 10.54 -6.40 -11.94
C SER A 53 11.01 -6.57 -10.50
N GLU A 54 10.87 -5.48 -9.74
CA GLU A 54 11.26 -5.47 -8.33
C GLU A 54 10.18 -6.15 -7.49
N LEU A 55 8.93 -6.09 -7.95
CA LEU A 55 7.83 -6.72 -7.22
C LEU A 55 8.10 -8.21 -7.07
N LEU A 56 8.53 -8.82 -8.17
CA LEU A 56 8.87 -10.24 -8.16
C LEU A 56 9.96 -10.52 -7.12
N HIS A 57 11.00 -9.72 -7.15
CA HIS A 57 12.12 -9.88 -6.22
C HIS A 57 11.65 -9.80 -4.76
N MET A 58 10.50 -9.16 -4.53
CA MET A 58 9.97 -9.00 -3.19
C MET A 58 9.45 -10.32 -2.62
N LEU A 59 8.56 -11.00 -3.34
CA LEU A 59 8.03 -12.28 -2.85
C LEU A 59 9.13 -13.34 -2.83
N GLU A 60 10.29 -13.00 -3.39
CA GLU A 60 11.44 -13.90 -3.37
C GLU A 60 12.40 -13.48 -2.26
N SER A 61 12.16 -12.30 -1.70
CA SER A 61 13.00 -11.76 -0.65
C SER A 61 12.19 -11.48 0.61
N PRO A 62 11.99 -12.48 1.48
CA PRO A 62 11.25 -12.30 2.73
C PRO A 62 11.94 -11.30 3.65
N GLU A 63 13.27 -11.29 3.61
CA GLU A 63 14.07 -10.39 4.43
C GLU A 63 14.08 -8.98 3.86
N SER A 64 14.32 -8.87 2.56
CA SER A 64 14.40 -7.57 1.89
C SER A 64 13.04 -6.91 1.79
N LEU A 65 12.10 -7.64 1.19
CA LEU A 65 10.75 -7.11 0.97
C LEU A 65 10.08 -6.71 2.28
N ARG A 66 9.88 -7.66 3.19
CA ARG A 66 9.20 -7.36 4.44
C ARG A 66 9.81 -6.14 5.14
N SER A 67 11.13 -6.01 5.04
CA SER A 67 11.82 -4.87 5.63
C SER A 67 11.48 -3.60 4.86
N LYS A 68 11.30 -3.75 3.55
CA LYS A 68 10.96 -2.64 2.68
C LYS A 68 9.56 -2.13 3.03
N VAL A 69 8.58 -3.02 2.96
CA VAL A 69 7.21 -2.68 3.29
C VAL A 69 7.10 -2.32 4.77
N ASP A 70 8.09 -2.73 5.55
CA ASP A 70 8.13 -2.38 6.98
C ASP A 70 8.03 -0.88 7.12
N GLU A 71 8.85 -0.17 6.35
CA GLU A 71 8.81 1.29 6.35
C GLU A 71 7.49 1.77 5.77
N ALA A 72 6.98 1.02 4.78
CA ALA A 72 5.70 1.32 4.16
C ALA A 72 4.60 1.40 5.21
N VAL A 73 4.65 0.49 6.17
CA VAL A 73 3.71 0.48 7.27
C VAL A 73 3.81 1.78 8.07
N ALA A 74 5.02 2.31 8.15
CA ALA A 74 5.26 3.54 8.88
C ALA A 74 4.73 4.75 8.13
N VAL A 75 4.82 4.72 6.80
CA VAL A 75 4.33 5.83 5.99
C VAL A 75 2.85 6.09 6.30
N LEU A 76 2.14 5.02 6.66
CA LEU A 76 0.73 5.11 7.02
C LEU A 76 0.56 5.79 8.36
N GLN A 77 1.24 5.27 9.37
CA GLN A 77 1.17 5.82 10.71
C GLN A 77 1.45 7.32 10.68
N ALA A 78 2.32 7.71 9.76
CA ALA A 78 2.65 9.12 9.57
C ALA A 78 1.59 9.82 8.72
N HIS A 79 1.01 9.07 7.79
CA HIS A 79 -0.02 9.61 6.91
C HIS A 79 -1.23 10.07 7.69
N GLN A 80 -1.51 9.40 8.81
CA GLN A 80 -2.65 9.75 9.65
C GLN A 80 -2.32 10.88 10.61
N ALA A 81 -1.38 10.61 11.53
CA ALA A 81 -1.02 11.58 12.57
C ALA A 81 -0.08 12.66 12.06
N LYS A 82 1.08 12.25 11.54
CA LYS A 82 2.09 13.20 11.07
C LYS A 82 1.55 14.12 9.98
N GLU A 83 0.48 13.70 9.32
CA GLU A 83 -0.12 14.51 8.26
C GLU A 83 -1.25 15.37 8.81
N ALA A 84 -2.03 14.81 9.72
CA ALA A 84 -3.16 15.53 10.31
C ALA A 84 -2.68 16.61 11.27
N ALA A 85 -1.45 16.47 11.74
CA ALA A 85 -0.87 17.44 12.66
C ALA A 85 -0.50 18.73 11.95
N GLN A 86 0.54 18.66 11.12
CA GLN A 86 1.01 19.81 10.37
C GLN A 86 0.31 19.89 9.00
N LYS A 87 -0.83 20.56 8.96
CA LYS A 87 -1.59 20.70 7.73
C LYS A 87 -1.13 21.93 6.95
N ALA A 88 -1.60 23.10 7.36
CA ALA A 88 -1.23 24.35 6.70
C ALA A 88 0.06 24.91 7.30
N VAL A 89 0.57 24.24 8.32
CA VAL A 89 1.80 24.67 8.98
C VAL A 89 3.01 24.04 8.32
N ASN A 90 2.78 23.04 7.47
CA ASN A 90 3.85 22.36 6.77
C ASN A 90 4.32 23.17 5.58
N SER A 91 5.04 24.26 5.86
CA SER A 91 5.56 25.12 4.80
C SER A 91 7.02 24.80 4.50
N ALA A 92 7.38 23.54 4.64
CA ALA A 92 8.75 23.09 4.38
C ALA A 92 9.05 23.06 2.89
N THR A 93 10.28 22.70 2.54
CA THR A 93 10.68 22.61 1.15
C THR A 93 10.94 21.17 0.73
N GLY A 94 10.81 20.89 -0.55
CA GLY A 94 11.04 19.55 -1.05
C GLY A 94 12.50 19.29 -1.37
N VAL A 95 12.87 18.01 -1.37
CA VAL A 95 14.26 17.63 -1.65
C VAL A 95 14.37 16.97 -3.03
N PRO A 96 14.76 17.74 -4.06
CA PRO A 96 14.91 17.22 -5.42
C PRO A 96 16.11 16.29 -5.56
N THR A 97 17.09 16.45 -4.67
CA THR A 97 18.29 15.64 -4.70
C THR A 97 18.07 14.30 -3.99
N VAL A 98 18.42 13.21 -4.67
CA VAL A 98 18.25 11.87 -4.11
C VAL A 98 19.61 11.25 -3.78
N VAL B 1 3.03 17.96 -1.04
CA VAL B 1 3.66 17.51 0.23
C VAL B 1 4.18 16.08 0.11
N VAL B 2 5.47 15.91 0.36
CA VAL B 2 6.10 14.58 0.29
C VAL B 2 6.24 13.97 1.68
N LYS B 3 5.13 13.53 2.25
CA LYS B 3 5.13 12.93 3.57
C LYS B 3 5.41 11.44 3.49
N SER B 4 6.04 11.01 2.40
CA SER B 4 6.38 9.61 2.19
C SER B 4 7.78 9.30 2.70
N ASN B 5 8.07 8.01 2.86
CA ASN B 5 9.38 7.59 3.35
C ASN B 5 10.07 6.69 2.33
N LEU B 6 9.43 5.58 2.00
CA LEU B 6 9.99 4.62 1.05
C LEU B 6 9.98 5.20 -0.37
N ASN B 7 8.80 5.29 -0.96
CA ASN B 7 8.66 5.83 -2.31
C ASN B 7 8.46 7.34 -2.28
N PRO B 8 9.23 8.10 -3.07
CA PRO B 8 9.12 9.56 -3.13
C PRO B 8 7.90 10.00 -3.94
N ASN B 9 7.17 9.03 -4.47
CA ASN B 9 5.98 9.30 -5.27
C ASN B 9 4.75 8.62 -4.69
N ALA B 10 4.56 8.76 -3.39
CA ALA B 10 3.42 8.15 -2.70
C ALA B 10 2.09 8.65 -3.26
N LYS B 11 1.47 7.86 -4.14
CA LYS B 11 0.18 8.21 -4.71
C LYS B 11 -0.85 7.13 -4.43
N GLU B 12 -2.13 7.50 -4.39
CA GLU B 12 -3.21 6.56 -4.12
C GLU B 12 -3.18 5.38 -5.09
N PHE B 13 -3.98 4.35 -4.80
CA PHE B 13 -4.07 3.17 -5.65
C PHE B 13 -5.11 3.36 -6.74
N VAL B 14 -4.65 3.44 -7.99
CA VAL B 14 -5.53 3.61 -9.13
C VAL B 14 -5.52 2.37 -10.02
N PRO B 15 -6.37 1.37 -9.70
CA PRO B 15 -6.44 0.12 -10.46
C PRO B 15 -6.69 0.35 -11.95
N GLY B 16 -6.93 -0.75 -12.67
CA GLY B 16 -7.17 -0.66 -14.09
C GLY B 16 -5.89 -0.64 -14.90
N VAL B 17 -4.97 0.26 -14.53
CA VAL B 17 -3.69 0.38 -15.21
C VAL B 17 -2.55 0.01 -14.28
N LYS B 18 -1.48 -0.55 -14.85
CA LYS B 18 -0.31 -0.93 -14.07
C LYS B 18 0.42 0.30 -13.54
N TYR B 19 0.02 0.77 -12.37
CA TYR B 19 0.62 1.94 -11.76
C TYR B 19 2.06 1.67 -11.36
N GLY B 20 3.00 2.37 -11.99
CA GLY B 20 4.40 2.19 -11.68
C GLY B 20 5.07 1.18 -12.59
N ASN B 21 4.64 1.14 -13.85
CA ASN B 21 5.21 0.21 -14.82
C ASN B 21 6.25 0.91 -15.71
N ILE B 22 6.69 2.09 -15.26
CA ILE B 22 7.67 2.86 -16.01
C ILE B 22 9.00 2.92 -15.26
N GLY A 1 -22.42 -12.88 8.03
CA GLY A 1 -22.27 -12.77 6.55
C GLY A 1 -21.18 -13.68 6.00
N PRO A 2 -21.22 -14.01 4.71
CA PRO A 2 -20.21 -14.88 4.08
C PRO A 2 -18.81 -14.27 4.15
N LEU A 3 -17.96 -14.84 5.00
CA LEU A 3 -16.60 -14.36 5.17
C LEU A 3 -15.70 -14.89 4.05
N GLY A 4 -15.48 -14.06 3.03
CA GLY A 4 -14.65 -14.46 1.92
C GLY A 4 -13.19 -14.07 2.11
N SER A 5 -12.61 -14.48 3.25
CA SER A 5 -11.23 -14.18 3.55
C SER A 5 -10.29 -15.21 2.92
N PRO A 6 -9.03 -14.82 2.62
CA PRO A 6 -8.51 -13.47 2.86
C PRO A 6 -9.12 -12.43 1.92
N LEU A 7 -8.58 -11.21 1.96
CA LEU A 7 -9.07 -10.12 1.14
C LEU A 7 -8.37 -10.09 -0.22
N THR A 8 -7.12 -9.63 -0.22
CA THR A 8 -6.34 -9.54 -1.45
C THR A 8 -5.62 -10.84 -1.74
N ALA A 9 -5.20 -11.54 -0.69
CA ALA A 9 -4.56 -12.84 -0.86
C ALA A 9 -5.49 -13.78 -1.60
N SER A 10 -6.77 -13.67 -1.29
CA SER A 10 -7.78 -14.48 -1.96
C SER A 10 -7.95 -14.01 -3.39
N MET A 11 -7.79 -12.71 -3.62
CA MET A 11 -7.87 -12.16 -4.98
C MET A 11 -6.75 -12.73 -5.82
N LEU A 12 -5.58 -12.91 -5.21
CA LEU A 12 -4.43 -13.46 -5.90
C LEU A 12 -4.81 -14.77 -6.59
N ALA A 13 -5.39 -15.68 -5.82
CA ALA A 13 -5.84 -16.96 -6.34
C ALA A 13 -6.99 -16.78 -7.33
N SER A 14 -7.77 -15.71 -7.14
CA SER A 14 -8.92 -15.45 -8.00
C SER A 14 -8.63 -14.37 -9.05
N ALA A 15 -7.35 -14.11 -9.28
CA ALA A 15 -6.95 -13.10 -10.26
C ALA A 15 -5.76 -13.59 -11.09
N PRO A 16 -5.91 -13.67 -12.42
CA PRO A 16 -4.84 -14.10 -13.32
C PRO A 16 -3.62 -13.20 -13.22
N PRO A 17 -2.48 -13.59 -13.83
CA PRO A 17 -1.24 -12.79 -13.80
C PRO A 17 -1.46 -11.39 -14.36
N GLN A 18 -2.36 -11.27 -15.33
CA GLN A 18 -2.65 -9.98 -15.96
C GLN A 18 -3.47 -9.10 -15.02
N GLU A 19 -3.94 -9.68 -13.92
CA GLU A 19 -4.74 -8.94 -12.95
C GLU A 19 -3.86 -8.29 -11.89
N GLN A 20 -2.55 -8.36 -12.11
CA GLN A 20 -1.59 -7.81 -11.15
C GLN A 20 -1.98 -6.42 -10.68
N LYS A 21 -2.07 -5.48 -11.63
CA LYS A 21 -2.39 -4.09 -11.30
C LYS A 21 -3.70 -3.97 -10.54
N GLN A 22 -4.57 -4.98 -10.67
CA GLN A 22 -5.85 -4.95 -9.96
C GLN A 22 -5.67 -5.21 -8.47
N MET A 23 -5.50 -6.48 -8.12
CA MET A 23 -5.39 -6.89 -6.72
C MET A 23 -4.09 -6.41 -6.07
N LEU A 24 -3.10 -7.30 -6.03
CA LEU A 24 -1.84 -7.02 -5.34
C LEU A 24 -1.11 -5.81 -5.92
N GLY A 25 -1.65 -5.19 -6.95
CA GLY A 25 -0.91 -4.11 -7.58
C GLY A 25 0.33 -4.68 -8.20
N GLU A 26 1.48 -4.27 -7.71
CA GLU A 26 2.72 -4.92 -8.08
C GLU A 26 2.78 -6.25 -7.34
N ARG A 27 2.98 -6.13 -6.02
CA ARG A 27 2.97 -7.25 -5.10
C ARG A 27 2.71 -6.72 -3.70
N LEU A 28 2.27 -5.46 -3.66
CA LEU A 28 2.09 -4.72 -2.42
C LEU A 28 1.13 -5.38 -1.43
N PHE A 29 -0.17 -5.16 -1.62
CA PHE A 29 -1.20 -5.63 -0.71
C PHE A 29 -0.86 -6.97 -0.03
N PRO A 30 -0.49 -8.01 -0.79
CA PRO A 30 -0.19 -9.34 -0.23
C PRO A 30 0.89 -9.32 0.85
N LEU A 31 1.96 -8.56 0.63
CA LEU A 31 3.04 -8.50 1.62
C LEU A 31 2.57 -7.74 2.85
N ILE A 32 1.97 -6.58 2.62
CA ILE A 32 1.45 -5.79 3.72
C ILE A 32 0.21 -6.46 4.31
N GLN A 33 -0.33 -7.43 3.58
CA GLN A 33 -1.48 -8.18 4.07
C GLN A 33 -1.08 -8.90 5.33
N ALA A 34 0.14 -9.42 5.32
CA ALA A 34 0.71 -10.04 6.52
C ALA A 34 0.92 -8.97 7.57
N MET A 35 1.18 -7.74 7.10
CA MET A 35 1.36 -6.60 7.99
C MET A 35 0.11 -5.74 8.01
N HIS A 36 -1.04 -6.37 7.76
CA HIS A 36 -2.31 -5.68 7.71
C HIS A 36 -2.73 -5.08 9.06
N PRO A 37 -2.36 -5.71 10.22
CA PRO A 37 -2.71 -5.16 11.54
C PRO A 37 -2.69 -3.64 11.55
N THR A 38 -1.78 -3.06 10.78
CA THR A 38 -1.70 -1.62 10.63
C THR A 38 -2.79 -1.15 9.66
N LEU A 39 -2.46 -1.11 8.36
CA LEU A 39 -3.44 -0.75 7.34
C LEU A 39 -2.89 -0.96 5.94
N ALA A 40 -2.67 -2.23 5.56
CA ALA A 40 -2.15 -2.57 4.24
C ALA A 40 -2.94 -1.88 3.13
N GLY A 41 -4.19 -1.53 3.44
CA GLY A 41 -5.07 -0.90 2.45
C GLY A 41 -4.44 0.28 1.73
N LYS A 42 -4.12 1.34 2.48
CA LYS A 42 -3.56 2.54 1.86
C LYS A 42 -2.09 2.38 1.49
N ILE A 43 -1.37 1.61 2.28
CA ILE A 43 0.06 1.40 2.03
C ILE A 43 0.32 0.92 0.61
N THR A 44 -0.32 -0.19 0.24
CA THR A 44 -0.16 -0.75 -1.11
C THR A 44 -0.32 0.36 -2.15
N GLY A 45 -1.37 1.16 -1.99
CA GLY A 45 -1.64 2.24 -2.91
C GLY A 45 -0.47 3.18 -3.11
N MET A 46 -0.05 3.85 -2.05
CA MET A 46 1.05 4.80 -2.13
C MET A 46 2.30 4.16 -2.72
N LEU A 47 2.67 2.99 -2.21
CA LEU A 47 3.86 2.29 -2.68
C LEU A 47 3.57 1.54 -3.98
N LEU A 48 2.36 1.67 -4.49
CA LEU A 48 1.98 1.00 -5.75
C LEU A 48 2.79 1.57 -6.91
N GLU A 49 3.45 2.70 -6.66
CA GLU A 49 4.29 3.33 -7.67
C GLU A 49 5.63 2.61 -7.77
N ILE A 50 5.68 1.39 -7.25
CA ILE A 50 6.90 0.59 -7.26
C ILE A 50 7.05 -0.14 -8.59
N ASP A 51 8.27 -0.62 -8.85
CA ASP A 51 8.56 -1.31 -10.11
C ASP A 51 7.92 -2.69 -10.15
N ASN A 52 7.74 -3.21 -11.36
CA ASN A 52 7.19 -4.55 -11.53
C ASN A 52 8.29 -5.59 -11.38
N SER A 53 9.52 -5.19 -11.70
CA SER A 53 10.68 -6.07 -11.55
C SER A 53 11.05 -6.19 -10.08
N GLU A 54 10.81 -5.12 -9.34
CA GLU A 54 11.10 -5.09 -7.91
C GLU A 54 10.01 -5.84 -7.14
N LEU A 55 8.81 -5.88 -7.72
CA LEU A 55 7.69 -6.55 -7.08
C LEU A 55 7.98 -8.04 -6.93
N LEU A 56 8.42 -8.67 -8.02
CA LEU A 56 8.71 -10.10 -8.00
C LEU A 56 9.80 -10.42 -6.98
N HIS A 57 10.81 -9.55 -6.91
CA HIS A 57 11.92 -9.76 -5.99
C HIS A 57 11.45 -9.72 -4.54
N MET A 58 10.29 -9.10 -4.30
CA MET A 58 9.74 -8.97 -2.94
C MET A 58 9.13 -10.28 -2.45
N LEU A 59 8.11 -10.78 -3.16
CA LEU A 59 7.48 -12.03 -2.75
C LEU A 59 8.45 -13.19 -2.90
N GLU A 60 9.63 -12.89 -3.44
CA GLU A 60 10.66 -13.90 -3.60
C GLU A 60 11.74 -13.70 -2.53
N SER A 61 11.78 -12.50 -1.95
CA SER A 61 12.74 -12.18 -0.91
C SER A 61 12.05 -11.73 0.37
N PRO A 62 11.69 -12.68 1.25
CA PRO A 62 11.01 -12.36 2.51
C PRO A 62 11.78 -11.34 3.35
N GLU A 63 13.11 -11.40 3.28
CA GLU A 63 13.96 -10.50 4.06
C GLU A 63 14.03 -9.11 3.41
N SER A 64 14.29 -9.07 2.11
CA SER A 64 14.40 -7.81 1.39
C SER A 64 13.05 -7.16 1.21
N LEU A 65 12.01 -7.98 1.19
CA LEU A 65 10.65 -7.52 1.00
C LEU A 65 10.08 -6.92 2.27
N ARG A 66 9.91 -7.75 3.29
CA ARG A 66 9.34 -7.28 4.55
C ARG A 66 10.04 -6.02 5.03
N SER A 67 11.31 -5.87 4.66
CA SER A 67 12.09 -4.69 5.02
C SER A 67 11.56 -3.46 4.28
N LYS A 68 11.20 -3.66 3.01
CA LYS A 68 10.66 -2.58 2.20
C LYS A 68 9.32 -2.13 2.76
N VAL A 69 8.37 -3.05 2.81
CA VAL A 69 7.05 -2.74 3.31
C VAL A 69 7.09 -2.32 4.78
N ASP A 70 8.17 -2.70 5.47
CA ASP A 70 8.36 -2.28 6.86
C ASP A 70 8.26 -0.77 6.95
N GLU A 71 9.01 -0.10 6.08
CA GLU A 71 8.98 1.35 6.01
C GLU A 71 7.63 1.80 5.45
N ALA A 72 7.01 0.93 4.66
CA ALA A 72 5.71 1.22 4.05
C ALA A 72 4.64 1.42 5.11
N VAL A 73 4.52 0.47 6.03
CA VAL A 73 3.54 0.60 7.11
C VAL A 73 3.80 1.89 7.88
N ALA A 74 5.05 2.31 7.87
CA ALA A 74 5.45 3.53 8.54
C ALA A 74 4.97 4.77 7.79
N VAL A 75 4.87 4.66 6.47
CA VAL A 75 4.40 5.78 5.65
C VAL A 75 2.94 6.09 5.94
N LEU A 76 2.16 5.03 6.16
CA LEU A 76 0.73 5.17 6.45
C LEU A 76 0.52 5.73 7.85
N GLN A 77 1.14 5.09 8.84
CA GLN A 77 1.03 5.53 10.23
C GLN A 77 1.46 6.99 10.35
N ALA A 78 2.46 7.35 9.55
CA ALA A 78 2.96 8.72 9.53
C ALA A 78 2.06 9.60 8.66
N HIS A 79 1.31 8.97 7.77
CA HIS A 79 0.40 9.69 6.89
C HIS A 79 -0.75 10.30 7.67
N GLN A 80 -1.13 9.65 8.77
CA GLN A 80 -2.21 10.13 9.60
C GLN A 80 -1.75 11.29 10.49
N ALA A 81 -0.52 11.75 10.27
CA ALA A 81 0.03 12.86 11.05
C ALA A 81 -0.47 14.20 10.54
N LYS A 82 0.08 14.65 9.41
CA LYS A 82 -0.28 15.94 8.82
C LYS A 82 -1.60 15.87 8.07
N GLU A 83 -1.97 14.68 7.62
CA GLU A 83 -3.21 14.50 6.86
C GLU A 83 -4.43 14.58 7.77
N ALA A 84 -4.27 14.10 9.00
CA ALA A 84 -5.37 14.11 9.97
C ALA A 84 -5.60 15.51 10.53
N ALA A 85 -4.85 16.48 10.03
CA ALA A 85 -4.98 17.86 10.47
C ALA A 85 -6.30 18.47 10.00
N GLN A 86 -7.03 17.72 9.17
CA GLN A 86 -8.30 18.18 8.64
C GLN A 86 -9.45 17.71 9.54
N LYS A 87 -9.47 16.41 9.84
CA LYS A 87 -10.51 15.84 10.68
C LYS A 87 -10.22 16.10 12.16
N ALA A 88 -11.28 16.08 12.97
CA ALA A 88 -11.14 16.32 14.39
C ALA A 88 -10.89 15.01 15.15
N VAL A 89 -10.38 14.01 14.43
CA VAL A 89 -10.08 12.71 15.03
C VAL A 89 -8.64 12.66 15.53
N ASN A 90 -8.03 13.83 15.68
CA ASN A 90 -6.65 13.92 16.15
C ASN A 90 -6.61 14.13 17.66
N SER A 91 -5.91 13.25 18.36
CA SER A 91 -5.79 13.34 19.81
C SER A 91 -4.61 14.22 20.21
N ALA A 92 -4.60 14.68 21.45
CA ALA A 92 -3.53 15.52 21.95
C ALA A 92 -2.39 14.69 22.53
N THR A 93 -1.38 14.44 21.71
CA THR A 93 -0.22 13.66 22.12
C THR A 93 0.91 14.55 22.59
N GLY A 94 0.86 14.94 23.87
CA GLY A 94 1.90 15.81 24.42
C GLY A 94 3.01 15.03 25.09
N VAL A 95 3.93 15.75 25.72
CA VAL A 95 5.05 15.13 26.40
C VAL A 95 4.69 14.79 27.84
N PRO A 96 4.64 13.48 28.18
CA PRO A 96 4.29 13.03 29.54
C PRO A 96 5.20 13.65 30.61
N THR A 97 4.67 13.78 31.82
CA THR A 97 5.43 14.35 32.93
C THR A 97 6.31 13.29 33.60
N VAL A 98 6.06 12.04 33.26
CA VAL A 98 6.83 10.93 33.83
C VAL A 98 7.62 10.19 32.76
N VAL B 1 3.36 19.26 -1.28
CA VAL B 1 4.34 18.19 -1.56
C VAL B 1 4.04 16.93 -0.74
N VAL B 2 4.30 15.78 -1.33
CA VAL B 2 4.06 14.50 -0.65
C VAL B 2 5.35 13.97 -0.03
N LYS B 3 5.51 14.21 1.27
CA LYS B 3 6.70 13.77 1.98
C LYS B 3 6.52 12.34 2.48
N SER B 4 6.76 11.37 1.59
CA SER B 4 6.62 9.97 1.93
C SER B 4 7.95 9.41 2.45
N ASN B 5 7.99 8.10 2.66
CA ASN B 5 9.19 7.45 3.15
C ASN B 5 9.91 6.70 2.03
N LEU B 6 9.39 5.52 1.68
CA LEU B 6 9.99 4.72 0.62
C LEU B 6 9.82 5.39 -0.74
N ASN B 7 8.65 5.21 -1.35
CA ASN B 7 8.37 5.82 -2.63
C ASN B 7 8.10 7.31 -2.50
N PRO B 8 8.86 8.15 -3.23
CA PRO B 8 8.67 9.60 -3.20
C PRO B 8 7.44 10.03 -3.99
N ASN B 9 6.73 9.05 -4.54
CA ASN B 9 5.53 9.32 -5.33
C ASN B 9 4.34 8.57 -4.75
N ALA B 10 4.16 8.68 -3.42
CA ALA B 10 3.05 8.01 -2.74
C ALA B 10 1.70 8.48 -3.27
N LYS B 11 1.11 7.70 -4.17
CA LYS B 11 -0.21 8.02 -4.71
C LYS B 11 -1.18 6.87 -4.46
N GLU B 12 -2.47 7.18 -4.37
CA GLU B 12 -3.49 6.17 -4.12
C GLU B 12 -3.41 5.05 -5.16
N PHE B 13 -4.07 3.93 -4.86
CA PHE B 13 -4.06 2.77 -5.75
C PHE B 13 -5.20 2.88 -6.77
N VAL B 14 -5.08 3.83 -7.68
CA VAL B 14 -6.09 4.03 -8.71
C VAL B 14 -5.49 4.17 -10.11
N PRO B 15 -4.30 3.58 -10.40
CA PRO B 15 -3.69 3.66 -11.73
C PRO B 15 -4.58 3.09 -12.82
N GLY B 16 -5.39 2.11 -12.45
CA GLY B 16 -6.23 1.44 -13.42
C GLY B 16 -5.46 0.33 -14.13
N VAL B 17 -4.27 0.67 -14.59
CA VAL B 17 -3.38 -0.30 -15.23
C VAL B 17 -2.11 -0.49 -14.39
N LYS B 18 -1.06 -1.01 -14.99
CA LYS B 18 0.20 -1.21 -14.28
C LYS B 18 0.78 0.11 -13.81
N TYR B 19 0.83 0.30 -12.50
CA TYR B 19 1.35 1.53 -11.92
C TYR B 19 2.87 1.46 -11.77
N GLY B 20 3.57 2.16 -12.66
CA GLY B 20 5.03 2.17 -12.62
C GLY B 20 5.64 1.09 -13.48
N ASN B 21 5.61 1.30 -14.79
CA ASN B 21 6.17 0.33 -15.73
C ASN B 21 7.62 0.67 -16.07
N ILE B 22 8.00 1.91 -15.83
CA ILE B 22 9.36 2.37 -16.12
C ILE B 22 10.00 2.99 -14.87
N GLY A 1 -16.45 -23.73 6.07
CA GLY A 1 -15.09 -23.76 6.68
C GLY A 1 -14.53 -22.39 6.94
N PRO A 2 -13.39 -22.02 6.30
CA PRO A 2 -12.76 -20.71 6.48
C PRO A 2 -13.71 -19.57 6.13
N LEU A 3 -13.70 -18.52 6.95
CA LEU A 3 -14.55 -17.36 6.72
C LEU A 3 -13.95 -16.44 5.66
N GLY A 4 -14.65 -15.35 5.37
CA GLY A 4 -14.18 -14.40 4.38
C GLY A 4 -13.29 -13.33 4.97
N SER A 5 -12.09 -13.71 5.38
CA SER A 5 -11.14 -12.78 5.98
C SER A 5 -10.19 -12.20 4.93
N PRO A 6 -9.54 -13.04 4.10
CA PRO A 6 -8.62 -12.57 3.07
C PRO A 6 -9.32 -11.73 2.01
N LEU A 7 -8.78 -10.55 1.74
CA LEU A 7 -9.36 -9.64 0.75
C LEU A 7 -8.60 -9.70 -0.56
N THR A 8 -7.33 -9.29 -0.53
CA THR A 8 -6.50 -9.28 -1.73
C THR A 8 -5.81 -10.62 -1.92
N ALA A 9 -5.47 -11.28 -0.82
CA ALA A 9 -4.87 -12.60 -0.88
C ALA A 9 -5.81 -13.55 -1.60
N SER A 10 -7.11 -13.36 -1.38
CA SER A 10 -8.13 -14.16 -2.04
C SER A 10 -8.20 -13.78 -3.51
N MET A 11 -7.97 -12.50 -3.80
CA MET A 11 -7.97 -12.03 -5.18
C MET A 11 -6.83 -12.68 -5.94
N LEU A 12 -5.70 -12.87 -5.26
CA LEU A 12 -4.54 -13.51 -5.86
C LEU A 12 -4.94 -14.84 -6.48
N ALA A 13 -5.58 -15.68 -5.68
CA ALA A 13 -6.05 -16.97 -6.15
C ALA A 13 -7.17 -16.79 -7.19
N SER A 14 -7.88 -15.68 -7.10
CA SER A 14 -8.99 -15.40 -8.01
C SER A 14 -8.59 -14.42 -9.12
N ALA A 15 -7.29 -14.33 -9.39
CA ALA A 15 -6.79 -13.43 -10.42
C ALA A 15 -5.76 -14.14 -11.31
N PRO A 16 -6.17 -15.23 -12.00
CA PRO A 16 -5.27 -16.02 -12.86
C PRO A 16 -4.62 -15.21 -13.99
N PRO A 17 -5.39 -14.45 -14.79
CA PRO A 17 -4.82 -13.67 -15.90
C PRO A 17 -4.00 -12.48 -15.43
N GLN A 18 -3.81 -11.50 -16.32
CA GLN A 18 -3.06 -10.30 -15.99
C GLN A 18 -3.85 -9.39 -15.07
N GLU A 19 -4.05 -9.84 -13.84
CA GLU A 19 -4.78 -9.08 -12.84
C GLU A 19 -3.84 -8.45 -11.83
N GLN A 20 -2.55 -8.41 -12.18
CA GLN A 20 -1.53 -7.85 -11.30
C GLN A 20 -1.92 -6.44 -10.86
N LYS A 21 -2.02 -5.53 -11.83
CA LYS A 21 -2.36 -4.15 -11.54
C LYS A 21 -3.69 -4.05 -10.80
N GLN A 22 -4.51 -5.09 -10.91
CA GLN A 22 -5.80 -5.13 -10.24
C GLN A 22 -5.65 -5.35 -8.73
N MET A 23 -5.46 -6.61 -8.35
CA MET A 23 -5.38 -7.00 -6.93
C MET A 23 -4.10 -6.50 -6.25
N LEU A 24 -3.11 -7.38 -6.18
CA LEU A 24 -1.85 -7.13 -5.48
C LEU A 24 -1.10 -5.89 -5.97
N GLY A 25 -1.66 -5.19 -6.94
CA GLY A 25 -0.94 -4.08 -7.53
C GLY A 25 0.28 -4.62 -8.22
N GLU A 26 1.45 -4.22 -7.75
CA GLU A 26 2.67 -4.87 -8.19
C GLU A 26 2.75 -6.22 -7.49
N ARG A 27 2.94 -6.12 -6.17
CA ARG A 27 2.94 -7.27 -5.27
C ARG A 27 2.71 -6.75 -3.86
N LEU A 28 2.41 -5.47 -3.79
CA LEU A 28 2.29 -4.74 -2.53
C LEU A 28 1.23 -5.29 -1.59
N PHE A 29 -0.03 -5.07 -1.92
CA PHE A 29 -1.15 -5.47 -1.05
C PHE A 29 -0.91 -6.80 -0.33
N PRO A 30 -0.50 -7.87 -1.03
CA PRO A 30 -0.32 -9.20 -0.41
C PRO A 30 0.75 -9.21 0.69
N LEU A 31 1.86 -8.49 0.48
CA LEU A 31 2.91 -8.47 1.49
C LEU A 31 2.47 -7.68 2.71
N ILE A 32 1.89 -6.51 2.48
CA ILE A 32 1.38 -5.70 3.56
C ILE A 32 0.11 -6.33 4.12
N GLN A 33 -0.49 -7.22 3.35
CA GLN A 33 -1.67 -7.95 3.81
C GLN A 33 -1.28 -8.80 5.00
N ALA A 34 -0.03 -9.26 5.00
CA ALA A 34 0.51 -10.00 6.12
C ALA A 34 0.77 -9.02 7.27
N MET A 35 1.02 -7.77 6.89
CA MET A 35 1.24 -6.69 7.85
C MET A 35 -0.05 -5.87 7.98
N HIS A 36 -1.16 -6.46 7.53
CA HIS A 36 -2.44 -5.81 7.57
C HIS A 36 -2.90 -5.54 9.01
N PRO A 37 -2.59 -6.42 10.00
CA PRO A 37 -2.94 -6.19 11.40
C PRO A 37 -2.74 -4.72 11.77
N THR A 38 -1.78 -4.09 11.11
CA THR A 38 -1.55 -2.68 11.27
C THR A 38 -2.59 -1.90 10.47
N LEU A 39 -2.33 -1.69 9.17
CA LEU A 39 -3.29 -1.01 8.32
C LEU A 39 -2.92 -1.05 6.83
N ALA A 40 -2.88 -2.24 6.24
CA ALA A 40 -2.62 -2.36 4.80
C ALA A 40 -3.72 -1.64 4.02
N GLY A 41 -3.67 -1.72 2.69
CA GLY A 41 -4.69 -1.07 1.89
C GLY A 41 -4.20 0.21 1.24
N LYS A 42 -3.97 1.23 2.05
CA LYS A 42 -3.50 2.51 1.52
C LYS A 42 -2.03 2.47 1.19
N ILE A 43 -1.27 1.71 1.98
CA ILE A 43 0.17 1.59 1.78
C ILE A 43 0.49 1.15 0.35
N THR A 44 -0.13 0.04 -0.08
CA THR A 44 0.07 -0.45 -1.44
C THR A 44 -0.25 0.64 -2.45
N GLY A 45 -1.35 1.35 -2.21
CA GLY A 45 -1.77 2.40 -3.11
C GLY A 45 -0.67 3.36 -3.50
N MET A 46 -0.09 4.04 -2.50
CA MET A 46 0.95 5.03 -2.77
C MET A 46 2.19 4.39 -3.41
N LEU A 47 2.70 3.31 -2.82
CA LEU A 47 3.88 2.64 -3.34
C LEU A 47 3.55 1.77 -4.55
N LEU A 48 2.34 1.92 -5.07
CA LEU A 48 1.92 1.13 -6.22
C LEU A 48 2.75 1.43 -7.45
N GLU A 49 3.27 2.66 -7.55
CA GLU A 49 4.10 3.04 -8.67
C GLU A 49 5.51 2.48 -8.52
N ILE A 50 5.63 1.34 -7.84
CA ILE A 50 6.91 0.70 -7.63
C ILE A 50 7.28 -0.15 -8.85
N ASP A 51 8.52 -0.63 -8.89
CA ASP A 51 9.00 -1.43 -10.01
C ASP A 51 8.30 -2.78 -10.07
N ASN A 52 7.93 -3.19 -11.28
CA ASN A 52 7.30 -4.49 -11.47
C ASN A 52 8.36 -5.59 -11.41
N SER A 53 9.60 -5.22 -11.76
CA SER A 53 10.71 -6.16 -11.68
C SER A 53 11.10 -6.36 -10.22
N GLU A 54 10.92 -5.31 -9.43
CA GLU A 54 11.24 -5.36 -8.00
C GLU A 54 10.15 -6.10 -7.24
N LEU A 55 8.92 -6.04 -7.75
CA LEU A 55 7.80 -6.71 -7.11
C LEU A 55 8.06 -8.20 -7.01
N LEU A 56 8.51 -8.78 -8.12
CA LEU A 56 8.83 -10.21 -8.16
C LEU A 56 9.94 -10.53 -7.17
N HIS A 57 10.97 -9.69 -7.14
CA HIS A 57 12.09 -9.88 -6.24
C HIS A 57 11.67 -9.71 -4.79
N MET A 58 10.53 -9.05 -4.58
CA MET A 58 10.02 -8.81 -3.24
C MET A 58 9.46 -10.10 -2.64
N LEU A 59 8.65 -10.81 -3.41
CA LEU A 59 8.05 -12.06 -2.95
C LEU A 59 9.11 -13.13 -2.73
N GLU A 60 10.27 -12.96 -3.37
CA GLU A 60 11.35 -13.93 -3.24
C GLU A 60 12.36 -13.52 -2.17
N SER A 61 12.21 -12.30 -1.66
CA SER A 61 13.12 -11.80 -0.64
C SER A 61 12.35 -11.40 0.62
N PRO A 62 12.14 -12.34 1.55
CA PRO A 62 11.42 -12.06 2.80
C PRO A 62 12.15 -11.03 3.66
N GLU A 63 13.47 -11.03 3.58
CA GLU A 63 14.29 -10.10 4.34
C GLU A 63 14.30 -8.71 3.73
N SER A 64 14.55 -8.65 2.41
CA SER A 64 14.61 -7.38 1.70
C SER A 64 13.25 -6.72 1.60
N LEU A 65 12.26 -7.51 1.18
CA LEU A 65 10.89 -6.99 1.01
C LEU A 65 10.33 -6.45 2.31
N ARG A 66 10.14 -7.34 3.29
CA ARG A 66 9.55 -6.94 4.57
C ARG A 66 10.24 -5.72 5.14
N SER A 67 11.52 -5.55 4.82
CA SER A 67 12.27 -4.40 5.27
C SER A 67 11.69 -3.12 4.68
N LYS A 68 11.38 -3.18 3.38
CA LYS A 68 10.80 -2.03 2.68
C LYS A 68 9.40 -1.72 3.20
N VAL A 69 8.51 -2.70 3.08
CA VAL A 69 7.13 -2.51 3.52
C VAL A 69 7.07 -2.22 5.02
N ASP A 70 8.09 -2.64 5.76
CA ASP A 70 8.14 -2.34 7.19
C ASP A 70 8.02 -0.85 7.38
N GLU A 71 8.84 -0.11 6.65
CA GLU A 71 8.80 1.34 6.68
C GLU A 71 7.50 1.83 6.04
N ALA A 72 6.98 1.03 5.11
CA ALA A 72 5.73 1.35 4.44
C ALA A 72 4.60 1.44 5.46
N VAL A 73 4.66 0.57 6.47
CA VAL A 73 3.68 0.59 7.54
C VAL A 73 3.85 1.88 8.35
N ALA A 74 5.08 2.37 8.38
CA ALA A 74 5.40 3.60 9.11
C ALA A 74 4.83 4.83 8.41
N VAL A 75 4.91 4.83 7.07
CA VAL A 75 4.37 5.95 6.29
C VAL A 75 2.91 6.19 6.63
N LEU A 76 2.17 5.10 6.84
CA LEU A 76 0.76 5.17 7.15
C LEU A 76 0.54 5.86 8.49
N GLN A 77 1.31 5.44 9.49
CA GLN A 77 1.21 6.02 10.82
C GLN A 77 1.36 7.54 10.75
N ALA A 78 2.21 8.00 9.83
CA ALA A 78 2.40 9.43 9.63
C ALA A 78 1.30 10.00 8.75
N HIS A 79 0.73 9.14 7.90
CA HIS A 79 -0.35 9.54 7.00
C HIS A 79 -1.67 9.65 7.75
N GLN A 80 -1.69 9.13 8.98
CA GLN A 80 -2.89 9.18 9.81
C GLN A 80 -3.00 10.53 10.52
N ALA A 81 -1.85 11.08 10.92
CA ALA A 81 -1.82 12.35 11.63
C ALA A 81 -1.96 13.53 10.65
N LYS A 82 -1.16 13.52 9.60
CA LYS A 82 -1.18 14.61 8.62
C LYS A 82 -2.54 14.72 7.94
N GLU A 83 -3.15 13.58 7.66
CA GLU A 83 -4.44 13.57 6.99
C GLU A 83 -5.58 13.98 7.93
N ALA A 84 -5.63 13.34 9.10
CA ALA A 84 -6.66 13.63 10.08
C ALA A 84 -6.56 15.06 10.60
N ALA A 85 -5.36 15.62 10.54
CA ALA A 85 -5.13 16.99 11.02
C ALA A 85 -5.89 18.00 10.16
N GLN A 86 -5.40 18.23 8.96
CA GLN A 86 -6.02 19.18 8.05
C GLN A 86 -7.09 18.50 7.20
N LYS A 87 -8.36 18.74 7.55
CA LYS A 87 -9.48 18.15 6.82
C LYS A 87 -9.98 19.11 5.74
N ALA A 88 -9.05 19.78 5.08
CA ALA A 88 -9.40 20.73 4.03
C ALA A 88 -9.56 20.03 2.69
N VAL A 89 -9.36 18.72 2.68
CA VAL A 89 -9.48 17.93 1.46
C VAL A 89 -10.84 17.24 1.40
N ASN A 90 -11.32 16.78 2.54
CA ASN A 90 -12.61 16.10 2.62
C ASN A 90 -13.73 17.09 2.92
N SER A 91 -14.97 16.64 2.76
CA SER A 91 -16.13 17.49 2.99
C SER A 91 -16.36 17.69 4.49
N ALA A 92 -16.03 18.88 4.98
CA ALA A 92 -16.20 19.21 6.39
C ALA A 92 -17.67 19.46 6.73
N THR A 93 -17.92 19.88 7.97
CA THR A 93 -19.28 20.16 8.41
C THR A 93 -19.47 21.66 8.67
N GLY A 94 -20.71 22.06 8.90
CA GLY A 94 -21.00 23.46 9.16
C GLY A 94 -20.89 23.82 10.63
N VAL A 95 -21.40 22.93 11.48
CA VAL A 95 -21.37 23.15 12.92
C VAL A 95 -20.19 22.41 13.56
N PRO A 96 -19.45 23.09 14.47
CA PRO A 96 -18.30 22.48 15.15
C PRO A 96 -18.68 21.22 15.92
N THR A 97 -19.87 21.23 16.51
CA THR A 97 -20.35 20.08 17.27
C THR A 97 -21.40 19.32 16.46
N VAL A 98 -21.55 18.04 16.76
CA VAL A 98 -22.51 17.20 16.06
C VAL A 98 -23.68 16.82 16.96
N VAL B 1 3.39 17.89 -2.58
CA VAL B 1 3.80 16.47 -2.66
C VAL B 1 3.80 15.84 -1.27
N VAL B 2 3.44 14.56 -1.20
CA VAL B 2 3.40 13.83 0.07
C VAL B 2 4.74 13.18 0.36
N LYS B 3 5.36 13.57 1.47
CA LYS B 3 6.66 13.02 1.86
C LYS B 3 6.51 11.62 2.45
N SER B 4 6.79 10.60 1.63
CA SER B 4 6.69 9.22 2.08
C SER B 4 8.04 8.71 2.59
N ASN B 5 8.15 7.40 2.75
CA ASN B 5 9.39 6.79 3.22
C ASN B 5 10.14 6.11 2.08
N LEU B 6 9.47 5.13 1.45
CA LEU B 6 10.07 4.41 0.34
C LEU B 6 10.10 5.28 -0.91
N ASN B 7 9.01 5.24 -1.69
CA ASN B 7 8.91 6.05 -2.89
C ASN B 7 8.66 7.52 -2.53
N PRO B 8 9.43 8.44 -3.13
CA PRO B 8 9.26 9.87 -2.85
C PRO B 8 8.03 10.44 -3.55
N ASN B 9 7.36 9.60 -4.33
CA ASN B 9 6.16 10.01 -5.05
C ASN B 9 4.99 9.10 -4.69
N ALA B 10 4.77 8.91 -3.39
CA ALA B 10 3.69 8.05 -2.90
C ALA B 10 2.34 8.46 -3.48
N LYS B 11 1.93 7.80 -4.57
CA LYS B 11 0.64 8.08 -5.22
C LYS B 11 -0.33 6.92 -5.01
N GLU B 12 -1.50 7.22 -4.45
CA GLU B 12 -2.52 6.22 -4.14
C GLU B 12 -2.78 5.26 -5.30
N PHE B 13 -3.58 4.23 -5.04
CA PHE B 13 -3.93 3.23 -6.05
C PHE B 13 -5.15 3.68 -6.85
N VAL B 14 -4.92 4.59 -7.78
CA VAL B 14 -6.00 5.15 -8.58
C VAL B 14 -5.90 4.83 -10.08
N PRO B 15 -4.68 4.69 -10.67
CA PRO B 15 -4.54 4.40 -12.10
C PRO B 15 -5.32 3.15 -12.52
N GLY B 16 -5.28 2.13 -11.68
CA GLY B 16 -5.97 0.88 -11.98
C GLY B 16 -5.16 -0.02 -12.88
N VAL B 17 -4.35 0.57 -13.76
CA VAL B 17 -3.51 -0.20 -14.67
C VAL B 17 -2.12 -0.38 -14.10
N LYS B 18 -1.22 -0.93 -14.91
CA LYS B 18 0.16 -1.16 -14.47
C LYS B 18 0.84 0.17 -14.11
N TYR B 19 0.75 0.52 -12.83
CA TYR B 19 1.34 1.76 -12.33
C TYR B 19 2.82 1.58 -12.04
N GLY B 20 3.66 2.09 -12.96
CA GLY B 20 5.09 1.98 -12.78
C GLY B 20 5.68 0.75 -13.48
N ASN B 21 5.80 0.84 -14.80
CA ASN B 21 6.34 -0.26 -15.58
C ASN B 21 7.81 -0.01 -15.93
N ILE B 22 8.25 1.23 -15.76
CA ILE B 22 9.63 1.60 -16.05
C ILE B 22 10.40 1.90 -14.77
N GLY A 1 -16.58 -8.23 6.68
CA GLY A 1 -17.82 -8.01 5.89
C GLY A 1 -17.57 -7.21 4.62
N PRO A 2 -18.07 -5.96 4.56
CA PRO A 2 -17.89 -5.10 3.38
C PRO A 2 -16.46 -4.58 3.26
N LEU A 3 -15.63 -4.90 4.25
CA LEU A 3 -14.24 -4.46 4.26
C LEU A 3 -13.32 -5.57 3.74
N GLY A 4 -13.66 -6.11 2.58
CA GLY A 4 -12.85 -7.17 2.00
C GLY A 4 -11.66 -6.66 1.21
N SER A 5 -10.80 -5.89 1.89
CA SER A 5 -9.62 -5.33 1.25
C SER A 5 -8.40 -6.26 1.40
N PRO A 6 -8.09 -6.71 2.64
CA PRO A 6 -6.95 -7.60 2.88
C PRO A 6 -7.09 -8.94 2.17
N LEU A 7 -8.26 -9.18 1.60
CA LEU A 7 -8.53 -10.43 0.89
C LEU A 7 -7.98 -10.38 -0.53
N THR A 8 -6.74 -9.89 -0.67
CA THR A 8 -6.09 -9.79 -1.97
C THR A 8 -5.37 -11.07 -2.30
N ALA A 9 -4.84 -11.75 -1.28
CA ALA A 9 -4.17 -13.02 -1.48
C ALA A 9 -5.15 -14.01 -2.11
N SER A 10 -6.40 -13.93 -1.67
CA SER A 10 -7.45 -14.76 -2.23
C SER A 10 -7.73 -14.36 -3.67
N MET A 11 -7.63 -13.04 -3.93
CA MET A 11 -7.83 -12.53 -5.28
C MET A 11 -6.76 -13.07 -6.20
N LEU A 12 -5.54 -13.21 -5.66
CA LEU A 12 -4.41 -13.72 -6.43
C LEU A 12 -4.78 -15.05 -7.07
N ALA A 13 -5.34 -15.94 -6.26
CA ALA A 13 -5.77 -17.25 -6.75
C ALA A 13 -6.92 -17.12 -7.75
N SER A 14 -7.75 -16.09 -7.55
CA SER A 14 -8.91 -15.87 -8.43
C SER A 14 -8.63 -14.78 -9.46
N ALA A 15 -7.36 -14.42 -9.63
CA ALA A 15 -7.00 -13.38 -10.59
C ALA A 15 -5.77 -13.81 -11.40
N PRO A 16 -5.88 -13.83 -12.74
CA PRO A 16 -4.78 -14.21 -13.62
C PRO A 16 -3.60 -13.24 -13.49
N PRO A 17 -2.43 -13.59 -14.07
CA PRO A 17 -1.24 -12.73 -14.01
C PRO A 17 -1.52 -11.30 -14.49
N GLN A 18 -2.27 -11.19 -15.58
CA GLN A 18 -2.61 -9.89 -16.15
C GLN A 18 -3.44 -9.06 -15.19
N GLU A 19 -4.00 -9.71 -14.17
CA GLU A 19 -4.81 -9.03 -13.18
C GLU A 19 -3.96 -8.44 -12.06
N GLN A 20 -2.65 -8.41 -12.28
CA GLN A 20 -1.71 -7.89 -11.28
C GLN A 20 -2.11 -6.49 -10.83
N LYS A 21 -2.17 -5.56 -11.78
CA LYS A 21 -2.50 -4.17 -11.47
C LYS A 21 -3.84 -4.07 -10.75
N GLN A 22 -4.67 -5.09 -10.88
CA GLN A 22 -5.98 -5.10 -10.22
C GLN A 22 -5.83 -5.32 -8.72
N MET A 23 -5.65 -6.59 -8.33
CA MET A 23 -5.56 -6.96 -6.92
C MET A 23 -4.29 -6.46 -6.25
N LEU A 24 -3.28 -7.32 -6.23
CA LEU A 24 -2.02 -7.05 -5.54
C LEU A 24 -1.26 -5.85 -6.10
N GLY A 25 -1.79 -5.23 -7.15
CA GLY A 25 -1.04 -4.17 -7.77
C GLY A 25 0.20 -4.77 -8.39
N GLU A 26 1.36 -4.35 -7.90
CA GLU A 26 2.59 -5.03 -8.26
C GLU A 26 2.66 -6.33 -7.47
N ARG A 27 2.87 -6.17 -6.17
CA ARG A 27 2.89 -7.26 -5.20
C ARG A 27 2.64 -6.67 -3.82
N LEU A 28 2.21 -5.42 -3.82
CA LEU A 28 2.04 -4.63 -2.61
C LEU A 28 1.10 -5.26 -1.59
N PHE A 29 -0.19 -5.17 -1.87
CA PHE A 29 -1.23 -5.62 -0.95
C PHE A 29 -0.89 -6.94 -0.25
N PRO A 30 -0.43 -7.99 -0.98
CA PRO A 30 -0.14 -9.29 -0.37
C PRO A 30 0.89 -9.23 0.76
N LEU A 31 1.96 -8.47 0.57
CA LEU A 31 3.01 -8.40 1.59
C LEU A 31 2.51 -7.62 2.80
N ILE A 32 1.93 -6.46 2.54
CA ILE A 32 1.39 -5.64 3.60
C ILE A 32 0.11 -6.26 4.15
N GLN A 33 -0.46 -7.20 3.42
CA GLN A 33 -1.65 -7.89 3.89
C GLN A 33 -1.33 -8.60 5.20
N ALA A 34 -0.15 -9.22 5.22
CA ALA A 34 0.34 -9.83 6.45
C ALA A 34 0.59 -8.75 7.49
N MET A 35 0.95 -7.56 7.00
CA MET A 35 1.20 -6.40 7.86
C MET A 35 0.00 -5.45 7.85
N HIS A 36 -1.18 -6.01 7.60
CA HIS A 36 -2.40 -5.22 7.51
C HIS A 36 -2.79 -4.57 8.85
N PRO A 37 -2.51 -5.21 10.02
CA PRO A 37 -2.85 -4.64 11.33
C PRO A 37 -2.74 -3.12 11.35
N THR A 38 -1.76 -2.60 10.63
CA THR A 38 -1.59 -1.16 10.51
C THR A 38 -2.58 -0.60 9.51
N LEU A 39 -2.23 -0.66 8.22
CA LEU A 39 -3.13 -0.18 7.16
C LEU A 39 -2.58 -0.55 5.77
N ALA A 40 -2.48 -1.85 5.50
CA ALA A 40 -1.99 -2.33 4.21
C ALA A 40 -2.71 -1.66 3.05
N GLY A 41 -4.01 -1.43 3.22
CA GLY A 41 -4.82 -0.82 2.18
C GLY A 41 -4.21 0.42 1.57
N LYS A 42 -3.75 1.35 2.41
CA LYS A 42 -3.21 2.60 1.90
C LYS A 42 -1.79 2.45 1.35
N ILE A 43 -0.94 1.70 2.04
CA ILE A 43 0.45 1.53 1.60
C ILE A 43 0.51 1.05 0.16
N THR A 44 -0.14 -0.08 -0.12
CA THR A 44 -0.16 -0.62 -1.47
C THR A 44 -0.49 0.48 -2.45
N GLY A 45 -1.52 1.25 -2.12
CA GLY A 45 -1.94 2.35 -2.97
C GLY A 45 -0.81 3.29 -3.33
N MET A 46 -0.28 4.00 -2.34
CA MET A 46 0.78 4.98 -2.57
C MET A 46 1.99 4.37 -3.27
N LEU A 47 2.58 3.35 -2.67
CA LEU A 47 3.77 2.74 -3.22
C LEU A 47 3.46 1.79 -4.37
N LEU A 48 2.23 1.87 -4.90
CA LEU A 48 1.84 1.06 -6.05
C LEU A 48 2.63 1.52 -7.27
N GLU A 49 3.33 2.64 -7.14
CA GLU A 49 4.15 3.17 -8.20
C GLU A 49 5.50 2.46 -8.27
N ILE A 50 5.54 1.26 -7.69
CA ILE A 50 6.77 0.47 -7.66
C ILE A 50 6.94 -0.32 -8.96
N ASP A 51 8.15 -0.80 -9.22
CA ASP A 51 8.45 -1.54 -10.44
C ASP A 51 7.81 -2.92 -10.43
N ASN A 52 7.61 -3.48 -11.61
CA ASN A 52 7.03 -4.81 -11.76
C ASN A 52 8.12 -5.87 -11.62
N SER A 53 9.34 -5.52 -12.02
CA SER A 53 10.47 -6.42 -11.88
C SER A 53 10.89 -6.50 -10.42
N GLU A 54 10.74 -5.37 -9.73
CA GLU A 54 11.08 -5.29 -8.32
C GLU A 54 10.02 -5.96 -7.47
N LEU A 55 8.77 -5.98 -7.96
CA LEU A 55 7.67 -6.61 -7.25
C LEU A 55 7.98 -8.09 -7.03
N LEU A 56 8.42 -8.74 -8.09
CA LEU A 56 8.74 -10.17 -8.04
C LEU A 56 9.80 -10.44 -6.98
N HIS A 57 10.89 -9.68 -7.00
CA HIS A 57 11.97 -9.87 -6.04
C HIS A 57 11.49 -9.72 -4.61
N MET A 58 10.37 -9.04 -4.41
CA MET A 58 9.84 -8.79 -3.07
C MET A 58 9.17 -10.03 -2.47
N LEU A 59 8.16 -10.57 -3.15
CA LEU A 59 7.45 -11.74 -2.63
C LEU A 59 8.37 -12.95 -2.59
N GLU A 60 9.57 -12.81 -3.14
CA GLU A 60 10.55 -13.90 -3.12
C GLU A 60 11.66 -13.59 -2.12
N SER A 61 11.66 -12.37 -1.60
CA SER A 61 12.66 -11.94 -0.63
C SER A 61 12.00 -11.46 0.66
N PRO A 62 11.93 -12.32 1.68
CA PRO A 62 11.33 -11.95 2.97
C PRO A 62 12.14 -10.87 3.68
N GLU A 63 13.44 -10.86 3.44
CA GLU A 63 14.33 -9.88 4.06
C GLU A 63 14.24 -8.53 3.36
N SER A 64 14.40 -8.53 2.04
CA SER A 64 14.39 -7.30 1.26
C SER A 64 13.01 -6.66 1.23
N LEU A 65 11.99 -7.49 1.09
CA LEU A 65 10.62 -7.02 0.97
C LEU A 65 10.02 -6.60 2.30
N ARG A 66 9.86 -7.55 3.21
CA ARG A 66 9.23 -7.25 4.50
C ARG A 66 9.89 -6.04 5.16
N SER A 67 11.19 -5.88 4.97
CA SER A 67 11.91 -4.75 5.54
C SER A 67 11.50 -3.47 4.83
N LYS A 68 11.25 -3.57 3.53
CA LYS A 68 10.83 -2.43 2.72
C LYS A 68 9.45 -1.97 3.17
N VAL A 69 8.50 -2.91 3.21
CA VAL A 69 7.14 -2.60 3.63
C VAL A 69 7.10 -2.30 5.13
N ASP A 70 8.16 -2.68 5.84
CA ASP A 70 8.25 -2.39 7.26
C ASP A 70 8.17 -0.87 7.45
N GLU A 71 8.98 -0.15 6.69
CA GLU A 71 8.94 1.31 6.71
C GLU A 71 7.64 1.80 6.11
N ALA A 72 7.01 0.94 5.31
CA ALA A 72 5.75 1.28 4.68
C ALA A 72 4.65 1.45 5.74
N VAL A 73 4.59 0.54 6.70
CA VAL A 73 3.62 0.68 7.79
C VAL A 73 3.88 1.98 8.52
N ALA A 74 5.15 2.40 8.52
CA ALA A 74 5.55 3.64 9.16
C ALA A 74 4.98 4.85 8.40
N VAL A 75 4.70 4.66 7.11
CA VAL A 75 4.12 5.74 6.30
C VAL A 75 2.68 6.01 6.74
N LEU A 76 1.99 4.95 7.17
CA LEU A 76 0.60 5.07 7.63
C LEU A 76 0.53 5.79 8.97
N GLN A 77 1.24 5.25 9.96
CA GLN A 77 1.27 5.83 11.29
C GLN A 77 1.62 7.31 11.19
N ALA A 78 2.50 7.62 10.25
CA ALA A 78 2.90 9.00 10.00
C ALA A 78 1.87 9.73 9.15
N HIS A 79 1.12 8.97 8.34
CA HIS A 79 0.09 9.54 7.48
C HIS A 79 -1.03 10.15 8.30
N GLN A 80 -1.65 9.33 9.15
CA GLN A 80 -2.75 9.79 10.00
C GLN A 80 -2.25 10.77 11.06
N ALA A 81 -0.94 10.82 11.25
CA ALA A 81 -0.35 11.70 12.25
C ALA A 81 -0.54 13.17 11.89
N LYS A 82 0.04 13.58 10.77
CA LYS A 82 -0.05 14.96 10.31
C LYS A 82 -1.38 15.24 9.63
N GLU A 83 -2.16 14.19 9.40
CA GLU A 83 -3.45 14.33 8.74
C GLU A 83 -4.53 14.71 9.75
N ALA A 84 -4.52 14.05 10.90
CA ALA A 84 -5.50 14.32 11.95
C ALA A 84 -5.13 15.58 12.73
N ALA A 85 -4.03 16.21 12.35
CA ALA A 85 -3.57 17.43 13.01
C ALA A 85 -4.39 18.63 12.55
N GLN A 86 -4.46 18.83 11.24
CA GLN A 86 -5.21 19.95 10.67
C GLN A 86 -6.69 19.62 10.55
N LYS A 87 -7.02 18.74 9.61
CA LYS A 87 -8.40 18.33 9.39
C LYS A 87 -8.83 17.29 10.43
N ALA A 88 -9.49 17.76 11.48
CA ALA A 88 -9.97 16.88 12.54
C ALA A 88 -11.19 16.09 12.10
N VAL A 89 -10.96 15.00 11.38
CA VAL A 89 -12.06 14.16 10.90
C VAL A 89 -12.32 13.00 11.86
N ASN A 90 -11.32 12.68 12.67
CA ASN A 90 -11.44 11.59 13.64
C ASN A 90 -12.18 12.06 14.89
N SER A 91 -13.00 11.18 15.44
CA SER A 91 -13.77 11.49 16.64
C SER A 91 -12.90 11.46 17.88
N ALA A 92 -12.02 10.46 17.94
CA ALA A 92 -11.11 10.31 19.08
C ALA A 92 -9.80 11.04 18.84
N THR A 93 -9.71 12.26 19.36
CA THR A 93 -8.51 13.08 19.21
C THR A 93 -7.67 13.05 20.48
N GLY A 94 -8.24 13.57 21.57
CA GLY A 94 -7.53 13.60 22.83
C GLY A 94 -7.87 12.41 23.71
N VAL A 95 -7.32 11.24 23.36
CA VAL A 95 -7.56 10.03 24.12
C VAL A 95 -6.41 9.74 25.08
N PRO A 96 -6.70 9.11 26.24
CA PRO A 96 -5.68 8.78 27.24
C PRO A 96 -4.57 7.91 26.66
N THR A 97 -3.34 8.18 27.11
CA THR A 97 -2.18 7.42 26.65
C THR A 97 -1.91 6.22 27.55
N VAL A 98 -1.98 5.03 26.98
CA VAL A 98 -1.74 3.80 27.73
C VAL A 98 -0.56 3.03 27.17
N VAL B 1 7.05 18.43 -1.20
CA VAL B 1 7.69 17.24 -0.57
C VAL B 1 6.63 16.28 -0.05
N VAL B 2 6.77 15.00 -0.41
CA VAL B 2 5.83 13.98 0.02
C VAL B 2 6.19 13.45 1.41
N LYS B 3 5.20 12.88 2.09
CA LYS B 3 5.42 12.34 3.42
C LYS B 3 5.79 10.86 3.36
N SER B 4 6.31 10.45 2.21
CA SER B 4 6.71 9.05 2.01
C SER B 4 8.18 8.85 2.33
N ASN B 5 8.56 7.61 2.61
CA ASN B 5 9.94 7.28 2.94
C ASN B 5 10.57 6.40 1.87
N LEU B 6 9.96 5.24 1.62
CA LEU B 6 10.45 4.31 0.62
C LEU B 6 10.31 4.90 -0.78
N ASN B 7 9.10 4.84 -1.33
CA ASN B 7 8.83 5.37 -2.66
C ASN B 7 8.57 6.87 -2.62
N PRO B 8 9.29 7.66 -3.42
CA PRO B 8 9.09 9.10 -3.49
C PRO B 8 7.87 9.48 -4.32
N ASN B 9 7.13 8.47 -4.76
CA ASN B 9 5.93 8.68 -5.56
C ASN B 9 4.72 8.03 -4.92
N ALA B 10 4.59 8.18 -3.60
CA ALA B 10 3.48 7.62 -2.86
C ALA B 10 2.13 8.14 -3.35
N LYS B 11 1.60 7.51 -4.39
CA LYS B 11 0.30 7.88 -4.95
C LYS B 11 -0.68 6.73 -4.81
N GLU B 12 -1.86 7.02 -4.24
CA GLU B 12 -2.87 6.00 -3.96
C GLU B 12 -3.12 5.05 -5.13
N PHE B 13 -3.83 3.96 -4.83
CA PHE B 13 -4.18 2.94 -5.84
C PHE B 13 -5.48 3.33 -6.54
N VAL B 14 -5.36 4.07 -7.63
CA VAL B 14 -6.54 4.53 -8.35
C VAL B 14 -6.52 4.13 -9.83
N PRO B 15 -5.43 4.43 -10.58
CA PRO B 15 -5.35 4.10 -12.00
C PRO B 15 -5.83 2.68 -12.31
N GLY B 16 -5.55 1.76 -11.40
CA GLY B 16 -5.96 0.38 -11.59
C GLY B 16 -5.09 -0.35 -12.59
N VAL B 17 -4.30 0.41 -13.36
CA VAL B 17 -3.40 -0.17 -14.34
C VAL B 17 -2.00 -0.31 -13.78
N LYS B 18 -1.06 -0.73 -14.61
CA LYS B 18 0.32 -0.91 -14.19
C LYS B 18 0.90 0.41 -13.68
N TYR B 19 0.74 0.65 -12.38
CA TYR B 19 1.23 1.88 -11.76
C TYR B 19 2.74 1.82 -11.57
N GLY B 20 3.45 2.76 -12.21
CA GLY B 20 4.90 2.79 -12.09
C GLY B 20 5.58 1.76 -12.97
N ASN B 21 5.24 1.77 -14.26
CA ASN B 21 5.82 0.81 -15.20
C ASN B 21 6.97 1.45 -15.98
N ILE B 22 6.64 2.44 -16.79
CA ILE B 22 7.63 3.14 -17.60
C ILE B 22 7.76 4.60 -17.16
N GLY A 1 -14.26 -22.77 5.68
CA GLY A 1 -13.44 -21.70 6.29
C GLY A 1 -14.23 -20.42 6.54
N PRO A 2 -14.89 -20.30 7.71
CA PRO A 2 -15.68 -19.11 8.05
C PRO A 2 -14.80 -17.89 8.30
N LEU A 3 -13.54 -18.13 8.65
CA LEU A 3 -12.61 -17.05 8.92
C LEU A 3 -11.99 -16.53 7.62
N GLY A 4 -12.65 -15.54 7.02
CA GLY A 4 -12.15 -14.97 5.77
C GLY A 4 -11.04 -13.98 6.00
N SER A 5 -9.83 -14.47 6.23
CA SER A 5 -8.68 -13.62 6.47
C SER A 5 -8.07 -13.13 5.14
N PRO A 6 -7.79 -14.04 4.19
CA PRO A 6 -7.20 -13.67 2.90
C PRO A 6 -8.14 -12.78 2.08
N LEU A 7 -7.82 -11.49 2.01
CA LEU A 7 -8.63 -10.54 1.25
C LEU A 7 -8.11 -10.44 -0.18
N THR A 8 -6.89 -9.94 -0.34
CA THR A 8 -6.29 -9.80 -1.65
C THR A 8 -5.56 -11.08 -2.03
N ALA A 9 -5.07 -11.79 -1.02
CA ALA A 9 -4.42 -13.09 -1.24
C ALA A 9 -5.40 -14.03 -1.93
N SER A 10 -6.65 -13.97 -1.49
CA SER A 10 -7.72 -14.76 -2.08
C SER A 10 -7.98 -14.28 -3.49
N MET A 11 -7.85 -12.97 -3.70
CA MET A 11 -8.04 -12.40 -5.03
C MET A 11 -6.99 -12.92 -5.99
N LEU A 12 -5.76 -13.05 -5.49
CA LEU A 12 -4.64 -13.52 -6.29
C LEU A 12 -5.01 -14.85 -6.96
N ALA A 13 -5.60 -15.75 -6.19
CA ALA A 13 -6.03 -17.04 -6.71
C ALA A 13 -7.16 -16.87 -7.71
N SER A 14 -8.02 -15.86 -7.48
CA SER A 14 -9.15 -15.61 -8.37
C SER A 14 -8.87 -14.46 -9.32
N ALA A 15 -7.60 -14.13 -9.51
CA ALA A 15 -7.21 -13.04 -10.39
C ALA A 15 -6.03 -13.43 -11.27
N PRO A 16 -6.24 -13.53 -12.60
CA PRO A 16 -5.17 -13.89 -13.55
C PRO A 16 -3.93 -13.01 -13.40
N PRO A 17 -2.80 -13.41 -14.02
CA PRO A 17 -1.54 -12.64 -13.93
C PRO A 17 -1.70 -11.20 -14.40
N GLN A 18 -2.60 -10.98 -15.35
CA GLN A 18 -2.84 -9.64 -15.89
C GLN A 18 -3.61 -8.77 -14.90
N GLU A 19 -4.07 -9.38 -13.82
CA GLU A 19 -4.83 -8.67 -12.79
C GLU A 19 -3.90 -8.05 -11.75
N GLN A 20 -2.60 -8.02 -12.06
CA GLN A 20 -1.60 -7.46 -11.16
C GLN A 20 -2.04 -6.12 -10.61
N LYS A 21 -2.09 -5.12 -11.48
CA LYS A 21 -2.44 -3.76 -11.08
C LYS A 21 -3.78 -3.71 -10.37
N GLN A 22 -4.61 -4.74 -10.56
CA GLN A 22 -5.91 -4.79 -9.91
C GLN A 22 -5.78 -5.11 -8.42
N MET A 23 -5.59 -6.38 -8.12
CA MET A 23 -5.52 -6.86 -6.73
C MET A 23 -4.24 -6.39 -6.01
N LEU A 24 -3.23 -7.26 -6.04
CA LEU A 24 -1.98 -7.04 -5.33
C LEU A 24 -1.22 -5.80 -5.78
N GLY A 25 -1.78 -5.06 -6.73
CA GLY A 25 -1.04 -3.94 -7.26
C GLY A 25 0.17 -4.46 -7.99
N GLU A 26 1.35 -4.09 -7.51
CA GLU A 26 2.56 -4.74 -7.99
C GLU A 26 2.63 -6.12 -7.35
N ARG A 27 2.82 -6.09 -6.03
CA ARG A 27 2.81 -7.28 -5.18
C ARG A 27 2.57 -6.83 -3.75
N LEU A 28 2.30 -5.54 -3.63
CA LEU A 28 2.20 -4.87 -2.34
C LEU A 28 1.12 -5.43 -1.41
N PHE A 29 -0.14 -5.11 -1.70
CA PHE A 29 -1.26 -5.50 -0.84
C PHE A 29 -1.04 -6.84 -0.14
N PRO A 30 -0.68 -7.93 -0.85
CA PRO A 30 -0.50 -9.25 -0.25
C PRO A 30 0.59 -9.27 0.83
N LEU A 31 1.70 -8.57 0.60
CA LEU A 31 2.78 -8.53 1.58
C LEU A 31 2.36 -7.71 2.79
N ILE A 32 1.82 -6.52 2.54
CA ILE A 32 1.35 -5.68 3.61
C ILE A 32 0.12 -6.30 4.26
N GLN A 33 -0.53 -7.20 3.53
CA GLN A 33 -1.68 -7.92 4.07
C GLN A 33 -1.23 -8.77 5.24
N ALA A 34 0.00 -9.25 5.15
CA ALA A 34 0.61 -9.98 6.26
C ALA A 34 0.89 -9.02 7.39
N MET A 35 1.07 -7.75 7.01
CA MET A 35 1.29 -6.67 7.95
C MET A 35 0.01 -5.87 8.14
N HIS A 36 -1.10 -6.45 7.68
CA HIS A 36 -2.40 -5.80 7.77
C HIS A 36 -2.83 -5.58 9.22
N PRO A 37 -2.51 -6.50 10.17
CA PRO A 37 -2.84 -6.31 11.58
C PRO A 37 -2.55 -4.88 12.01
N THR A 38 -1.61 -4.26 11.32
CA THR A 38 -1.28 -2.86 11.53
C THR A 38 -2.27 -1.98 10.77
N LEU A 39 -2.03 -1.78 9.47
CA LEU A 39 -2.95 -1.00 8.65
C LEU A 39 -2.60 -1.05 7.16
N ALA A 40 -2.72 -2.22 6.53
CA ALA A 40 -2.49 -2.33 5.10
C ALA A 40 -3.54 -1.51 4.34
N GLY A 41 -3.57 -1.62 3.02
CA GLY A 41 -4.55 -0.88 2.25
C GLY A 41 -3.93 0.26 1.46
N LYS A 42 -4.17 1.50 1.90
CA LYS A 42 -3.67 2.67 1.20
C LYS A 42 -2.15 2.62 1.03
N ILE A 43 -1.49 1.85 1.89
CA ILE A 43 -0.04 1.72 1.82
C ILE A 43 0.41 1.30 0.42
N THR A 44 -0.27 0.30 -0.13
CA THR A 44 0.06 -0.20 -1.46
C THR A 44 0.00 0.92 -2.50
N GLY A 45 -1.05 1.72 -2.43
CA GLY A 45 -1.24 2.80 -3.40
C GLY A 45 0.00 3.66 -3.60
N MET A 46 0.65 4.02 -2.50
CA MET A 46 1.82 4.90 -2.54
C MET A 46 3.06 4.17 -3.03
N LEU A 47 3.38 3.04 -2.41
CA LEU A 47 4.57 2.29 -2.79
C LEU A 47 4.31 1.45 -4.05
N LEU A 48 3.10 1.55 -4.57
CA LEU A 48 2.76 0.84 -5.81
C LEU A 48 3.54 1.41 -6.97
N GLU A 49 4.11 2.58 -6.73
CA GLU A 49 4.91 3.24 -7.74
C GLU A 49 6.27 2.56 -7.85
N ILE A 50 6.32 1.33 -7.32
CA ILE A 50 7.52 0.50 -7.34
C ILE A 50 7.63 -0.26 -8.66
N ASP A 51 8.77 -0.90 -8.89
CA ASP A 51 9.00 -1.66 -10.11
C ASP A 51 8.17 -2.95 -10.13
N ASN A 52 7.75 -3.36 -11.33
CA ASN A 52 7.03 -4.60 -11.50
C ASN A 52 8.00 -5.77 -11.48
N SER A 53 9.22 -5.52 -11.94
CA SER A 53 10.28 -6.53 -11.92
C SER A 53 10.79 -6.71 -10.49
N GLU A 54 10.73 -5.63 -9.71
CA GLU A 54 11.15 -5.67 -8.33
C GLU A 54 10.08 -6.30 -7.46
N LEU A 55 8.83 -6.27 -7.94
CA LEU A 55 7.71 -6.84 -7.20
C LEU A 55 7.90 -8.35 -7.05
N LEU A 56 8.23 -9.01 -8.16
CA LEU A 56 8.44 -10.46 -8.13
C LEU A 56 9.60 -10.81 -7.19
N HIS A 57 10.66 -10.00 -7.25
CA HIS A 57 11.82 -10.22 -6.40
C HIS A 57 11.44 -10.01 -4.92
N MET A 58 10.28 -9.42 -4.68
CA MET A 58 9.82 -9.15 -3.32
C MET A 58 9.31 -10.42 -2.65
N LEU A 59 8.32 -11.07 -3.24
CA LEU A 59 7.78 -12.30 -2.67
C LEU A 59 8.86 -13.39 -2.66
N GLU A 60 9.96 -13.11 -3.36
CA GLU A 60 11.08 -14.04 -3.41
C GLU A 60 12.09 -13.70 -2.31
N SER A 61 12.01 -12.48 -1.79
CA SER A 61 12.89 -12.03 -0.72
C SER A 61 12.09 -11.57 0.49
N PRO A 62 11.78 -12.49 1.42
CA PRO A 62 11.01 -12.14 2.62
C PRO A 62 11.76 -11.15 3.51
N GLU A 63 13.09 -11.22 3.49
CA GLU A 63 13.92 -10.33 4.29
C GLU A 63 14.03 -8.95 3.67
N SER A 64 14.32 -8.91 2.37
CA SER A 64 14.47 -7.64 1.67
C SER A 64 13.14 -6.92 1.54
N LEU A 65 12.12 -7.67 1.11
CA LEU A 65 10.79 -7.11 0.92
C LEU A 65 10.23 -6.49 2.18
N ARG A 66 10.01 -7.31 3.21
CA ARG A 66 9.42 -6.84 4.45
C ARG A 66 10.12 -5.58 4.95
N SER A 67 11.42 -5.48 4.69
CA SER A 67 12.18 -4.30 5.08
C SER A 67 11.58 -3.04 4.45
N LYS A 68 11.26 -3.14 3.16
CA LYS A 68 10.67 -2.04 2.44
C LYS A 68 9.28 -1.71 2.98
N VAL A 69 8.37 -2.66 2.83
CA VAL A 69 7.00 -2.47 3.28
C VAL A 69 6.95 -2.15 4.78
N ASP A 70 8.01 -2.49 5.50
CA ASP A 70 8.09 -2.16 6.91
C ASP A 70 7.91 -0.65 7.08
N GLU A 71 8.69 0.10 6.32
CA GLU A 71 8.57 1.55 6.32
C GLU A 71 7.26 1.96 5.69
N ALA A 72 6.78 1.15 4.75
CA ALA A 72 5.51 1.40 4.08
C ALA A 72 4.37 1.48 5.10
N VAL A 73 4.41 0.59 6.08
CA VAL A 73 3.42 0.62 7.15
C VAL A 73 3.53 1.93 7.91
N ALA A 74 4.75 2.46 8.00
CA ALA A 74 4.99 3.71 8.68
C ALA A 74 4.42 4.89 7.92
N VAL A 75 4.52 4.85 6.58
CA VAL A 75 3.99 5.93 5.75
C VAL A 75 2.49 6.09 5.99
N LEU A 76 1.85 4.99 6.38
CA LEU A 76 0.41 5.01 6.66
C LEU A 76 0.15 5.76 7.95
N GLN A 77 0.90 5.43 9.00
CA GLN A 77 0.75 6.08 10.29
C GLN A 77 1.00 7.58 10.18
N ALA A 78 1.91 7.95 9.29
CA ALA A 78 2.23 9.36 9.06
C ALA A 78 1.20 10.02 8.16
N HIS A 79 0.48 9.20 7.41
CA HIS A 79 -0.54 9.70 6.49
C HIS A 79 -1.65 10.41 7.25
N GLN A 80 -2.34 9.68 8.13
CA GLN A 80 -3.42 10.25 8.91
C GLN A 80 -2.88 11.18 9.99
N ALA A 81 -1.57 11.16 10.18
CA ALA A 81 -0.94 12.00 11.19
C ALA A 81 -0.86 13.46 10.73
N LYS A 82 -0.24 13.68 9.58
CA LYS A 82 -0.09 15.02 9.04
C LYS A 82 -1.36 15.49 8.34
N GLU A 83 -2.28 14.56 8.09
CA GLU A 83 -3.53 14.88 7.43
C GLU A 83 -4.59 15.36 8.43
N ALA A 84 -4.76 14.59 9.51
CA ALA A 84 -5.73 14.93 10.54
C ALA A 84 -5.21 16.05 11.44
N ALA A 85 -4.03 16.56 11.12
CA ALA A 85 -3.42 17.63 11.89
C ALA A 85 -4.24 18.92 11.77
N GLN A 86 -4.99 19.03 10.69
CA GLN A 86 -5.83 20.21 10.46
C GLN A 86 -7.11 20.15 11.29
N LYS A 87 -7.60 18.94 11.52
CA LYS A 87 -8.81 18.74 12.30
C LYS A 87 -8.47 18.47 13.76
N ALA A 88 -7.47 19.18 14.28
CA ALA A 88 -7.04 19.01 15.65
C ALA A 88 -7.86 19.90 16.59
N VAL A 89 -9.15 20.01 16.30
CA VAL A 89 -10.05 20.83 17.11
C VAL A 89 -10.46 20.10 18.39
N ASN A 90 -10.39 20.79 19.51
CA ASN A 90 -10.75 20.21 20.80
C ASN A 90 -12.25 20.29 21.03
N SER A 91 -12.80 21.50 20.88
CA SER A 91 -14.24 21.71 21.06
C SER A 91 -14.99 21.51 19.75
N ALA A 92 -15.18 20.26 19.35
CA ALA A 92 -15.88 19.94 18.11
C ALA A 92 -17.38 20.04 18.30
N THR A 93 -17.92 19.21 19.20
CA THR A 93 -19.35 19.21 19.48
C THR A 93 -19.67 20.06 20.70
N GLY A 94 -20.92 20.49 20.80
CA GLY A 94 -21.33 21.31 21.93
C GLY A 94 -21.77 20.48 23.12
N VAL A 95 -22.49 19.39 22.85
CA VAL A 95 -22.97 18.52 23.91
C VAL A 95 -22.19 17.20 23.92
N PRO A 96 -21.45 16.94 25.02
CA PRO A 96 -20.67 15.71 25.16
C PRO A 96 -21.53 14.50 25.55
N THR A 97 -22.43 14.12 24.66
CA THR A 97 -23.31 12.98 24.91
C THR A 97 -22.61 11.66 24.62
N VAL A 98 -21.75 11.67 23.60
CA VAL A 98 -21.00 10.47 23.22
C VAL A 98 -19.52 10.78 23.06
N VAL B 1 -0.47 13.83 1.83
CA VAL B 1 0.95 14.15 2.13
C VAL B 1 1.88 13.11 1.51
N VAL B 2 2.79 13.58 0.66
CA VAL B 2 3.74 12.70 -0.01
C VAL B 2 5.05 12.61 0.77
N LYS B 3 4.92 12.62 2.09
CA LYS B 3 6.08 12.54 2.97
C LYS B 3 6.49 11.10 3.22
N SER B 4 6.67 10.34 2.13
CA SER B 4 7.05 8.94 2.23
C SER B 4 8.57 8.79 2.35
N ASN B 5 9.03 7.57 2.58
CA ASN B 5 10.46 7.30 2.72
C ASN B 5 10.99 6.54 1.50
N LEU B 6 10.28 5.49 1.10
CA LEU B 6 10.68 4.69 -0.05
C LEU B 6 10.35 5.40 -1.35
N ASN B 7 9.09 5.35 -1.75
CA ASN B 7 8.64 5.98 -2.99
C ASN B 7 8.45 7.49 -2.81
N PRO B 8 9.06 8.30 -3.67
CA PRO B 8 8.94 9.77 -3.60
C PRO B 8 7.63 10.25 -4.22
N ASN B 9 6.83 9.32 -4.70
CA ASN B 9 5.54 9.66 -5.31
C ASN B 9 4.40 8.94 -4.61
N ALA B 10 4.39 9.01 -3.29
CA ALA B 10 3.36 8.36 -2.49
C ALA B 10 1.96 8.89 -2.81
N LYS B 11 1.22 8.15 -3.64
CA LYS B 11 -0.16 8.53 -3.98
C LYS B 11 -1.12 7.38 -3.75
N GLU B 12 -2.40 7.59 -4.06
CA GLU B 12 -3.43 6.57 -3.88
C GLU B 12 -3.24 5.42 -4.85
N PHE B 13 -4.09 4.40 -4.72
CA PHE B 13 -4.06 3.24 -5.61
C PHE B 13 -5.03 3.45 -6.77
N VAL B 14 -4.49 3.60 -7.97
CA VAL B 14 -5.30 3.78 -9.16
C VAL B 14 -5.17 2.58 -10.08
N PRO B 15 -6.01 1.55 -9.87
CA PRO B 15 -5.98 0.31 -10.67
C PRO B 15 -6.13 0.56 -12.17
N GLY B 16 -6.39 -0.52 -12.91
CA GLY B 16 -6.54 -0.42 -14.35
C GLY B 16 -5.20 -0.47 -15.07
N VAL B 17 -4.31 0.44 -14.70
CA VAL B 17 -2.99 0.50 -15.32
C VAL B 17 -1.88 0.20 -14.30
N LYS B 18 -0.73 -0.22 -14.80
CA LYS B 18 0.42 -0.52 -13.94
C LYS B 18 0.96 0.77 -13.33
N TYR B 19 0.50 1.10 -12.14
CA TYR B 19 0.96 2.31 -11.47
C TYR B 19 2.44 2.21 -11.11
N GLY B 20 3.22 3.19 -11.55
CA GLY B 20 4.64 3.18 -11.30
C GLY B 20 5.43 2.55 -12.43
N ASN B 21 5.04 2.87 -13.66
CA ASN B 21 5.70 2.33 -14.85
C ASN B 21 6.87 3.22 -15.26
N ILE B 22 8.08 2.69 -15.20
CA ILE B 22 9.28 3.43 -15.57
C ILE B 22 10.08 2.69 -16.63
N GLY A 1 -9.31 -15.00 12.54
CA GLY A 1 -10.45 -14.12 12.90
C GLY A 1 -10.45 -12.82 12.11
N PRO A 2 -11.10 -12.79 10.93
CA PRO A 2 -11.82 -13.93 10.36
C PRO A 2 -10.87 -14.99 9.80
N LEU A 3 -11.41 -16.19 9.55
CA LEU A 3 -10.62 -17.28 9.01
C LEU A 3 -10.50 -17.17 7.49
N GLY A 4 -11.64 -17.16 6.81
CA GLY A 4 -11.64 -17.06 5.37
C GLY A 4 -12.04 -15.67 4.88
N SER A 5 -11.19 -14.69 5.13
CA SER A 5 -11.46 -13.32 4.72
C SER A 5 -11.05 -13.09 3.26
N PRO A 6 -11.99 -12.65 2.41
CA PRO A 6 -11.72 -12.39 1.00
C PRO A 6 -10.84 -11.16 0.80
N LEU A 7 -9.53 -11.33 1.00
CA LEU A 7 -8.57 -10.24 0.84
C LEU A 7 -7.95 -10.26 -0.55
N THR A 8 -6.69 -9.83 -0.65
CA THR A 8 -6.00 -9.80 -1.92
C THR A 8 -5.31 -11.13 -2.18
N ALA A 9 -4.93 -11.81 -1.11
CA ALA A 9 -4.33 -13.13 -1.23
C ALA A 9 -5.30 -14.07 -1.91
N SER A 10 -6.58 -13.88 -1.62
CA SER A 10 -7.63 -14.67 -2.24
C SER A 10 -7.81 -14.25 -3.69
N MET A 11 -7.62 -12.95 -3.95
CA MET A 11 -7.73 -12.43 -5.31
C MET A 11 -6.64 -13.03 -6.18
N LEU A 12 -5.45 -13.18 -5.60
CA LEU A 12 -4.32 -13.74 -6.32
C LEU A 12 -4.71 -15.09 -6.93
N ALA A 13 -5.28 -15.95 -6.11
CA ALA A 13 -5.74 -17.26 -6.57
C ALA A 13 -6.91 -17.10 -7.54
N SER A 14 -7.67 -16.02 -7.37
CA SER A 14 -8.85 -15.77 -8.21
C SER A 14 -8.55 -14.72 -9.29
N ALA A 15 -7.27 -14.52 -9.60
CA ALA A 15 -6.88 -13.56 -10.61
C ALA A 15 -5.82 -14.15 -11.55
N PRO A 16 -6.15 -15.25 -12.26
CA PRO A 16 -5.22 -15.93 -13.17
C PRO A 16 -4.66 -15.03 -14.28
N PRO A 17 -5.52 -14.27 -15.02
CA PRO A 17 -5.05 -13.40 -16.10
C PRO A 17 -4.22 -12.22 -15.60
N GLN A 18 -4.07 -11.21 -16.44
CA GLN A 18 -3.30 -10.02 -16.09
C GLN A 18 -4.07 -9.15 -15.10
N GLU A 19 -4.18 -9.65 -13.87
CA GLU A 19 -4.91 -8.93 -12.82
C GLU A 19 -3.93 -8.29 -11.84
N GLN A 20 -2.64 -8.37 -12.15
CA GLN A 20 -1.60 -7.81 -11.30
C GLN A 20 -1.95 -6.41 -10.83
N LYS A 21 -2.01 -5.48 -11.77
CA LYS A 21 -2.31 -4.09 -11.45
C LYS A 21 -3.63 -3.97 -10.71
N GLN A 22 -4.51 -4.94 -10.89
CA GLN A 22 -5.81 -4.94 -10.21
C GLN A 22 -5.67 -5.29 -8.73
N MET A 23 -5.49 -6.58 -8.45
CA MET A 23 -5.42 -7.06 -7.07
C MET A 23 -4.17 -6.56 -6.34
N LEU A 24 -3.14 -7.41 -6.31
CA LEU A 24 -1.91 -7.13 -5.57
C LEU A 24 -1.17 -5.90 -6.07
N GLY A 25 -1.70 -5.22 -7.08
CA GLY A 25 -0.97 -4.12 -7.65
C GLY A 25 0.28 -4.66 -8.29
N GLU A 26 1.43 -4.23 -7.80
CA GLU A 26 2.67 -4.87 -8.18
C GLU A 26 2.76 -6.20 -7.43
N ARG A 27 2.93 -6.06 -6.12
CA ARG A 27 2.92 -7.17 -5.18
C ARG A 27 2.64 -6.60 -3.78
N LEU A 28 2.22 -5.34 -3.78
CA LEU A 28 2.03 -4.58 -2.56
C LEU A 28 1.09 -5.24 -1.55
N PHE A 29 -0.21 -5.07 -1.78
CA PHE A 29 -1.25 -5.54 -0.86
C PHE A 29 -0.88 -6.86 -0.16
N PRO A 30 -0.47 -7.91 -0.90
CA PRO A 30 -0.16 -9.22 -0.29
C PRO A 30 0.92 -9.16 0.79
N LEU A 31 1.97 -8.38 0.57
CA LEU A 31 3.06 -8.29 1.55
C LEU A 31 2.58 -7.54 2.78
N ILE A 32 1.93 -6.41 2.54
CA ILE A 32 1.40 -5.62 3.63
C ILE A 32 0.16 -6.29 4.20
N GLN A 33 -0.37 -7.27 3.46
CA GLN A 33 -1.53 -8.02 3.94
C GLN A 33 -1.16 -8.72 5.23
N ALA A 34 0.05 -9.28 5.24
CA ALA A 34 0.58 -9.90 6.45
C ALA A 34 0.82 -8.81 7.49
N MET A 35 1.13 -7.60 7.01
CA MET A 35 1.36 -6.45 7.88
C MET A 35 0.12 -5.56 7.92
N HIS A 36 -1.03 -6.16 7.67
CA HIS A 36 -2.29 -5.43 7.64
C HIS A 36 -2.66 -4.79 8.99
N PRO A 37 -2.30 -5.41 10.15
CA PRO A 37 -2.60 -4.84 11.47
C PRO A 37 -2.53 -3.33 11.46
N THR A 38 -1.58 -2.79 10.69
CA THR A 38 -1.45 -1.35 10.53
C THR A 38 -2.53 -0.83 9.58
N LEU A 39 -2.23 -0.87 8.28
CA LEU A 39 -3.20 -0.44 7.27
C LEU A 39 -2.71 -0.77 5.85
N ALA A 40 -2.59 -2.07 5.56
CA ALA A 40 -2.15 -2.52 4.24
C ALA A 40 -2.91 -1.83 3.13
N GLY A 41 -4.18 -1.54 3.38
CA GLY A 41 -5.05 -0.93 2.38
C GLY A 41 -4.45 0.32 1.74
N LYS A 42 -4.08 1.30 2.56
CA LYS A 42 -3.55 2.55 2.04
C LYS A 42 -2.09 2.41 1.61
N ILE A 43 -1.31 1.66 2.37
CA ILE A 43 0.11 1.49 2.06
C ILE A 43 0.31 0.98 0.63
N THR A 44 -0.32 -0.15 0.30
CA THR A 44 -0.22 -0.71 -1.04
C THR A 44 -0.47 0.39 -2.07
N GLY A 45 -1.55 1.15 -1.85
CA GLY A 45 -1.91 2.23 -2.75
C GLY A 45 -0.75 3.16 -3.09
N MET A 46 -0.26 3.87 -2.08
CA MET A 46 0.81 4.86 -2.28
C MET A 46 2.03 4.26 -2.97
N LEU A 47 2.77 3.43 -2.26
CA LEU A 47 4.00 2.85 -2.78
C LEU A 47 3.73 1.89 -3.94
N LEU A 48 2.49 1.81 -4.39
CA LEU A 48 2.17 0.97 -5.54
C LEU A 48 2.82 1.52 -6.81
N GLU A 49 3.50 2.65 -6.66
CA GLU A 49 4.23 3.26 -7.76
C GLU A 49 5.58 2.57 -7.91
N ILE A 50 5.68 1.37 -7.35
CA ILE A 50 6.91 0.59 -7.38
C ILE A 50 7.07 -0.16 -8.70
N ASP A 51 8.28 -0.65 -8.96
CA ASP A 51 8.56 -1.37 -10.19
C ASP A 51 7.89 -2.74 -10.22
N ASN A 52 7.76 -3.29 -11.42
CA ASN A 52 7.19 -4.62 -11.60
C ASN A 52 8.29 -5.68 -11.46
N SER A 53 9.51 -5.30 -11.84
CA SER A 53 10.65 -6.19 -11.72
C SER A 53 11.06 -6.31 -10.26
N GLU A 54 10.81 -5.23 -9.51
CA GLU A 54 11.12 -5.21 -8.09
C GLU A 54 10.05 -5.95 -7.29
N LEU A 55 8.82 -5.95 -7.80
CA LEU A 55 7.73 -6.63 -7.13
C LEU A 55 8.05 -8.11 -6.97
N LEU A 56 8.54 -8.72 -8.05
CA LEU A 56 8.91 -10.12 -8.03
C LEU A 56 10.06 -10.35 -7.04
N HIS A 57 11.02 -9.43 -7.03
CA HIS A 57 12.15 -9.51 -6.12
C HIS A 57 11.68 -9.46 -4.67
N MET A 58 10.62 -8.69 -4.43
CA MET A 58 10.05 -8.57 -3.10
C MET A 58 9.39 -9.88 -2.69
N LEU A 59 8.65 -10.47 -3.63
CA LEU A 59 7.97 -11.73 -3.39
C LEU A 59 8.98 -12.87 -3.27
N GLU A 60 10.21 -12.62 -3.69
CA GLU A 60 11.26 -13.62 -3.61
C GLU A 60 12.20 -13.35 -2.44
N SER A 61 12.03 -12.19 -1.81
CA SER A 61 12.85 -11.82 -0.68
C SER A 61 12.00 -11.46 0.54
N PRO A 62 11.66 -12.46 1.38
CA PRO A 62 10.84 -12.24 2.58
C PRO A 62 11.52 -11.28 3.56
N GLU A 63 12.85 -11.34 3.60
CA GLU A 63 13.62 -10.49 4.49
C GLU A 63 13.74 -9.06 3.95
N SER A 64 14.11 -8.95 2.69
CA SER A 64 14.29 -7.64 2.06
C SER A 64 12.96 -6.93 1.88
N LEU A 65 12.01 -7.62 1.27
CA LEU A 65 10.69 -7.05 1.00
C LEU A 65 10.02 -6.59 2.28
N ARG A 66 9.82 -7.50 3.23
CA ARG A 66 9.17 -7.14 4.48
C ARG A 66 9.82 -5.92 5.10
N SER A 67 11.13 -5.79 4.92
CA SER A 67 11.88 -4.65 5.42
C SER A 67 11.50 -3.39 4.63
N LYS A 68 11.26 -3.58 3.33
CA LYS A 68 10.86 -2.49 2.46
C LYS A 68 9.49 -1.99 2.86
N VAL A 69 8.51 -2.90 2.87
CA VAL A 69 7.15 -2.56 3.26
C VAL A 69 7.10 -2.21 4.75
N ASP A 70 8.15 -2.57 5.48
CA ASP A 70 8.23 -2.23 6.89
C ASP A 70 8.14 -0.72 7.05
N GLU A 71 8.94 -0.01 6.26
CA GLU A 71 8.89 1.45 6.24
C GLU A 71 7.58 1.90 5.64
N ALA A 72 7.01 1.06 4.78
CA ALA A 72 5.74 1.34 4.12
C ALA A 72 4.62 1.49 5.14
N VAL A 73 4.57 0.59 6.12
CA VAL A 73 3.54 0.68 7.15
C VAL A 73 3.72 1.98 7.93
N ALA A 74 4.97 2.43 8.02
CA ALA A 74 5.29 3.67 8.72
C ALA A 74 4.77 4.87 7.95
N VAL A 75 4.82 4.80 6.62
CA VAL A 75 4.32 5.90 5.79
C VAL A 75 2.84 6.14 6.06
N LEU A 76 2.13 5.06 6.38
CA LEU A 76 0.71 5.14 6.69
C LEU A 76 0.52 5.80 8.06
N GLN A 77 1.28 5.34 9.05
CA GLN A 77 1.20 5.89 10.39
C GLN A 77 1.44 7.39 10.37
N ALA A 78 2.35 7.82 9.49
CA ALA A 78 2.67 9.25 9.35
C ALA A 78 1.64 9.96 8.47
N HIS A 79 0.86 9.19 7.73
CA HIS A 79 -0.16 9.76 6.85
C HIS A 79 -1.23 10.49 7.65
N GLN A 80 -1.83 9.79 8.61
CA GLN A 80 -2.88 10.36 9.42
C GLN A 80 -2.39 11.55 10.25
N ALA A 81 -1.07 11.75 10.28
CA ALA A 81 -0.49 12.85 11.03
C ALA A 81 -1.00 14.19 10.52
N LYS A 82 -0.61 14.56 9.30
CA LYS A 82 -1.04 15.81 8.70
C LYS A 82 -2.45 15.69 8.14
N GLU A 83 -2.94 14.47 8.05
CA GLU A 83 -4.27 14.21 7.53
C GLU A 83 -5.32 14.35 8.63
N ALA A 84 -4.86 14.42 9.88
CA ALA A 84 -5.75 14.56 11.02
C ALA A 84 -6.48 15.90 10.98
N ALA A 85 -5.91 16.87 10.26
CA ALA A 85 -6.50 18.19 10.15
C ALA A 85 -7.73 18.15 9.25
N GLN A 86 -7.92 17.03 8.56
CA GLN A 86 -9.05 16.87 7.66
C GLN A 86 -10.23 16.24 8.39
N LYS A 87 -9.97 15.15 9.11
CA LYS A 87 -11.02 14.46 9.86
C LYS A 87 -11.10 14.98 11.29
N ALA A 88 -12.19 15.69 11.59
CA ALA A 88 -12.39 16.23 12.92
C ALA A 88 -13.04 15.20 13.84
N VAL A 89 -12.22 14.35 14.44
CA VAL A 89 -12.70 13.30 15.34
C VAL A 89 -12.64 13.76 16.80
N ASN A 90 -13.33 13.04 17.66
CA ASN A 90 -13.35 13.36 19.09
C ASN A 90 -12.08 12.88 19.78
N SER A 91 -11.39 11.92 19.15
CA SER A 91 -10.16 11.38 19.72
C SER A 91 -8.94 12.10 19.14
N ALA A 92 -8.90 13.42 19.32
CA ALA A 92 -7.79 14.22 18.81
C ALA A 92 -6.70 14.38 19.88
N THR A 93 -6.59 13.39 20.75
CA THR A 93 -5.59 13.42 21.81
C THR A 93 -4.34 12.62 21.41
N GLY A 94 -4.35 12.10 20.19
CA GLY A 94 -3.22 11.34 19.71
C GLY A 94 -2.08 12.22 19.21
N VAL A 95 -2.43 13.30 18.52
CA VAL A 95 -1.45 14.23 17.99
C VAL A 95 -1.09 15.30 19.01
N PRO A 96 0.14 15.84 18.96
CA PRO A 96 1.16 15.47 17.96
C PRO A 96 1.73 14.08 18.21
N THR A 97 2.28 13.48 17.15
CA THR A 97 2.88 12.16 17.25
C THR A 97 4.28 12.22 17.84
N VAL A 98 4.68 11.16 18.53
CA VAL A 98 5.99 11.08 19.15
C VAL A 98 6.86 10.03 18.49
N VAL B 1 -0.95 14.93 -2.82
CA VAL B 1 0.06 13.89 -2.50
C VAL B 1 1.13 14.42 -1.56
N VAL B 2 1.43 13.66 -0.51
CA VAL B 2 2.43 14.06 0.47
C VAL B 2 3.77 13.36 0.20
N LYS B 3 4.78 13.70 0.97
CA LYS B 3 6.11 13.12 0.82
C LYS B 3 6.29 11.93 1.77
N SER B 4 6.52 10.75 1.19
CA SER B 4 6.72 9.54 1.97
C SER B 4 8.16 9.39 2.41
N ASN B 5 8.51 8.22 2.94
CA ASN B 5 9.88 7.95 3.39
C ASN B 5 10.58 6.98 2.46
N LEU B 6 9.96 5.84 2.22
CA LEU B 6 10.54 4.82 1.34
C LEU B 6 10.37 5.22 -0.12
N ASN B 7 9.15 5.05 -0.64
CA ASN B 7 8.86 5.40 -2.02
C ASN B 7 8.55 6.89 -2.15
N PRO B 8 9.31 7.61 -2.99
CA PRO B 8 9.10 9.03 -3.20
C PRO B 8 7.91 9.30 -4.12
N ASN B 9 7.17 8.24 -4.45
CA ASN B 9 6.02 8.37 -5.32
C ASN B 9 4.76 7.83 -4.65
N ALA B 10 4.64 8.10 -3.35
CA ALA B 10 3.48 7.64 -2.58
C ALA B 10 2.17 8.18 -3.14
N LYS B 11 1.58 7.44 -4.07
CA LYS B 11 0.29 7.81 -4.66
C LYS B 11 -0.69 6.66 -4.52
N GLU B 12 -1.89 6.96 -4.02
CA GLU B 12 -2.90 5.94 -3.75
C GLU B 12 -3.08 4.97 -4.92
N PHE B 13 -3.86 3.91 -4.67
CA PHE B 13 -4.15 2.90 -5.68
C PHE B 13 -5.36 3.34 -6.49
N VAL B 14 -5.10 3.99 -7.61
CA VAL B 14 -6.19 4.54 -8.42
C VAL B 14 -6.08 4.17 -9.91
N PRO B 15 -4.93 4.42 -10.56
CA PRO B 15 -4.76 4.14 -11.99
C PRO B 15 -5.30 2.77 -12.39
N GLY B 16 -5.27 1.82 -11.47
CA GLY B 16 -5.75 0.49 -11.75
C GLY B 16 -4.81 -0.27 -12.66
N VAL B 17 -3.88 0.44 -13.28
CA VAL B 17 -2.91 -0.16 -14.18
C VAL B 17 -1.53 -0.19 -13.53
N LYS B 18 -0.51 -0.58 -14.29
CA LYS B 18 0.85 -0.65 -13.79
C LYS B 18 1.31 0.71 -13.29
N TYR B 19 1.10 0.98 -12.01
CA TYR B 19 1.50 2.25 -11.40
C TYR B 19 2.99 2.28 -11.13
N GLY B 20 3.67 3.30 -11.65
CA GLY B 20 5.09 3.42 -11.45
C GLY B 20 5.90 2.68 -12.51
N ASN B 21 5.47 2.81 -13.76
CA ASN B 21 6.16 2.15 -14.87
C ASN B 21 7.21 3.06 -15.48
N ILE B 22 8.48 2.70 -15.27
CA ILE B 22 9.59 3.49 -15.80
C ILE B 22 10.47 2.64 -16.72
N GLY A 1 -13.60 -7.42 -10.31
CA GLY A 1 -13.50 -7.76 -8.86
C GLY A 1 -13.27 -9.25 -8.63
N PRO A 2 -14.34 -10.06 -8.59
CA PRO A 2 -15.73 -9.60 -8.77
C PRO A 2 -16.23 -8.84 -7.54
N LEU A 3 -16.02 -9.41 -6.36
CA LEU A 3 -16.46 -8.78 -5.12
C LEU A 3 -15.36 -7.88 -4.55
N GLY A 4 -15.75 -7.00 -3.63
CA GLY A 4 -14.79 -6.10 -3.03
C GLY A 4 -14.43 -6.49 -1.60
N SER A 5 -13.87 -7.68 -1.45
CA SER A 5 -13.49 -8.18 -0.14
C SER A 5 -12.05 -7.77 0.21
N PRO A 6 -11.75 -7.59 1.51
CA PRO A 6 -10.41 -7.19 1.95
C PRO A 6 -9.36 -8.26 1.68
N LEU A 7 -9.82 -9.43 1.24
CA LEU A 7 -8.92 -10.55 0.94
C LEU A 7 -8.29 -10.38 -0.44
N THR A 8 -7.06 -9.88 -0.46
CA THR A 8 -6.34 -9.66 -1.71
C THR A 8 -5.60 -10.93 -2.12
N ALA A 9 -5.09 -11.66 -1.14
CA ALA A 9 -4.43 -12.93 -1.41
C ALA A 9 -5.40 -13.87 -2.10
N SER A 10 -6.66 -13.78 -1.69
CA SER A 10 -7.72 -14.58 -2.29
C SER A 10 -7.96 -14.12 -3.71
N MET A 11 -7.81 -12.82 -3.95
CA MET A 11 -7.96 -12.26 -5.29
C MET A 11 -6.88 -12.81 -6.20
N LEU A 12 -5.68 -12.99 -5.65
CA LEU A 12 -4.55 -13.52 -6.41
C LEU A 12 -4.96 -14.82 -7.09
N ALA A 13 -5.58 -15.70 -6.32
CA ALA A 13 -6.05 -16.98 -6.84
C ALA A 13 -7.17 -16.79 -7.86
N SER A 14 -8.00 -15.77 -7.64
CA SER A 14 -9.12 -15.50 -8.53
C SER A 14 -8.81 -14.37 -9.50
N ALA A 15 -7.53 -14.11 -9.73
CA ALA A 15 -7.11 -13.06 -10.65
C ALA A 15 -5.96 -13.52 -11.54
N PRO A 16 -6.15 -13.49 -12.87
CA PRO A 16 -5.11 -13.91 -13.82
C PRO A 16 -3.82 -13.11 -13.65
N PRO A 17 -2.72 -13.54 -14.30
CA PRO A 17 -1.42 -12.85 -14.20
C PRO A 17 -1.51 -11.39 -14.62
N GLN A 18 -2.34 -11.12 -15.62
CA GLN A 18 -2.52 -9.76 -16.13
C GLN A 18 -3.34 -8.91 -15.15
N GLU A 19 -3.90 -9.57 -14.15
CA GLU A 19 -4.71 -8.88 -13.15
C GLU A 19 -3.86 -8.31 -12.03
N GLN A 20 -2.55 -8.33 -12.21
CA GLN A 20 -1.61 -7.83 -11.22
C GLN A 20 -2.00 -6.43 -10.76
N LYS A 21 -2.03 -5.49 -11.70
CA LYS A 21 -2.34 -4.09 -11.39
C LYS A 21 -3.68 -3.97 -10.67
N GLN A 22 -4.53 -4.97 -10.82
CA GLN A 22 -5.84 -4.96 -10.17
C GLN A 22 -5.71 -5.21 -8.66
N MET A 23 -5.53 -6.48 -8.30
CA MET A 23 -5.46 -6.89 -6.90
C MET A 23 -4.19 -6.41 -6.21
N LEU A 24 -3.18 -7.28 -6.19
CA LEU A 24 -1.93 -7.02 -5.49
C LEU A 24 -1.16 -5.83 -6.03
N GLY A 25 -1.70 -5.18 -7.07
CA GLY A 25 -0.94 -4.10 -7.68
C GLY A 25 0.30 -4.69 -8.30
N GLU A 26 1.45 -4.29 -7.82
CA GLU A 26 2.68 -4.96 -8.19
C GLU A 26 2.74 -6.27 -7.42
N ARG A 27 2.93 -6.13 -6.11
CA ARG A 27 2.92 -7.24 -5.17
C ARG A 27 2.65 -6.70 -3.77
N LEU A 28 2.23 -5.45 -3.73
CA LEU A 28 2.06 -4.70 -2.50
C LEU A 28 1.12 -5.37 -1.51
N PHE A 29 -0.18 -5.22 -1.75
CA PHE A 29 -1.21 -5.72 -0.83
C PHE A 29 -0.84 -7.05 -0.15
N PRO A 30 -0.39 -8.08 -0.90
CA PRO A 30 -0.06 -9.39 -0.33
C PRO A 30 0.99 -9.32 0.79
N LEU A 31 2.04 -8.53 0.58
CA LEU A 31 3.12 -8.44 1.57
C LEU A 31 2.63 -7.69 2.79
N ILE A 32 1.95 -6.58 2.57
CA ILE A 32 1.41 -5.80 3.65
C ILE A 32 0.15 -6.43 4.19
N GLN A 33 -0.39 -7.41 3.46
CA GLN A 33 -1.57 -8.13 3.92
C GLN A 33 -1.20 -8.86 5.19
N ALA A 34 0.01 -9.38 5.22
CA ALA A 34 0.55 -10.00 6.42
C ALA A 34 0.79 -8.93 7.48
N MET A 35 1.11 -7.72 7.00
CA MET A 35 1.33 -6.57 7.87
C MET A 35 0.11 -5.68 7.88
N HIS A 36 -1.05 -6.28 7.64
CA HIS A 36 -2.31 -5.55 7.57
C HIS A 36 -2.70 -4.88 8.90
N PRO A 37 -2.35 -5.48 10.09
CA PRO A 37 -2.67 -4.89 11.38
C PRO A 37 -2.59 -3.37 11.36
N THR A 38 -1.68 -2.84 10.56
CA THR A 38 -1.54 -1.39 10.40
C THR A 38 -2.64 -0.88 9.47
N LEU A 39 -2.37 -0.92 8.16
CA LEU A 39 -3.36 -0.47 7.18
C LEU A 39 -2.91 -0.80 5.75
N ALA A 40 -2.61 -2.08 5.49
CA ALA A 40 -2.17 -2.53 4.17
C ALA A 40 -2.92 -1.83 3.04
N GLY A 41 -4.21 -1.55 3.28
CA GLY A 41 -5.04 -0.91 2.28
C GLY A 41 -4.41 0.32 1.65
N LYS A 42 -4.08 1.32 2.46
CA LYS A 42 -3.50 2.55 1.94
C LYS A 42 -2.03 2.38 1.59
N ILE A 43 -1.35 1.50 2.31
CA ILE A 43 0.07 1.26 2.08
C ILE A 43 0.32 0.84 0.63
N THR A 44 -0.31 -0.25 0.21
CA THR A 44 -0.17 -0.74 -1.16
C THR A 44 -0.35 0.40 -2.15
N GLY A 45 -1.39 1.20 -1.92
CA GLY A 45 -1.69 2.31 -2.80
C GLY A 45 -0.50 3.22 -3.07
N MET A 46 -0.03 3.91 -2.05
CA MET A 46 1.09 4.85 -2.21
C MET A 46 2.31 4.16 -2.83
N LEU A 47 2.70 3.03 -2.27
CA LEU A 47 3.86 2.30 -2.73
C LEU A 47 3.57 1.54 -4.03
N LEU A 48 2.35 1.70 -4.55
CA LEU A 48 1.96 1.02 -5.79
C LEU A 48 2.77 1.56 -6.97
N GLU A 49 3.51 2.64 -6.74
CA GLU A 49 4.34 3.22 -7.76
C GLU A 49 5.68 2.49 -7.84
N ILE A 50 5.71 1.26 -7.32
CA ILE A 50 6.92 0.45 -7.32
C ILE A 50 7.10 -0.28 -8.65
N ASP A 51 8.30 -0.79 -8.89
CA ASP A 51 8.60 -1.50 -10.12
C ASP A 51 7.91 -2.86 -10.17
N ASN A 52 7.74 -3.39 -11.37
CA ASN A 52 7.14 -4.70 -11.55
C ASN A 52 8.19 -5.79 -11.44
N SER A 53 9.42 -5.46 -11.82
CA SER A 53 10.52 -6.39 -11.72
C SER A 53 10.93 -6.55 -10.26
N GLU A 54 10.80 -5.46 -9.52
CA GLU A 54 11.12 -5.46 -8.10
C GLU A 54 10.03 -6.15 -7.30
N LEU A 55 8.79 -6.10 -7.81
CA LEU A 55 7.67 -6.74 -7.12
C LEU A 55 7.93 -8.22 -6.95
N LEU A 56 8.37 -8.86 -8.02
CA LEU A 56 8.68 -10.28 -7.99
C LEU A 56 9.76 -10.58 -6.96
N HIS A 57 10.82 -9.78 -6.97
CA HIS A 57 11.93 -9.97 -6.04
C HIS A 57 11.47 -9.83 -4.58
N MET A 58 10.30 -9.22 -4.38
CA MET A 58 9.79 -8.99 -3.04
C MET A 58 9.22 -10.26 -2.42
N LEU A 59 8.27 -10.91 -3.08
CA LEU A 59 7.69 -12.14 -2.54
C LEU A 59 8.74 -13.25 -2.47
N GLU A 60 9.88 -13.00 -3.12
CA GLU A 60 10.97 -13.97 -3.11
C GLU A 60 12.03 -13.60 -2.06
N SER A 61 11.93 -12.38 -1.54
CA SER A 61 12.87 -11.90 -0.53
C SER A 61 12.15 -11.47 0.74
N PRO A 62 11.99 -12.39 1.70
CA PRO A 62 11.31 -12.08 2.97
C PRO A 62 12.08 -11.06 3.79
N GLU A 63 13.40 -11.06 3.66
CA GLU A 63 14.25 -10.13 4.38
C GLU A 63 14.25 -8.74 3.72
N SER A 64 14.41 -8.72 2.40
CA SER A 64 14.46 -7.47 1.65
C SER A 64 13.08 -6.80 1.59
N LEU A 65 12.10 -7.55 1.09
CA LEU A 65 10.75 -7.04 0.94
C LEU A 65 10.17 -6.57 2.27
N ARG A 66 10.04 -7.47 3.23
CA ARG A 66 9.46 -7.13 4.51
C ARG A 66 10.12 -5.88 5.09
N SER A 67 11.40 -5.68 4.78
CA SER A 67 12.12 -4.51 5.23
C SER A 67 11.59 -3.26 4.54
N LYS A 68 11.31 -3.39 3.25
CA LYS A 68 10.77 -2.29 2.47
C LYS A 68 9.38 -1.91 2.95
N VAL A 69 8.47 -2.86 2.90
CA VAL A 69 7.11 -2.62 3.35
C VAL A 69 7.08 -2.23 4.82
N ASP A 70 8.15 -2.57 5.54
CA ASP A 70 8.25 -2.18 6.94
C ASP A 70 8.13 -0.68 7.05
N GLU A 71 8.88 0.03 6.22
CA GLU A 71 8.81 1.48 6.17
C GLU A 71 7.47 1.92 5.58
N ALA A 72 6.89 1.05 4.76
CA ALA A 72 5.61 1.31 4.13
C ALA A 72 4.51 1.47 5.17
N VAL A 73 4.37 0.48 6.07
CA VAL A 73 3.38 0.57 7.13
C VAL A 73 3.60 1.87 7.91
N ALA A 74 4.85 2.32 7.93
CA ALA A 74 5.22 3.54 8.63
C ALA A 74 4.69 4.76 7.90
N VAL A 75 4.68 4.73 6.57
CA VAL A 75 4.17 5.85 5.80
C VAL A 75 2.73 6.14 6.21
N LEU A 76 2.05 5.10 6.67
CA LEU A 76 0.68 5.24 7.18
C LEU A 76 0.70 5.96 8.52
N GLN A 77 1.51 5.46 9.42
CA GLN A 77 1.66 6.05 10.74
C GLN A 77 1.96 7.54 10.60
N ALA A 78 2.74 7.88 9.57
CA ALA A 78 3.08 9.26 9.28
C ALA A 78 1.96 9.97 8.52
N HIS A 79 1.10 9.19 7.87
CA HIS A 79 -0.01 9.74 7.09
C HIS A 79 -0.92 10.58 7.97
N GLN A 80 -1.54 9.94 8.95
CA GLN A 80 -2.45 10.63 9.86
C GLN A 80 -1.70 11.61 10.76
N ALA A 81 -0.38 11.64 10.63
CA ALA A 81 0.45 12.52 11.44
C ALA A 81 0.45 13.94 10.90
N LYS A 82 1.06 14.13 9.74
CA LYS A 82 1.15 15.45 9.12
C LYS A 82 -0.19 15.87 8.50
N GLU A 83 -1.06 14.90 8.28
CA GLU A 83 -2.37 15.18 7.67
C GLU A 83 -3.34 15.72 8.71
N ALA A 84 -3.45 15.03 9.85
CA ALA A 84 -4.35 15.46 10.91
C ALA A 84 -3.76 16.61 11.71
N ALA A 85 -2.55 17.01 11.34
CA ALA A 85 -1.88 18.12 12.03
C ALA A 85 -2.55 19.45 11.69
N GLN A 86 -2.87 19.64 10.42
CA GLN A 86 -3.51 20.88 9.97
C GLN A 86 -5.01 20.85 10.28
N LYS A 87 -5.36 21.21 11.51
CA LYS A 87 -6.76 21.23 11.94
C LYS A 87 -7.35 22.62 11.78
N ALA A 88 -6.59 23.52 11.17
CA ALA A 88 -7.04 24.90 10.97
C ALA A 88 -7.81 25.03 9.65
N VAL A 89 -7.91 23.94 8.91
CA VAL A 89 -8.62 23.94 7.64
C VAL A 89 -9.98 23.26 7.76
N ASN A 90 -11.01 23.93 7.27
CA ASN A 90 -12.36 23.40 7.32
C ASN A 90 -12.81 22.89 5.95
N SER A 91 -13.22 21.64 5.89
CA SER A 91 -13.67 21.02 4.65
C SER A 91 -15.19 21.13 4.50
N ALA A 92 -15.91 20.14 5.01
CA ALA A 92 -17.36 20.12 4.94
C ALA A 92 -17.98 20.74 6.19
N THR A 93 -17.88 20.03 7.31
CA THR A 93 -18.44 20.51 8.56
C THR A 93 -17.34 20.71 9.61
N GLY A 94 -17.74 20.95 10.85
CA GLY A 94 -16.78 21.16 11.92
C GLY A 94 -16.16 19.86 12.40
N VAL A 95 -16.34 19.56 13.68
CA VAL A 95 -15.80 18.34 14.27
C VAL A 95 -16.91 17.33 14.56
N PRO A 96 -16.81 16.12 13.99
CA PRO A 96 -17.81 15.06 14.19
C PRO A 96 -17.76 14.49 15.60
N THR A 97 -18.34 15.21 16.55
CA THR A 97 -18.35 14.78 17.94
C THR A 97 -19.74 14.28 18.33
N VAL A 98 -19.79 13.12 18.97
CA VAL A 98 -21.05 12.54 19.41
C VAL A 98 -20.97 12.06 20.85
N VAL B 1 2.14 16.84 -1.50
CA VAL B 1 3.45 16.52 -0.87
C VAL B 1 3.56 15.02 -0.56
N VAL B 2 4.74 14.46 -0.80
CA VAL B 2 4.98 13.05 -0.54
C VAL B 2 5.48 12.84 0.89
N LYS B 3 4.63 12.23 1.72
CA LYS B 3 4.97 11.98 3.11
C LYS B 3 5.52 10.57 3.30
N SER B 4 5.91 9.94 2.20
CA SER B 4 6.46 8.59 2.24
C SER B 4 7.98 8.63 2.33
N ASN B 5 8.57 7.54 2.82
CA ASN B 5 10.02 7.43 2.94
C ASN B 5 10.57 6.53 1.84
N LEU B 6 9.84 5.47 1.52
CA LEU B 6 10.25 4.55 0.47
C LEU B 6 10.02 5.15 -0.90
N ASN B 7 8.79 5.06 -1.39
CA ASN B 7 8.44 5.61 -2.70
C ASN B 7 8.24 7.12 -2.63
N PRO B 8 9.04 7.89 -3.40
CA PRO B 8 8.89 9.34 -3.44
C PRO B 8 7.70 9.77 -4.27
N ASN B 9 6.94 8.79 -4.75
CA ASN B 9 5.75 9.05 -5.55
C ASN B 9 4.53 8.39 -4.93
N ALA B 10 4.36 8.59 -3.62
CA ALA B 10 3.25 8.01 -2.88
C ALA B 10 1.91 8.46 -3.45
N LYS B 11 1.33 7.62 -4.30
CA LYS B 11 0.02 7.91 -4.88
C LYS B 11 -0.94 6.74 -4.62
N GLU B 12 -2.15 7.06 -4.19
CA GLU B 12 -3.15 6.04 -3.87
C GLU B 12 -3.28 4.99 -4.98
N PHE B 13 -3.93 3.88 -4.65
CA PHE B 13 -4.15 2.80 -5.62
C PHE B 13 -5.43 3.07 -6.38
N VAL B 14 -5.32 3.89 -7.42
CA VAL B 14 -6.50 4.33 -8.17
C VAL B 14 -6.43 4.06 -9.68
N PRO B 15 -5.26 4.19 -10.34
CA PRO B 15 -5.16 3.98 -11.79
C PRO B 15 -5.71 2.63 -12.23
N GLY B 16 -5.54 1.62 -11.39
CA GLY B 16 -6.03 0.29 -11.72
C GLY B 16 -5.10 -0.43 -12.70
N VAL B 17 -4.34 0.34 -13.45
CA VAL B 17 -3.40 -0.21 -14.42
C VAL B 17 -2.00 -0.34 -13.80
N LYS B 18 -1.04 -0.81 -14.58
CA LYS B 18 0.32 -0.98 -14.08
C LYS B 18 0.90 0.34 -13.60
N TYR B 19 0.78 0.59 -12.31
CA TYR B 19 1.29 1.83 -11.72
C TYR B 19 2.79 1.74 -11.49
N GLY B 20 3.53 2.58 -12.21
CA GLY B 20 4.98 2.57 -12.09
C GLY B 20 5.64 1.60 -13.05
N ASN B 21 5.07 1.48 -14.25
CA ASN B 21 5.60 0.58 -15.26
C ASN B 21 6.74 1.24 -16.03
N ILE B 22 7.96 0.99 -15.59
CA ILE B 22 9.15 1.55 -16.24
C ILE B 22 9.93 0.48 -16.99
N GLY A 1 -11.64 0.07 4.69
CA GLY A 1 -13.07 -0.30 4.50
C GLY A 1 -13.24 -1.62 3.78
N PRO A 2 -14.45 -1.90 3.25
CA PRO A 2 -14.72 -3.16 2.53
C PRO A 2 -13.82 -3.36 1.32
N LEU A 3 -13.20 -2.27 0.88
CA LEU A 3 -12.31 -2.32 -0.27
C LEU A 3 -10.92 -2.78 0.13
N GLY A 4 -10.37 -2.17 1.19
CA GLY A 4 -9.05 -2.53 1.66
C GLY A 4 -9.07 -3.73 2.59
N SER A 5 -9.58 -4.85 2.09
CA SER A 5 -9.66 -6.07 2.89
C SER A 5 -8.47 -6.97 2.61
N PRO A 6 -8.01 -7.74 3.62
CA PRO A 6 -6.86 -8.65 3.47
C PRO A 6 -7.17 -9.85 2.59
N LEU A 7 -8.35 -9.83 1.95
CA LEU A 7 -8.77 -10.92 1.08
C LEU A 7 -8.16 -10.78 -0.32
N THR A 8 -6.89 -10.37 -0.37
CA THR A 8 -6.19 -10.19 -1.62
C THR A 8 -5.53 -11.49 -2.06
N ALA A 9 -5.09 -12.28 -1.08
CA ALA A 9 -4.50 -13.58 -1.37
C ALA A 9 -5.52 -14.45 -2.10
N SER A 10 -6.79 -14.31 -1.70
CA SER A 10 -7.87 -15.02 -2.35
C SER A 10 -8.09 -14.49 -3.75
N MET A 11 -7.88 -13.18 -3.91
CA MET A 11 -8.01 -12.56 -5.23
C MET A 11 -6.92 -13.09 -6.15
N LEU A 12 -5.75 -13.36 -5.59
CA LEU A 12 -4.63 -13.89 -6.34
C LEU A 12 -5.07 -15.14 -7.11
N ALA A 13 -5.74 -16.03 -6.40
CA ALA A 13 -6.25 -17.27 -7.00
C ALA A 13 -7.33 -16.97 -8.04
N SER A 14 -8.12 -15.93 -7.78
CA SER A 14 -9.21 -15.57 -8.68
C SER A 14 -8.84 -14.37 -9.56
N ALA A 15 -7.54 -14.20 -9.80
CA ALA A 15 -7.08 -13.10 -10.65
C ALA A 15 -5.96 -13.56 -11.58
N PRO A 16 -6.17 -13.44 -12.91
CA PRO A 16 -5.16 -13.84 -13.90
C PRO A 16 -3.85 -13.05 -13.73
N PRO A 17 -2.77 -13.48 -14.41
CA PRO A 17 -1.47 -12.81 -14.31
C PRO A 17 -1.54 -11.33 -14.65
N GLN A 18 -2.32 -11.00 -15.68
CA GLN A 18 -2.48 -9.61 -16.11
C GLN A 18 -3.34 -8.82 -15.12
N GLU A 19 -3.94 -9.54 -14.18
CA GLU A 19 -4.80 -8.92 -13.18
C GLU A 19 -4.01 -8.54 -11.93
N GLN A 20 -2.68 -8.53 -12.05
CA GLN A 20 -1.81 -8.19 -10.93
C GLN A 20 -2.11 -6.78 -10.42
N LYS A 21 -2.18 -5.83 -11.34
CA LYS A 21 -2.46 -4.44 -10.99
C LYS A 21 -3.76 -4.31 -10.23
N GLN A 22 -4.65 -5.29 -10.40
CA GLN A 22 -5.94 -5.27 -9.70
C GLN A 22 -5.78 -5.57 -8.22
N MET A 23 -5.58 -6.84 -7.90
CA MET A 23 -5.48 -7.28 -6.51
C MET A 23 -4.20 -6.79 -5.83
N LEU A 24 -3.19 -7.65 -5.82
CA LEU A 24 -1.92 -7.38 -5.13
C LEU A 24 -1.19 -6.16 -5.68
N GLY A 25 -1.76 -5.49 -6.67
CA GLY A 25 -1.04 -4.41 -7.30
C GLY A 25 0.17 -4.98 -7.98
N GLU A 26 1.35 -4.59 -7.52
CA GLU A 26 2.55 -5.28 -7.95
C GLU A 26 2.62 -6.61 -7.21
N ARG A 27 2.85 -6.49 -5.91
CA ARG A 27 2.86 -7.62 -4.98
C ARG A 27 2.66 -7.05 -3.57
N LEU A 28 2.34 -5.77 -3.55
CA LEU A 28 2.27 -5.01 -2.30
C LEU A 28 1.28 -5.57 -1.29
N PHE A 29 0.00 -5.36 -1.54
CA PHE A 29 -1.04 -5.75 -0.59
C PHE A 29 -0.76 -7.10 0.11
N PRO A 30 -0.36 -8.16 -0.62
CA PRO A 30 -0.09 -9.48 -0.01
C PRO A 30 0.98 -9.43 1.09
N LEU A 31 2.04 -8.68 0.84
CA LEU A 31 3.14 -8.58 1.82
C LEU A 31 2.67 -7.78 3.02
N ILE A 32 1.98 -6.69 2.76
CA ILE A 32 1.44 -5.87 3.83
C ILE A 32 0.20 -6.52 4.41
N GLN A 33 -0.34 -7.49 3.69
CA GLN A 33 -1.50 -8.23 4.18
C GLN A 33 -1.10 -8.98 5.43
N ALA A 34 0.14 -9.44 5.44
CA ALA A 34 0.71 -10.08 6.62
C ALA A 34 0.94 -9.01 7.69
N MET A 35 1.21 -7.80 7.21
CA MET A 35 1.40 -6.65 8.10
C MET A 35 0.13 -5.81 8.14
N HIS A 36 -1.00 -6.46 7.87
CA HIS A 36 -2.29 -5.78 7.84
C HIS A 36 -2.71 -5.24 9.21
N PRO A 37 -2.31 -5.89 10.34
CA PRO A 37 -2.65 -5.39 11.69
C PRO A 37 -2.56 -3.87 11.76
N THR A 38 -1.71 -3.29 10.92
CA THR A 38 -1.61 -1.85 10.82
C THR A 38 -2.78 -1.30 10.01
N LEU A 39 -2.58 -1.10 8.70
CA LEU A 39 -3.66 -0.63 7.83
C LEU A 39 -3.45 -1.05 6.37
N ALA A 40 -3.02 -2.29 6.14
CA ALA A 40 -2.83 -2.77 4.77
C ALA A 40 -4.00 -2.32 3.90
N GLY A 41 -3.72 -1.33 3.05
CA GLY A 41 -4.75 -0.76 2.21
C GLY A 41 -4.27 0.49 1.50
N LYS A 42 -3.94 1.53 2.28
CA LYS A 42 -3.43 2.77 1.70
C LYS A 42 -1.96 2.62 1.32
N ILE A 43 -1.24 1.78 2.05
CA ILE A 43 0.17 1.56 1.79
C ILE A 43 0.40 1.14 0.34
N THR A 44 -0.16 0.01 -0.04
CA THR A 44 -0.01 -0.50 -1.41
C THR A 44 -0.26 0.62 -2.41
N GLY A 45 -1.27 1.43 -2.14
CA GLY A 45 -1.58 2.55 -3.01
C GLY A 45 -0.40 3.45 -3.27
N MET A 46 0.11 4.08 -2.22
CA MET A 46 1.24 5.00 -2.34
C MET A 46 2.44 4.33 -3.00
N LEU A 47 2.82 3.17 -2.48
CA LEU A 47 3.98 2.45 -3.00
C LEU A 47 3.65 1.69 -4.29
N LEU A 48 2.43 1.88 -4.80
CA LEU A 48 2.03 1.21 -6.03
C LEU A 48 2.84 1.74 -7.21
N GLU A 49 3.56 2.83 -6.99
CA GLU A 49 4.42 3.40 -8.02
C GLU A 49 5.67 2.55 -8.20
N ILE A 50 5.64 1.35 -7.63
CA ILE A 50 6.76 0.43 -7.70
C ILE A 50 6.72 -0.39 -9.00
N ASP A 51 7.89 -0.89 -9.41
CA ASP A 51 7.99 -1.68 -10.62
C ASP A 51 7.35 -3.05 -10.46
N ASN A 52 6.96 -3.66 -11.58
CA ASN A 52 6.41 -5.00 -11.57
C ASN A 52 7.54 -6.02 -11.55
N SER A 53 8.72 -5.59 -12.01
CA SER A 53 9.89 -6.45 -11.98
C SER A 53 10.44 -6.54 -10.56
N GLU A 54 10.35 -5.43 -9.84
CA GLU A 54 10.81 -5.36 -8.46
C GLU A 54 9.82 -6.07 -7.55
N LEU A 55 8.58 -6.18 -8.01
CA LEU A 55 7.54 -6.86 -7.24
C LEU A 55 7.91 -8.32 -7.06
N LEU A 56 8.29 -8.96 -8.16
CA LEU A 56 8.69 -10.35 -8.14
C LEU A 56 9.81 -10.57 -7.12
N HIS A 57 10.78 -9.67 -7.13
CA HIS A 57 11.91 -9.74 -6.20
C HIS A 57 11.42 -9.72 -4.75
N MET A 58 10.43 -8.88 -4.47
CA MET A 58 9.86 -8.76 -3.12
C MET A 58 9.28 -10.09 -2.66
N LEU A 59 8.68 -10.82 -3.60
CA LEU A 59 8.06 -12.10 -3.30
C LEU A 59 9.11 -13.17 -2.99
N GLU A 60 10.34 -12.92 -3.43
CA GLU A 60 11.42 -13.89 -3.23
C GLU A 60 12.40 -13.42 -2.16
N SER A 61 12.18 -12.22 -1.64
CA SER A 61 13.07 -11.67 -0.61
C SER A 61 12.29 -11.32 0.66
N PRO A 62 12.04 -12.30 1.53
CA PRO A 62 11.32 -12.08 2.79
C PRO A 62 12.03 -11.06 3.67
N GLU A 63 13.36 -11.05 3.59
CA GLU A 63 14.17 -10.13 4.40
C GLU A 63 14.16 -8.73 3.81
N SER A 64 14.41 -8.62 2.51
CA SER A 64 14.46 -7.32 1.84
C SER A 64 13.07 -6.69 1.74
N LEU A 65 12.13 -7.45 1.19
CA LEU A 65 10.77 -6.98 1.01
C LEU A 65 10.14 -6.55 2.34
N ARG A 66 10.00 -7.47 3.28
CA ARG A 66 9.37 -7.14 4.55
C ARG A 66 10.00 -5.91 5.18
N SER A 67 11.31 -5.75 5.00
CA SER A 67 12.01 -4.58 5.51
C SER A 67 11.57 -3.33 4.76
N LYS A 68 11.32 -3.50 3.46
CA LYS A 68 10.86 -2.40 2.62
C LYS A 68 9.47 -1.96 3.06
N VAL A 69 8.53 -2.90 3.04
CA VAL A 69 7.16 -2.61 3.46
C VAL A 69 7.13 -2.27 4.95
N ASP A 70 8.20 -2.58 5.66
CA ASP A 70 8.31 -2.23 7.07
C ASP A 70 8.15 -0.73 7.21
N GLU A 71 8.90 0.01 6.39
CA GLU A 71 8.80 1.46 6.38
C GLU A 71 7.46 1.87 5.80
N ALA A 72 6.86 0.96 5.03
CA ALA A 72 5.56 1.21 4.42
C ALA A 72 4.48 1.39 5.49
N VAL A 73 4.40 0.45 6.43
CA VAL A 73 3.44 0.57 7.53
C VAL A 73 3.69 1.88 8.26
N ALA A 74 4.95 2.32 8.22
CA ALA A 74 5.33 3.58 8.85
C ALA A 74 4.78 4.76 8.07
N VAL A 75 4.66 4.63 6.75
CA VAL A 75 4.10 5.70 5.92
C VAL A 75 2.71 6.07 6.42
N LEU A 76 1.99 5.06 6.91
CA LEU A 76 0.68 5.28 7.50
C LEU A 76 0.83 6.09 8.78
N GLN A 77 1.77 5.65 9.62
CA GLN A 77 2.06 6.32 10.87
C GLN A 77 2.38 7.80 10.62
N ALA A 78 3.06 8.05 9.51
CA ALA A 78 3.41 9.41 9.12
C ALA A 78 2.24 10.11 8.41
N HIS A 79 1.31 9.31 7.90
CA HIS A 79 0.16 9.84 7.19
C HIS A 79 -0.66 10.76 8.09
N GLN A 80 -1.31 10.17 9.10
CA GLN A 80 -2.12 10.94 10.03
C GLN A 80 -1.27 11.93 10.82
N ALA A 81 0.04 11.82 10.69
CA ALA A 81 0.96 12.71 11.40
C ALA A 81 1.08 14.06 10.69
N LYS A 82 1.70 14.07 9.52
CA LYS A 82 1.89 15.30 8.76
C LYS A 82 0.57 15.85 8.24
N GLU A 83 -0.42 14.97 8.10
CA GLU A 83 -1.73 15.39 7.61
C GLU A 83 -2.50 16.16 8.67
N ALA A 84 -2.53 15.62 9.89
CA ALA A 84 -3.23 16.26 10.99
C ALA A 84 -2.41 17.39 11.59
N ALA A 85 -1.17 17.54 11.10
CA ALA A 85 -0.29 18.58 11.60
C ALA A 85 -0.70 19.96 11.09
N GLN A 86 -1.04 20.03 9.81
CA GLN A 86 -1.46 21.29 9.21
C GLN A 86 -2.93 21.57 9.49
N LYS A 87 -3.71 20.52 9.66
CA LYS A 87 -5.14 20.65 9.93
C LYS A 87 -5.38 20.95 11.42
N ALA A 88 -4.30 21.22 12.15
CA ALA A 88 -4.40 21.53 13.57
C ALA A 88 -4.59 23.03 13.79
N VAL A 89 -5.48 23.62 13.00
CA VAL A 89 -5.75 25.05 13.12
C VAL A 89 -7.00 25.31 13.95
N ASN A 90 -6.86 26.16 14.97
CA ASN A 90 -7.98 26.49 15.84
C ASN A 90 -8.64 27.79 15.41
N SER A 91 -8.23 28.30 14.27
CA SER A 91 -8.79 29.54 13.74
C SER A 91 -10.14 29.28 13.07
N ALA A 92 -10.51 28.01 12.98
CA ALA A 92 -11.77 27.63 12.36
C ALA A 92 -12.96 28.04 13.23
N THR A 93 -12.70 28.30 14.51
CA THR A 93 -13.73 28.70 15.44
C THR A 93 -13.63 30.18 15.78
N GLY A 94 -14.73 30.77 16.24
CA GLY A 94 -14.74 32.18 16.59
C GLY A 94 -14.15 32.43 17.97
N VAL A 95 -12.85 32.70 18.02
CA VAL A 95 -12.17 32.96 19.29
C VAL A 95 -11.88 34.44 19.46
N PRO A 96 -11.87 34.94 20.72
CA PRO A 96 -11.60 36.35 21.01
C PRO A 96 -10.18 36.76 20.64
N THR A 97 -9.71 37.87 21.22
CA THR A 97 -8.37 38.37 20.95
C THR A 97 -7.35 37.68 21.85
N VAL A 98 -6.10 38.14 21.76
CA VAL A 98 -5.02 37.58 22.57
C VAL A 98 -4.34 38.65 23.40
N VAL B 1 0.13 15.44 -2.25
CA VAL B 1 1.55 15.88 -2.36
C VAL B 1 2.26 15.75 -1.02
N VAL B 2 2.21 14.56 -0.44
CA VAL B 2 2.86 14.31 0.85
C VAL B 2 4.25 13.74 0.66
N LYS B 3 5.10 13.89 1.68
CA LYS B 3 6.46 13.39 1.62
C LYS B 3 6.56 12.00 2.24
N SER B 4 6.46 10.97 1.40
CA SER B 4 6.55 9.60 1.86
C SER B 4 7.98 9.23 2.23
N ASN B 5 8.18 7.98 2.63
CA ASN B 5 9.51 7.50 3.02
C ASN B 5 10.09 6.59 1.94
N LEU B 6 9.33 5.57 1.55
CA LEU B 6 9.78 4.63 0.53
C LEU B 6 9.72 5.26 -0.86
N ASN B 7 8.52 5.33 -1.43
CA ASN B 7 8.34 5.90 -2.75
C ASN B 7 8.23 7.43 -2.68
N PRO B 8 8.87 8.15 -3.61
CA PRO B 8 8.83 9.60 -3.66
C PRO B 8 7.54 10.12 -4.29
N ASN B 9 6.76 9.20 -4.84
CA ASN B 9 5.49 9.56 -5.49
C ASN B 9 4.32 8.80 -4.86
N ALA B 10 4.16 8.96 -3.55
CA ALA B 10 3.08 8.31 -2.83
C ALA B 10 1.70 8.75 -3.34
N LYS B 11 1.09 7.93 -4.21
CA LYS B 11 -0.23 8.24 -4.75
C LYS B 11 -1.19 7.08 -4.47
N GLU B 12 -2.48 7.37 -4.46
CA GLU B 12 -3.50 6.33 -4.21
C GLU B 12 -3.38 5.19 -5.20
N PHE B 13 -4.06 4.07 -4.91
CA PHE B 13 -4.04 2.90 -5.78
C PHE B 13 -5.14 2.98 -6.83
N VAL B 14 -5.05 3.99 -7.70
CA VAL B 14 -6.02 4.16 -8.78
C VAL B 14 -5.35 4.37 -10.15
N PRO B 15 -4.18 3.76 -10.40
CA PRO B 15 -3.48 3.90 -11.69
C PRO B 15 -4.32 3.46 -12.88
N GLY B 16 -5.13 2.45 -12.68
CA GLY B 16 -5.90 1.88 -13.76
C GLY B 16 -5.09 0.86 -14.52
N VAL B 17 -3.82 1.19 -14.77
CA VAL B 17 -2.89 0.28 -15.42
C VAL B 17 -1.74 -0.06 -14.48
N LYS B 18 -0.74 -0.75 -15.00
CA LYS B 18 0.43 -1.13 -14.19
C LYS B 18 1.13 0.11 -13.65
N TYR B 19 0.95 0.37 -12.36
CA TYR B 19 1.56 1.53 -11.72
C TYR B 19 3.02 1.25 -11.38
N GLY B 20 3.89 2.18 -11.75
CA GLY B 20 5.31 2.03 -11.49
C GLY B 20 6.02 1.25 -12.57
N ASN B 21 5.33 1.03 -13.69
CA ASN B 21 5.90 0.29 -14.81
C ASN B 21 6.36 1.26 -15.91
N ILE B 22 5.86 2.48 -15.85
CA ILE B 22 6.21 3.50 -16.84
C ILE B 22 6.89 4.70 -16.18
N GLY A 1 -16.34 -1.92 12.84
CA GLY A 1 -17.03 -2.97 12.03
C GLY A 1 -16.05 -3.94 11.38
N PRO A 2 -16.53 -5.14 10.98
CA PRO A 2 -15.68 -6.15 10.35
C PRO A 2 -15.13 -5.69 9.00
N LEU A 3 -13.87 -5.27 8.99
CA LEU A 3 -13.22 -4.80 7.78
C LEU A 3 -12.47 -5.93 7.09
N GLY A 4 -12.92 -7.16 7.31
CA GLY A 4 -12.29 -8.31 6.71
C GLY A 4 -12.86 -8.64 5.34
N SER A 5 -13.28 -7.61 4.61
CA SER A 5 -13.84 -7.79 3.28
C SER A 5 -12.77 -7.71 2.20
N PRO A 6 -11.93 -6.65 2.20
CA PRO A 6 -10.88 -6.48 1.19
C PRO A 6 -9.78 -7.54 1.31
N LEU A 7 -10.03 -8.71 0.74
CA LEU A 7 -9.06 -9.80 0.77
C LEU A 7 -8.31 -9.87 -0.55
N THR A 8 -7.04 -9.48 -0.53
CA THR A 8 -6.22 -9.47 -1.73
C THR A 8 -5.54 -10.82 -1.94
N ALA A 9 -5.22 -11.51 -0.84
CA ALA A 9 -4.62 -12.83 -0.92
C ALA A 9 -5.55 -13.76 -1.68
N SER A 10 -6.85 -13.54 -1.50
CA SER A 10 -7.86 -14.32 -2.20
C SER A 10 -7.95 -13.88 -3.65
N MET A 11 -7.74 -12.59 -3.90
CA MET A 11 -7.75 -12.07 -5.26
C MET A 11 -6.60 -12.66 -6.04
N LEU A 12 -5.46 -12.85 -5.37
CA LEU A 12 -4.29 -13.44 -5.99
C LEU A 12 -4.66 -14.76 -6.65
N ALA A 13 -5.23 -15.66 -5.85
CA ALA A 13 -5.67 -16.95 -6.34
C ALA A 13 -6.83 -16.79 -7.32
N SER A 14 -7.57 -15.69 -7.18
CA SER A 14 -8.73 -15.43 -8.03
C SER A 14 -8.42 -14.42 -9.12
N ALA A 15 -7.14 -14.30 -9.48
CA ALA A 15 -6.73 -13.37 -10.53
C ALA A 15 -5.75 -14.03 -11.50
N PRO A 16 -6.16 -15.15 -12.14
CA PRO A 16 -5.29 -15.89 -13.07
C PRO A 16 -4.71 -15.01 -14.19
N PRO A 17 -5.53 -14.21 -14.90
CA PRO A 17 -5.04 -13.35 -15.99
C PRO A 17 -4.15 -12.22 -15.48
N GLN A 18 -3.89 -11.24 -16.35
CA GLN A 18 -3.06 -10.10 -15.98
C GLN A 18 -3.83 -9.15 -15.06
N GLU A 19 -4.06 -9.59 -13.82
CA GLU A 19 -4.79 -8.80 -12.86
C GLU A 19 -3.85 -8.18 -11.84
N GLN A 20 -2.55 -8.33 -12.08
CA GLN A 20 -1.53 -7.82 -11.16
C GLN A 20 -1.84 -6.39 -10.71
N LYS A 21 -1.89 -5.48 -11.67
CA LYS A 21 -2.18 -4.08 -11.38
C LYS A 21 -3.50 -3.92 -10.63
N GLN A 22 -4.40 -4.89 -10.81
CA GLN A 22 -5.70 -4.84 -10.13
C GLN A 22 -5.56 -5.17 -8.64
N MET A 23 -5.37 -6.45 -8.34
CA MET A 23 -5.31 -6.91 -6.95
C MET A 23 -4.05 -6.42 -6.23
N LEU A 24 -3.03 -7.27 -6.19
CA LEU A 24 -1.80 -6.99 -5.45
C LEU A 24 -1.05 -5.76 -5.97
N GLY A 25 -1.58 -5.11 -6.99
CA GLY A 25 -0.84 -4.02 -7.58
C GLY A 25 0.41 -4.59 -8.21
N GLU A 26 1.57 -4.18 -7.72
CA GLU A 26 2.79 -4.84 -8.10
C GLU A 26 2.87 -6.17 -7.35
N ARG A 27 3.03 -6.06 -6.04
CA ARG A 27 3.03 -7.18 -5.12
C ARG A 27 2.76 -6.66 -3.72
N LEU A 28 2.34 -5.40 -3.67
CA LEU A 28 2.16 -4.67 -2.43
C LEU A 28 1.19 -5.34 -1.46
N PHE A 29 -0.10 -5.18 -1.73
CA PHE A 29 -1.16 -5.68 -0.87
C PHE A 29 -0.82 -7.01 -0.17
N PRO A 30 -0.33 -8.03 -0.90
CA PRO A 30 -0.02 -9.35 -0.31
C PRO A 30 1.02 -9.29 0.80
N LEU A 31 2.07 -8.50 0.61
CA LEU A 31 3.13 -8.41 1.61
C LEU A 31 2.62 -7.67 2.85
N ILE A 32 1.93 -6.57 2.62
CA ILE A 32 1.36 -5.81 3.69
C ILE A 32 0.11 -6.50 4.22
N GLN A 33 -0.38 -7.48 3.46
CA GLN A 33 -1.53 -8.26 3.90
C GLN A 33 -1.16 -9.00 5.17
N ALA A 34 0.09 -9.46 5.21
CA ALA A 34 0.62 -10.08 6.42
C ALA A 34 0.79 -9.01 7.50
N MET A 35 1.10 -7.80 7.06
CA MET A 35 1.25 -6.66 7.96
C MET A 35 -0.01 -5.80 7.94
N HIS A 36 -1.14 -6.45 7.68
CA HIS A 36 -2.42 -5.76 7.57
C HIS A 36 -2.86 -5.09 8.88
N PRO A 37 -2.51 -5.66 10.08
CA PRO A 37 -2.89 -5.04 11.36
C PRO A 37 -2.84 -3.53 11.32
N THR A 38 -1.92 -2.99 10.52
CA THR A 38 -1.81 -1.56 10.34
C THR A 38 -2.88 -1.07 9.36
N LEU A 39 -2.57 -1.10 8.06
CA LEU A 39 -3.52 -0.70 7.04
C LEU A 39 -2.99 -1.01 5.64
N ALA A 40 -2.75 -2.30 5.37
CA ALA A 40 -2.25 -2.74 4.06
C ALA A 40 -3.01 -2.07 2.92
N GLY A 41 -4.30 -1.82 3.14
CA GLY A 41 -5.14 -1.21 2.12
C GLY A 41 -4.57 0.06 1.53
N LYS A 42 -4.30 1.05 2.38
CA LYS A 42 -3.79 2.33 1.91
C LYS A 42 -2.30 2.27 1.59
N ILE A 43 -1.56 1.46 2.36
CA ILE A 43 -0.12 1.34 2.15
C ILE A 43 0.21 0.92 0.71
N THR A 44 -0.36 -0.19 0.27
CA THR A 44 -0.14 -0.67 -1.09
C THR A 44 -0.33 0.47 -2.08
N GLY A 45 -1.38 1.25 -1.87
CA GLY A 45 -1.67 2.37 -2.73
C GLY A 45 -0.48 3.27 -2.98
N MET A 46 -0.01 3.93 -1.92
CA MET A 46 1.11 4.88 -2.04
C MET A 46 2.34 4.24 -2.69
N LEU A 47 2.75 3.09 -2.16
CA LEU A 47 3.94 2.42 -2.67
C LEU A 47 3.66 1.66 -3.96
N LEU A 48 2.45 1.82 -4.50
CA LEU A 48 2.08 1.15 -5.75
C LEU A 48 2.91 1.70 -6.91
N GLU A 49 3.68 2.75 -6.65
CA GLU A 49 4.53 3.35 -7.66
C GLU A 49 5.84 2.57 -7.78
N ILE A 50 5.85 1.36 -7.25
CA ILE A 50 7.04 0.51 -7.29
C ILE A 50 7.14 -0.22 -8.61
N ASP A 51 8.36 -0.67 -8.95
CA ASP A 51 8.60 -1.35 -10.23
C ASP A 51 7.98 -2.73 -10.26
N ASN A 52 7.78 -3.25 -11.46
CA ASN A 52 7.22 -4.59 -11.64
C ASN A 52 8.30 -5.65 -11.53
N SER A 53 9.51 -5.30 -11.92
CA SER A 53 10.64 -6.21 -11.81
C SER A 53 11.07 -6.30 -10.35
N GLU A 54 10.94 -5.19 -9.64
CA GLU A 54 11.28 -5.12 -8.23
C GLU A 54 10.22 -5.81 -7.38
N LEU A 55 8.98 -5.80 -7.87
CA LEU A 55 7.88 -6.44 -7.15
C LEU A 55 8.19 -7.92 -6.95
N LEU A 56 8.61 -8.57 -8.03
CA LEU A 56 8.94 -9.98 -7.99
C LEU A 56 9.98 -10.28 -6.93
N HIS A 57 11.05 -9.49 -6.91
CA HIS A 57 12.13 -9.68 -5.96
C HIS A 57 11.63 -9.60 -4.51
N MET A 58 10.52 -8.91 -4.30
CA MET A 58 9.98 -8.72 -2.95
C MET A 58 9.32 -9.99 -2.40
N LEU A 59 8.33 -10.51 -3.11
CA LEU A 59 7.64 -11.72 -2.63
C LEU A 59 8.59 -12.91 -2.63
N GLU A 60 9.79 -12.72 -3.17
CA GLU A 60 10.79 -13.77 -3.18
C GLU A 60 11.90 -13.48 -2.15
N SER A 61 11.88 -12.26 -1.62
CA SER A 61 12.88 -11.85 -0.63
C SER A 61 12.20 -11.40 0.66
N PRO A 62 12.12 -12.29 1.67
CA PRO A 62 11.51 -11.96 2.96
C PRO A 62 12.29 -10.86 3.69
N GLU A 63 13.60 -10.82 3.46
CA GLU A 63 14.47 -9.83 4.10
C GLU A 63 14.36 -8.47 3.43
N SER A 64 14.52 -8.46 2.10
CA SER A 64 14.48 -7.22 1.34
C SER A 64 13.08 -6.61 1.32
N LEU A 65 12.09 -7.45 1.09
CA LEU A 65 10.71 -7.01 0.97
C LEU A 65 10.15 -6.55 2.31
N ARG A 66 10.08 -7.44 3.29
CA ARG A 66 9.50 -7.09 4.58
C ARG A 66 10.15 -5.82 5.14
N SER A 67 11.40 -5.58 4.76
CA SER A 67 12.11 -4.38 5.19
C SER A 67 11.52 -3.15 4.50
N LYS A 68 11.18 -3.32 3.23
CA LYS A 68 10.58 -2.24 2.45
C LYS A 68 9.22 -1.89 3.00
N VAL A 69 8.32 -2.86 2.98
CA VAL A 69 6.97 -2.66 3.47
C VAL A 69 6.97 -2.31 4.96
N ASP A 70 8.05 -2.65 5.65
CA ASP A 70 8.18 -2.28 7.05
C ASP A 70 8.00 -0.78 7.20
N GLU A 71 8.76 -0.02 6.40
CA GLU A 71 8.63 1.42 6.38
C GLU A 71 7.29 1.82 5.78
N ALA A 72 6.76 0.96 4.93
CA ALA A 72 5.49 1.21 4.27
C ALA A 72 4.36 1.34 5.29
N VAL A 73 4.29 0.40 6.24
CA VAL A 73 3.28 0.47 7.28
C VAL A 73 3.45 1.77 8.05
N ALA A 74 4.69 2.23 8.13
CA ALA A 74 5.01 3.47 8.82
C ALA A 74 4.46 4.68 8.06
N VAL A 75 4.51 4.62 6.73
CA VAL A 75 3.99 5.71 5.91
C VAL A 75 2.50 5.92 6.17
N LEU A 76 1.82 4.82 6.50
CA LEU A 76 0.40 4.87 6.80
C LEU A 76 0.16 5.55 8.14
N GLN A 77 0.91 5.11 9.15
CA GLN A 77 0.81 5.68 10.48
C GLN A 77 1.09 7.18 10.45
N ALA A 78 2.05 7.57 9.60
CA ALA A 78 2.42 8.97 9.46
C ALA A 78 1.46 9.69 8.51
N HIS A 79 0.77 8.92 7.68
CA HIS A 79 -0.18 9.49 6.71
C HIS A 79 -1.29 10.25 7.43
N GLN A 80 -1.94 9.58 8.39
CA GLN A 80 -3.02 10.20 9.14
C GLN A 80 -2.48 11.21 10.15
N ALA A 81 -1.16 11.27 10.27
CA ALA A 81 -0.52 12.19 11.20
C ALA A 81 -0.45 13.61 10.64
N LYS A 82 0.13 13.73 9.45
CA LYS A 82 0.29 15.03 8.80
C LYS A 82 -1.02 15.48 8.14
N GLU A 83 -1.88 14.52 7.82
CA GLU A 83 -3.15 14.84 7.19
C GLU A 83 -4.16 15.38 8.19
N ALA A 84 -4.09 14.86 9.41
CA ALA A 84 -5.01 15.29 10.47
C ALA A 84 -4.66 16.69 10.96
N ALA A 85 -3.38 17.06 10.84
CA ALA A 85 -2.92 18.38 11.26
C ALA A 85 -3.52 19.47 10.40
N GLN A 86 -3.07 19.57 9.16
CA GLN A 86 -3.57 20.58 8.22
C GLN A 86 -4.79 20.08 7.48
N LYS A 87 -5.83 20.91 7.41
CA LYS A 87 -7.06 20.55 6.73
C LYS A 87 -7.04 21.01 5.27
N ALA A 88 -6.03 20.57 4.53
CA ALA A 88 -5.88 20.93 3.14
C ALA A 88 -6.77 20.07 2.25
N VAL A 89 -7.61 19.25 2.87
CA VAL A 89 -8.52 18.37 2.14
C VAL A 89 -9.91 18.99 2.05
N ASN A 90 -10.76 18.38 1.23
CA ASN A 90 -12.13 18.87 1.05
C ASN A 90 -13.10 18.09 1.94
N SER A 91 -12.66 17.76 3.14
CA SER A 91 -13.48 17.02 4.09
C SER A 91 -14.51 17.94 4.74
N ALA A 92 -14.35 19.24 4.53
CA ALA A 92 -15.27 20.23 5.10
C ALA A 92 -16.61 20.20 4.38
N THR A 93 -17.61 20.83 4.99
CA THR A 93 -18.96 20.88 4.41
C THR A 93 -19.15 22.17 3.61
N GLY A 94 -18.56 23.26 4.09
CA GLY A 94 -18.68 24.53 3.41
C GLY A 94 -17.43 24.91 2.65
N VAL A 95 -17.41 24.62 1.36
CA VAL A 95 -16.26 24.93 0.52
C VAL A 95 -16.44 26.29 -0.16
N PRO A 96 -15.53 27.25 0.11
CA PRO A 96 -15.59 28.59 -0.48
C PRO A 96 -15.57 28.54 -2.01
N THR A 97 -16.24 29.49 -2.64
CA THR A 97 -16.30 29.57 -4.10
C THR A 97 -15.05 30.25 -4.65
N VAL A 98 -14.70 29.91 -5.89
CA VAL A 98 -13.53 30.49 -6.54
C VAL A 98 -13.91 31.19 -7.84
N VAL B 1 0.24 15.42 0.78
CA VAL B 1 0.70 15.34 -0.62
C VAL B 1 2.22 15.48 -0.71
N VAL B 2 2.90 15.15 0.38
CA VAL B 2 4.36 15.24 0.44
C VAL B 2 5.01 13.93 -0.01
N LYS B 3 6.34 13.90 0.03
CA LYS B 3 7.08 12.71 -0.37
C LYS B 3 7.22 11.74 0.79
N SER B 4 7.21 10.45 0.48
CA SER B 4 7.33 9.40 1.48
C SER B 4 8.79 9.09 1.77
N ASN B 5 9.05 7.93 2.37
CA ASN B 5 10.40 7.50 2.69
C ASN B 5 10.86 6.44 1.70
N LEU B 6 10.04 5.41 1.52
CA LEU B 6 10.33 4.34 0.58
C LEU B 6 10.25 4.87 -0.85
N ASN B 7 9.02 5.03 -1.34
CA ASN B 7 8.80 5.57 -2.68
C ASN B 7 8.62 7.08 -2.61
N PRO B 8 9.39 7.84 -3.41
CA PRO B 8 9.29 9.29 -3.42
C PRO B 8 8.03 9.78 -4.13
N ASN B 9 7.24 8.84 -4.65
CA ASN B 9 6.01 9.18 -5.35
C ASN B 9 4.82 8.47 -4.71
N ALA B 10 4.80 8.41 -3.39
CA ALA B 10 3.72 7.74 -2.66
C ALA B 10 2.36 8.27 -3.09
N LYS B 11 1.74 7.61 -4.06
CA LYS B 11 0.43 7.99 -4.55
C LYS B 11 -0.54 6.82 -4.40
N GLU B 12 -1.74 7.12 -3.92
CA GLU B 12 -2.77 6.10 -3.69
C GLU B 12 -2.92 5.13 -4.86
N PHE B 13 -3.65 4.04 -4.60
CA PHE B 13 -3.92 3.02 -5.62
C PHE B 13 -5.15 3.40 -6.41
N VAL B 14 -4.99 4.34 -7.34
CA VAL B 14 -6.11 4.85 -8.11
C VAL B 14 -6.01 4.60 -9.62
N PRO B 15 -4.80 4.59 -10.23
CA PRO B 15 -4.66 4.37 -11.68
C PRO B 15 -5.39 3.11 -12.16
N GLY B 16 -5.38 2.08 -11.33
CA GLY B 16 -6.03 0.84 -11.68
C GLY B 16 -5.28 0.07 -12.76
N VAL B 17 -4.26 0.71 -13.32
CA VAL B 17 -3.45 0.08 -14.36
C VAL B 17 -2.06 -0.28 -13.82
N LYS B 18 -1.20 -0.77 -14.70
CA LYS B 18 0.15 -1.14 -14.31
C LYS B 18 0.93 0.09 -13.85
N TYR B 19 0.82 0.40 -12.56
CA TYR B 19 1.49 1.56 -11.99
C TYR B 19 2.95 1.26 -11.68
N GLY B 20 3.85 1.84 -12.48
CA GLY B 20 5.27 1.63 -12.27
C GLY B 20 5.79 0.45 -13.07
N ASN B 21 5.43 0.39 -14.35
CA ASN B 21 5.86 -0.69 -15.22
C ASN B 21 7.10 -0.31 -16.01
N ILE B 22 7.22 0.99 -16.31
CA ILE B 22 8.36 1.50 -17.06
C ILE B 22 9.05 2.62 -16.29
N GLY A 1 -10.72 -28.02 6.94
CA GLY A 1 -12.08 -27.53 7.25
C GLY A 1 -12.23 -26.03 7.02
N PRO A 2 -12.34 -25.23 8.11
CA PRO A 2 -12.48 -23.78 8.00
C PRO A 2 -11.30 -23.13 7.29
N LEU A 3 -11.45 -22.92 5.99
CA LEU A 3 -10.40 -22.30 5.18
C LEU A 3 -10.51 -20.78 5.24
N GLY A 4 -9.50 -20.13 5.81
CA GLY A 4 -9.50 -18.68 5.91
C GLY A 4 -9.15 -18.01 4.61
N SER A 5 -10.17 -17.46 3.94
CA SER A 5 -9.96 -16.77 2.67
C SER A 5 -9.48 -15.34 2.90
N PRO A 6 -8.22 -15.05 2.54
CA PRO A 6 -7.64 -13.71 2.70
C PRO A 6 -8.33 -12.67 1.83
N LEU A 7 -7.73 -11.47 1.78
CA LEU A 7 -8.28 -10.38 0.99
C LEU A 7 -7.72 -10.37 -0.42
N THR A 8 -6.49 -9.87 -0.57
CA THR A 8 -5.84 -9.79 -1.87
C THR A 8 -5.10 -11.08 -2.17
N ALA A 9 -4.59 -11.73 -1.13
CA ALA A 9 -3.92 -13.01 -1.31
C ALA A 9 -4.87 -14.02 -1.94
N SER A 10 -6.14 -13.91 -1.56
CA SER A 10 -7.18 -14.76 -2.13
C SER A 10 -7.45 -14.34 -3.56
N MET A 11 -7.34 -13.03 -3.81
CA MET A 11 -7.52 -12.51 -5.16
C MET A 11 -6.43 -13.05 -6.07
N LEU A 12 -5.25 -13.23 -5.50
CA LEU A 12 -4.12 -13.77 -6.25
C LEU A 12 -4.52 -15.07 -6.92
N ALA A 13 -5.06 -15.98 -6.12
CA ALA A 13 -5.52 -17.27 -6.62
C ALA A 13 -6.72 -17.09 -7.56
N SER A 14 -7.45 -15.99 -7.38
CA SER A 14 -8.63 -15.71 -8.19
C SER A 14 -8.34 -14.67 -9.27
N ALA A 15 -7.07 -14.38 -9.51
CA ALA A 15 -6.67 -13.40 -10.51
C ALA A 15 -5.53 -13.93 -11.38
N PRO A 16 -5.72 -15.08 -12.06
CA PRO A 16 -4.69 -15.70 -12.89
C PRO A 16 -4.18 -14.81 -14.04
N PRO A 17 -5.07 -14.19 -14.84
CA PRO A 17 -4.65 -13.35 -15.97
C PRO A 17 -3.93 -12.08 -15.53
N GLN A 18 -3.91 -11.07 -16.41
CA GLN A 18 -3.25 -9.80 -16.12
C GLN A 18 -4.06 -8.98 -15.12
N GLU A 19 -4.19 -9.51 -13.91
CA GLU A 19 -4.95 -8.83 -12.85
C GLU A 19 -4.00 -8.20 -11.84
N GLN A 20 -2.72 -8.18 -12.18
CA GLN A 20 -1.69 -7.62 -11.31
C GLN A 20 -2.10 -6.27 -10.76
N LYS A 21 -2.19 -5.28 -11.64
CA LYS A 21 -2.53 -3.93 -11.23
C LYS A 21 -3.84 -3.87 -10.48
N GLN A 22 -4.68 -4.89 -10.65
CA GLN A 22 -5.97 -4.94 -9.95
C GLN A 22 -5.77 -5.27 -8.47
N MET A 23 -5.55 -6.54 -8.18
CA MET A 23 -5.42 -7.02 -6.82
C MET A 23 -4.13 -6.54 -6.14
N LEU A 24 -3.11 -7.38 -6.17
CA LEU A 24 -1.84 -7.12 -5.50
C LEU A 24 -1.13 -5.88 -6.01
N GLY A 25 -1.69 -5.20 -6.99
CA GLY A 25 -0.98 -4.08 -7.57
C GLY A 25 0.26 -4.60 -8.24
N GLU A 26 1.42 -4.18 -7.76
CA GLU A 26 2.65 -4.81 -8.16
C GLU A 26 2.74 -6.13 -7.39
N ARG A 27 2.91 -5.99 -6.07
CA ARG A 27 2.92 -7.11 -5.15
C ARG A 27 2.63 -6.58 -3.74
N LEU A 28 2.22 -5.31 -3.71
CA LEU A 28 2.03 -4.57 -2.47
C LEU A 28 1.05 -5.23 -1.50
N PHE A 29 -0.23 -4.97 -1.69
CA PHE A 29 -1.29 -5.43 -0.79
C PHE A 29 -0.99 -6.77 -0.10
N PRO A 30 -0.59 -7.82 -0.85
CA PRO A 30 -0.32 -9.14 -0.27
C PRO A 30 0.73 -9.13 0.84
N LEU A 31 1.82 -8.38 0.62
CA LEU A 31 2.91 -8.34 1.62
C LEU A 31 2.46 -7.58 2.85
N ILE A 32 1.81 -6.45 2.63
CA ILE A 32 1.33 -5.64 3.72
C ILE A 32 0.14 -6.31 4.38
N GLN A 33 -0.50 -7.22 3.64
CA GLN A 33 -1.60 -7.99 4.18
C GLN A 33 -1.08 -8.85 5.33
N ALA A 34 0.19 -9.24 5.20
CA ALA A 34 0.87 -10.01 6.23
C ALA A 34 1.28 -9.09 7.38
N MET A 35 1.34 -7.79 7.08
CA MET A 35 1.70 -6.79 8.08
C MET A 35 0.43 -6.13 8.62
N HIS A 36 -0.71 -6.67 8.22
CA HIS A 36 -1.99 -6.15 8.65
C HIS A 36 -2.30 -6.60 10.08
N PRO A 37 -3.27 -5.96 10.76
CA PRO A 37 -4.11 -4.90 10.21
C PRO A 37 -3.68 -3.49 10.62
N THR A 38 -2.81 -2.89 9.81
CA THR A 38 -2.37 -1.53 10.03
C THR A 38 -3.16 -0.61 9.12
N LEU A 39 -2.88 -0.70 7.82
CA LEU A 39 -3.59 0.06 6.81
C LEU A 39 -3.18 -0.41 5.42
N ALA A 40 -2.78 -1.69 5.33
CA ALA A 40 -2.34 -2.29 4.06
C ALA A 40 -3.09 -1.71 2.85
N GLY A 41 -4.39 -1.46 3.03
CA GLY A 41 -5.20 -0.91 1.96
C GLY A 41 -4.60 0.36 1.36
N LYS A 42 -4.29 1.33 2.22
CA LYS A 42 -3.72 2.59 1.75
C LYS A 42 -2.23 2.45 1.44
N ILE A 43 -1.54 1.60 2.20
CA ILE A 43 -0.11 1.38 1.99
C ILE A 43 0.17 0.99 0.55
N THR A 44 -0.45 -0.11 0.11
CA THR A 44 -0.29 -0.58 -1.26
C THR A 44 -0.47 0.57 -2.23
N GLY A 45 -1.52 1.36 -2.00
CA GLY A 45 -1.80 2.50 -2.86
C GLY A 45 -0.60 3.40 -3.08
N MET A 46 -0.14 4.05 -2.02
CA MET A 46 0.98 4.98 -2.11
C MET A 46 2.22 4.33 -2.73
N LEU A 47 2.63 3.18 -2.18
CA LEU A 47 3.82 2.50 -2.66
C LEU A 47 3.56 1.71 -3.94
N LEU A 48 2.37 1.90 -4.52
CA LEU A 48 2.02 1.22 -5.76
C LEU A 48 2.90 1.72 -6.90
N GLU A 49 3.70 2.74 -6.62
CA GLU A 49 4.61 3.31 -7.61
C GLU A 49 5.88 2.48 -7.70
N ILE A 50 5.84 1.26 -7.15
CA ILE A 50 6.99 0.38 -7.15
C ILE A 50 7.08 -0.38 -8.48
N ASP A 51 8.27 -0.90 -8.78
CA ASP A 51 8.50 -1.61 -10.04
C ASP A 51 7.79 -2.96 -10.07
N ASN A 52 7.50 -3.43 -11.28
CA ASN A 52 6.88 -4.73 -11.48
C ASN A 52 7.92 -5.83 -11.44
N SER A 53 9.13 -5.50 -11.88
CA SER A 53 10.23 -6.46 -11.84
C SER A 53 10.72 -6.62 -10.41
N GLU A 54 10.64 -5.53 -9.66
CA GLU A 54 11.04 -5.53 -8.27
C GLU A 54 10.00 -6.24 -7.41
N LEU A 55 8.74 -6.21 -7.85
CA LEU A 55 7.66 -6.85 -7.13
C LEU A 55 7.94 -8.34 -6.99
N LEU A 56 8.31 -8.97 -8.10
CA LEU A 56 8.62 -10.39 -8.10
C LEU A 56 9.72 -10.71 -7.09
N HIS A 57 10.77 -9.89 -7.11
CA HIS A 57 11.90 -10.08 -6.19
C HIS A 57 11.44 -9.99 -4.73
N MET A 58 10.43 -9.17 -4.48
CA MET A 58 9.92 -8.98 -3.12
C MET A 58 9.38 -10.28 -2.55
N LEU A 59 8.50 -10.94 -3.30
CA LEU A 59 7.90 -12.19 -2.85
C LEU A 59 8.96 -13.26 -2.64
N GLU A 60 10.11 -13.10 -3.28
CA GLU A 60 11.20 -14.06 -3.14
C GLU A 60 12.24 -13.56 -2.15
N SER A 61 12.04 -12.35 -1.65
CA SER A 61 12.95 -11.74 -0.68
C SER A 61 12.21 -11.37 0.59
N PRO A 62 11.96 -12.34 1.48
CA PRO A 62 11.26 -12.09 2.74
C PRO A 62 11.98 -11.06 3.60
N GLU A 63 13.30 -11.09 3.55
CA GLU A 63 14.11 -10.16 4.34
C GLU A 63 14.19 -8.78 3.69
N SER A 64 14.41 -8.75 2.38
CA SER A 64 14.54 -7.48 1.67
C SER A 64 13.19 -6.76 1.57
N LEU A 65 12.19 -7.48 1.09
CA LEU A 65 10.86 -6.91 0.92
C LEU A 65 10.31 -6.37 2.24
N ARG A 66 10.15 -7.26 3.22
CA ARG A 66 9.57 -6.88 4.51
C ARG A 66 10.24 -5.62 5.05
N SER A 67 11.52 -5.45 4.78
CA SER A 67 12.25 -4.26 5.21
C SER A 67 11.63 -3.01 4.60
N LYS A 68 11.33 -3.10 3.30
CA LYS A 68 10.72 -1.98 2.58
C LYS A 68 9.32 -1.70 3.11
N VAL A 69 8.43 -2.67 2.96
CA VAL A 69 7.04 -2.53 3.40
C VAL A 69 6.99 -2.23 4.90
N ASP A 70 8.05 -2.55 5.61
CA ASP A 70 8.13 -2.23 7.04
C ASP A 70 7.96 -0.73 7.20
N GLU A 71 8.73 0.02 6.42
CA GLU A 71 8.62 1.48 6.41
C GLU A 71 7.28 1.90 5.81
N ALA A 72 6.75 1.05 4.93
CA ALA A 72 5.47 1.30 4.28
C ALA A 72 4.34 1.42 5.30
N VAL A 73 4.19 0.41 6.15
CA VAL A 73 3.17 0.46 7.19
C VAL A 73 3.35 1.72 8.02
N ALA A 74 4.60 2.16 8.11
CA ALA A 74 4.94 3.36 8.87
C ALA A 74 4.50 4.63 8.15
N VAL A 75 4.60 4.64 6.82
CA VAL A 75 4.18 5.81 6.04
C VAL A 75 2.73 6.16 6.36
N LEU A 76 1.94 5.12 6.68
CA LEU A 76 0.56 5.31 7.07
C LEU A 76 0.50 5.90 8.46
N GLN A 77 1.26 5.31 9.37
CA GLN A 77 1.35 5.79 10.74
C GLN A 77 1.64 7.28 10.72
N ALA A 78 2.43 7.70 9.73
CA ALA A 78 2.76 9.10 9.54
C ALA A 78 1.63 9.82 8.79
N HIS A 79 0.93 9.07 7.94
CA HIS A 79 -0.17 9.63 7.16
C HIS A 79 -1.27 10.16 8.06
N GLN A 80 -1.59 9.41 9.11
CA GLN A 80 -2.62 9.83 10.06
C GLN A 80 -2.10 10.98 10.92
N ALA A 81 -0.79 11.06 11.06
CA ALA A 81 -0.17 12.13 11.84
C ALA A 81 -0.22 13.45 11.08
N LYS A 82 0.11 13.40 9.79
CA LYS A 82 0.07 14.58 8.95
C LYS A 82 -1.37 14.92 8.58
N GLU A 83 -2.25 13.93 8.71
CA GLU A 83 -3.67 14.12 8.43
C GLU A 83 -4.32 14.93 9.54
N ALA A 84 -4.07 14.53 10.78
CA ALA A 84 -4.58 15.27 11.92
C ALA A 84 -4.03 16.69 11.89
N ALA A 85 -2.72 16.78 11.66
CA ALA A 85 -2.06 18.07 11.53
C ALA A 85 -2.17 18.59 10.09
N GLN A 86 -3.40 18.77 9.64
CA GLN A 86 -3.66 19.22 8.28
C GLN A 86 -3.31 20.69 8.09
N LYS A 87 -2.70 21.26 9.11
CA LYS A 87 -2.29 22.67 9.06
C LYS A 87 -1.08 22.84 8.15
N ALA A 88 -1.31 23.48 7.01
CA ALA A 88 -0.24 23.70 6.04
C ALA A 88 0.80 24.70 6.56
N VAL A 89 1.76 24.19 7.32
CA VAL A 89 2.82 25.04 7.87
C VAL A 89 4.05 25.03 6.96
N ASN A 90 4.35 26.21 6.41
CA ASN A 90 5.50 26.35 5.53
C ASN A 90 6.76 26.69 6.31
N SER A 91 6.65 26.69 7.64
CA SER A 91 7.78 27.00 8.50
C SER A 91 8.67 25.78 8.68
N ALA A 92 8.11 24.60 8.44
CA ALA A 92 8.85 23.35 8.57
C ALA A 92 9.51 22.95 7.25
N THR A 93 10.84 23.02 7.20
CA THR A 93 11.58 22.67 6.00
C THR A 93 12.45 21.44 6.24
N GLY A 94 12.76 20.73 5.16
CA GLY A 94 13.58 19.54 5.26
C GLY A 94 15.06 19.85 5.16
N VAL A 95 15.84 18.83 4.82
CA VAL A 95 17.30 19.00 4.68
C VAL A 95 17.72 19.03 3.21
N PRO A 96 17.34 18.02 2.41
CA PRO A 96 17.70 17.97 0.99
C PRO A 96 16.86 18.91 0.13
N THR A 97 17.45 20.05 -0.24
CA THR A 97 16.75 21.02 -1.07
C THR A 97 17.27 21.01 -2.50
N VAL A 98 16.35 21.00 -3.46
CA VAL A 98 16.72 20.97 -4.87
C VAL A 98 16.00 22.08 -5.64
N VAL B 1 2.44 14.93 -3.23
CA VAL B 1 2.07 13.67 -2.53
C VAL B 1 2.28 13.80 -1.02
N VAL B 2 2.25 12.68 -0.32
CA VAL B 2 2.41 12.67 1.13
C VAL B 2 3.89 12.56 1.51
N LYS B 3 4.18 12.70 2.80
CA LYS B 3 5.55 12.61 3.29
C LYS B 3 6.01 11.15 3.34
N SER B 4 6.39 10.62 2.19
CA SER B 4 6.83 9.23 2.09
C SER B 4 8.35 9.12 2.22
N ASN B 5 8.82 7.97 2.67
CA ASN B 5 10.24 7.72 2.83
C ASN B 5 10.73 6.72 1.77
N LEU B 6 10.01 5.62 1.63
CA LEU B 6 10.35 4.61 0.64
C LEU B 6 10.20 5.17 -0.77
N ASN B 7 8.98 5.15 -1.29
CA ASN B 7 8.71 5.70 -2.61
C ASN B 7 8.53 7.21 -2.54
N PRO B 8 9.46 7.97 -3.14
CA PRO B 8 9.38 9.44 -3.13
C PRO B 8 8.19 9.96 -3.91
N ASN B 9 7.47 9.05 -4.58
CA ASN B 9 6.30 9.42 -5.34
C ASN B 9 5.08 8.64 -4.87
N ALA B 10 4.99 8.45 -3.56
CA ALA B 10 3.89 7.69 -2.96
C ALA B 10 2.53 8.23 -3.39
N LYS B 11 1.97 7.63 -4.43
CA LYS B 11 0.65 8.01 -4.92
C LYS B 11 -0.32 6.84 -4.73
N GLU B 12 -1.48 7.13 -4.16
CA GLU B 12 -2.48 6.10 -3.87
C GLU B 12 -2.77 5.20 -5.07
N PHE B 13 -3.66 4.23 -4.86
CA PHE B 13 -4.05 3.29 -5.90
C PHE B 13 -5.19 3.86 -6.71
N VAL B 14 -4.85 4.75 -7.63
CA VAL B 14 -5.84 5.44 -8.46
C VAL B 14 -5.81 4.98 -9.92
N PRO B 15 -4.61 4.94 -10.56
CA PRO B 15 -4.49 4.52 -11.97
C PRO B 15 -5.30 3.27 -12.29
N GLY B 16 -5.23 2.28 -11.41
CA GLY B 16 -5.96 1.05 -11.62
C GLY B 16 -5.25 0.11 -12.57
N VAL B 17 -4.50 0.68 -13.51
CA VAL B 17 -3.76 -0.11 -14.48
C VAL B 17 -2.32 -0.33 -14.01
N LYS B 18 -1.50 -0.95 -14.86
CA LYS B 18 -0.11 -1.23 -14.51
C LYS B 18 0.64 0.04 -14.18
N TYR B 19 0.61 0.43 -12.91
CA TYR B 19 1.27 1.63 -12.45
C TYR B 19 2.74 1.36 -12.12
N GLY B 20 3.63 1.82 -12.99
CA GLY B 20 5.05 1.62 -12.77
C GLY B 20 5.53 0.26 -13.28
N ASN B 21 5.38 0.04 -14.58
CA ASN B 21 5.80 -1.22 -15.19
C ASN B 21 7.20 -1.10 -15.77
N ILE B 22 7.73 0.12 -15.80
CA ILE B 22 9.06 0.37 -16.33
C ILE B 22 10.02 0.83 -15.23
N GLY A 1 -20.77 -10.58 4.13
CA GLY A 1 -20.25 -11.23 5.36
C GLY A 1 -19.03 -12.10 5.10
N PRO A 2 -19.22 -13.28 4.48
CA PRO A 2 -18.11 -14.20 4.17
C PRO A 2 -17.04 -13.54 3.32
N LEU A 3 -17.47 -12.83 2.28
CA LEU A 3 -16.53 -12.15 1.38
C LEU A 3 -16.34 -10.70 1.80
N GLY A 4 -16.55 -10.43 3.09
CA GLY A 4 -16.40 -9.08 3.59
C GLY A 4 -14.95 -8.72 3.89
N SER A 5 -14.14 -9.75 4.15
CA SER A 5 -12.73 -9.53 4.44
C SER A 5 -11.92 -9.32 3.16
N PRO A 6 -11.39 -8.10 2.95
CA PRO A 6 -10.60 -7.78 1.75
C PRO A 6 -9.33 -8.62 1.65
N LEU A 7 -9.45 -9.80 1.05
CA LEU A 7 -8.32 -10.69 0.88
C LEU A 7 -7.76 -10.60 -0.53
N THR A 8 -6.52 -10.11 -0.65
CA THR A 8 -5.88 -9.96 -1.94
C THR A 8 -5.14 -11.24 -2.31
N ALA A 9 -4.59 -11.92 -1.30
CA ALA A 9 -3.92 -13.19 -1.54
C ALA A 9 -4.90 -14.18 -2.15
N SER A 10 -6.16 -14.09 -1.73
CA SER A 10 -7.21 -14.93 -2.28
C SER A 10 -7.49 -14.51 -3.71
N MET A 11 -7.40 -13.21 -3.97
CA MET A 11 -7.61 -12.70 -5.32
C MET A 11 -6.53 -13.22 -6.24
N LEU A 12 -5.32 -13.36 -5.71
CA LEU A 12 -4.19 -13.87 -6.48
C LEU A 12 -4.57 -15.20 -7.13
N ALA A 13 -5.14 -16.09 -6.32
CA ALA A 13 -5.58 -17.38 -6.81
C ALA A 13 -6.73 -17.23 -7.79
N SER A 14 -7.53 -16.18 -7.61
CA SER A 14 -8.68 -15.92 -8.47
C SER A 14 -8.39 -14.83 -9.50
N ALA A 15 -7.10 -14.60 -9.78
CA ALA A 15 -6.71 -13.58 -10.75
C ALA A 15 -5.63 -14.11 -11.69
N PRO A 16 -5.93 -15.20 -12.44
CA PRO A 16 -4.97 -15.81 -13.37
C PRO A 16 -4.40 -14.83 -14.42
N PRO A 17 -5.26 -14.06 -15.13
CA PRO A 17 -4.81 -13.14 -16.18
C PRO A 17 -3.96 -11.99 -15.62
N GLN A 18 -3.81 -10.94 -16.42
CA GLN A 18 -3.03 -9.76 -16.02
C GLN A 18 -3.79 -8.92 -15.00
N GLU A 19 -4.24 -9.55 -13.93
CA GLU A 19 -4.98 -8.87 -12.88
C GLU A 19 -4.02 -8.26 -11.86
N GLN A 20 -2.74 -8.25 -12.19
CA GLN A 20 -1.71 -7.71 -11.31
C GLN A 20 -2.14 -6.37 -10.72
N LYS A 21 -2.17 -5.36 -11.57
CA LYS A 21 -2.51 -4.01 -11.13
C LYS A 21 -3.87 -3.97 -10.43
N GLN A 22 -4.68 -5.00 -10.65
CA GLN A 22 -5.99 -5.09 -9.99
C GLN A 22 -5.85 -5.45 -8.51
N MET A 23 -5.63 -6.73 -8.24
CA MET A 23 -5.55 -7.24 -6.87
C MET A 23 -4.29 -6.75 -6.15
N LEU A 24 -3.25 -7.58 -6.17
CA LEU A 24 -2.00 -7.31 -5.47
C LEU A 24 -1.32 -6.02 -5.93
N GLY A 25 -1.95 -5.31 -6.87
CA GLY A 25 -1.28 -4.14 -7.42
C GLY A 25 -0.05 -4.61 -8.15
N GLU A 26 1.09 -4.15 -7.70
CA GLU A 26 2.32 -4.73 -8.15
C GLU A 26 2.51 -6.04 -7.41
N ARG A 27 2.70 -5.90 -6.10
CA ARG A 27 2.78 -7.03 -5.17
C ARG A 27 2.50 -6.51 -3.77
N LEU A 28 2.05 -5.27 -3.70
CA LEU A 28 1.87 -4.56 -2.46
C LEU A 28 0.94 -5.27 -1.48
N PHE A 29 -0.36 -5.10 -1.71
CA PHE A 29 -1.39 -5.61 -0.81
C PHE A 29 -1.03 -6.94 -0.14
N PRO A 30 -0.56 -7.96 -0.90
CA PRO A 30 -0.22 -9.27 -0.32
C PRO A 30 0.85 -9.20 0.77
N LEU A 31 1.89 -8.39 0.55
CA LEU A 31 2.97 -8.29 1.54
C LEU A 31 2.50 -7.54 2.77
N ILE A 32 1.85 -6.40 2.56
CA ILE A 32 1.35 -5.62 3.67
C ILE A 32 0.18 -6.35 4.32
N GLN A 33 -0.39 -7.30 3.60
CA GLN A 33 -1.43 -8.15 4.15
C GLN A 33 -0.82 -8.94 5.29
N ALA A 34 0.45 -9.29 5.12
CA ALA A 34 1.20 -9.99 6.15
C ALA A 34 1.56 -9.05 7.29
N MET A 35 1.50 -7.75 7.00
CA MET A 35 1.77 -6.72 8.00
C MET A 35 0.47 -6.19 8.56
N HIS A 36 -0.64 -6.69 8.01
CA HIS A 36 -1.97 -6.29 8.43
C HIS A 36 -2.20 -6.67 9.91
N PRO A 37 -3.25 -6.13 10.56
CA PRO A 37 -4.26 -5.29 9.96
C PRO A 37 -4.11 -3.81 10.28
N THR A 38 -2.98 -3.22 9.88
CA THR A 38 -2.78 -1.79 10.08
C THR A 38 -3.58 -1.03 9.04
N LEU A 39 -3.10 -1.05 7.80
CA LEU A 39 -3.81 -0.42 6.68
C LEU A 39 -3.14 -0.77 5.36
N ALA A 40 -2.88 -2.06 5.14
CA ALA A 40 -2.26 -2.54 3.92
C ALA A 40 -2.81 -1.83 2.69
N GLY A 41 -4.10 -1.50 2.73
CA GLY A 41 -4.75 -0.85 1.62
C GLY A 41 -4.05 0.43 1.17
N LYS A 42 -4.17 1.48 1.98
CA LYS A 42 -3.60 2.78 1.63
C LYS A 42 -2.09 2.69 1.38
N ILE A 43 -1.39 1.93 2.21
CA ILE A 43 0.06 1.77 2.04
C ILE A 43 0.37 1.31 0.63
N THR A 44 -0.21 0.18 0.25
CA THR A 44 -0.07 -0.37 -1.08
C THR A 44 -0.30 0.71 -2.13
N GLY A 45 -1.36 1.48 -1.92
CA GLY A 45 -1.70 2.54 -2.83
C GLY A 45 -0.54 3.47 -3.14
N MET A 46 -0.01 4.12 -2.11
CA MET A 46 1.07 5.08 -2.27
C MET A 46 2.25 4.48 -3.02
N LEU A 47 2.81 3.42 -2.45
CA LEU A 47 4.00 2.80 -3.03
C LEU A 47 3.65 1.87 -4.20
N LEU A 48 2.45 2.05 -4.75
CA LEU A 48 2.05 1.30 -5.93
C LEU A 48 2.91 1.70 -7.12
N GLU A 49 3.74 2.71 -6.92
CA GLU A 49 4.64 3.20 -7.95
C GLU A 49 6.01 2.53 -7.85
N ILE A 50 6.02 1.34 -7.27
CA ILE A 50 7.26 0.58 -7.09
C ILE A 50 7.62 -0.18 -8.36
N ASP A 51 8.77 -0.85 -8.36
CA ASP A 51 9.21 -1.63 -9.52
C ASP A 51 8.41 -2.93 -9.66
N ASN A 52 7.81 -3.13 -10.83
CA ASN A 52 7.06 -4.35 -11.10
C ASN A 52 8.02 -5.54 -11.13
N SER A 53 9.25 -5.28 -11.54
CA SER A 53 10.28 -6.32 -11.57
C SER A 53 10.74 -6.63 -10.15
N GLU A 54 10.73 -5.61 -9.30
CA GLU A 54 11.11 -5.77 -7.91
C GLU A 54 9.99 -6.41 -7.12
N LEU A 55 8.77 -6.27 -7.61
CA LEU A 55 7.61 -6.86 -6.94
C LEU A 55 7.78 -8.37 -6.85
N LEU A 56 8.15 -8.98 -7.96
CA LEU A 56 8.39 -10.42 -7.99
C LEU A 56 9.50 -10.77 -7.01
N HIS A 57 10.54 -9.96 -7.00
CA HIS A 57 11.66 -10.16 -6.08
C HIS A 57 11.27 -9.91 -4.63
N MET A 58 10.16 -9.18 -4.44
CA MET A 58 9.69 -8.86 -3.10
C MET A 58 9.19 -10.11 -2.39
N LEU A 59 8.19 -10.77 -2.98
CA LEU A 59 7.62 -11.98 -2.39
C LEU A 59 8.66 -13.07 -2.27
N GLU A 60 9.72 -12.97 -3.05
CA GLU A 60 10.79 -13.96 -3.02
C GLU A 60 11.88 -13.56 -2.03
N SER A 61 11.79 -12.33 -1.52
CA SER A 61 12.78 -11.83 -0.55
C SER A 61 12.09 -11.38 0.72
N PRO A 62 11.84 -12.31 1.66
CA PRO A 62 11.18 -12.00 2.93
C PRO A 62 11.96 -10.97 3.76
N GLU A 63 13.27 -11.03 3.65
CA GLU A 63 14.14 -10.11 4.40
C GLU A 63 14.18 -8.73 3.73
N SER A 64 14.36 -8.71 2.42
CA SER A 64 14.44 -7.45 1.67
C SER A 64 13.09 -6.75 1.62
N LEU A 65 12.08 -7.47 1.15
CA LEU A 65 10.74 -6.90 1.01
C LEU A 65 10.20 -6.38 2.34
N ARG A 66 10.05 -7.28 3.32
CA ARG A 66 9.49 -6.90 4.60
C ARG A 66 10.15 -5.64 5.15
N SER A 67 11.45 -5.50 4.89
CA SER A 67 12.18 -4.32 5.33
C SER A 67 11.59 -3.07 4.69
N LYS A 68 11.31 -3.17 3.40
CA LYS A 68 10.73 -2.05 2.66
C LYS A 68 9.32 -1.73 3.15
N VAL A 69 8.42 -2.70 3.00
CA VAL A 69 7.04 -2.51 3.41
C VAL A 69 6.94 -2.19 4.91
N ASP A 70 7.96 -2.56 5.66
CA ASP A 70 7.99 -2.23 7.08
C ASP A 70 7.88 -0.72 7.25
N GLU A 71 8.71 0.00 6.48
CA GLU A 71 8.67 1.45 6.49
C GLU A 71 7.37 1.92 5.83
N ALA A 72 6.83 1.08 4.96
CA ALA A 72 5.60 1.39 4.26
C ALA A 72 4.44 1.56 5.23
N VAL A 73 4.23 0.57 6.10
CA VAL A 73 3.17 0.68 7.09
C VAL A 73 3.40 1.92 7.95
N ALA A 74 4.67 2.32 8.02
CA ALA A 74 5.06 3.50 8.78
C ALA A 74 4.64 4.78 8.05
N VAL A 75 4.74 4.77 6.72
CA VAL A 75 4.36 5.93 5.93
C VAL A 75 2.91 6.31 6.20
N LEU A 76 2.07 5.28 6.37
CA LEU A 76 0.66 5.49 6.68
C LEU A 76 0.52 5.98 8.11
N GLN A 77 1.27 5.37 9.01
CA GLN A 77 1.26 5.77 10.42
C GLN A 77 1.50 7.26 10.54
N ALA A 78 2.39 7.77 9.69
CA ALA A 78 2.70 9.18 9.64
C ALA A 78 1.65 9.92 8.80
N HIS A 79 1.04 9.19 7.88
CA HIS A 79 0.01 9.75 7.00
C HIS A 79 -1.24 10.11 7.78
N GLN A 80 -1.52 9.34 8.82
CA GLN A 80 -2.70 9.58 9.66
C GLN A 80 -2.42 10.65 10.70
N ALA A 81 -1.15 11.02 10.85
CA ALA A 81 -0.75 12.02 11.83
C ALA A 81 -1.10 13.42 11.33
N LYS A 82 -0.47 13.83 10.23
CA LYS A 82 -0.70 15.15 9.66
C LYS A 82 -2.11 15.27 9.10
N GLU A 83 -2.78 14.13 8.93
CA GLU A 83 -4.13 14.11 8.40
C GLU A 83 -5.15 14.19 9.53
N ALA A 84 -4.72 13.85 10.74
CA ALA A 84 -5.59 13.89 11.91
C ALA A 84 -5.97 15.32 12.27
N ALA A 85 -5.30 16.28 11.63
CA ALA A 85 -5.56 17.69 11.88
C ALA A 85 -6.98 18.06 11.49
N GLN A 86 -7.42 17.57 10.33
CA GLN A 86 -8.76 17.85 9.84
C GLN A 86 -9.77 16.88 10.46
N LYS A 87 -9.68 15.61 10.08
CA LYS A 87 -10.58 14.59 10.60
C LYS A 87 -9.96 13.87 11.80
N ALA A 88 -10.68 13.86 12.91
CA ALA A 88 -10.20 13.21 14.12
C ALA A 88 -10.46 11.71 14.08
N VAL A 89 -9.60 10.99 13.36
CA VAL A 89 -9.73 9.54 13.23
C VAL A 89 -8.71 8.82 14.11
N ASN A 90 -7.98 9.59 14.92
CA ASN A 90 -6.97 9.02 15.79
C ASN A 90 -7.61 8.31 16.98
N SER A 91 -8.37 9.05 17.77
CA SER A 91 -9.03 8.49 18.94
C SER A 91 -10.27 7.69 18.53
N ALA A 92 -10.71 7.89 17.29
CA ALA A 92 -11.88 7.18 16.77
C ALA A 92 -11.51 5.77 16.31
N THR A 93 -12.47 4.85 16.43
CA THR A 93 -12.24 3.47 16.04
C THR A 93 -13.16 3.07 14.89
N GLY A 94 -12.88 1.93 14.28
CA GLY A 94 -13.68 1.46 13.17
C GLY A 94 -14.80 0.53 13.61
N VAL A 95 -14.42 -0.66 14.09
CA VAL A 95 -15.39 -1.64 14.56
C VAL A 95 -15.79 -1.37 16.01
N PRO A 96 -17.10 -1.23 16.28
CA PRO A 96 -17.61 -0.97 17.63
C PRO A 96 -17.34 -2.13 18.58
N THR A 97 -17.89 -3.30 18.25
CA THR A 97 -17.71 -4.49 19.08
C THR A 97 -16.49 -5.28 18.64
N VAL A 98 -15.92 -6.04 19.57
CA VAL A 98 -14.74 -6.84 19.29
C VAL A 98 -15.00 -8.32 19.57
N VAL B 1 0.38 17.95 1.37
CA VAL B 1 1.00 16.83 0.59
C VAL B 1 2.33 16.43 1.18
N VAL B 2 2.34 15.38 2.00
CA VAL B 2 3.55 14.89 2.63
C VAL B 2 4.25 13.86 1.76
N LYS B 3 5.58 13.90 1.74
CA LYS B 3 6.36 12.97 0.95
C LYS B 3 6.77 11.75 1.77
N SER B 4 6.79 10.59 1.13
CA SER B 4 7.17 9.35 1.79
C SER B 4 8.68 9.26 1.96
N ASN B 5 9.15 8.13 2.49
CA ASN B 5 10.58 7.92 2.70
C ASN B 5 11.15 6.98 1.64
N LEU B 6 10.57 5.79 1.53
CA LEU B 6 11.01 4.81 0.56
C LEU B 6 10.83 5.33 -0.86
N ASN B 7 9.60 5.23 -1.37
CA ASN B 7 9.28 5.72 -2.70
C ASN B 7 8.90 7.19 -2.67
N PRO B 8 9.68 8.05 -3.35
CA PRO B 8 9.41 9.48 -3.39
C PRO B 8 8.22 9.81 -4.28
N ASN B 9 7.55 8.77 -4.76
CA ASN B 9 6.38 8.95 -5.63
C ASN B 9 5.17 8.25 -5.05
N ALA B 10 5.02 8.34 -3.72
CA ALA B 10 3.90 7.71 -3.03
C ALA B 10 2.56 8.24 -3.52
N LYS B 11 2.01 7.60 -4.55
CA LYS B 11 0.71 7.95 -5.08
C LYS B 11 -0.28 6.83 -4.82
N GLU B 12 -1.38 7.15 -4.15
CA GLU B 12 -2.39 6.16 -3.76
C GLU B 12 -2.79 5.23 -4.91
N PHE B 13 -3.55 4.20 -4.57
CA PHE B 13 -4.02 3.21 -5.55
C PHE B 13 -5.33 3.70 -6.18
N VAL B 14 -5.21 4.38 -7.31
CA VAL B 14 -6.39 4.95 -7.96
C VAL B 14 -6.54 4.48 -9.42
N PRO B 15 -5.50 4.66 -10.27
CA PRO B 15 -5.58 4.27 -11.68
C PRO B 15 -6.04 2.83 -11.87
N GLY B 16 -5.66 1.96 -10.94
CA GLY B 16 -6.04 0.56 -11.03
C GLY B 16 -5.20 -0.20 -12.03
N VAL B 17 -4.52 0.52 -12.91
CA VAL B 17 -3.66 -0.08 -13.91
C VAL B 17 -2.21 -0.06 -13.46
N LYS B 18 -1.29 -0.43 -14.35
CA LYS B 18 0.12 -0.45 -14.02
C LYS B 18 0.61 0.94 -13.59
N TYR B 19 0.65 1.16 -12.28
CA TYR B 19 1.06 2.44 -11.73
C TYR B 19 2.58 2.51 -11.60
N GLY B 20 3.23 3.14 -12.57
CA GLY B 20 4.66 3.27 -12.55
C GLY B 20 5.37 2.00 -13.01
N ASN B 21 5.82 2.00 -14.26
CA ASN B 21 6.51 0.84 -14.82
C ASN B 21 8.01 0.93 -14.56
N ILE B 22 8.48 2.11 -14.22
CA ILE B 22 9.90 2.33 -13.93
C ILE B 22 10.12 2.78 -12.50
N GLY A 1 -17.67 -19.53 4.67
CA GLY A 1 -16.96 -18.29 5.08
C GLY A 1 -16.14 -18.50 6.35
N PRO A 2 -15.89 -17.42 7.13
CA PRO A 2 -16.38 -16.07 6.82
C PRO A 2 -15.57 -15.41 5.72
N LEU A 3 -16.21 -14.50 4.99
CA LEU A 3 -15.56 -13.78 3.90
C LEU A 3 -14.79 -12.57 4.42
N GLY A 4 -14.66 -12.48 5.75
CA GLY A 4 -13.95 -11.37 6.36
C GLY A 4 -12.45 -11.54 6.29
N SER A 5 -11.99 -12.75 6.00
CA SER A 5 -10.56 -13.05 5.91
C SER A 5 -10.06 -12.96 4.47
N PRO A 6 -10.73 -13.65 3.51
CA PRO A 6 -10.31 -13.63 2.10
C PRO A 6 -10.36 -12.23 1.50
N LEU A 7 -9.23 -11.52 1.57
CA LEU A 7 -9.14 -10.17 1.04
C LEU A 7 -8.45 -10.16 -0.32
N THR A 8 -7.16 -9.80 -0.33
CA THR A 8 -6.40 -9.75 -1.56
C THR A 8 -5.77 -11.10 -1.85
N ALA A 9 -5.46 -11.85 -0.80
CA ALA A 9 -4.92 -13.20 -0.96
C ALA A 9 -5.90 -14.05 -1.75
N SER A 10 -7.19 -13.81 -1.51
CA SER A 10 -8.24 -14.51 -2.23
C SER A 10 -8.28 -14.02 -3.66
N MET A 11 -8.05 -12.72 -3.85
CA MET A 11 -8.04 -12.14 -5.19
C MET A 11 -6.91 -12.72 -6.02
N LEU A 12 -5.76 -12.95 -5.38
CA LEU A 12 -4.61 -13.52 -6.05
C LEU A 12 -5.00 -14.80 -6.76
N ALA A 13 -5.68 -15.68 -6.03
CA ALA A 13 -6.16 -16.94 -6.59
C ALA A 13 -7.22 -16.71 -7.66
N SER A 14 -8.01 -15.65 -7.48
CA SER A 14 -9.09 -15.33 -8.41
C SER A 14 -8.71 -14.20 -9.36
N ALA A 15 -7.41 -14.05 -9.62
CA ALA A 15 -6.93 -13.01 -10.52
C ALA A 15 -5.84 -13.54 -11.46
N PRO A 16 -6.11 -13.57 -12.77
CA PRO A 16 -5.13 -14.03 -13.76
C PRO A 16 -3.82 -13.25 -13.66
N PRO A 17 -2.75 -13.72 -14.33
CA PRO A 17 -1.45 -13.05 -14.30
C PRO A 17 -1.54 -11.58 -14.70
N GLN A 18 -2.36 -11.29 -15.72
CA GLN A 18 -2.54 -9.93 -16.21
C GLN A 18 -3.40 -9.10 -15.26
N GLU A 19 -3.76 -9.67 -14.12
CA GLU A 19 -4.59 -8.97 -13.13
C GLU A 19 -3.76 -8.44 -11.98
N GLN A 20 -2.44 -8.42 -12.16
CA GLN A 20 -1.53 -7.95 -11.11
C GLN A 20 -1.91 -6.55 -10.62
N LYS A 21 -1.94 -5.60 -11.55
CA LYS A 21 -2.24 -4.22 -11.21
C LYS A 21 -3.58 -4.09 -10.48
N GLN A 22 -4.43 -5.10 -10.62
CA GLN A 22 -5.72 -5.09 -9.96
C GLN A 22 -5.58 -5.33 -8.45
N MET A 23 -5.41 -6.59 -8.09
CA MET A 23 -5.33 -6.99 -6.68
C MET A 23 -4.05 -6.51 -6.00
N LEU A 24 -3.04 -7.37 -5.97
CA LEU A 24 -1.80 -7.11 -5.26
C LEU A 24 -1.03 -5.91 -5.77
N GLY A 25 -1.59 -5.18 -6.74
CA GLY A 25 -0.83 -4.10 -7.32
C GLY A 25 0.36 -4.69 -8.03
N GLU A 26 1.55 -4.33 -7.58
CA GLU A 26 2.75 -5.03 -8.03
C GLU A 26 2.80 -6.37 -7.31
N ARG A 27 3.01 -6.29 -6.01
CA ARG A 27 3.02 -7.44 -5.11
C ARG A 27 2.82 -6.92 -3.69
N LEU A 28 2.48 -5.65 -3.61
CA LEU A 28 2.36 -4.95 -2.34
C LEU A 28 1.32 -5.54 -1.40
N PHE A 29 0.04 -5.33 -1.71
CA PHE A 29 -1.06 -5.76 -0.84
C PHE A 29 -0.80 -7.08 -0.12
N PRO A 30 -0.33 -8.15 -0.82
CA PRO A 30 -0.09 -9.46 -0.19
C PRO A 30 0.94 -9.41 0.93
N LEU A 31 2.02 -8.65 0.73
CA LEU A 31 3.07 -8.56 1.74
C LEU A 31 2.57 -7.77 2.93
N ILE A 32 1.96 -6.64 2.66
CA ILE A 32 1.41 -5.81 3.71
C ILE A 32 0.14 -6.46 4.27
N GLN A 33 -0.39 -7.45 3.55
CA GLN A 33 -1.56 -8.17 4.01
C GLN A 33 -1.23 -8.85 5.34
N ALA A 34 -0.04 -9.42 5.38
CA ALA A 34 0.46 -10.02 6.62
C ALA A 34 0.72 -8.92 7.64
N MET A 35 1.04 -7.73 7.13
CA MET A 35 1.28 -6.55 7.96
C MET A 35 0.06 -5.63 7.94
N HIS A 36 -1.11 -6.22 7.71
CA HIS A 36 -2.35 -5.46 7.61
C HIS A 36 -2.73 -4.72 8.90
N PRO A 37 -2.39 -5.26 10.11
CA PRO A 37 -2.71 -4.59 11.38
C PRO A 37 -2.64 -3.07 11.27
N THR A 38 -1.71 -2.58 10.46
CA THR A 38 -1.58 -1.15 10.21
C THR A 38 -2.65 -0.70 9.20
N LEU A 39 -2.33 -0.79 7.91
CA LEU A 39 -3.28 -0.43 6.87
C LEU A 39 -2.76 -0.81 5.49
N ALA A 40 -2.56 -2.11 5.27
CA ALA A 40 -2.06 -2.61 3.98
C ALA A 40 -2.78 -1.93 2.81
N GLY A 41 -4.08 -1.76 2.94
CA GLY A 41 -4.87 -1.14 1.88
C GLY A 41 -4.31 0.16 1.36
N LYS A 42 -4.06 1.11 2.26
CA LYS A 42 -3.56 2.42 1.86
C LYS A 42 -2.06 2.37 1.53
N ILE A 43 -1.31 1.61 2.31
CA ILE A 43 0.13 1.50 2.10
C ILE A 43 0.45 1.10 0.66
N THR A 44 -0.09 -0.03 0.22
CA THR A 44 0.10 -0.50 -1.14
C THR A 44 -0.20 0.60 -2.14
N GLY A 45 -1.30 1.33 -1.88
CA GLY A 45 -1.70 2.41 -2.76
C GLY A 45 -0.58 3.38 -3.07
N MET A 46 -0.14 4.13 -2.06
CA MET A 46 0.92 5.11 -2.25
C MET A 46 2.18 4.49 -2.86
N LEU A 47 2.59 3.34 -2.32
CA LEU A 47 3.80 2.67 -2.80
C LEU A 47 3.50 1.87 -4.08
N LEU A 48 2.30 2.00 -4.61
CA LEU A 48 1.93 1.29 -5.83
C LEU A 48 2.76 1.78 -7.01
N GLU A 49 3.47 2.89 -6.80
CA GLU A 49 4.34 3.43 -7.83
C GLU A 49 5.65 2.65 -7.89
N ILE A 50 5.64 1.45 -7.33
CA ILE A 50 6.82 0.60 -7.30
C ILE A 50 6.98 -0.17 -8.62
N ASP A 51 8.19 -0.66 -8.88
CA ASP A 51 8.48 -1.40 -10.10
C ASP A 51 7.82 -2.77 -10.11
N ASN A 52 7.69 -3.34 -11.31
CA ASN A 52 7.13 -4.68 -11.47
C ASN A 52 8.24 -5.71 -11.36
N SER A 53 9.45 -5.32 -11.75
CA SER A 53 10.60 -6.21 -11.65
C SER A 53 11.03 -6.36 -10.20
N GLU A 54 10.84 -5.29 -9.43
CA GLU A 54 11.17 -5.29 -8.02
C GLU A 54 10.13 -6.07 -7.21
N LEU A 55 8.90 -6.09 -7.73
CA LEU A 55 7.82 -6.80 -7.07
C LEU A 55 8.16 -8.28 -6.93
N LEU A 56 8.60 -8.88 -8.04
CA LEU A 56 8.97 -10.28 -8.06
C LEU A 56 10.14 -10.54 -7.10
N HIS A 57 11.05 -9.57 -7.04
CA HIS A 57 12.20 -9.66 -6.14
C HIS A 57 11.73 -9.66 -4.68
N MET A 58 10.68 -8.89 -4.41
CA MET A 58 10.11 -8.82 -3.07
C MET A 58 9.50 -10.15 -2.68
N LEU A 59 8.81 -10.79 -3.62
CA LEU A 59 8.18 -12.07 -3.38
C LEU A 59 9.22 -13.17 -3.24
N GLU A 60 10.46 -12.86 -3.64
CA GLU A 60 11.55 -13.81 -3.54
C GLU A 60 12.51 -13.43 -2.42
N SER A 61 12.24 -12.29 -1.79
CA SER A 61 13.08 -11.79 -0.71
C SER A 61 12.25 -11.55 0.55
N PRO A 62 12.03 -12.60 1.37
CA PRO A 62 11.26 -12.47 2.61
C PRO A 62 11.89 -11.49 3.58
N GLU A 63 13.23 -11.44 3.59
CA GLU A 63 13.96 -10.55 4.48
C GLU A 63 13.99 -9.11 3.95
N SER A 64 14.25 -8.97 2.65
CA SER A 64 14.35 -7.64 2.04
C SER A 64 12.98 -7.00 1.87
N LEU A 65 12.06 -7.75 1.28
CA LEU A 65 10.71 -7.26 1.03
C LEU A 65 10.03 -6.85 2.33
N ARG A 66 9.79 -7.79 3.22
CA ARG A 66 9.12 -7.50 4.48
C ARG A 66 9.77 -6.29 5.16
N SER A 67 11.08 -6.16 5.00
CA SER A 67 11.81 -5.02 5.56
C SER A 67 11.44 -3.74 4.83
N LYS A 68 11.24 -3.86 3.52
CA LYS A 68 10.84 -2.73 2.70
C LYS A 68 9.45 -2.26 3.09
N VAL A 69 8.48 -3.16 3.02
CA VAL A 69 7.11 -2.84 3.39
C VAL A 69 7.02 -2.49 4.87
N ASP A 70 8.03 -2.90 5.64
CA ASP A 70 8.07 -2.55 7.06
C ASP A 70 8.00 -1.04 7.21
N GLU A 71 8.85 -0.34 6.46
CA GLU A 71 8.83 1.11 6.45
C GLU A 71 7.56 1.61 5.79
N ALA A 72 7.00 0.78 4.91
CA ALA A 72 5.77 1.13 4.21
C ALA A 72 4.61 1.32 5.18
N VAL A 73 4.49 0.42 6.16
CA VAL A 73 3.46 0.54 7.17
C VAL A 73 3.66 1.84 7.94
N ALA A 74 4.92 2.23 8.07
CA ALA A 74 5.28 3.46 8.76
C ALA A 74 4.77 4.69 8.01
N VAL A 75 4.85 4.63 6.67
CA VAL A 75 4.37 5.74 5.85
C VAL A 75 2.90 6.01 6.12
N LEU A 76 2.17 4.94 6.44
CA LEU A 76 0.75 5.05 6.77
C LEU A 76 0.58 5.74 8.12
N GLN A 77 1.36 5.29 9.09
CA GLN A 77 1.32 5.86 10.43
C GLN A 77 1.50 7.38 10.37
N ALA A 78 2.35 7.82 9.45
CA ALA A 78 2.59 9.25 9.26
C ALA A 78 1.49 9.88 8.41
N HIS A 79 0.82 9.05 7.62
CA HIS A 79 -0.27 9.53 6.76
C HIS A 79 -1.43 10.04 7.59
N GLN A 80 -1.69 9.38 8.72
CA GLN A 80 -2.78 9.77 9.60
C GLN A 80 -2.36 10.91 10.53
N ALA A 81 -1.12 11.36 10.39
CA ALA A 81 -0.60 12.44 11.21
C ALA A 81 -1.21 13.78 10.82
N LYS A 82 -0.82 14.28 9.66
CA LYS A 82 -1.32 15.55 9.16
C LYS A 82 -2.77 15.44 8.71
N GLU A 83 -3.21 14.20 8.49
CA GLU A 83 -4.59 13.94 8.05
C GLU A 83 -5.52 13.83 9.24
N ALA A 84 -4.95 13.91 10.43
CA ALA A 84 -5.73 13.84 11.66
C ALA A 84 -6.52 15.14 11.87
N ALA A 85 -6.63 15.94 10.81
CA ALA A 85 -7.34 17.20 10.88
C ALA A 85 -8.82 16.99 11.20
N GLN A 86 -9.23 17.46 12.36
CA GLN A 86 -10.62 17.31 12.80
C GLN A 86 -11.53 18.26 12.03
N LYS A 87 -12.76 18.42 12.51
CA LYS A 87 -13.74 19.28 11.85
C LYS A 87 -13.40 20.75 12.10
N ALA A 88 -14.30 21.64 11.69
CA ALA A 88 -14.10 23.07 11.87
C ALA A 88 -14.32 23.48 13.32
N VAL A 89 -13.30 23.29 14.15
CA VAL A 89 -13.38 23.64 15.56
C VAL A 89 -12.69 24.97 15.82
N ASN A 90 -12.44 25.73 14.77
CA ASN A 90 -11.77 27.03 14.89
C ASN A 90 -12.80 28.13 15.15
N SER A 91 -14.00 27.73 15.53
CA SER A 91 -15.07 28.68 15.82
C SER A 91 -14.88 29.31 17.21
N ALA A 92 -15.96 29.83 17.78
CA ALA A 92 -15.90 30.45 19.09
C ALA A 92 -16.02 29.40 20.19
N THR A 93 -15.08 28.48 20.22
CA THR A 93 -15.07 27.41 21.23
C THR A 93 -13.84 27.53 22.13
N GLY A 94 -13.81 26.70 23.16
CA GLY A 94 -12.68 26.71 24.09
C GLY A 94 -11.52 25.87 23.61
N VAL A 95 -10.88 26.31 22.53
CA VAL A 95 -9.74 25.59 21.97
C VAL A 95 -8.42 26.16 22.49
N PRO A 96 -7.54 25.29 23.02
CA PRO A 96 -6.24 25.72 23.56
C PRO A 96 -5.27 26.12 22.46
N THR A 97 -5.20 27.41 22.17
CA THR A 97 -4.31 27.92 21.14
C THR A 97 -2.95 28.32 21.73
N VAL A 98 -2.47 27.51 22.67
CA VAL A 98 -1.19 27.77 23.32
C VAL A 98 -0.14 26.76 22.88
N VAL B 1 -0.09 16.19 1.18
CA VAL B 1 0.83 16.07 2.35
C VAL B 1 1.30 14.64 2.53
N VAL B 2 1.66 13.99 1.43
CA VAL B 2 2.13 12.61 1.47
C VAL B 2 3.65 12.55 1.54
N LYS B 3 4.17 12.51 2.77
CA LYS B 3 5.61 12.46 2.99
C LYS B 3 6.09 11.03 3.14
N SER B 4 6.28 10.35 2.02
CA SER B 4 6.74 8.96 2.03
C SER B 4 8.26 8.89 2.08
N ASN B 5 8.79 7.74 2.49
CA ASN B 5 10.22 7.55 2.57
C ASN B 5 10.74 6.71 1.41
N LEU B 6 10.05 5.60 1.14
CA LEU B 6 10.42 4.70 0.05
C LEU B 6 10.17 5.37 -1.30
N ASN B 7 8.91 5.37 -1.73
CA ASN B 7 8.53 5.98 -3.00
C ASN B 7 8.36 7.49 -2.85
N PRO B 8 9.03 8.29 -3.70
CA PRO B 8 8.93 9.74 -3.67
C PRO B 8 7.62 10.23 -4.28
N ASN B 9 6.86 9.31 -4.86
CA ASN B 9 5.58 9.65 -5.48
C ASN B 9 4.45 8.84 -4.86
N ALA B 10 4.30 8.96 -3.54
CA ALA B 10 3.24 8.25 -2.83
C ALA B 10 1.86 8.64 -3.33
N LYS B 11 1.30 7.83 -4.23
CA LYS B 11 -0.04 8.08 -4.77
C LYS B 11 -0.94 6.89 -4.50
N GLU B 12 -2.14 7.15 -3.99
CA GLU B 12 -3.10 6.10 -3.66
C GLU B 12 -3.30 5.12 -4.83
N PHE B 13 -4.03 4.04 -4.55
CA PHE B 13 -4.31 3.04 -5.58
C PHE B 13 -5.56 3.42 -6.35
N VAL B 14 -5.35 4.16 -7.43
CA VAL B 14 -6.47 4.65 -8.23
C VAL B 14 -6.32 4.38 -9.74
N PRO B 15 -5.11 4.47 -10.33
CA PRO B 15 -4.93 4.25 -11.77
C PRO B 15 -5.64 3.00 -12.26
N GLY B 16 -5.61 1.95 -11.45
CA GLY B 16 -6.26 0.70 -11.83
C GLY B 16 -5.41 -0.13 -12.76
N VAL B 17 -4.53 0.52 -13.50
CA VAL B 17 -3.64 -0.17 -14.44
C VAL B 17 -2.27 -0.39 -13.82
N LYS B 18 -1.36 -0.95 -14.61
CA LYS B 18 0.00 -1.22 -14.12
C LYS B 18 0.69 0.07 -13.70
N TYR B 19 0.55 0.41 -12.42
CA TYR B 19 1.15 1.62 -11.89
C TYR B 19 2.61 1.38 -11.49
N GLY B 20 3.52 2.13 -12.11
CA GLY B 20 4.93 1.96 -11.81
C GLY B 20 5.59 0.90 -12.67
N ASN B 21 5.18 0.84 -13.93
CA ASN B 21 5.73 -0.14 -14.87
C ASN B 21 7.03 0.36 -15.48
N ILE B 22 7.68 -0.50 -16.27
CA ILE B 22 8.93 -0.14 -16.93
C ILE B 22 8.76 -0.08 -18.45
#